data_4GA5
#
_entry.id   4GA5
#
_cell.length_a   124.330
_cell.length_b   249.482
_cell.length_c   162.369
_cell.angle_alpha   90.00
_cell.angle_beta   110.44
_cell.angle_gamma   90.00
#
_symmetry.space_group_name_H-M   'C 1 2 1'
#
_entity_poly.entity_id   1
_entity_poly.type   'polypeptide(L)'
_entity_poly.pdbx_seq_one_letter_code
;MKAKIRILDMFSGRYTVLINEEDAKEAKLHPDDLVKIEAGKKAVYGSVALSNLVGKGEVGISRDVLDLHNFSEGETVSVI
PAGTPESVRYIKKKMHGEKLRKVEIEAIVRDIVDRKLRDIEISSFVTALEINGLDMDEIAALTIAMAETGDMLDIDRKPI
MDVHSIGGVPGNKTNILVVPIVAAAGLTIPKTSSRAITSAAGTADVVEVFADVSFSLDEIKRIVEKVGACLVWGGALNLA
PADDITIKAERALSIDPTGLMLASIMSKKYAMGSQYVLIDIPTGKGVKVETVEEARSLARDFIELGKRLGQYVEVAITYG
GQPIGHTVGPALEAREALSALMTGKGPGSLIEKATGLAGILLEMGGVAPAGTGKKMAKEILESGKAWEKMKEIIEAQGGD
PNIKPEEIPIGDKTYTFTAATSGYVTAIDNRAITAIARAAGAPEDKGAGIELYVKVGEKVKEGDPLFTIHAEHEARLDQA
IVLARRTEPIRIEGNSSSVDKLAAALEHHHHHH
;
_entity_poly.pdbx_strand_id   B,A,C,D,E,F,G,H
#
# COMPACT_ATOMS: atom_id res chain seq x y z
N MET A 1 -30.54 57.97 8.58
CA MET A 1 -30.20 58.71 7.38
C MET A 1 -30.89 58.10 6.18
N LYS A 2 -32.01 58.68 5.78
CA LYS A 2 -32.77 58.20 4.63
C LYS A 2 -32.00 58.44 3.34
N ALA A 3 -32.14 57.50 2.42
CA ALA A 3 -31.47 57.60 1.14
C ALA A 3 -32.18 56.73 0.12
N LYS A 4 -31.92 56.97 -1.15
CA LYS A 4 -32.54 56.17 -2.19
C LYS A 4 -31.46 55.25 -2.70
N ILE A 5 -31.73 53.96 -2.63
CA ILE A 5 -30.75 52.97 -3.06
C ILE A 5 -30.45 53.05 -4.55
N ARG A 6 -29.17 52.94 -4.88
CA ARG A 6 -28.73 52.93 -6.26
C ARG A 6 -27.86 51.71 -6.46
N ILE A 7 -28.10 50.95 -7.52
CA ILE A 7 -27.31 49.75 -7.76
C ILE A 7 -26.20 50.08 -8.71
N LEU A 8 -24.98 49.71 -8.33
CA LEU A 8 -23.80 49.96 -9.13
C LEU A 8 -23.33 48.68 -9.79
N ASP A 9 -22.93 48.79 -11.06
CA ASP A 9 -22.51 47.63 -11.81
C ASP A 9 -21.09 47.30 -11.45
N MET A 10 -20.94 46.61 -10.33
CA MET A 10 -19.63 46.22 -9.84
C MET A 10 -19.75 45.10 -8.84
N PHE A 11 -18.77 44.20 -8.87
CA PHE A 11 -18.75 43.07 -7.94
C PHE A 11 -17.53 43.23 -7.06
N SER A 12 -17.74 43.55 -5.79
CA SER A 12 -16.64 43.73 -4.87
C SER A 12 -16.29 42.47 -4.10
N GLY A 13 -17.16 41.47 -4.16
CA GLY A 13 -16.85 40.24 -3.43
C GLY A 13 -17.18 40.50 -1.97
N ARG A 14 -17.84 41.62 -1.72
CA ARG A 14 -18.25 42.04 -0.39
C ARG A 14 -19.45 42.95 -0.59
N TYR A 15 -20.26 43.10 0.46
CA TYR A 15 -21.42 43.99 0.37
C TYR A 15 -20.90 45.43 0.48
N THR A 16 -20.52 46.00 -0.67
CA THR A 16 -20.01 47.36 -0.71
C THR A 16 -21.13 48.37 -0.81
N VAL A 17 -21.07 49.40 0.03
CA VAL A 17 -22.07 50.45 0.06
C VAL A 17 -21.37 51.79 -0.23
N LEU A 18 -21.76 52.45 -1.30
CA LEU A 18 -21.12 53.71 -1.67
C LEU A 18 -21.87 54.91 -1.16
N ILE A 19 -21.12 55.84 -0.57
CA ILE A 19 -21.70 57.05 -0.03
C ILE A 19 -20.95 58.28 -0.48
N ASN A 20 -21.66 59.39 -0.55
CA ASN A 20 -21.12 60.68 -0.95
C ASN A 20 -20.12 61.22 0.07
N GLU A 21 -19.11 61.93 -0.38
CA GLU A 21 -18.16 62.48 0.57
C GLU A 21 -18.87 63.47 1.49
N GLU A 22 -19.76 64.27 0.92
CA GLU A 22 -20.51 65.22 1.71
C GLU A 22 -21.47 64.55 2.67
N ASP A 23 -22.18 63.53 2.19
CA ASP A 23 -23.14 62.81 3.01
C ASP A 23 -22.49 62.07 4.17
N ALA A 24 -21.36 61.45 3.88
CA ALA A 24 -20.61 60.69 4.88
C ALA A 24 -20.10 61.56 6.02
N LYS A 25 -19.65 62.76 5.73
CA LYS A 25 -19.12 63.64 6.75
C LYS A 25 -20.20 63.98 7.78
N GLU A 26 -21.40 64.20 7.29
CA GLU A 26 -22.52 64.53 8.16
C GLU A 26 -22.84 63.37 9.09
N ALA A 27 -22.69 62.16 8.58
CA ALA A 27 -22.97 60.94 9.33
C ALA A 27 -21.79 60.35 10.09
N LYS A 28 -20.65 61.04 10.08
CA LYS A 28 -19.45 60.53 10.73
C LYS A 28 -19.01 59.16 10.21
N LEU A 29 -19.37 58.84 8.95
CA LEU A 29 -18.99 57.55 8.36
C LEU A 29 -17.68 57.62 7.60
N HIS A 30 -16.87 56.57 7.73
CA HIS A 30 -15.57 56.52 7.07
C HIS A 30 -15.45 55.31 6.17
N PRO A 31 -14.40 55.25 5.35
CA PRO A 31 -14.20 54.12 4.44
C PRO A 31 -14.06 52.79 5.18
N ASP A 32 -14.76 51.78 4.69
CA ASP A 32 -14.75 50.45 5.25
C ASP A 32 -15.46 50.32 6.58
N ASP A 33 -16.22 51.35 6.97
CA ASP A 33 -16.99 51.29 8.20
C ASP A 33 -18.15 50.39 7.94
N LEU A 34 -18.70 49.79 9.01
CA LEU A 34 -19.83 48.90 8.87
C LEU A 34 -21.13 49.68 8.99
N VAL A 35 -22.04 49.48 8.06
CA VAL A 35 -23.31 50.17 8.12
C VAL A 35 -24.48 49.23 7.89
N LYS A 36 -25.59 49.52 8.55
CA LYS A 36 -26.79 48.70 8.43
C LYS A 36 -27.76 49.44 7.54
N ILE A 37 -28.18 48.79 6.46
CA ILE A 37 -29.13 49.37 5.54
C ILE A 37 -30.42 48.59 5.68
N GLU A 38 -31.52 49.28 5.92
CA GLU A 38 -32.80 48.62 6.09
C GLU A 38 -33.96 49.37 5.43
N ALA A 39 -34.95 48.63 4.96
CA ALA A 39 -36.12 49.25 4.35
C ALA A 39 -37.33 48.94 5.22
N GLY A 40 -37.93 47.79 4.98
CA GLY A 40 -39.04 47.34 5.79
C GLY A 40 -38.48 46.19 6.60
N LYS A 41 -38.93 45.00 6.27
CA LYS A 41 -38.42 43.79 6.90
C LYS A 41 -36.96 43.60 6.51
N LYS A 42 -36.65 43.91 5.25
CA LYS A 42 -35.32 43.74 4.69
C LYS A 42 -34.27 44.63 5.31
N ALA A 43 -33.13 44.05 5.61
CA ALA A 43 -31.98 44.76 6.17
C ALA A 43 -30.73 44.07 5.69
N VAL A 44 -29.65 44.80 5.55
CA VAL A 44 -28.39 44.22 5.12
C VAL A 44 -27.23 44.96 5.72
N TYR A 45 -26.10 44.28 5.90
CA TYR A 45 -24.92 44.92 6.46
C TYR A 45 -23.85 45.03 5.40
N GLY A 46 -23.35 46.25 5.22
CA GLY A 46 -22.35 46.51 4.22
C GLY A 46 -21.23 47.40 4.70
N SER A 47 -20.15 47.38 3.95
CA SER A 47 -18.96 48.18 4.21
C SER A 47 -18.99 49.47 3.40
N VAL A 48 -18.89 50.60 4.09
CA VAL A 48 -18.89 51.89 3.44
C VAL A 48 -17.61 52.21 2.68
N ALA A 49 -17.78 52.72 1.47
CA ALA A 49 -16.68 53.16 0.64
C ALA A 49 -17.06 54.54 0.19
N LEU A 50 -16.17 55.52 0.31
CA LEU A 50 -16.55 56.86 -0.10
C LEU A 50 -16.39 56.99 -1.59
N SER A 51 -17.44 57.42 -2.25
CA SER A 51 -17.44 57.56 -3.69
C SER A 51 -18.12 58.82 -4.20
N ASN A 52 -17.78 59.17 -5.42
CA ASN A 52 -18.30 60.30 -6.16
C ASN A 52 -19.39 59.81 -7.06
N LEU A 53 -19.39 58.49 -7.26
CA LEU A 53 -20.24 57.82 -8.22
C LEU A 53 -21.68 58.04 -7.89
N VAL A 54 -21.95 58.07 -6.60
CA VAL A 54 -23.30 58.26 -6.13
C VAL A 54 -23.48 59.70 -5.68
N GLY A 55 -24.55 60.32 -6.15
CA GLY A 55 -24.86 61.70 -5.82
C GLY A 55 -25.41 61.84 -4.42
N LYS A 56 -25.45 63.05 -3.90
CA LYS A 56 -25.96 63.27 -2.56
C LYS A 56 -27.40 62.81 -2.48
N GLY A 57 -27.76 62.21 -1.36
CA GLY A 57 -29.10 61.69 -1.15
C GLY A 57 -29.26 60.27 -1.65
N GLU A 58 -28.16 59.66 -2.07
CA GLU A 58 -28.16 58.30 -2.57
C GLU A 58 -27.09 57.44 -1.93
N VAL A 59 -27.36 56.15 -1.84
CA VAL A 59 -26.41 55.17 -1.32
C VAL A 59 -26.27 54.08 -2.36
N GLY A 60 -25.03 53.70 -2.66
CA GLY A 60 -24.80 52.70 -3.67
C GLY A 60 -24.40 51.37 -3.13
N ILE A 61 -25.09 50.34 -3.60
CA ILE A 61 -24.85 48.98 -3.19
C ILE A 61 -24.46 48.18 -4.42
N SER A 62 -23.42 47.38 -4.31
CA SER A 62 -22.96 46.57 -5.43
C SER A 62 -23.91 45.42 -5.65
N ARG A 63 -23.73 44.73 -6.77
CA ARG A 63 -24.59 43.63 -7.17
C ARG A 63 -24.53 42.42 -6.23
N ASP A 64 -23.49 42.30 -5.43
CA ASP A 64 -23.41 41.18 -4.53
C ASP A 64 -24.61 41.24 -3.61
N VAL A 65 -24.98 42.44 -3.17
CA VAL A 65 -26.08 42.59 -2.25
C VAL A 65 -27.38 42.08 -2.81
N LEU A 66 -27.62 42.38 -4.08
CA LEU A 66 -28.83 41.96 -4.79
C LEU A 66 -29.14 40.46 -4.67
N ASP A 67 -28.11 39.63 -4.64
CA ASP A 67 -28.27 38.18 -4.55
C ASP A 67 -29.21 37.64 -3.46
N LEU A 68 -28.99 38.03 -2.22
CA LEU A 68 -29.81 37.56 -1.11
C LEU A 68 -30.84 38.58 -0.64
N HIS A 69 -30.77 39.78 -1.19
CA HIS A 69 -31.68 40.82 -0.75
C HIS A 69 -32.42 41.52 -1.87
N ASN A 70 -33.74 41.61 -1.74
CA ASN A 70 -34.57 42.25 -2.74
C ASN A 70 -34.62 43.76 -2.53
N PHE A 71 -33.60 44.45 -3.04
CA PHE A 71 -33.55 45.90 -2.96
C PHE A 71 -33.73 46.45 -4.37
N SER A 72 -34.72 47.30 -4.61
CA SER A 72 -34.94 47.82 -5.96
C SER A 72 -34.33 49.20 -6.15
N GLU A 73 -33.75 49.44 -7.31
CA GLU A 73 -33.10 50.73 -7.55
C GLU A 73 -34.10 51.84 -7.40
N GLY A 74 -33.67 52.90 -6.74
CA GLY A 74 -34.52 54.04 -6.48
C GLY A 74 -35.34 53.80 -5.23
N GLU A 75 -35.11 52.67 -4.59
CA GLU A 75 -35.80 52.31 -3.37
C GLU A 75 -35.37 53.27 -2.28
N THR A 76 -36.29 53.63 -1.39
CA THR A 76 -35.95 54.52 -0.30
C THR A 76 -35.54 53.65 0.88
N VAL A 77 -34.34 53.90 1.39
CA VAL A 77 -33.79 53.11 2.46
C VAL A 77 -33.18 53.99 3.52
N SER A 78 -33.04 53.44 4.72
CA SER A 78 -32.47 54.14 5.84
C SER A 78 -31.09 53.58 6.11
N VAL A 79 -30.12 54.45 6.31
CA VAL A 79 -28.76 53.99 6.58
C VAL A 79 -28.24 54.44 7.94
N ILE A 80 -27.94 53.49 8.82
CA ILE A 80 -27.34 53.80 10.11
C ILE A 80 -26.02 53.06 10.29
N PRO A 81 -25.08 53.67 11.05
CA PRO A 81 -23.77 53.08 11.34
C PRO A 81 -23.95 51.86 12.24
N ALA A 82 -23.31 50.76 11.91
CA ALA A 82 -23.43 49.55 12.73
C ALA A 82 -22.35 49.53 13.79
N GLY A 83 -22.67 49.06 14.98
CA GLY A 83 -21.68 49.03 16.04
C GLY A 83 -20.93 47.72 16.00
N THR A 84 -19.88 47.59 16.80
CA THR A 84 -19.15 46.34 16.85
C THR A 84 -20.10 45.31 17.38
N PRO A 85 -20.10 44.14 16.77
CA PRO A 85 -21.00 43.05 17.16
C PRO A 85 -20.67 42.51 18.53
N GLU A 86 -21.68 42.07 19.26
CA GLU A 86 -21.50 41.52 20.59
C GLU A 86 -20.70 40.24 20.53
N SER A 87 -20.81 39.55 19.41
CA SER A 87 -20.18 38.24 19.19
C SER A 87 -18.68 38.28 19.30
N VAL A 88 -18.09 39.42 18.97
CA VAL A 88 -16.65 39.53 19.01
C VAL A 88 -16.16 39.23 20.41
N ARG A 89 -16.98 39.51 21.42
CA ARG A 89 -16.59 39.23 22.79
C ARG A 89 -16.37 37.73 22.91
N TYR A 90 -17.26 36.97 22.31
CA TYR A 90 -17.17 35.52 22.32
C TYR A 90 -15.95 35.03 21.58
N ILE A 91 -15.63 35.67 20.47
CA ILE A 91 -14.49 35.26 19.67
C ILE A 91 -13.27 35.38 20.54
N LYS A 92 -13.24 36.41 21.37
CA LYS A 92 -12.12 36.62 22.26
C LYS A 92 -11.99 35.48 23.26
N LYS A 93 -13.11 34.99 23.78
CA LYS A 93 -13.06 33.91 24.76
C LYS A 93 -12.40 32.68 24.16
N LYS A 94 -12.77 32.34 22.94
CA LYS A 94 -12.17 31.21 22.25
C LYS A 94 -10.72 31.54 22.10
N MET A 95 -10.47 32.83 21.96
CA MET A 95 -9.13 33.37 21.82
C MET A 95 -8.32 33.04 23.07
N HIS A 96 -8.99 33.06 24.23
CA HIS A 96 -8.35 32.80 25.51
C HIS A 96 -8.41 31.36 25.94
N GLY A 97 -8.91 30.51 25.07
CA GLY A 97 -8.97 29.08 25.32
C GLY A 97 -10.19 28.55 26.01
N GLU A 98 -11.14 29.42 26.30
CA GLU A 98 -12.36 29.01 26.97
C GLU A 98 -13.28 28.20 26.06
N LYS A 99 -13.95 27.22 26.63
CA LYS A 99 -14.89 26.43 25.88
C LYS A 99 -16.01 27.37 25.55
N LEU A 100 -16.66 27.18 24.42
CA LEU A 100 -17.72 28.09 24.00
C LEU A 100 -19.10 27.57 24.27
N ARG A 101 -19.94 28.38 24.89
CA ARG A 101 -21.31 27.98 25.17
C ARG A 101 -22.05 27.94 23.85
N LYS A 102 -23.12 27.16 23.77
CA LYS A 102 -23.86 27.03 22.53
C LYS A 102 -24.46 28.34 22.06
N VAL A 103 -24.98 29.12 23.01
CA VAL A 103 -25.56 30.39 22.66
C VAL A 103 -24.46 31.26 22.09
N GLU A 104 -23.28 31.18 22.70
CA GLU A 104 -22.15 31.93 22.23
C GLU A 104 -21.77 31.48 20.84
N ILE A 105 -21.75 30.16 20.61
CA ILE A 105 -21.43 29.64 19.30
C ILE A 105 -22.48 30.04 18.29
N GLU A 106 -23.73 29.96 18.72
CA GLU A 106 -24.85 30.30 17.86
C GLU A 106 -24.76 31.75 17.44
N ALA A 107 -24.38 32.60 18.38
CA ALA A 107 -24.30 34.03 18.10
C ALA A 107 -23.26 34.35 17.05
N ILE A 108 -22.11 33.70 17.12
CA ILE A 108 -21.06 33.95 16.16
C ILE A 108 -21.52 33.57 14.76
N VAL A 109 -22.17 32.43 14.64
CA VAL A 109 -22.62 31.99 13.35
C VAL A 109 -23.67 32.91 12.76
N ARG A 110 -24.63 33.35 13.56
CA ARG A 110 -25.66 34.20 13.02
C ARG A 110 -25.01 35.48 12.53
N ASP A 111 -24.09 36.01 13.31
CA ASP A 111 -23.39 37.23 12.92
C ASP A 111 -22.56 37.00 11.68
N ILE A 112 -21.93 35.84 11.58
CA ILE A 112 -21.13 35.57 10.40
C ILE A 112 -22.01 35.54 9.16
N VAL A 113 -23.17 34.91 9.29
CA VAL A 113 -24.15 34.81 8.22
C VAL A 113 -24.74 36.16 7.84
N ASP A 114 -24.98 36.99 8.85
CA ASP A 114 -25.54 38.32 8.68
C ASP A 114 -24.53 39.34 8.15
N ARG A 115 -23.27 38.95 8.15
CA ARG A 115 -22.21 39.80 7.61
C ARG A 115 -21.73 40.92 8.52
N LYS A 116 -22.13 40.86 9.78
CA LYS A 116 -21.70 41.81 10.78
C LYS A 116 -20.21 41.59 11.01
N LEU A 117 -19.81 40.31 11.01
CA LEU A 117 -18.42 39.97 11.19
C LEU A 117 -17.79 39.87 9.81
N ARG A 118 -16.87 40.78 9.55
CA ARG A 118 -16.19 40.86 8.28
C ARG A 118 -14.89 40.07 8.24
N ASP A 119 -14.01 40.38 7.31
CA ASP A 119 -12.79 39.61 7.15
C ASP A 119 -11.91 39.59 8.39
N ILE A 120 -11.77 40.71 9.07
CA ILE A 120 -10.91 40.72 10.24
C ILE A 120 -11.38 39.84 11.38
N GLU A 121 -12.67 39.89 11.70
CA GLU A 121 -13.22 39.08 12.77
C GLU A 121 -13.24 37.59 12.49
N ILE A 122 -13.62 37.21 11.29
CA ILE A 122 -13.69 35.81 10.93
C ILE A 122 -12.34 35.14 10.96
N SER A 123 -11.32 35.83 10.48
CA SER A 123 -9.99 35.26 10.44
C SER A 123 -9.55 34.97 11.85
N SER A 124 -9.88 35.86 12.76
CA SER A 124 -9.50 35.65 14.15
C SER A 124 -10.20 34.44 14.73
N PHE A 125 -11.48 34.26 14.43
CA PHE A 125 -12.17 33.12 14.97
C PHE A 125 -11.49 31.90 14.43
N VAL A 126 -11.25 31.90 13.13
CA VAL A 126 -10.59 30.77 12.50
C VAL A 126 -9.18 30.56 12.97
N THR A 127 -8.44 31.65 13.13
CA THR A 127 -7.07 31.54 13.59
C THR A 127 -7.06 30.97 14.99
N ALA A 128 -7.99 31.43 15.81
CA ALA A 128 -8.08 30.96 17.18
C ALA A 128 -8.40 29.50 17.25
N LEU A 129 -9.31 29.04 16.40
CA LEU A 129 -9.70 27.64 16.41
C LEU A 129 -8.53 26.75 16.05
N GLU A 130 -7.76 27.13 15.04
CA GLU A 130 -6.61 26.34 14.66
C GLU A 130 -5.59 26.33 15.78
N ILE A 131 -5.36 27.51 16.36
CA ILE A 131 -4.46 27.64 17.49
C ILE A 131 -4.92 26.97 18.79
N ASN A 132 -6.19 27.10 19.13
CA ASN A 132 -6.72 26.53 20.38
C ASN A 132 -7.59 25.28 20.25
N GLY A 133 -8.10 25.05 19.05
CA GLY A 133 -8.89 23.87 18.79
C GLY A 133 -10.34 23.98 19.19
N LEU A 134 -11.13 23.01 18.74
CA LEU A 134 -12.55 22.95 19.06
C LEU A 134 -12.85 21.64 19.75
N ASP A 135 -13.57 21.73 20.85
CA ASP A 135 -13.98 20.58 21.64
C ASP A 135 -15.09 19.89 20.88
N MET A 136 -15.30 18.60 21.14
CA MET A 136 -16.35 17.86 20.44
C MET A 136 -17.76 18.39 20.72
N ASP A 137 -18.00 18.87 21.93
CA ASP A 137 -19.29 19.44 22.27
C ASP A 137 -19.57 20.67 21.42
N GLU A 138 -18.53 21.49 21.25
CA GLU A 138 -18.61 22.70 20.46
C GLU A 138 -18.87 22.44 18.99
N ILE A 139 -18.25 21.41 18.45
CA ILE A 139 -18.39 21.10 17.04
C ILE A 139 -19.81 20.76 16.64
N ALA A 140 -20.49 19.99 17.47
CA ALA A 140 -21.88 19.65 17.20
C ALA A 140 -22.71 20.90 17.25
N ALA A 141 -22.42 21.77 18.22
CA ALA A 141 -23.13 23.03 18.38
C ALA A 141 -22.88 23.94 17.20
N LEU A 142 -21.62 23.98 16.76
CA LEU A 142 -21.25 24.77 15.62
C LEU A 142 -21.88 24.24 14.37
N THR A 143 -21.86 22.91 14.22
CA THR A 143 -22.42 22.26 13.05
C THR A 143 -23.91 22.46 12.93
N ILE A 144 -24.62 22.29 14.03
CA ILE A 144 -26.05 22.50 14.04
C ILE A 144 -26.39 23.96 13.83
N ALA A 145 -25.60 24.83 14.44
CA ALA A 145 -25.83 26.26 14.32
C ALA A 145 -25.68 26.68 12.88
N MET A 146 -24.67 26.16 12.21
CA MET A 146 -24.45 26.50 10.81
C MET A 146 -25.61 26.03 9.95
N ALA A 147 -26.09 24.83 10.23
CA ALA A 147 -27.21 24.25 9.49
C ALA A 147 -28.49 25.03 9.69
N GLU A 148 -28.72 25.45 10.92
CA GLU A 148 -29.93 26.16 11.33
C GLU A 148 -30.16 27.52 10.68
N THR A 149 -29.08 28.25 10.43
CA THR A 149 -29.14 29.60 9.87
C THR A 149 -29.26 29.67 8.35
N GLY A 150 -29.40 28.53 7.71
CA GLY A 150 -29.47 28.48 6.26
C GLY A 150 -30.68 27.71 5.83
N ASP A 151 -30.99 27.76 4.54
CA ASP A 151 -32.14 27.04 4.04
C ASP A 151 -31.93 25.55 4.24
N MET A 152 -32.99 24.85 4.65
CA MET A 152 -32.92 23.42 4.85
C MET A 152 -34.02 22.79 4.03
N LEU A 153 -33.75 21.65 3.42
CA LEU A 153 -34.76 20.99 2.62
C LEU A 153 -35.25 19.76 3.33
N ASP A 154 -36.55 19.66 3.49
CA ASP A 154 -37.12 18.49 4.11
C ASP A 154 -37.65 17.69 2.95
N ILE A 155 -37.01 16.56 2.67
CA ILE A 155 -37.43 15.73 1.58
C ILE A 155 -38.28 14.63 2.13
N ASP A 156 -39.32 14.29 1.40
CA ASP A 156 -40.25 13.28 1.87
C ASP A 156 -39.63 11.89 1.87
N ARG A 157 -38.93 11.50 0.82
CA ARG A 157 -38.44 10.12 0.80
C ARG A 157 -37.52 9.82 1.97
N LYS A 158 -37.69 8.64 2.58
CA LYS A 158 -36.84 8.23 3.68
C LYS A 158 -36.56 6.74 3.53
N PRO A 159 -35.39 6.26 3.94
CA PRO A 159 -34.29 7.03 4.49
C PRO A 159 -33.55 7.81 3.43
N ILE A 160 -32.85 8.88 3.82
CA ILE A 160 -32.09 9.69 2.90
C ILE A 160 -30.62 9.32 3.02
N MET A 161 -30.01 8.96 1.89
CA MET A 161 -28.62 8.51 1.86
C MET A 161 -27.72 9.51 1.18
N ASP A 162 -26.58 9.80 1.78
CA ASP A 162 -25.63 10.74 1.21
C ASP A 162 -24.21 10.20 1.19
N VAL A 163 -23.40 10.66 0.25
CA VAL A 163 -22.02 10.18 0.13
C VAL A 163 -21.18 11.41 -0.03
N HIS A 164 -20.02 11.41 0.61
CA HIS A 164 -19.12 12.56 0.55
C HIS A 164 -17.68 12.11 0.69
N SER A 165 -16.81 12.69 -0.14
CA SER A 165 -15.41 12.36 -0.10
C SER A 165 -14.65 13.62 0.27
N ILE A 166 -13.85 13.57 1.36
CA ILE A 166 -13.12 14.77 1.75
C ILE A 166 -12.17 15.12 0.62
N GLY A 167 -12.05 14.19 -0.33
CA GLY A 167 -11.23 14.41 -1.50
C GLY A 167 -9.79 14.84 -1.34
N GLY A 168 -9.32 15.52 -2.39
CA GLY A 168 -7.95 15.99 -2.46
C GLY A 168 -7.25 15.14 -3.51
N VAL A 169 -8.01 14.18 -4.06
CA VAL A 169 -7.51 13.28 -5.09
C VAL A 169 -7.95 13.73 -6.47
N PRO A 170 -7.01 13.72 -7.41
CA PRO A 170 -7.27 14.09 -8.80
C PRO A 170 -8.16 13.08 -9.52
N GLY A 171 -9.00 13.57 -10.42
CA GLY A 171 -9.88 12.70 -11.20
C GLY A 171 -10.85 11.84 -10.44
N ASN A 172 -11.42 12.36 -9.36
CA ASN A 172 -12.40 11.62 -8.60
C ASN A 172 -13.80 11.85 -9.14
N LYS A 173 -14.16 11.06 -10.14
CA LYS A 173 -15.46 11.16 -10.79
C LYS A 173 -16.37 10.09 -10.24
N THR A 174 -15.91 9.47 -9.17
CA THR A 174 -16.56 8.33 -8.54
C THR A 174 -17.97 8.56 -8.04
N ASN A 175 -18.21 9.73 -7.47
CA ASN A 175 -19.51 10.03 -6.91
C ASN A 175 -20.60 10.00 -7.97
N ILE A 176 -20.27 10.38 -9.18
CA ILE A 176 -21.26 10.35 -10.24
C ILE A 176 -21.73 8.94 -10.40
N LEU A 177 -20.80 8.00 -10.35
CA LEU A 177 -21.11 6.57 -10.42
C LEU A 177 -21.91 6.05 -9.24
N VAL A 178 -21.54 6.48 -8.05
CA VAL A 178 -22.19 6.02 -6.84
C VAL A 178 -23.65 6.40 -6.73
N VAL A 179 -23.99 7.63 -7.10
CA VAL A 179 -25.35 8.12 -6.99
C VAL A 179 -26.39 7.39 -7.84
N PRO A 180 -26.07 7.14 -9.11
CA PRO A 180 -27.00 6.44 -9.98
C PRO A 180 -27.19 5.01 -9.55
N ILE A 181 -26.10 4.36 -9.17
CA ILE A 181 -26.16 2.98 -8.75
C ILE A 181 -27.00 2.82 -7.50
N VAL A 182 -26.78 3.69 -6.53
CA VAL A 182 -27.52 3.67 -5.29
C VAL A 182 -28.99 3.98 -5.54
N ALA A 183 -29.23 4.90 -6.47
CA ALA A 183 -30.57 5.35 -6.83
C ALA A 183 -31.40 4.25 -7.44
N ALA A 184 -30.76 3.39 -8.22
CA ALA A 184 -31.42 2.28 -8.89
C ALA A 184 -32.04 1.34 -7.87
N ALA A 185 -31.37 1.20 -6.75
CA ALA A 185 -31.83 0.32 -5.69
C ALA A 185 -33.11 0.85 -5.12
N GLY A 186 -33.45 2.08 -5.47
CA GLY A 186 -34.66 2.71 -4.99
C GLY A 186 -34.44 3.54 -3.76
N LEU A 187 -33.20 3.60 -3.32
CA LEU A 187 -32.82 4.43 -2.19
C LEU A 187 -32.82 5.87 -2.67
N THR A 188 -32.91 6.81 -1.74
CA THR A 188 -32.94 8.21 -2.08
C THR A 188 -31.58 8.84 -1.79
N ILE A 189 -30.93 9.42 -2.80
CA ILE A 189 -29.65 10.04 -2.56
C ILE A 189 -29.44 11.30 -3.35
N PRO A 190 -29.72 12.47 -2.72
CA PRO A 190 -29.57 13.79 -3.34
C PRO A 190 -28.19 14.43 -3.13
N LYS A 191 -27.32 14.36 -4.13
CA LYS A 191 -25.99 14.93 -3.99
C LYS A 191 -25.88 16.37 -4.48
N THR A 192 -25.34 17.31 -3.69
CA THR A 192 -25.07 18.66 -4.16
C THR A 192 -23.61 19.02 -4.01
N SER A 193 -22.80 18.65 -4.99
CA SER A 193 -21.36 18.94 -4.97
C SER A 193 -21.03 20.39 -5.37
N SER A 194 -19.81 20.81 -5.10
CA SER A 194 -19.37 22.18 -5.39
C SER A 194 -18.25 22.28 -6.42
N ARG A 195 -18.32 23.30 -7.28
CA ARG A 195 -17.34 23.52 -8.34
C ARG A 195 -15.95 23.67 -7.77
N ALA A 196 -14.94 23.28 -8.53
CA ALA A 196 -13.58 23.30 -8.04
C ALA A 196 -13.04 24.69 -7.75
N ILE A 197 -12.40 24.83 -6.59
CA ILE A 197 -11.79 26.08 -6.20
C ILE A 197 -10.27 25.99 -6.30
N THR A 198 -9.72 24.83 -5.95
CA THR A 198 -8.29 24.60 -6.01
C THR A 198 -7.96 23.30 -6.75
N SER A 199 -8.98 22.64 -7.31
CA SER A 199 -8.81 21.39 -8.02
C SER A 199 -8.99 21.62 -9.52
N ALA A 200 -8.58 20.65 -10.33
CA ALA A 200 -8.72 20.77 -11.79
C ALA A 200 -10.19 20.74 -12.23
N ALA A 201 -11.01 20.07 -11.45
CA ALA A 201 -12.42 19.93 -11.77
C ALA A 201 -13.20 19.60 -10.51
N GLY A 202 -14.51 19.79 -10.58
CA GLY A 202 -15.37 19.52 -9.46
C GLY A 202 -16.47 18.64 -9.98
N THR A 203 -17.12 17.92 -9.08
CA THR A 203 -18.18 17.03 -9.51
C THR A 203 -19.18 17.92 -10.20
N ALA A 204 -19.38 19.12 -9.65
CA ALA A 204 -20.33 20.06 -10.22
C ALA A 204 -19.93 20.44 -11.63
N ASP A 205 -18.64 20.64 -11.87
CA ASP A 205 -18.19 21.00 -13.19
C ASP A 205 -18.47 19.89 -14.20
N VAL A 206 -18.22 18.65 -13.78
CA VAL A 206 -18.42 17.50 -14.65
C VAL A 206 -19.87 17.31 -15.04
N VAL A 207 -20.76 17.48 -14.07
CA VAL A 207 -22.18 17.33 -14.28
C VAL A 207 -22.73 18.38 -15.24
N GLU A 208 -22.20 19.58 -15.15
CA GLU A 208 -22.62 20.68 -16.00
C GLU A 208 -22.33 20.33 -17.43
N VAL A 209 -21.31 19.52 -17.66
CA VAL A 209 -20.92 19.16 -19.00
C VAL A 209 -22.05 18.46 -19.73
N PHE A 210 -22.78 17.63 -19.03
CA PHE A 210 -23.90 16.92 -19.66
C PHE A 210 -25.27 17.25 -19.08
N ALA A 211 -25.38 18.35 -18.35
CA ALA A 211 -26.66 18.68 -17.70
C ALA A 211 -26.54 19.96 -16.87
N ASP A 212 -27.63 20.72 -16.77
CA ASP A 212 -27.62 21.97 -15.99
C ASP A 212 -27.40 21.66 -14.51
N VAL A 213 -26.49 22.38 -13.87
CA VAL A 213 -26.16 22.15 -12.47
C VAL A 213 -26.82 23.08 -11.45
N SER A 214 -27.15 24.30 -11.85
CA SER A 214 -27.78 25.28 -10.94
C SER A 214 -29.28 25.06 -10.76
N PHE A 215 -29.73 24.80 -9.54
CA PHE A 215 -31.13 24.50 -9.26
C PHE A 215 -31.64 25.03 -7.92
N SER A 216 -32.94 25.33 -7.86
CA SER A 216 -33.61 25.82 -6.64
C SER A 216 -33.90 24.68 -5.66
N LEU A 217 -34.04 25.01 -4.38
CA LEU A 217 -34.33 23.98 -3.38
C LEU A 217 -35.66 23.33 -3.72
N ASP A 218 -36.63 24.15 -4.07
CA ASP A 218 -37.94 23.63 -4.43
C ASP A 218 -37.80 22.80 -5.69
N GLU A 219 -37.01 23.29 -6.62
CA GLU A 219 -36.79 22.55 -7.86
C GLU A 219 -36.09 21.26 -7.51
N ILE A 220 -35.15 21.34 -6.58
CA ILE A 220 -34.36 20.20 -6.12
C ILE A 220 -35.17 19.11 -5.44
N LYS A 221 -36.12 19.49 -4.60
CA LYS A 221 -36.93 18.51 -3.92
C LYS A 221 -37.76 17.70 -4.89
N ARG A 222 -38.29 18.36 -5.90
CA ARG A 222 -39.16 17.70 -6.87
C ARG A 222 -38.45 16.62 -7.67
N ILE A 223 -37.22 16.87 -8.09
CA ILE A 223 -36.49 15.88 -8.85
C ILE A 223 -36.24 14.62 -8.05
N VAL A 224 -35.84 14.81 -6.80
CA VAL A 224 -35.55 13.70 -5.90
C VAL A 224 -36.80 12.89 -5.64
N GLU A 225 -37.92 13.57 -5.49
CA GLU A 225 -39.15 12.87 -5.23
C GLU A 225 -39.47 11.94 -6.37
N LYS A 226 -39.24 12.39 -7.60
CA LYS A 226 -39.52 11.56 -8.76
C LYS A 226 -38.30 10.81 -9.26
N VAL A 227 -37.20 11.52 -9.46
CA VAL A 227 -35.98 10.90 -9.92
C VAL A 227 -35.38 9.97 -8.87
N GLY A 228 -35.45 10.40 -7.62
CA GLY A 228 -34.90 9.67 -6.49
C GLY A 228 -33.45 10.04 -6.21
N ALA A 229 -32.87 10.87 -7.07
CA ALA A 229 -31.50 11.32 -6.89
C ALA A 229 -31.20 12.56 -7.72
N CYS A 230 -30.14 13.28 -7.40
CA CYS A 230 -29.75 14.44 -8.18
C CYS A 230 -28.28 14.76 -8.07
N LEU A 231 -27.70 15.35 -9.10
CA LEU A 231 -26.33 15.79 -9.06
C LEU A 231 -26.30 17.27 -9.35
N VAL A 232 -26.56 18.07 -8.33
CA VAL A 232 -26.63 19.53 -8.47
C VAL A 232 -25.63 20.30 -7.64
N TRP A 233 -25.34 21.52 -8.08
CA TRP A 233 -24.39 22.42 -7.45
C TRP A 233 -24.83 22.93 -6.11
N GLY A 234 -23.93 22.87 -5.14
CA GLY A 234 -24.15 23.34 -3.79
C GLY A 234 -24.32 24.83 -3.61
N GLY A 235 -23.56 25.57 -4.38
CA GLY A 235 -23.52 27.02 -4.34
C GLY A 235 -24.79 27.77 -4.65
N ALA A 236 -25.58 27.28 -5.59
CA ALA A 236 -26.78 28.00 -5.98
C ALA A 236 -27.75 28.19 -4.83
N LEU A 237 -27.99 27.14 -4.05
CA LEU A 237 -28.88 27.24 -2.92
C LEU A 237 -28.16 27.81 -1.69
N ASN A 238 -28.91 28.42 -0.79
CA ASN A 238 -28.34 28.98 0.42
C ASN A 238 -28.24 27.97 1.54
N LEU A 239 -27.30 27.05 1.44
CA LEU A 239 -27.12 26.01 2.46
C LEU A 239 -25.86 26.25 3.26
N ALA A 240 -25.97 26.28 4.58
CA ALA A 240 -24.78 26.46 5.37
C ALA A 240 -24.00 27.65 4.85
N PRO A 241 -24.60 28.83 4.88
CA PRO A 241 -23.97 30.04 4.35
C PRO A 241 -22.65 30.35 5.01
N ALA A 242 -22.53 30.04 6.29
CA ALA A 242 -21.32 30.28 7.05
C ALA A 242 -20.12 29.50 6.58
N ASP A 243 -20.34 28.31 6.04
CA ASP A 243 -19.21 27.49 5.64
C ASP A 243 -18.38 28.18 4.58
N ASP A 244 -19.02 28.75 3.58
CA ASP A 244 -18.31 29.43 2.53
C ASP A 244 -17.60 30.70 2.96
N ILE A 245 -18.24 31.48 3.81
CA ILE A 245 -17.63 32.71 4.26
C ILE A 245 -16.34 32.43 5.03
N THR A 246 -16.43 31.47 5.94
CA THR A 246 -15.30 31.04 6.74
C THR A 246 -14.24 30.37 5.91
N ILE A 247 -14.67 29.62 4.89
CA ILE A 247 -13.77 28.87 4.04
C ILE A 247 -12.76 29.75 3.33
N LYS A 248 -13.16 30.94 2.92
CA LYS A 248 -12.25 31.82 2.21
C LYS A 248 -11.05 32.14 3.07
N ALA A 249 -11.29 32.37 4.36
CA ALA A 249 -10.20 32.68 5.26
C ALA A 249 -9.24 31.51 5.38
N GLU A 250 -9.77 30.31 5.49
CA GLU A 250 -8.94 29.14 5.63
C GLU A 250 -8.05 28.92 4.42
N ARG A 251 -8.63 29.09 3.24
CA ARG A 251 -7.90 28.90 1.99
C ARG A 251 -6.81 29.94 1.89
N ALA A 252 -7.13 31.15 2.30
CA ALA A 252 -6.19 32.26 2.27
C ALA A 252 -5.02 31.98 3.18
N LEU A 253 -5.30 31.40 4.34
CA LEU A 253 -4.27 31.08 5.31
C LEU A 253 -3.72 29.69 5.08
N SER A 254 -4.27 28.98 4.10
CA SER A 254 -3.79 27.63 3.84
C SER A 254 -3.79 26.78 5.11
N ILE A 255 -4.89 26.83 5.86
CA ILE A 255 -5.06 26.03 7.08
C ILE A 255 -6.45 25.43 7.05
N ASP A 256 -6.68 24.38 7.83
CA ASP A 256 -7.99 23.76 7.89
C ASP A 256 -8.17 23.13 9.26
N PRO A 257 -8.85 23.83 10.17
CA PRO A 257 -9.06 23.28 11.51
C PRO A 257 -9.91 22.03 11.43
N THR A 258 -9.52 21.02 12.19
CA THR A 258 -10.25 19.77 12.17
C THR A 258 -11.67 19.98 12.64
N GLY A 259 -11.84 20.73 13.71
CA GLY A 259 -13.18 20.94 14.21
C GLY A 259 -14.02 21.69 13.20
N LEU A 260 -13.44 22.69 12.57
CA LEU A 260 -14.13 23.49 11.56
C LEU A 260 -14.49 22.70 10.33
N MET A 261 -13.57 21.84 9.88
CA MET A 261 -13.80 21.03 8.70
C MET A 261 -14.95 20.07 8.87
N LEU A 262 -15.01 19.43 10.02
CA LEU A 262 -16.08 18.47 10.28
C LEU A 262 -17.42 19.16 10.30
N ALA A 263 -17.48 20.31 10.96
CA ALA A 263 -18.72 21.06 11.06
C ALA A 263 -19.17 21.52 9.70
N SER A 264 -18.22 22.00 8.91
CA SER A 264 -18.54 22.47 7.58
C SER A 264 -19.05 21.37 6.67
N ILE A 265 -18.40 20.22 6.69
CA ILE A 265 -18.82 19.08 5.90
C ILE A 265 -20.15 18.53 6.34
N MET A 266 -20.29 18.37 7.65
CA MET A 266 -21.49 17.85 8.28
C MET A 266 -22.68 18.79 8.26
N SER A 267 -22.42 20.08 8.23
CA SER A 267 -23.51 21.06 8.26
C SER A 267 -24.44 20.96 7.07
N LYS A 268 -23.88 20.73 5.88
CA LYS A 268 -24.69 20.61 4.69
C LYS A 268 -25.59 19.39 4.76
N LYS A 269 -25.05 18.29 5.25
CA LYS A 269 -25.81 17.04 5.35
C LYS A 269 -26.98 17.18 6.30
N TYR A 270 -26.77 17.84 7.42
CA TYR A 270 -27.80 18.01 8.42
C TYR A 270 -28.94 18.82 7.84
N ALA A 271 -28.58 19.83 7.07
CA ALA A 271 -29.55 20.71 6.43
C ALA A 271 -30.46 19.99 5.45
N MET A 272 -29.88 19.07 4.69
CA MET A 272 -30.63 18.34 3.69
C MET A 272 -31.39 17.15 4.25
N GLY A 273 -31.25 16.89 5.54
CA GLY A 273 -31.93 15.77 6.14
C GLY A 273 -31.34 14.40 5.87
N SER A 274 -30.09 14.37 5.39
CA SER A 274 -29.44 13.08 5.14
C SER A 274 -29.49 12.29 6.44
N GLN A 275 -29.78 10.99 6.36
CA GLN A 275 -29.87 10.16 7.56
C GLN A 275 -28.77 9.13 7.60
N TYR A 276 -28.27 8.78 6.43
CA TYR A 276 -27.22 7.80 6.30
C TYR A 276 -26.15 8.39 5.41
N VAL A 277 -25.12 8.95 6.03
CA VAL A 277 -24.03 9.59 5.30
C VAL A 277 -22.79 8.70 5.32
N LEU A 278 -22.19 8.52 4.15
CA LEU A 278 -20.97 7.71 4.00
C LEU A 278 -19.82 8.64 3.65
N ILE A 279 -18.77 8.62 4.45
CA ILE A 279 -17.63 9.50 4.19
C ILE A 279 -16.47 8.72 3.59
N ASP A 280 -15.88 9.28 2.54
CA ASP A 280 -14.74 8.66 1.89
C ASP A 280 -13.49 9.47 2.19
N ILE A 281 -12.56 8.91 2.96
CA ILE A 281 -11.34 9.63 3.27
C ILE A 281 -10.18 9.11 2.47
N PRO A 282 -9.80 9.81 1.40
CA PRO A 282 -8.67 9.40 0.56
C PRO A 282 -7.38 9.69 1.32
N THR A 283 -6.71 8.61 1.73
CA THR A 283 -5.47 8.71 2.48
C THR A 283 -4.31 8.36 1.57
N GLY A 284 -3.23 9.14 1.65
CA GLY A 284 -2.07 8.89 0.82
C GLY A 284 -1.25 10.15 0.62
N LYS A 285 -0.05 10.01 0.06
CA LYS A 285 0.83 11.17 -0.17
C LYS A 285 0.18 12.19 -1.11
N GLY A 286 0.23 13.46 -0.72
CA GLY A 286 -0.34 14.48 -1.57
C GLY A 286 -1.86 14.49 -1.59
N VAL A 287 -2.47 14.05 -0.50
CA VAL A 287 -3.91 14.03 -0.35
C VAL A 287 -4.15 14.76 0.98
N LYS A 288 -5.31 15.40 1.14
CA LYS A 288 -5.63 16.11 2.37
C LYS A 288 -5.15 15.34 3.60
N VAL A 289 -5.68 14.13 3.80
CA VAL A 289 -5.29 13.29 4.92
C VAL A 289 -4.17 12.35 4.48
N GLU A 290 -2.93 12.72 4.76
CA GLU A 290 -1.77 11.93 4.35
C GLU A 290 -1.60 10.53 4.92
N THR A 291 -1.78 10.34 6.22
CA THR A 291 -1.57 9.01 6.78
C THR A 291 -2.83 8.25 7.16
N VAL A 292 -2.75 6.93 7.11
CA VAL A 292 -3.89 6.10 7.49
C VAL A 292 -4.21 6.36 8.94
N GLU A 293 -3.18 6.53 9.76
CA GLU A 293 -3.42 6.79 11.17
C GLU A 293 -4.18 8.08 11.34
N GLU A 294 -3.82 9.10 10.56
CA GLU A 294 -4.54 10.37 10.63
C GLU A 294 -5.96 10.19 10.14
N ALA A 295 -6.12 9.44 9.06
CA ALA A 295 -7.42 9.21 8.47
C ALA A 295 -8.35 8.48 9.39
N ARG A 296 -7.83 7.47 10.09
CA ARG A 296 -8.64 6.69 11.01
C ARG A 296 -9.16 7.57 12.12
N SER A 297 -8.30 8.47 12.59
CA SER A 297 -8.68 9.39 13.65
C SER A 297 -9.80 10.30 13.18
N LEU A 298 -9.70 10.73 11.94
CA LEU A 298 -10.70 11.60 11.36
C LEU A 298 -12.02 10.86 11.31
N ALA A 299 -11.94 9.58 10.98
CA ALA A 299 -13.12 8.73 10.86
C ALA A 299 -13.87 8.59 12.17
N ARG A 300 -13.17 8.46 13.28
CA ARG A 300 -13.83 8.31 14.55
C ARG A 300 -14.63 9.56 14.83
N ASP A 301 -14.04 10.70 14.51
CA ASP A 301 -14.68 12.00 14.73
C ASP A 301 -15.94 12.20 13.92
N PHE A 302 -15.93 11.79 12.66
CA PHE A 302 -17.10 11.95 11.82
C PHE A 302 -18.28 11.15 12.35
N ILE A 303 -18.01 9.93 12.80
CA ILE A 303 -19.04 9.08 13.35
C ILE A 303 -19.64 9.60 14.65
N GLU A 304 -18.79 10.09 15.54
CA GLU A 304 -19.24 10.64 16.82
C GLU A 304 -20.07 11.90 16.63
N LEU A 305 -19.68 12.74 15.70
CA LEU A 305 -20.43 13.96 15.39
C LEU A 305 -21.76 13.57 14.77
N GLY A 306 -21.79 12.40 14.13
CA GLY A 306 -23.01 11.92 13.52
C GLY A 306 -24.03 11.61 14.58
N LYS A 307 -23.61 10.83 15.58
CA LYS A 307 -24.48 10.45 16.68
C LYS A 307 -25.11 11.70 17.26
N ARG A 308 -24.26 12.68 17.56
CA ARG A 308 -24.70 13.95 18.11
C ARG A 308 -25.78 14.62 17.24
N LEU A 309 -25.67 14.46 15.91
CA LEU A 309 -26.62 15.05 14.97
C LEU A 309 -27.74 14.08 14.61
N GLY A 310 -27.70 12.88 15.19
CA GLY A 310 -28.72 11.87 14.92
C GLY A 310 -28.61 11.25 13.53
N GLN A 311 -27.38 11.14 13.02
CA GLN A 311 -27.15 10.59 11.69
C GLN A 311 -26.28 9.33 11.74
N TYR A 312 -26.63 8.34 10.95
CA TYR A 312 -25.84 7.12 10.91
C TYR A 312 -24.73 7.39 9.91
N VAL A 313 -23.53 7.65 10.44
CA VAL A 313 -22.38 7.93 9.60
C VAL A 313 -21.42 6.74 9.51
N GLU A 314 -20.88 6.51 8.32
CA GLU A 314 -19.93 5.44 8.12
C GLU A 314 -18.82 5.95 7.22
N VAL A 315 -17.59 5.68 7.62
CA VAL A 315 -16.44 6.15 6.89
C VAL A 315 -15.69 5.03 6.22
N ALA A 316 -15.14 5.32 5.05
CA ALA A 316 -14.39 4.34 4.28
C ALA A 316 -13.06 4.99 3.87
N ILE A 317 -11.98 4.52 4.47
CA ILE A 317 -10.65 5.05 4.18
C ILE A 317 -10.15 4.39 2.91
N THR A 318 -9.87 5.20 1.89
CA THR A 318 -9.39 4.67 0.63
C THR A 318 -8.03 5.26 0.26
N TYR A 319 -7.46 4.74 -0.83
CA TYR A 319 -6.15 5.19 -1.28
C TYR A 319 -6.28 6.37 -2.24
N GLY A 320 -5.36 7.34 -2.13
CA GLY A 320 -5.43 8.49 -2.99
C GLY A 320 -4.08 9.01 -3.46
N GLY A 321 -3.11 8.11 -3.63
CA GLY A 321 -1.79 8.51 -4.06
C GLY A 321 -1.72 8.82 -5.55
N GLN A 322 -2.45 8.03 -6.34
CA GLN A 322 -2.50 8.21 -7.79
C GLN A 322 -3.87 8.77 -8.12
N PRO A 323 -4.00 9.46 -9.26
CA PRO A 323 -5.32 10.02 -9.65
C PRO A 323 -6.25 8.87 -10.01
N ILE A 324 -7.54 9.00 -9.70
CA ILE A 324 -8.52 7.96 -10.02
C ILE A 324 -8.75 7.88 -11.53
N GLY A 325 -8.93 6.69 -12.06
CA GLY A 325 -9.15 6.55 -13.48
C GLY A 325 -7.93 7.03 -14.25
N HIS A 326 -8.15 7.58 -15.44
CA HIS A 326 -7.05 8.07 -16.26
C HIS A 326 -7.38 9.43 -16.83
N THR A 327 -8.36 10.09 -16.24
CA THR A 327 -8.74 11.41 -16.74
C THR A 327 -8.87 12.48 -15.67
N VAL A 328 -8.32 13.65 -15.99
CA VAL A 328 -8.38 14.83 -15.16
C VAL A 328 -8.99 15.93 -16.00
N GLY A 329 -9.89 16.71 -15.43
CA GLY A 329 -10.57 17.77 -16.16
C GLY A 329 -12.02 17.43 -16.41
N PRO A 330 -12.87 18.45 -16.47
CA PRO A 330 -14.31 18.24 -16.62
C PRO A 330 -14.79 17.57 -17.88
N ALA A 331 -14.30 17.97 -19.04
CA ALA A 331 -14.74 17.31 -20.26
C ALA A 331 -14.33 15.87 -20.27
N LEU A 332 -13.07 15.64 -19.91
CA LEU A 332 -12.50 14.32 -19.87
C LEU A 332 -13.13 13.41 -18.81
N GLU A 333 -13.37 13.96 -17.63
CA GLU A 333 -13.96 13.20 -16.55
C GLU A 333 -15.38 12.75 -16.87
N ALA A 334 -16.17 13.64 -17.45
CA ALA A 334 -17.55 13.30 -17.75
C ALA A 334 -17.66 12.17 -18.75
N ARG A 335 -16.80 12.18 -19.76
CA ARG A 335 -16.84 11.14 -20.76
C ARG A 335 -16.53 9.80 -20.11
N GLU A 336 -15.52 9.78 -19.25
CA GLU A 336 -15.14 8.56 -18.58
C GLU A 336 -16.21 8.03 -17.63
N ALA A 337 -16.80 8.93 -16.84
CA ALA A 337 -17.83 8.51 -15.93
C ALA A 337 -19.04 8.01 -16.68
N LEU A 338 -19.44 8.76 -17.70
CA LEU A 338 -20.58 8.39 -18.51
C LEU A 338 -20.39 7.10 -19.31
N SER A 339 -19.19 6.93 -19.85
CA SER A 339 -18.91 5.75 -20.64
C SER A 339 -19.04 4.50 -19.80
N ALA A 340 -18.52 4.57 -18.57
CA ALA A 340 -18.58 3.44 -17.67
C ALA A 340 -20.01 3.06 -17.33
N LEU A 341 -20.85 4.06 -17.08
CA LEU A 341 -22.23 3.79 -16.75
C LEU A 341 -22.94 3.12 -17.92
N MET A 342 -22.71 3.65 -19.12
CA MET A 342 -23.33 3.08 -20.31
C MET A 342 -22.82 1.68 -20.63
N THR A 343 -21.50 1.55 -20.63
CA THR A 343 -20.82 0.29 -20.88
C THR A 343 -20.95 -0.73 -19.75
N GLY A 344 -20.91 -0.22 -18.53
CA GLY A 344 -20.94 -1.05 -17.35
C GLY A 344 -19.52 -1.48 -17.08
N LYS A 345 -18.62 -1.01 -17.92
CA LYS A 345 -17.21 -1.33 -17.80
C LYS A 345 -16.34 -0.09 -17.94
N GLY A 346 -15.27 -0.04 -17.16
CA GLY A 346 -14.34 1.08 -17.22
C GLY A 346 -13.13 0.86 -16.35
N PRO A 347 -12.31 1.88 -16.16
CA PRO A 347 -11.08 1.70 -15.41
C PRO A 347 -11.36 1.16 -14.02
N GLY A 348 -10.48 0.29 -13.56
CA GLY A 348 -10.64 -0.37 -12.29
C GLY A 348 -10.68 0.55 -11.10
N SER A 349 -9.85 1.58 -11.10
CA SER A 349 -9.81 2.47 -9.96
C SER A 349 -11.18 3.10 -9.75
N LEU A 350 -11.79 3.58 -10.82
CA LEU A 350 -13.10 4.18 -10.72
C LEU A 350 -14.23 3.19 -10.42
N ILE A 351 -14.26 2.08 -11.15
CA ILE A 351 -15.32 1.07 -10.95
C ILE A 351 -15.30 0.34 -9.61
N GLU A 352 -14.12 -0.06 -9.14
CA GLU A 352 -14.03 -0.76 -7.87
C GLU A 352 -14.32 0.17 -6.71
N LYS A 353 -13.74 1.36 -6.77
CA LYS A 353 -13.96 2.33 -5.73
C LYS A 353 -15.41 2.74 -5.74
N ALA A 354 -15.95 2.98 -6.92
CA ALA A 354 -17.33 3.40 -7.04
C ALA A 354 -18.31 2.36 -6.56
N THR A 355 -18.09 1.11 -6.94
CA THR A 355 -18.97 0.03 -6.52
C THR A 355 -18.90 -0.24 -5.03
N GLY A 356 -17.69 -0.19 -4.48
CA GLY A 356 -17.54 -0.42 -3.07
C GLY A 356 -18.23 0.62 -2.22
N LEU A 357 -18.08 1.88 -2.57
CA LEU A 357 -18.71 2.94 -1.80
C LEU A 357 -20.21 2.81 -1.91
N ALA A 358 -20.66 2.49 -3.11
CA ALA A 358 -22.06 2.31 -3.40
C ALA A 358 -22.61 1.14 -2.61
N GLY A 359 -21.83 0.08 -2.49
CA GLY A 359 -22.25 -1.09 -1.76
C GLY A 359 -22.48 -0.82 -0.29
N ILE A 360 -21.59 -0.04 0.31
CA ILE A 360 -21.74 0.26 1.72
C ILE A 360 -23.04 1.01 1.91
N LEU A 361 -23.35 1.91 1.00
CA LEU A 361 -24.60 2.66 1.08
C LEU A 361 -25.80 1.74 0.93
N LEU A 362 -25.70 0.79 0.03
CA LEU A 362 -26.78 -0.16 -0.19
C LEU A 362 -27.01 -1.02 1.04
N GLU A 363 -25.92 -1.46 1.66
CA GLU A 363 -26.02 -2.26 2.87
C GLU A 363 -26.66 -1.43 3.94
N MET A 364 -26.26 -0.16 3.98
CA MET A 364 -26.78 0.81 4.94
C MET A 364 -28.26 1.04 4.70
N GLY A 365 -28.66 1.03 3.44
CA GLY A 365 -30.03 1.29 3.06
C GLY A 365 -30.98 0.15 3.34
N GLY A 366 -30.44 -1.01 3.68
CA GLY A 366 -31.28 -2.16 3.95
C GLY A 366 -31.57 -2.91 2.67
N VAL A 367 -31.16 -2.32 1.55
CA VAL A 367 -31.36 -2.90 0.24
C VAL A 367 -30.56 -4.19 0.05
N ALA A 368 -29.48 -4.34 0.81
CA ALA A 368 -28.63 -5.53 0.71
C ALA A 368 -28.25 -6.10 2.06
N PRO A 369 -28.10 -7.42 2.11
CA PRO A 369 -27.69 -8.10 3.34
C PRO A 369 -26.24 -7.78 3.60
N ALA A 370 -25.79 -7.80 4.84
CA ALA A 370 -24.42 -7.44 5.13
C ALA A 370 -23.42 -8.28 4.38
N GLY A 371 -22.41 -7.61 3.83
CA GLY A 371 -21.33 -8.25 3.09
C GLY A 371 -21.63 -8.50 1.62
N THR A 372 -22.86 -8.18 1.21
CA THR A 372 -23.29 -8.37 -0.18
C THR A 372 -23.45 -7.10 -1.02
N GLY A 373 -23.14 -5.94 -0.46
CA GLY A 373 -23.31 -4.69 -1.17
C GLY A 373 -22.50 -4.40 -2.42
N LYS A 374 -21.21 -4.71 -2.41
CA LYS A 374 -20.38 -4.46 -3.59
C LYS A 374 -20.83 -5.33 -4.74
N LYS A 375 -21.15 -6.58 -4.45
CA LYS A 375 -21.61 -7.50 -5.47
C LYS A 375 -22.90 -7.01 -6.07
N MET A 376 -23.81 -6.54 -5.23
CA MET A 376 -25.07 -6.02 -5.72
C MET A 376 -24.86 -4.78 -6.56
N ALA A 377 -23.94 -3.92 -6.15
CA ALA A 377 -23.68 -2.69 -6.86
C ALA A 377 -23.20 -3.02 -8.25
N LYS A 378 -22.34 -4.02 -8.36
CA LYS A 378 -21.84 -4.41 -9.67
C LYS A 378 -22.95 -4.93 -10.56
N GLU A 379 -23.89 -5.67 -9.98
CA GLU A 379 -24.99 -6.20 -10.76
C GLU A 379 -25.82 -5.06 -11.33
N ILE A 380 -26.09 -4.05 -10.52
CA ILE A 380 -26.88 -2.91 -10.97
C ILE A 380 -26.15 -2.17 -12.07
N LEU A 381 -24.85 -1.97 -11.90
CA LEU A 381 -24.03 -1.32 -12.90
C LEU A 381 -23.91 -2.15 -14.17
N GLU A 382 -23.68 -3.45 -13.98
CA GLU A 382 -23.57 -4.40 -15.07
C GLU A 382 -24.89 -4.56 -15.79
N SER A 383 -25.96 -4.57 -15.02
CA SER A 383 -27.31 -4.72 -15.54
C SER A 383 -27.63 -3.57 -16.47
N GLY A 384 -27.11 -2.39 -16.14
CA GLY A 384 -27.36 -1.21 -16.92
C GLY A 384 -28.45 -0.40 -16.26
N LYS A 385 -28.88 -0.89 -15.10
CA LYS A 385 -29.89 -0.21 -14.33
C LYS A 385 -29.34 1.15 -13.93
N ALA A 386 -28.04 1.19 -13.64
CA ALA A 386 -27.41 2.43 -13.21
C ALA A 386 -27.45 3.49 -14.30
N TRP A 387 -27.03 3.12 -15.52
CA TRP A 387 -27.03 4.04 -16.64
C TRP A 387 -28.41 4.56 -16.96
N GLU A 388 -29.42 3.71 -16.83
CA GLU A 388 -30.78 4.12 -17.11
C GLU A 388 -31.11 5.24 -16.13
N LYS A 389 -30.77 5.01 -14.87
CA LYS A 389 -31.02 5.98 -13.81
C LYS A 389 -30.31 7.30 -14.03
N MET A 390 -29.11 7.26 -14.61
CA MET A 390 -28.36 8.48 -14.83
C MET A 390 -29.13 9.37 -15.78
N LYS A 391 -29.71 8.77 -16.81
CA LYS A 391 -30.47 9.51 -17.81
C LYS A 391 -31.68 10.22 -17.22
N GLU A 392 -32.26 9.62 -16.20
CA GLU A 392 -33.40 10.24 -15.54
C GLU A 392 -32.92 11.52 -14.84
N ILE A 393 -31.70 11.45 -14.29
CA ILE A 393 -31.10 12.58 -13.60
C ILE A 393 -30.70 13.60 -14.66
N ILE A 394 -30.07 13.11 -15.72
CA ILE A 394 -29.63 13.97 -16.82
C ILE A 394 -30.81 14.67 -17.45
N GLU A 395 -31.90 13.93 -17.65
CA GLU A 395 -33.08 14.51 -18.25
C GLU A 395 -33.66 15.59 -17.35
N ALA A 396 -33.98 15.20 -16.13
CA ALA A 396 -34.55 16.13 -15.15
C ALA A 396 -33.63 17.31 -14.92
N GLN A 397 -32.33 17.11 -15.06
CA GLN A 397 -31.39 18.21 -14.88
C GLN A 397 -31.38 19.06 -16.16
N GLY A 398 -32.06 18.57 -17.20
CA GLY A 398 -32.14 19.29 -18.46
C GLY A 398 -31.10 18.99 -19.53
N GLY A 399 -30.79 17.72 -19.73
CA GLY A 399 -29.81 17.36 -20.73
C GLY A 399 -30.30 16.21 -21.58
N ASP A 400 -29.63 15.93 -22.70
CA ASP A 400 -30.06 14.84 -23.55
C ASP A 400 -29.70 13.47 -23.00
N PRO A 401 -30.71 12.66 -22.66
CA PRO A 401 -30.46 11.32 -22.13
C PRO A 401 -29.87 10.51 -23.28
N ASN A 402 -30.00 11.07 -24.47
CA ASN A 402 -29.52 10.43 -25.68
C ASN A 402 -28.08 10.81 -26.04
N ILE A 403 -27.41 11.57 -25.18
CA ILE A 403 -26.04 11.97 -25.49
C ILE A 403 -25.12 10.78 -25.56
N LYS A 404 -24.23 10.79 -26.54
CA LYS A 404 -23.27 9.73 -26.71
C LYS A 404 -21.98 10.24 -26.09
N PRO A 405 -21.55 9.61 -25.00
CA PRO A 405 -20.31 10.03 -24.34
C PRO A 405 -19.18 10.31 -25.31
N GLU A 406 -18.91 9.35 -26.19
CA GLU A 406 -17.85 9.50 -27.16
C GLU A 406 -17.89 10.84 -27.87
N GLU A 407 -19.11 11.33 -28.06
CA GLU A 407 -19.39 12.61 -28.72
C GLU A 407 -18.87 13.84 -27.99
N ILE A 408 -18.89 13.83 -26.67
CA ILE A 408 -18.52 15.00 -25.89
C ILE A 408 -17.14 15.54 -26.27
N PRO A 409 -17.11 16.86 -26.46
CA PRO A 409 -15.92 17.61 -26.91
C PRO A 409 -14.74 17.65 -25.96
N ILE A 410 -13.55 17.60 -26.52
CA ILE A 410 -12.31 17.66 -25.78
C ILE A 410 -11.45 18.70 -26.47
N GLY A 411 -10.41 19.20 -25.80
CA GLY A 411 -9.60 20.23 -26.39
C GLY A 411 -8.89 19.86 -27.67
N ASP A 412 -8.95 20.77 -28.63
CA ASP A 412 -8.34 20.61 -29.94
C ASP A 412 -6.82 20.55 -29.92
N LYS A 413 -6.19 21.34 -29.06
CA LYS A 413 -4.73 21.39 -29.00
C LYS A 413 -4.20 20.48 -27.92
N THR A 414 -3.33 19.55 -28.32
CA THR A 414 -2.79 18.57 -27.37
C THR A 414 -1.32 18.26 -27.57
N TYR A 415 -0.66 17.86 -26.48
CA TYR A 415 0.73 17.48 -26.49
C TYR A 415 0.85 16.23 -25.66
N THR A 416 1.79 15.36 -25.99
CA THR A 416 1.97 14.09 -25.30
C THR A 416 3.38 13.89 -24.75
N PHE A 417 3.49 13.44 -23.50
CA PHE A 417 4.80 13.20 -22.92
C PHE A 417 5.09 11.70 -22.95
N THR A 418 6.32 11.34 -23.29
CA THR A 418 6.71 9.94 -23.37
C THR A 418 7.77 9.55 -22.36
N ALA A 419 7.96 8.26 -22.17
CA ALA A 419 8.93 7.75 -21.22
C ALA A 419 10.37 8.10 -21.59
N ALA A 420 11.01 8.89 -20.75
CA ALA A 420 12.38 9.29 -20.97
C ALA A 420 13.29 8.08 -20.91
N THR A 421 12.94 7.14 -20.04
CA THR A 421 13.72 5.92 -19.86
C THR A 421 12.82 4.70 -19.76
N SER A 422 13.41 3.53 -19.62
CA SER A 422 12.66 2.28 -19.50
C SER A 422 12.56 1.97 -18.01
N GLY A 423 11.53 1.21 -17.63
CA GLY A 423 11.38 0.87 -16.22
C GLY A 423 9.95 0.76 -15.72
N TYR A 424 9.80 0.80 -14.40
CA TYR A 424 8.50 0.70 -13.77
C TYR A 424 8.10 2.05 -13.16
N VAL A 425 6.82 2.40 -13.27
CA VAL A 425 6.30 3.65 -12.73
C VAL A 425 6.11 3.54 -11.22
N THR A 426 6.99 4.21 -10.48
CA THR A 426 6.96 4.17 -9.01
C THR A 426 5.98 5.11 -8.32
N ALA A 427 5.60 6.20 -8.98
CA ALA A 427 4.67 7.13 -8.36
C ALA A 427 4.20 8.27 -9.26
N ILE A 428 3.04 8.84 -8.93
CA ILE A 428 2.46 9.95 -9.67
C ILE A 428 2.07 11.04 -8.67
N ASP A 429 2.38 12.30 -8.99
CA ASP A 429 2.03 13.37 -8.08
C ASP A 429 0.76 14.07 -8.51
N ASN A 430 -0.28 13.98 -7.68
CA ASN A 430 -1.54 14.62 -7.99
C ASN A 430 -1.37 16.12 -8.03
N ARG A 431 -0.58 16.63 -7.10
CA ARG A 431 -0.39 18.07 -7.04
C ARG A 431 0.21 18.53 -8.34
N ALA A 432 1.21 17.79 -8.82
CA ALA A 432 1.83 18.13 -10.08
C ALA A 432 0.87 17.92 -11.24
N ILE A 433 0.16 16.81 -11.21
CA ILE A 433 -0.78 16.49 -12.28
C ILE A 433 -1.90 17.50 -12.34
N THR A 434 -2.43 17.85 -11.18
CA THR A 434 -3.50 18.81 -11.10
C THR A 434 -3.03 20.19 -11.52
N ALA A 435 -1.79 20.52 -11.14
CA ALA A 435 -1.24 21.82 -11.48
C ALA A 435 -1.16 21.96 -12.98
N ILE A 436 -0.73 20.91 -13.66
CA ILE A 436 -0.64 20.93 -15.10
C ILE A 436 -2.01 21.07 -15.75
N ALA A 437 -2.99 20.39 -15.21
CA ALA A 437 -4.35 20.45 -15.74
C ALA A 437 -4.90 21.84 -15.63
N ARG A 438 -4.64 22.48 -14.50
CA ARG A 438 -5.09 23.84 -14.25
C ARG A 438 -4.46 24.83 -15.21
N ALA A 439 -3.18 24.65 -15.47
CA ALA A 439 -2.45 25.52 -16.38
C ALA A 439 -3.09 25.43 -17.74
N ALA A 440 -3.52 24.22 -18.10
CA ALA A 440 -4.16 23.94 -19.37
C ALA A 440 -5.45 24.72 -19.48
N GLY A 441 -5.98 25.14 -18.34
CA GLY A 441 -7.22 25.89 -18.31
C GLY A 441 -8.39 25.28 -17.58
N ALA A 442 -8.20 24.10 -17.00
CA ALA A 442 -9.26 23.50 -16.22
C ALA A 442 -9.39 24.38 -15.00
N PRO A 443 -10.59 24.56 -14.47
CA PRO A 443 -11.79 23.91 -14.99
C PRO A 443 -12.62 24.85 -15.86
N GLU A 444 -12.17 26.10 -15.98
CA GLU A 444 -12.88 27.10 -16.80
C GLU A 444 -13.10 26.58 -18.22
N ASP A 445 -12.10 25.89 -18.76
CA ASP A 445 -12.26 25.28 -20.07
C ASP A 445 -12.48 23.79 -19.90
N LYS A 446 -13.65 23.32 -20.30
CA LYS A 446 -14.02 21.91 -20.18
C LYS A 446 -13.08 21.06 -20.99
N GLY A 447 -12.69 21.54 -22.15
CA GLY A 447 -11.80 20.82 -23.03
C GLY A 447 -10.45 20.55 -22.39
N ALA A 448 -9.95 21.51 -21.62
CA ALA A 448 -8.65 21.36 -20.96
C ALA A 448 -8.65 20.22 -19.96
N GLY A 449 -7.52 19.54 -19.86
CA GLY A 449 -7.37 18.42 -18.95
C GLY A 449 -6.10 17.65 -19.23
N ILE A 450 -5.98 16.47 -18.62
CA ILE A 450 -4.86 15.59 -18.82
C ILE A 450 -5.36 14.16 -18.92
N GLU A 451 -4.71 13.35 -19.73
CA GLU A 451 -5.10 11.94 -19.86
C GLU A 451 -3.93 11.05 -19.54
N LEU A 452 -4.09 10.15 -18.57
CA LEU A 452 -2.98 9.25 -18.23
C LEU A 452 -3.12 7.89 -18.88
N TYR A 453 -2.06 7.45 -19.53
CA TYR A 453 -2.08 6.17 -20.20
C TYR A 453 -1.36 5.18 -19.30
N VAL A 454 -1.00 5.64 -18.12
CA VAL A 454 -0.30 4.80 -17.18
C VAL A 454 -0.85 4.86 -15.76
N LYS A 455 -0.58 3.79 -15.04
CA LYS A 455 -0.99 3.63 -13.66
C LYS A 455 0.27 3.25 -12.93
N VAL A 456 0.31 3.46 -11.63
CA VAL A 456 1.51 3.14 -10.88
C VAL A 456 1.81 1.65 -10.95
N GLY A 457 3.08 1.32 -11.14
CA GLY A 457 3.50 -0.06 -11.23
C GLY A 457 3.50 -0.63 -12.64
N GLU A 458 3.05 0.14 -13.61
CA GLU A 458 3.08 -0.32 -14.99
C GLU A 458 4.52 -0.27 -15.44
N LYS A 459 4.88 -1.14 -16.38
CA LYS A 459 6.23 -1.15 -16.89
C LYS A 459 6.18 -0.58 -18.29
N VAL A 460 6.96 0.46 -18.53
CA VAL A 460 7.00 1.10 -19.82
C VAL A 460 8.39 1.18 -20.40
N LYS A 461 8.54 0.76 -21.64
CA LYS A 461 9.80 0.82 -22.35
C LYS A 461 10.00 2.27 -22.73
N GLU A 462 11.24 2.67 -23.02
CA GLU A 462 11.50 4.04 -23.37
C GLU A 462 10.72 4.42 -24.61
N GLY A 463 10.21 5.65 -24.62
CA GLY A 463 9.43 6.15 -25.73
C GLY A 463 7.93 5.95 -25.62
N ASP A 464 7.49 5.21 -24.61
CA ASP A 464 6.07 4.99 -24.40
C ASP A 464 5.42 6.30 -23.97
N PRO A 465 4.24 6.59 -24.48
CA PRO A 465 3.54 7.82 -24.07
C PRO A 465 3.04 7.67 -22.64
N LEU A 466 3.17 8.70 -21.82
CA LEU A 466 2.72 8.63 -20.43
C LEU A 466 1.37 9.27 -20.18
N PHE A 467 1.23 10.51 -20.65
CA PHE A 467 0.01 11.27 -20.46
C PHE A 467 -0.10 12.29 -21.57
N THR A 468 -1.30 12.80 -21.77
CA THR A 468 -1.55 13.75 -22.85
C THR A 468 -2.24 14.97 -22.31
N ILE A 469 -1.72 16.13 -22.69
CA ILE A 469 -2.25 17.41 -22.24
C ILE A 469 -3.26 17.98 -23.23
N HIS A 470 -4.43 18.36 -22.74
CA HIS A 470 -5.44 18.92 -23.61
C HIS A 470 -5.77 20.33 -23.25
N ALA A 471 -5.68 21.23 -24.23
CA ALA A 471 -5.94 22.63 -24.00
C ALA A 471 -6.79 23.26 -25.09
N GLU A 472 -7.59 24.25 -24.73
CA GLU A 472 -8.42 24.95 -25.71
C GLU A 472 -7.73 26.17 -26.33
N HIS A 473 -6.55 26.53 -25.85
CA HIS A 473 -5.81 27.62 -26.43
C HIS A 473 -4.36 27.31 -26.40
N GLU A 474 -3.66 27.66 -27.47
CA GLU A 474 -2.25 27.32 -27.58
C GLU A 474 -1.44 27.96 -26.47
N ALA A 475 -1.82 29.16 -26.06
CA ALA A 475 -1.07 29.84 -25.01
C ALA A 475 -1.11 29.08 -23.70
N ARG A 476 -2.28 28.60 -23.34
CA ARG A 476 -2.43 27.86 -22.10
C ARG A 476 -1.68 26.53 -22.11
N LEU A 477 -1.75 25.83 -23.23
CA LEU A 477 -1.10 24.53 -23.32
C LEU A 477 0.41 24.65 -23.18
N ASP A 478 1.00 25.64 -23.83
CA ASP A 478 2.44 25.82 -23.77
C ASP A 478 2.88 26.10 -22.35
N GLN A 479 2.10 26.90 -21.63
CA GLN A 479 2.42 27.22 -20.25
C GLN A 479 2.37 25.95 -19.44
N ALA A 480 1.35 25.13 -19.68
CA ALA A 480 1.20 23.87 -19.00
C ALA A 480 2.35 22.95 -19.34
N ILE A 481 2.73 22.94 -20.61
CA ILE A 481 3.80 22.06 -21.06
C ILE A 481 5.08 22.40 -20.33
N VAL A 482 5.35 23.67 -20.18
CA VAL A 482 6.56 24.05 -19.49
C VAL A 482 6.42 23.56 -18.07
N LEU A 483 5.24 23.75 -17.49
CA LEU A 483 5.01 23.33 -16.12
C LEU A 483 5.16 21.82 -16.03
N ALA A 484 4.62 21.13 -17.01
CA ALA A 484 4.69 19.68 -17.00
C ALA A 484 6.12 19.22 -17.09
N ARG A 485 6.89 19.85 -17.96
CA ARG A 485 8.30 19.48 -18.11
C ARG A 485 9.04 19.77 -16.83
N ARG A 486 8.75 20.92 -16.22
CA ARG A 486 9.39 21.28 -14.97
C ARG A 486 8.99 20.31 -13.88
N THR A 487 7.71 19.97 -13.85
CA THR A 487 7.13 19.08 -12.84
C THR A 487 7.54 17.59 -12.79
N GLU A 488 7.66 16.92 -13.94
CA GLU A 488 8.00 15.49 -13.93
C GLU A 488 7.05 14.66 -13.06
N PRO A 489 5.75 14.79 -13.30
CA PRO A 489 4.74 14.15 -12.46
C PRO A 489 4.84 12.64 -12.37
N ILE A 490 5.50 12.01 -13.33
CA ILE A 490 5.64 10.55 -13.32
C ILE A 490 7.07 10.12 -13.01
N ARG A 491 7.21 9.28 -11.99
CA ARG A 491 8.52 8.77 -11.59
C ARG A 491 8.63 7.30 -11.92
N ILE A 492 9.70 6.97 -12.65
CA ILE A 492 9.96 5.60 -13.06
C ILE A 492 11.33 5.17 -12.51
N GLU A 493 11.43 3.93 -12.04
CA GLU A 493 12.69 3.43 -11.48
C GLU A 493 12.94 1.94 -11.76
N MET B 1 13.61 -90.06 -31.73
CA MET B 1 14.01 -90.56 -30.43
C MET B 1 12.86 -90.46 -29.46
N LYS B 2 12.75 -91.44 -28.58
CA LYS B 2 11.69 -91.44 -27.59
C LYS B 2 12.35 -91.38 -26.24
N ALA B 3 11.88 -90.47 -25.40
CA ALA B 3 12.43 -90.32 -24.07
C ALA B 3 11.36 -89.87 -23.11
N LYS B 4 11.61 -90.04 -21.81
CA LYS B 4 10.66 -89.66 -20.79
C LYS B 4 11.06 -88.30 -20.26
N ILE B 5 10.13 -87.36 -20.29
CA ILE B 5 10.39 -85.99 -19.91
C ILE B 5 10.65 -85.74 -18.43
N ARG B 6 11.76 -85.09 -18.13
CA ARG B 6 11.99 -84.71 -16.75
C ARG B 6 12.02 -83.20 -16.69
N ILE B 7 11.12 -82.64 -15.89
CA ILE B 7 11.13 -81.25 -15.57
C ILE B 7 12.33 -81.10 -14.67
N LEU B 8 13.03 -79.97 -14.76
CA LEU B 8 14.20 -79.74 -13.93
C LEU B 8 14.00 -78.43 -13.22
N ASP B 9 14.55 -78.30 -12.02
CA ASP B 9 14.34 -77.10 -11.24
C ASP B 9 15.29 -75.99 -11.65
N MET B 10 15.12 -75.51 -12.87
CA MET B 10 15.95 -74.44 -13.38
C MET B 10 15.18 -73.53 -14.33
N PHE B 11 15.50 -72.24 -14.31
CA PHE B 11 14.90 -71.29 -15.25
C PHE B 11 16.00 -70.74 -16.14
N SER B 12 15.94 -71.03 -17.42
CA SER B 12 16.97 -70.59 -18.36
C SER B 12 16.61 -69.31 -19.11
N GLY B 13 15.32 -68.96 -19.09
CA GLY B 13 14.87 -67.78 -19.81
C GLY B 13 14.68 -68.18 -21.26
N ARG B 14 14.76 -69.49 -21.50
CA ARG B 14 14.60 -70.07 -22.83
C ARG B 14 14.10 -71.48 -22.61
N TYR B 15 13.49 -72.06 -23.63
CA TYR B 15 13.00 -73.43 -23.51
C TYR B 15 14.20 -74.37 -23.64
N THR B 16 14.92 -74.58 -22.55
CA THR B 16 16.09 -75.42 -22.62
C THR B 16 15.70 -76.87 -22.49
N VAL B 17 16.21 -77.69 -23.39
CA VAL B 17 15.96 -79.11 -23.38
C VAL B 17 17.29 -79.76 -23.07
N LEU B 18 17.34 -80.55 -22.01
CA LEU B 18 18.58 -81.20 -21.62
C LEU B 18 18.63 -82.63 -22.06
N ILE B 19 19.73 -83.00 -22.70
CA ILE B 19 19.90 -84.35 -23.20
C ILE B 19 21.21 -84.96 -22.77
N ASN B 20 21.21 -86.28 -22.61
CA ASN B 20 22.40 -87.01 -22.22
C ASN B 20 23.46 -86.94 -23.30
N GLU B 21 24.73 -86.85 -22.93
CA GLU B 21 25.77 -86.77 -23.94
C GLU B 21 25.80 -88.04 -24.78
N GLU B 22 25.67 -89.19 -24.16
CA GLU B 22 25.66 -90.44 -24.91
C GLU B 22 24.43 -90.52 -25.79
N ASP B 23 23.29 -90.13 -25.26
CA ASP B 23 22.05 -90.17 -25.99
C ASP B 23 22.05 -89.23 -27.18
N ALA B 24 22.60 -88.05 -26.98
CA ALA B 24 22.64 -87.04 -28.03
C ALA B 24 23.46 -87.47 -29.23
N LYS B 25 24.55 -88.15 -29.00
CA LYS B 25 25.40 -88.56 -30.11
C LYS B 25 24.60 -89.45 -31.05
N GLU B 26 23.80 -90.34 -30.49
CA GLU B 26 22.98 -91.22 -31.32
C GLU B 26 21.99 -90.38 -32.12
N ALA B 27 21.41 -89.39 -31.44
CA ALA B 27 20.47 -88.45 -32.03
C ALA B 27 21.09 -87.53 -33.09
N LYS B 28 22.34 -87.14 -32.87
CA LYS B 28 23.00 -86.23 -33.78
C LYS B 28 22.83 -84.79 -33.31
N LEU B 29 22.20 -84.64 -32.15
CA LEU B 29 21.98 -83.34 -31.55
C LEU B 29 23.26 -82.74 -30.99
N HIS B 30 23.34 -81.41 -30.99
CA HIS B 30 24.49 -80.69 -30.51
C HIS B 30 24.02 -79.60 -29.62
N PRO B 31 24.89 -79.09 -28.76
CA PRO B 31 24.47 -78.03 -27.87
C PRO B 31 23.83 -76.85 -28.59
N ASP B 32 22.70 -76.40 -28.06
CA ASP B 32 21.97 -75.26 -28.62
C ASP B 32 21.26 -75.56 -29.94
N ASP B 33 21.19 -76.83 -30.31
CA ASP B 33 20.50 -77.21 -31.53
C ASP B 33 19.02 -77.08 -31.24
N LEU B 34 18.20 -77.00 -32.26
CA LEU B 34 16.76 -76.89 -32.05
C LEU B 34 16.06 -78.24 -32.14
N VAL B 35 15.27 -78.57 -31.13
CA VAL B 35 14.54 -79.82 -31.12
C VAL B 35 13.08 -79.60 -30.81
N LYS B 36 12.24 -80.47 -31.36
CA LYS B 36 10.81 -80.37 -31.15
C LYS B 36 10.37 -81.53 -30.29
N ILE B 37 9.75 -81.21 -29.17
CA ILE B 37 9.29 -82.26 -28.28
C ILE B 37 7.78 -82.32 -28.35
N GLU B 38 7.26 -83.48 -28.70
CA GLU B 38 5.83 -83.65 -28.79
C GLU B 38 5.44 -84.97 -28.18
N ALA B 39 4.26 -85.02 -27.58
CA ALA B 39 3.80 -86.26 -27.01
C ALA B 39 2.60 -86.70 -27.81
N GLY B 40 1.56 -85.89 -27.73
CA GLY B 40 0.32 -86.12 -28.44
C GLY B 40 0.05 -84.84 -29.19
N LYS B 41 -1.06 -84.20 -28.83
CA LYS B 41 -1.41 -82.94 -29.42
C LYS B 41 -0.34 -81.91 -29.07
N LYS B 42 0.14 -81.96 -27.82
CA LYS B 42 1.13 -81.02 -27.34
C LYS B 42 2.47 -81.13 -28.06
N ALA B 43 3.07 -79.98 -28.38
CA ALA B 43 4.37 -79.90 -29.03
C ALA B 43 5.08 -78.67 -28.55
N VAL B 44 6.40 -78.70 -28.46
CA VAL B 44 7.17 -77.55 -28.01
C VAL B 44 8.53 -77.52 -28.66
N TYR B 45 9.12 -76.34 -28.72
CA TYR B 45 10.43 -76.17 -29.32
C TYR B 45 11.42 -75.66 -28.29
N GLY B 46 12.59 -76.28 -28.24
CA GLY B 46 13.62 -75.93 -27.28
C GLY B 46 15.03 -76.03 -27.82
N SER B 47 15.97 -75.47 -27.07
CA SER B 47 17.35 -75.46 -27.47
C SER B 47 18.10 -76.49 -26.66
N VAL B 48 18.65 -77.47 -27.34
CA VAL B 48 19.36 -78.55 -26.69
C VAL B 48 20.62 -78.11 -25.98
N ALA B 49 20.83 -78.69 -24.80
CA ALA B 49 22.02 -78.46 -24.00
C ALA B 49 22.40 -79.85 -23.54
N LEU B 50 23.68 -80.15 -23.45
CA LEU B 50 24.08 -81.48 -23.04
C LEU B 50 24.46 -81.47 -21.57
N SER B 51 23.83 -82.36 -20.81
CA SER B 51 24.04 -82.43 -19.37
C SER B 51 24.17 -83.83 -18.81
N ASN B 52 24.80 -83.92 -17.64
CA ASN B 52 25.00 -85.16 -16.90
C ASN B 52 23.81 -85.36 -15.97
N LEU B 53 22.99 -84.33 -15.91
CA LEU B 53 21.82 -84.26 -15.05
C LEU B 53 20.78 -85.30 -15.39
N VAL B 54 20.65 -85.57 -16.68
CA VAL B 54 19.66 -86.52 -17.16
C VAL B 54 20.28 -87.84 -17.63
N GLY B 55 19.73 -88.94 -17.16
CA GLY B 55 20.20 -90.25 -17.53
C GLY B 55 19.77 -90.60 -18.93
N LYS B 56 20.36 -91.64 -19.50
CA LYS B 56 20.02 -92.02 -20.86
C LYS B 56 18.54 -92.36 -20.90
N GLY B 57 17.91 -91.99 -22.00
CA GLY B 57 16.48 -92.22 -22.20
C GLY B 57 15.61 -91.14 -21.58
N GLU B 58 16.24 -90.11 -21.03
CA GLU B 58 15.54 -89.01 -20.40
C GLU B 58 15.87 -87.65 -21.01
N VAL B 59 14.84 -86.82 -21.18
CA VAL B 59 15.01 -85.48 -21.71
C VAL B 59 14.64 -84.52 -20.59
N GLY B 60 15.48 -83.52 -20.36
CA GLY B 60 15.20 -82.59 -19.30
C GLY B 60 14.78 -81.25 -19.87
N ILE B 61 13.65 -80.75 -19.40
CA ILE B 61 13.12 -79.48 -19.83
C ILE B 61 12.99 -78.56 -18.63
N SER B 62 13.43 -77.32 -18.77
CA SER B 62 13.36 -76.36 -17.68
C SER B 62 11.92 -75.96 -17.46
N ARG B 63 11.66 -75.36 -16.30
CA ARG B 63 10.32 -74.97 -15.90
C ARG B 63 9.66 -73.91 -16.77
N ASP B 64 10.46 -73.20 -17.57
CA ASP B 64 9.92 -72.17 -18.45
C ASP B 64 8.91 -72.80 -19.37
N VAL B 65 9.20 -74.00 -19.82
CA VAL B 65 8.34 -74.71 -20.74
C VAL B 65 6.98 -74.96 -20.12
N LEU B 66 6.96 -75.08 -18.81
CA LEU B 66 5.77 -75.38 -18.03
C LEU B 66 4.65 -74.35 -18.13
N ASP B 67 5.00 -73.08 -18.29
CA ASP B 67 4.00 -72.03 -18.31
C ASP B 67 2.93 -72.11 -19.40
N LEU B 68 3.32 -72.44 -20.62
CA LEU B 68 2.33 -72.57 -21.69
C LEU B 68 1.99 -74.00 -22.06
N HIS B 69 2.87 -74.94 -21.68
CA HIS B 69 2.67 -76.34 -22.00
C HIS B 69 2.65 -77.22 -20.79
N ASN B 70 1.68 -78.11 -20.71
CA ASN B 70 1.62 -79.01 -19.58
C ASN B 70 2.26 -80.34 -19.89
N PHE B 71 3.44 -80.54 -19.33
CA PHE B 71 4.20 -81.76 -19.49
C PHE B 71 4.40 -82.29 -18.10
N SER B 72 4.10 -83.56 -17.89
CA SER B 72 4.22 -84.18 -16.59
C SER B 72 5.39 -85.12 -16.57
N GLU B 73 6.14 -85.12 -15.48
CA GLU B 73 7.33 -85.93 -15.38
C GLU B 73 7.01 -87.41 -15.52
N GLY B 74 7.90 -88.14 -16.18
CA GLY B 74 7.71 -89.55 -16.40
C GLY B 74 6.87 -89.74 -17.62
N GLU B 75 6.48 -88.62 -18.22
CA GLU B 75 5.68 -88.62 -19.42
C GLU B 75 6.55 -89.11 -20.55
N THR B 76 5.95 -89.74 -21.55
CA THR B 76 6.71 -90.24 -22.67
C THR B 76 6.48 -89.30 -23.83
N VAL B 77 7.57 -88.75 -24.34
CA VAL B 77 7.53 -87.79 -25.43
C VAL B 77 8.64 -88.15 -26.40
N SER B 78 8.53 -87.68 -27.63
CA SER B 78 9.53 -87.96 -28.65
C SER B 78 10.30 -86.71 -29.02
N VAL B 79 11.62 -86.80 -29.06
CA VAL B 79 12.44 -85.66 -29.41
C VAL B 79 13.00 -85.83 -30.81
N ILE B 80 12.70 -84.88 -31.68
CA ILE B 80 13.19 -84.93 -33.06
C ILE B 80 13.84 -83.61 -33.41
N PRO B 81 14.85 -83.63 -34.27
CA PRO B 81 15.53 -82.42 -34.71
C PRO B 81 14.62 -81.55 -35.58
N ALA B 82 14.74 -80.24 -35.44
CA ALA B 82 13.92 -79.32 -36.20
C ALA B 82 14.73 -78.59 -37.25
N GLY B 83 14.21 -78.57 -38.46
CA GLY B 83 14.89 -77.92 -39.56
C GLY B 83 14.84 -76.41 -39.43
N THR B 84 15.70 -75.73 -40.16
CA THR B 84 15.71 -74.28 -40.12
C THR B 84 14.35 -73.87 -40.64
N PRO B 85 13.76 -72.87 -40.01
CA PRO B 85 12.42 -72.42 -40.37
C PRO B 85 12.37 -71.80 -41.75
N GLU B 86 11.25 -72.02 -42.43
CA GLU B 86 11.01 -71.48 -43.75
C GLU B 86 10.99 -69.98 -43.69
N SER B 87 10.52 -69.46 -42.55
CA SER B 87 10.37 -68.04 -42.33
C SER B 87 11.69 -67.30 -42.41
N VAL B 88 12.78 -67.98 -42.14
CA VAL B 88 14.07 -67.30 -42.19
C VAL B 88 14.34 -66.73 -43.58
N ARG B 89 13.83 -67.37 -44.62
CA ARG B 89 14.05 -66.85 -45.96
C ARG B 89 13.43 -65.46 -46.06
N TYR B 90 12.26 -65.30 -45.47
CA TYR B 90 11.53 -64.04 -45.46
C TYR B 90 12.27 -62.96 -44.69
N ILE B 91 12.90 -63.35 -43.60
CA ILE B 91 13.62 -62.40 -42.80
C ILE B 91 14.68 -61.80 -43.67
N LYS B 92 15.27 -62.62 -44.54
CA LYS B 92 16.30 -62.18 -45.47
C LYS B 92 15.78 -61.17 -46.47
N LYS B 93 14.56 -61.38 -46.96
CA LYS B 93 13.99 -60.48 -47.95
C LYS B 93 13.87 -59.09 -47.38
N LYS B 94 13.39 -58.99 -46.15
CA LYS B 94 13.25 -57.71 -45.48
C LYS B 94 14.64 -57.14 -45.32
N MET B 95 15.58 -58.04 -45.14
CA MET B 95 16.98 -57.72 -44.98
C MET B 95 17.48 -57.01 -46.23
N HIS B 96 16.96 -57.42 -47.38
CA HIS B 96 17.33 -56.87 -48.67
C HIS B 96 16.50 -55.72 -49.13
N GLY B 97 15.61 -55.25 -48.26
CA GLY B 97 14.76 -54.12 -48.52
C GLY B 97 13.43 -54.37 -49.20
N GLU B 98 13.13 -55.63 -49.45
CA GLU B 98 11.87 -56.01 -50.09
C GLU B 98 10.67 -55.88 -49.15
N LYS B 99 9.52 -55.60 -49.73
CA LYS B 99 8.30 -55.45 -48.97
C LYS B 99 7.64 -56.80 -48.76
N LEU B 100 7.45 -57.16 -47.50
CA LEU B 100 6.89 -58.45 -47.14
C LEU B 100 5.42 -58.64 -47.48
N ARG B 101 5.11 -59.81 -47.99
CA ARG B 101 3.74 -60.17 -48.28
C ARG B 101 3.08 -60.46 -46.95
N LYS B 102 1.76 -60.38 -46.90
CA LYS B 102 1.08 -60.63 -45.63
C LYS B 102 1.33 -62.03 -45.13
N VAL B 103 1.34 -62.99 -46.03
CA VAL B 103 1.57 -64.37 -45.66
C VAL B 103 2.94 -64.53 -45.06
N GLU B 104 3.93 -63.85 -45.64
CA GLU B 104 5.28 -63.93 -45.12
C GLU B 104 5.35 -63.35 -43.72
N ILE B 105 4.71 -62.22 -43.50
CA ILE B 105 4.75 -61.60 -42.19
C ILE B 105 4.08 -62.51 -41.17
N GLU B 106 2.98 -63.11 -41.57
CA GLU B 106 2.25 -64.00 -40.69
C GLU B 106 3.14 -65.18 -40.35
N ALA B 107 3.90 -65.64 -41.32
CA ALA B 107 4.79 -66.76 -41.10
C ALA B 107 5.87 -66.43 -40.09
N ILE B 108 6.45 -65.25 -40.18
CA ILE B 108 7.50 -64.89 -39.24
C ILE B 108 6.95 -64.81 -37.83
N VAL B 109 5.80 -64.20 -37.67
CA VAL B 109 5.22 -64.10 -36.35
C VAL B 109 4.82 -65.45 -35.78
N ARG B 110 4.25 -66.31 -36.61
CA ARG B 110 3.80 -67.59 -36.12
C ARG B 110 4.96 -68.40 -35.59
N ASP B 111 6.07 -68.37 -36.32
CA ASP B 111 7.27 -69.07 -35.90
C ASP B 111 7.84 -68.48 -34.62
N ILE B 112 7.78 -67.16 -34.49
CA ILE B 112 8.28 -66.50 -33.29
C ILE B 112 7.53 -66.93 -32.04
N VAL B 113 6.21 -67.02 -32.13
CA VAL B 113 5.39 -67.47 -31.02
C VAL B 113 5.64 -68.93 -30.68
N ASP B 114 5.80 -69.73 -31.73
CA ASP B 114 6.11 -71.15 -31.65
C ASP B 114 7.51 -71.35 -31.10
N ARG B 115 8.35 -70.35 -31.26
CA ARG B 115 9.70 -70.41 -30.74
C ARG B 115 10.68 -71.08 -31.67
N LYS B 116 10.29 -71.30 -32.91
CA LYS B 116 11.19 -71.87 -33.89
C LYS B 116 12.30 -70.85 -34.12
N LEU B 117 11.93 -69.57 -34.15
CA LEU B 117 12.91 -68.53 -34.33
C LEU B 117 13.34 -68.08 -32.95
N ARG B 118 14.60 -68.33 -32.65
CA ARG B 118 15.19 -68.02 -31.36
C ARG B 118 15.89 -66.66 -31.35
N ASP B 119 16.83 -66.48 -30.44
CA ASP B 119 17.50 -65.19 -30.32
C ASP B 119 18.20 -64.73 -31.59
N ILE B 120 18.92 -65.60 -32.26
CA ILE B 120 19.63 -65.18 -33.45
C ILE B 120 18.74 -64.73 -34.58
N GLU B 121 17.69 -65.49 -34.85
CA GLU B 121 16.78 -65.15 -35.93
C GLU B 121 15.97 -63.89 -35.67
N ILE B 122 15.46 -63.75 -34.46
CA ILE B 122 14.66 -62.59 -34.09
C ILE B 122 15.44 -61.29 -34.14
N SER B 123 16.67 -61.32 -33.66
CA SER B 123 17.50 -60.13 -33.66
C SER B 123 17.74 -59.65 -35.07
N SER B 124 18.00 -60.57 -35.98
CA SER B 124 18.23 -60.18 -37.36
C SER B 124 17.01 -59.54 -37.98
N PHE B 125 15.84 -60.12 -37.73
CA PHE B 125 14.62 -59.56 -38.29
C PHE B 125 14.38 -58.19 -37.72
N VAL B 126 14.52 -58.08 -36.41
CA VAL B 126 14.30 -56.81 -35.75
C VAL B 126 15.30 -55.79 -36.22
N THR B 127 16.53 -56.21 -36.37
CA THR B 127 17.57 -55.32 -36.84
C THR B 127 17.28 -54.84 -38.24
N ALA B 128 16.77 -55.73 -39.06
CA ALA B 128 16.49 -55.40 -40.43
C ALA B 128 15.50 -54.27 -40.49
N LEU B 129 14.51 -54.31 -39.62
CA LEU B 129 13.50 -53.26 -39.59
C LEU B 129 14.09 -51.91 -39.24
N GLU B 130 15.01 -51.84 -38.30
CA GLU B 130 15.57 -50.55 -37.97
C GLU B 130 16.27 -49.98 -39.18
N ILE B 131 17.07 -50.82 -39.84
CA ILE B 131 17.79 -50.39 -41.03
C ILE B 131 16.94 -50.11 -42.27
N ASN B 132 15.98 -50.97 -42.56
CA ASN B 132 15.15 -50.81 -43.75
C ASN B 132 13.73 -50.34 -43.52
N GLY B 133 13.28 -50.39 -42.28
CA GLY B 133 11.96 -49.90 -41.96
C GLY B 133 10.84 -50.81 -42.36
N LEU B 134 9.63 -50.39 -42.02
CA LEU B 134 8.41 -51.08 -42.39
C LEU B 134 7.42 -50.16 -43.03
N ASP B 135 6.83 -50.63 -44.11
CA ASP B 135 5.81 -49.93 -44.86
C ASP B 135 4.54 -49.98 -44.03
N MET B 136 3.64 -49.02 -44.22
CA MET B 136 2.39 -49.03 -43.47
C MET B 136 1.56 -50.27 -43.77
N ASP B 137 1.60 -50.74 -45.00
CA ASP B 137 0.84 -51.91 -45.34
C ASP B 137 1.33 -53.06 -44.48
N GLU B 138 2.65 -53.14 -44.32
CA GLU B 138 3.31 -54.16 -43.51
C GLU B 138 3.02 -54.08 -42.02
N ILE B 139 2.98 -52.85 -41.50
CA ILE B 139 2.73 -52.63 -40.09
C ILE B 139 1.36 -53.12 -39.66
N ALA B 140 0.36 -52.87 -40.49
CA ALA B 140 -0.97 -53.34 -40.19
C ALA B 140 -1.02 -54.86 -40.20
N ALA B 141 -0.35 -55.45 -41.17
CA ALA B 141 -0.28 -56.90 -41.29
C ALA B 141 0.47 -57.51 -40.13
N LEU B 142 1.57 -56.88 -39.76
CA LEU B 142 2.39 -57.33 -38.65
C LEU B 142 1.59 -57.23 -37.38
N THR B 143 0.84 -56.14 -37.26
CA THR B 143 0.02 -55.89 -36.09
C THR B 143 -1.09 -56.91 -35.92
N ILE B 144 -1.79 -57.21 -37.00
CA ILE B 144 -2.86 -58.20 -36.95
C ILE B 144 -2.32 -59.59 -36.70
N ALA B 145 -1.19 -59.89 -37.32
CA ALA B 145 -0.57 -61.18 -37.16
C ALA B 145 -0.19 -61.37 -35.71
N MET B 146 0.32 -60.31 -35.10
CA MET B 146 0.70 -60.37 -33.69
C MET B 146 -0.51 -60.60 -32.81
N ALA B 147 -1.61 -59.92 -33.12
CA ALA B 147 -2.84 -60.07 -32.35
C ALA B 147 -3.46 -61.45 -32.49
N GLU B 148 -3.51 -61.93 -33.72
CA GLU B 148 -4.16 -63.19 -34.05
C GLU B 148 -3.50 -64.41 -33.41
N THR B 149 -2.19 -64.37 -33.31
CA THR B 149 -1.39 -65.47 -32.78
C THR B 149 -1.69 -65.85 -31.32
N GLY B 150 -1.91 -64.85 -30.48
CA GLY B 150 -2.21 -65.06 -29.07
C GLY B 150 -3.67 -65.22 -28.74
N ASP B 151 -3.97 -65.25 -27.44
CA ASP B 151 -5.34 -65.29 -26.96
C ASP B 151 -6.00 -63.93 -27.17
N MET B 152 -7.27 -63.95 -27.55
CA MET B 152 -8.01 -62.71 -27.76
C MET B 152 -9.25 -62.67 -26.88
N LEU B 153 -9.47 -61.55 -26.22
CA LEU B 153 -10.62 -61.42 -25.35
C LEU B 153 -11.70 -60.63 -26.03
N ASP B 154 -12.88 -61.20 -26.11
CA ASP B 154 -14.00 -60.48 -26.67
C ASP B 154 -14.84 -60.16 -25.46
N ILE B 155 -15.04 -58.88 -25.21
CA ILE B 155 -15.77 -58.44 -24.04
C ILE B 155 -17.10 -57.95 -24.55
N ASP B 156 -18.15 -58.27 -23.82
CA ASP B 156 -19.48 -57.91 -24.31
C ASP B 156 -19.75 -56.42 -24.27
N ARG B 157 -19.43 -55.73 -23.18
CA ARG B 157 -19.82 -54.34 -23.12
C ARG B 157 -19.15 -53.57 -24.23
N LYS B 158 -19.92 -52.72 -24.91
CA LYS B 158 -19.39 -51.87 -25.97
C LYS B 158 -20.05 -50.51 -25.86
N PRO B 159 -19.37 -49.43 -26.25
CA PRO B 159 -18.04 -49.44 -26.83
C PRO B 159 -16.96 -49.76 -25.82
N ILE B 160 -15.83 -50.28 -26.29
CA ILE B 160 -14.70 -50.59 -25.43
C ILE B 160 -13.65 -49.51 -25.61
N MET B 161 -13.27 -48.88 -24.52
CA MET B 161 -12.33 -47.75 -24.54
C MET B 161 -10.99 -48.19 -24.00
N ASP B 162 -9.93 -47.58 -24.50
CA ASP B 162 -8.57 -47.90 -24.06
C ASP B 162 -7.73 -46.63 -24.06
N VAL B 163 -6.80 -46.54 -23.12
CA VAL B 163 -5.92 -45.39 -23.04
C VAL B 163 -4.52 -45.95 -22.90
N HIS B 164 -3.56 -45.34 -23.58
CA HIS B 164 -2.19 -45.83 -23.53
C HIS B 164 -1.22 -44.66 -23.72
N SER B 165 -0.17 -44.65 -22.92
CA SER B 165 0.84 -43.62 -22.99
C SER B 165 2.14 -44.27 -23.39
N ILE B 166 2.75 -43.83 -24.49
CA ILE B 166 4.01 -44.43 -24.90
C ILE B 166 5.03 -44.17 -23.80
N GLY B 167 4.63 -43.36 -22.83
CA GLY B 167 5.41 -43.11 -21.65
C GLY B 167 6.84 -42.62 -21.78
N GLY B 168 7.72 -43.26 -21.02
CA GLY B 168 9.11 -42.87 -21.00
C GLY B 168 9.25 -41.72 -20.02
N VAL B 169 8.17 -41.43 -19.32
CA VAL B 169 8.14 -40.35 -18.34
C VAL B 169 7.96 -40.87 -16.93
N PRO B 170 8.71 -40.28 -16.01
CA PRO B 170 8.67 -40.66 -14.60
C PRO B 170 7.37 -40.26 -13.92
N GLY B 171 6.97 -41.05 -12.94
CA GLY B 171 5.78 -40.78 -12.16
C GLY B 171 4.47 -40.72 -12.90
N ASN B 172 4.30 -41.56 -13.91
CA ASN B 172 3.04 -41.55 -14.63
C ASN B 172 2.04 -42.48 -13.96
N LYS B 173 1.43 -41.98 -12.91
CA LYS B 173 0.44 -42.72 -12.15
C LYS B 173 -0.90 -42.27 -12.68
N THR B 174 -0.83 -41.53 -13.78
CA THR B 174 -1.97 -40.91 -14.43
C THR B 174 -3.06 -41.82 -14.96
N ASN B 175 -2.68 -42.93 -15.56
CA ASN B 175 -3.64 -43.84 -16.14
C ASN B 175 -4.58 -44.38 -15.08
N ILE B 176 -4.07 -44.49 -13.87
CA ILE B 176 -4.84 -44.99 -12.76
C ILE B 176 -6.06 -44.12 -12.49
N LEU B 177 -5.93 -42.82 -12.67
CA LEU B 177 -7.05 -41.90 -12.40
C LEU B 177 -8.00 -41.93 -13.62
N VAL B 178 -7.40 -41.97 -14.80
CA VAL B 178 -8.18 -41.99 -16.03
C VAL B 178 -9.19 -43.12 -16.08
N VAL B 179 -8.75 -44.35 -15.83
CA VAL B 179 -9.68 -45.49 -15.87
C VAL B 179 -10.91 -45.30 -14.96
N PRO B 180 -10.71 -45.20 -13.64
CA PRO B 180 -11.83 -45.01 -12.71
C PRO B 180 -12.77 -43.88 -13.15
N ILE B 181 -12.19 -42.75 -13.57
CA ILE B 181 -12.98 -41.61 -14.01
C ILE B 181 -13.80 -42.01 -15.23
N VAL B 182 -13.13 -42.49 -16.27
CA VAL B 182 -13.81 -42.89 -17.49
C VAL B 182 -14.82 -44.01 -17.23
N ALA B 183 -14.46 -44.94 -16.35
CA ALA B 183 -15.33 -46.05 -16.02
C ALA B 183 -16.51 -45.56 -15.21
N ALA B 184 -16.24 -44.72 -14.22
CA ALA B 184 -17.30 -44.18 -13.39
C ALA B 184 -18.37 -43.49 -14.24
N ALA B 185 -18.00 -43.09 -15.45
CA ALA B 185 -18.94 -42.43 -16.34
C ALA B 185 -19.76 -43.42 -17.15
N GLY B 186 -19.65 -44.68 -16.80
CA GLY B 186 -20.41 -45.72 -17.49
C GLY B 186 -19.75 -46.30 -18.73
N LEU B 187 -18.64 -45.73 -19.13
CA LEU B 187 -17.90 -46.23 -20.28
C LEU B 187 -17.16 -47.48 -19.88
N THR B 188 -16.84 -48.33 -20.84
CA THR B 188 -16.13 -49.56 -20.55
C THR B 188 -14.67 -49.44 -20.91
N ILE B 189 -13.72 -49.60 -19.85
CA ILE B 189 -12.31 -49.41 -20.13
C ILE B 189 -11.42 -50.37 -19.36
N PRO B 190 -11.03 -51.48 -19.98
CA PRO B 190 -10.17 -52.51 -19.37
C PRO B 190 -8.67 -52.29 -19.61
N LYS B 191 -7.97 -51.74 -18.65
CA LYS B 191 -6.53 -51.51 -18.84
C LYS B 191 -5.65 -52.66 -18.36
N THR B 192 -4.63 -53.16 -19.13
CA THR B 192 -3.62 -54.09 -18.71
C THR B 192 -2.33 -53.39 -18.95
N SER B 193 -1.51 -53.21 -17.91
CA SER B 193 -0.24 -52.50 -18.05
C SER B 193 0.95 -53.34 -17.59
N SER B 194 2.01 -53.34 -18.38
CA SER B 194 3.20 -54.10 -18.07
C SER B 194 3.97 -53.57 -16.87
N ARG B 195 4.65 -54.47 -16.15
CA ARG B 195 5.45 -54.10 -14.99
C ARG B 195 6.66 -53.35 -15.50
N ALA B 196 7.24 -52.50 -14.67
CA ALA B 196 8.35 -51.69 -15.12
C ALA B 196 9.55 -52.52 -15.51
N ILE B 197 10.11 -52.23 -16.67
CA ILE B 197 11.29 -52.93 -17.14
C ILE B 197 12.53 -52.08 -16.96
N THR B 198 12.46 -50.83 -17.42
CA THR B 198 13.56 -49.89 -17.26
C THR B 198 13.07 -48.74 -16.41
N SER B 199 11.76 -48.65 -16.25
CA SER B 199 11.12 -47.61 -15.47
C SER B 199 11.27 -47.80 -13.98
N ALA B 200 11.14 -46.72 -13.23
CA ALA B 200 11.24 -46.76 -11.78
C ALA B 200 10.10 -47.62 -11.25
N ALA B 201 8.96 -47.49 -11.88
CA ALA B 201 7.77 -48.24 -11.51
C ALA B 201 6.85 -48.39 -12.71
N GLY B 202 5.92 -49.33 -12.63
CA GLY B 202 5.00 -49.59 -13.70
C GLY B 202 3.60 -49.42 -13.17
N THR B 203 2.64 -49.28 -14.07
CA THR B 203 1.27 -49.10 -13.65
C THR B 203 0.92 -50.35 -12.87
N ALA B 204 1.44 -51.48 -13.32
CA ALA B 204 1.21 -52.74 -12.65
C ALA B 204 1.80 -52.74 -11.25
N ASP B 205 3.00 -52.21 -11.11
CA ASP B 205 3.63 -52.16 -9.79
C ASP B 205 2.84 -51.28 -8.85
N VAL B 206 2.40 -50.14 -9.33
CA VAL B 206 1.64 -49.22 -8.51
C VAL B 206 0.30 -49.83 -8.11
N VAL B 207 -0.35 -50.48 -9.06
CA VAL B 207 -1.64 -51.14 -8.84
C VAL B 207 -1.57 -52.30 -7.88
N GLU B 208 -0.47 -53.04 -7.93
CA GLU B 208 -0.28 -54.20 -7.09
C GLU B 208 -0.29 -53.82 -5.62
N VAL B 209 0.12 -52.60 -5.32
CA VAL B 209 0.18 -52.17 -3.93
C VAL B 209 -1.16 -52.23 -3.23
N PHE B 210 -2.24 -51.84 -3.89
CA PHE B 210 -3.56 -51.90 -3.26
C PHE B 210 -4.48 -53.02 -3.73
N ALA B 211 -4.03 -53.84 -4.67
CA ALA B 211 -4.85 -54.93 -5.18
C ALA B 211 -4.02 -55.99 -5.91
N ASP B 212 -4.61 -57.16 -6.18
CA ASP B 212 -3.88 -58.20 -6.90
C ASP B 212 -3.83 -57.88 -8.40
N VAL B 213 -2.65 -57.90 -9.02
CA VAL B 213 -2.57 -57.55 -10.43
C VAL B 213 -2.60 -58.68 -11.45
N SER B 214 -2.64 -59.93 -11.02
CA SER B 214 -2.62 -61.04 -11.97
C SER B 214 -3.96 -61.74 -12.11
N PHE B 215 -4.49 -61.75 -13.32
CA PHE B 215 -5.76 -62.40 -13.57
C PHE B 215 -5.81 -63.06 -14.94
N SER B 216 -6.58 -64.14 -15.05
CA SER B 216 -6.77 -64.90 -16.28
C SER B 216 -7.67 -64.15 -17.24
N LEU B 217 -7.61 -64.49 -18.53
CA LEU B 217 -8.43 -63.79 -19.50
C LEU B 217 -9.89 -63.95 -19.16
N ASP B 218 -10.30 -65.15 -18.80
CA ASP B 218 -11.69 -65.39 -18.44
C ASP B 218 -12.05 -64.62 -17.17
N GLU B 219 -11.17 -64.63 -16.20
CA GLU B 219 -11.41 -63.93 -14.96
C GLU B 219 -11.53 -62.44 -15.18
N ILE B 220 -10.70 -61.93 -16.08
CA ILE B 220 -10.69 -60.50 -16.40
C ILE B 220 -11.99 -60.02 -17.01
N LYS B 221 -12.57 -60.81 -17.90
CA LYS B 221 -13.82 -60.42 -18.52
C LYS B 221 -14.90 -60.26 -17.47
N ARG B 222 -14.90 -61.14 -16.48
CA ARG B 222 -15.91 -61.09 -15.43
C ARG B 222 -15.84 -59.81 -14.63
N ILE B 223 -14.64 -59.37 -14.30
CA ILE B 223 -14.47 -58.14 -13.54
C ILE B 223 -14.94 -56.93 -14.32
N VAL B 224 -14.59 -56.90 -15.60
CA VAL B 224 -14.96 -55.79 -16.45
C VAL B 224 -16.45 -55.65 -16.60
N GLU B 225 -17.14 -56.77 -16.78
CA GLU B 225 -18.58 -56.69 -16.94
C GLU B 225 -19.25 -56.14 -15.69
N LYS B 226 -18.89 -56.65 -14.52
CA LYS B 226 -19.49 -56.12 -13.31
C LYS B 226 -18.96 -54.74 -12.96
N VAL B 227 -17.65 -54.66 -12.83
CA VAL B 227 -16.98 -53.40 -12.50
C VAL B 227 -17.09 -52.36 -13.60
N GLY B 228 -16.98 -52.83 -14.84
CA GLY B 228 -17.02 -51.97 -16.01
C GLY B 228 -15.64 -51.52 -16.44
N ALA B 229 -14.64 -51.79 -15.62
CA ALA B 229 -13.27 -51.43 -15.94
C ALA B 229 -12.34 -52.28 -15.10
N CYS B 230 -11.09 -52.42 -15.52
CA CYS B 230 -10.15 -53.17 -14.70
C CYS B 230 -8.72 -52.75 -14.91
N LEU B 231 -7.94 -52.73 -13.84
CA LEU B 231 -6.52 -52.44 -13.95
C LEU B 231 -5.84 -53.75 -13.61
N VAL B 232 -5.13 -54.32 -14.59
CA VAL B 232 -4.44 -55.59 -14.43
C VAL B 232 -3.14 -55.69 -15.21
N TRP B 233 -2.27 -56.61 -14.79
CA TRP B 233 -0.98 -56.83 -15.42
C TRP B 233 -1.07 -57.54 -16.74
N GLY B 234 -0.35 -57.01 -17.72
CA GLY B 234 -0.30 -57.55 -19.06
C GLY B 234 0.30 -58.92 -19.26
N GLY B 235 1.35 -59.21 -18.50
CA GLY B 235 2.10 -60.45 -18.60
C GLY B 235 1.48 -61.79 -18.32
N ALA B 236 0.62 -61.90 -17.32
CA ALA B 236 0.07 -63.20 -17.00
C ALA B 236 -0.72 -63.77 -18.16
N LEU B 237 -1.55 -62.94 -18.78
CA LEU B 237 -2.33 -63.38 -19.92
C LEU B 237 -1.48 -63.47 -21.18
N ASN B 238 -1.84 -64.38 -22.08
CA ASN B 238 -1.10 -64.56 -23.31
C ASN B 238 -1.59 -63.64 -24.41
N LEU B 239 -1.30 -62.35 -24.29
CA LEU B 239 -1.73 -61.39 -25.31
C LEU B 239 -0.53 -60.88 -26.08
N ALA B 240 -0.58 -60.97 -27.40
CA ALA B 240 0.52 -60.46 -28.22
C ALA B 240 1.87 -61.01 -27.79
N PRO B 241 1.98 -62.32 -27.67
CA PRO B 241 3.20 -62.99 -27.21
C PRO B 241 4.40 -62.65 -28.08
N ALA B 242 4.17 -62.41 -29.36
CA ALA B 242 5.25 -62.05 -30.24
C ALA B 242 5.85 -60.73 -29.77
N ASP B 243 5.03 -59.83 -29.27
CA ASP B 243 5.51 -58.53 -28.84
C ASP B 243 6.52 -58.58 -27.71
N ASP B 244 6.27 -59.41 -26.71
CA ASP B 244 7.18 -59.54 -25.59
C ASP B 244 8.52 -60.14 -26.01
N ILE B 245 8.48 -61.13 -26.88
CA ILE B 245 9.68 -61.80 -27.33
C ILE B 245 10.63 -60.92 -28.13
N THR B 246 10.10 -60.13 -29.04
CA THR B 246 10.87 -59.21 -29.86
C THR B 246 11.46 -58.10 -29.02
N ILE B 247 10.70 -57.68 -28.02
CA ILE B 247 11.08 -56.57 -27.17
C ILE B 247 12.40 -56.80 -26.46
N LYS B 248 12.67 -58.03 -26.05
CA LYS B 248 13.91 -58.30 -25.38
C LYS B 248 15.04 -57.98 -26.33
N ALA B 249 14.86 -58.31 -27.59
CA ALA B 249 15.88 -58.03 -28.59
C ALA B 249 16.10 -56.54 -28.78
N GLU B 250 15.02 -55.78 -28.84
CA GLU B 250 15.17 -54.35 -29.04
C GLU B 250 15.90 -53.71 -27.87
N ARG B 251 15.54 -54.08 -26.65
CA ARG B 251 16.14 -53.51 -25.46
C ARG B 251 17.62 -53.81 -25.37
N ALA B 252 18.01 -55.01 -25.78
CA ALA B 252 19.40 -55.38 -25.72
C ALA B 252 20.22 -54.48 -26.62
N LEU B 253 19.68 -54.17 -27.78
CA LEU B 253 20.34 -53.30 -28.74
C LEU B 253 20.05 -51.83 -28.50
N SER B 254 19.12 -51.52 -27.62
CA SER B 254 18.79 -50.11 -27.38
C SER B 254 18.25 -49.39 -28.61
N ILE B 255 17.51 -50.12 -29.46
CA ILE B 255 16.93 -49.53 -30.64
C ILE B 255 15.45 -49.86 -30.73
N ASP B 256 14.62 -48.90 -31.08
CA ASP B 256 13.19 -49.18 -31.24
C ASP B 256 12.70 -48.74 -32.62
N PRO B 257 12.25 -49.69 -33.43
CA PRO B 257 11.74 -49.36 -34.75
C PRO B 257 10.38 -48.70 -34.65
N THR B 258 10.13 -47.70 -35.48
CA THR B 258 8.85 -47.03 -35.42
C THR B 258 7.73 -47.98 -35.75
N GLY B 259 7.95 -48.79 -36.79
CA GLY B 259 6.94 -49.74 -37.21
C GLY B 259 6.62 -50.81 -36.18
N LEU B 260 7.66 -51.33 -35.54
CA LEU B 260 7.49 -52.37 -34.54
C LEU B 260 6.73 -51.87 -33.34
N MET B 261 7.05 -50.66 -32.91
CA MET B 261 6.41 -50.06 -31.75
C MET B 261 4.92 -49.86 -31.93
N LEU B 262 4.50 -49.40 -33.10
CA LEU B 262 3.10 -49.20 -33.36
C LEU B 262 2.40 -50.54 -33.32
N ALA B 263 3.03 -51.53 -33.92
CA ALA B 263 2.45 -52.86 -33.97
C ALA B 263 2.32 -53.46 -32.59
N SER B 264 3.35 -53.32 -31.77
CA SER B 264 3.28 -53.87 -30.43
C SER B 264 2.23 -53.18 -29.59
N ILE B 265 2.19 -51.86 -29.66
CA ILE B 265 1.21 -51.10 -28.90
C ILE B 265 -0.20 -51.37 -29.36
N MET B 266 -0.38 -51.38 -30.67
CA MET B 266 -1.67 -51.65 -31.29
C MET B 266 -2.15 -53.10 -31.19
N SER B 267 -1.23 -54.04 -31.18
CA SER B 267 -1.59 -55.44 -31.14
C SER B 267 -2.37 -55.83 -29.90
N LYS B 268 -1.95 -55.30 -28.76
CA LYS B 268 -2.64 -55.61 -27.52
C LYS B 268 -4.05 -55.08 -27.54
N LYS B 269 -4.20 -53.86 -28.05
CA LYS B 269 -5.49 -53.21 -28.13
C LYS B 269 -6.45 -53.94 -29.06
N TYR B 270 -5.95 -54.38 -30.20
CA TYR B 270 -6.76 -55.10 -31.16
C TYR B 270 -7.24 -56.41 -30.55
N ALA B 271 -6.36 -57.06 -29.80
CA ALA B 271 -6.67 -58.31 -29.15
C ALA B 271 -7.78 -58.20 -28.10
N MET B 272 -7.75 -57.13 -27.32
CA MET B 272 -8.75 -56.94 -26.27
C MET B 272 -10.04 -56.33 -26.82
N GLY B 273 -10.04 -56.01 -28.10
CA GLY B 273 -11.21 -55.45 -28.73
C GLY B 273 -11.48 -53.99 -28.45
N SER B 274 -10.48 -53.25 -27.98
CA SER B 274 -10.71 -51.84 -27.70
C SER B 274 -11.17 -51.22 -29.00
N GLN B 275 -12.26 -50.47 -28.94
CA GLN B 275 -12.79 -49.83 -30.14
C GLN B 275 -12.34 -48.39 -30.28
N TYR B 276 -12.13 -47.72 -29.15
CA TYR B 276 -11.64 -46.35 -29.16
C TYR B 276 -10.41 -46.29 -28.29
N VAL B 277 -9.30 -45.89 -28.87
CA VAL B 277 -8.05 -45.81 -28.14
C VAL B 277 -7.47 -44.42 -28.16
N LEU B 278 -7.04 -43.94 -27.01
CA LEU B 278 -6.42 -42.64 -26.94
C LEU B 278 -4.98 -42.89 -26.62
N ILE B 279 -4.08 -42.38 -27.45
CA ILE B 279 -2.68 -42.61 -27.21
C ILE B 279 -2.12 -41.31 -26.73
N ASP B 280 -1.28 -41.38 -25.70
CA ASP B 280 -0.66 -40.19 -25.15
C ASP B 280 0.83 -40.21 -25.45
N ILE B 281 1.26 -39.21 -26.08
CA ILE B 281 2.68 -39.16 -26.45
C ILE B 281 3.39 -38.07 -25.67
N PRO B 282 4.11 -38.44 -24.61
CA PRO B 282 4.85 -37.48 -23.78
C PRO B 282 6.06 -37.02 -24.58
N THR B 283 6.04 -35.77 -25.02
CA THR B 283 7.12 -35.18 -25.79
C THR B 283 7.91 -34.24 -24.90
N GLY B 284 9.24 -34.33 -24.95
CA GLY B 284 10.04 -33.42 -24.15
C GLY B 284 11.48 -33.86 -24.05
N LYS B 285 12.27 -33.16 -23.26
CA LYS B 285 13.65 -33.54 -23.02
C LYS B 285 13.70 -34.77 -22.13
N GLY B 286 14.61 -35.70 -22.41
CA GLY B 286 14.69 -36.92 -21.64
C GLY B 286 13.44 -37.77 -21.68
N VAL B 287 12.82 -37.83 -22.84
CA VAL B 287 11.61 -38.62 -23.04
C VAL B 287 11.80 -39.49 -24.27
N LYS B 288 11.00 -40.54 -24.41
CA LYS B 288 11.18 -41.45 -25.53
C LYS B 288 11.02 -40.68 -26.81
N VAL B 289 10.00 -39.83 -26.87
CA VAL B 289 9.81 -38.98 -28.02
C VAL B 289 10.18 -37.57 -27.62
N GLU B 290 11.35 -37.14 -28.05
CA GLU B 290 11.95 -35.88 -27.64
C GLU B 290 11.34 -34.59 -28.21
N THR B 291 10.96 -34.61 -29.48
CA THR B 291 10.44 -33.41 -30.14
C THR B 291 8.96 -33.42 -30.47
N VAL B 292 8.38 -32.22 -30.48
CA VAL B 292 6.97 -32.05 -30.79
C VAL B 292 6.74 -32.51 -32.21
N GLU B 293 7.69 -32.22 -33.09
CA GLU B 293 7.56 -32.62 -34.48
C GLU B 293 7.51 -34.12 -34.61
N GLU B 294 8.35 -34.83 -33.86
CA GLU B 294 8.36 -36.29 -33.93
C GLU B 294 7.06 -36.90 -33.43
N ALA B 295 6.53 -36.37 -32.34
CA ALA B 295 5.30 -36.88 -31.77
C ALA B 295 4.16 -36.70 -32.74
N ARG B 296 4.13 -35.54 -33.39
CA ARG B 296 3.09 -35.26 -34.34
C ARG B 296 3.18 -36.23 -35.49
N SER B 297 4.41 -36.48 -35.94
CA SER B 297 4.62 -37.45 -37.01
C SER B 297 4.22 -38.81 -36.54
N LEU B 298 4.60 -39.11 -35.31
CA LEU B 298 4.29 -40.38 -34.68
C LEU B 298 2.79 -40.52 -34.53
N ALA B 299 2.14 -39.42 -34.16
CA ALA B 299 0.70 -39.40 -33.96
C ALA B 299 -0.07 -39.71 -35.23
N ARG B 300 0.39 -39.21 -36.36
CA ARG B 300 -0.27 -39.46 -37.62
C ARG B 300 -0.23 -40.93 -37.92
N ASP B 301 0.90 -41.55 -37.63
CA ASP B 301 1.08 -42.97 -37.87
C ASP B 301 0.12 -43.79 -37.04
N PHE B 302 -0.05 -43.40 -35.78
CA PHE B 302 -0.97 -44.12 -34.91
C PHE B 302 -2.43 -44.05 -35.34
N ILE B 303 -2.87 -42.88 -35.76
CA ILE B 303 -4.25 -42.71 -36.19
C ILE B 303 -4.59 -43.48 -37.45
N GLU B 304 -3.68 -43.47 -38.41
CA GLU B 304 -3.85 -44.16 -39.68
C GLU B 304 -3.94 -45.66 -39.48
N LEU B 305 -3.12 -46.18 -38.56
CA LEU B 305 -3.10 -47.59 -38.28
C LEU B 305 -4.43 -48.06 -37.74
N GLY B 306 -5.06 -47.25 -36.90
CA GLY B 306 -6.33 -47.62 -36.35
C GLY B 306 -7.36 -47.79 -37.45
N LYS B 307 -7.30 -46.93 -38.46
CA LYS B 307 -8.26 -47.01 -39.55
C LYS B 307 -8.14 -48.37 -40.18
N ARG B 308 -6.89 -48.81 -40.36
CA ARG B 308 -6.61 -50.10 -40.97
C ARG B 308 -7.16 -51.22 -40.11
N LEU B 309 -7.04 -51.03 -38.80
CA LEU B 309 -7.52 -52.02 -37.82
C LEU B 309 -8.97 -51.81 -37.43
N GLY B 310 -9.60 -50.76 -37.93
CA GLY B 310 -10.99 -50.49 -37.59
C GLY B 310 -11.19 -49.87 -36.23
N GLN B 311 -10.12 -49.30 -35.70
CA GLN B 311 -10.15 -48.66 -34.40
C GLN B 311 -10.07 -47.16 -34.55
N TYR B 312 -10.82 -46.42 -33.74
CA TYR B 312 -10.77 -44.98 -33.80
C TYR B 312 -9.71 -44.58 -32.80
N VAL B 313 -8.59 -44.05 -33.29
CA VAL B 313 -7.50 -43.67 -32.42
C VAL B 313 -7.27 -42.17 -32.42
N GLU B 314 -7.16 -41.59 -31.25
CA GLU B 314 -6.89 -40.18 -31.11
C GLU B 314 -5.64 -40.08 -30.26
N VAL B 315 -4.75 -39.17 -30.65
CA VAL B 315 -3.49 -39.00 -29.94
C VAL B 315 -3.44 -37.65 -29.28
N ALA B 316 -2.92 -37.62 -28.07
CA ALA B 316 -2.79 -36.38 -27.32
C ALA B 316 -1.32 -36.20 -26.95
N ILE B 317 -0.67 -35.22 -27.58
CA ILE B 317 0.74 -34.95 -27.34
C ILE B 317 0.83 -34.12 -26.08
N THR B 318 1.53 -34.62 -25.07
CA THR B 318 1.66 -33.90 -23.82
C THR B 318 3.13 -33.63 -23.49
N TYR B 319 3.36 -32.89 -22.41
CA TYR B 319 4.71 -32.55 -21.99
C TYR B 319 5.28 -33.60 -21.05
N GLY B 320 6.56 -33.91 -21.19
CA GLY B 320 7.18 -34.91 -20.33
C GLY B 320 8.60 -34.61 -19.91
N GLY B 321 8.93 -33.33 -19.81
CA GLY B 321 10.23 -32.85 -19.39
C GLY B 321 10.55 -33.16 -17.94
N GLN B 322 9.54 -33.06 -17.10
CA GLN B 322 9.68 -33.26 -15.66
C GLN B 322 8.81 -34.42 -15.19
N PRO B 323 9.17 -35.00 -14.06
CA PRO B 323 8.40 -36.11 -13.53
C PRO B 323 7.00 -35.68 -13.20
N ILE B 324 6.02 -36.50 -13.53
CA ILE B 324 4.63 -36.19 -13.24
C ILE B 324 4.40 -36.29 -11.75
N GLY B 325 3.65 -35.36 -11.18
CA GLY B 325 3.39 -35.43 -9.77
C GLY B 325 4.69 -35.23 -9.03
N HIS B 326 4.67 -35.52 -7.74
CA HIS B 326 5.84 -35.36 -6.91
C HIS B 326 6.39 -36.66 -6.43
N THR B 327 5.95 -37.78 -7.01
CA THR B 327 6.41 -39.05 -6.50
C THR B 327 6.85 -40.05 -7.55
N VAL B 328 7.89 -40.81 -7.21
CA VAL B 328 8.43 -41.85 -8.07
C VAL B 328 8.52 -43.14 -7.26
N GLY B 329 8.22 -44.27 -7.89
CA GLY B 329 8.24 -45.56 -7.21
C GLY B 329 6.84 -46.02 -6.88
N PRO B 330 6.66 -47.34 -6.79
CA PRO B 330 5.33 -47.92 -6.56
C PRO B 330 4.65 -47.57 -5.25
N ALA B 331 5.34 -47.64 -4.13
CA ALA B 331 4.69 -47.30 -2.89
C ALA B 331 4.30 -45.85 -2.89
N LEU B 332 5.24 -45.02 -3.32
CA LEU B 332 5.02 -43.58 -3.38
C LEU B 332 3.96 -43.15 -4.39
N GLU B 333 4.01 -43.73 -5.58
CA GLU B 333 3.06 -43.41 -6.64
C GLU B 333 1.63 -43.80 -6.31
N ALA B 334 1.46 -44.96 -5.69
CA ALA B 334 0.14 -45.44 -5.34
C ALA B 334 -0.57 -44.52 -4.35
N ARG B 335 0.15 -44.02 -3.38
CA ARG B 335 -0.45 -43.14 -2.39
C ARG B 335 -0.94 -41.87 -3.05
N GLU B 336 -0.13 -41.32 -3.94
CA GLU B 336 -0.47 -40.08 -4.65
C GLU B 336 -1.69 -40.23 -5.54
N ALA B 337 -1.75 -41.33 -6.28
CA ALA B 337 -2.88 -41.58 -7.15
C ALA B 337 -4.14 -41.78 -6.36
N LEU B 338 -4.03 -42.58 -5.30
CA LEU B 338 -5.17 -42.87 -4.44
C LEU B 338 -5.68 -41.69 -3.64
N SER B 339 -4.77 -40.91 -3.10
CA SER B 339 -5.15 -39.76 -2.29
C SER B 339 -5.89 -38.75 -3.14
N ALA B 340 -5.42 -38.56 -4.37
CA ALA B 340 -6.05 -37.60 -5.25
C ALA B 340 -7.47 -38.02 -5.53
N LEU B 341 -7.67 -39.31 -5.76
CA LEU B 341 -9.01 -39.82 -6.02
C LEU B 341 -9.96 -39.70 -4.83
N MET B 342 -9.49 -40.06 -3.65
CA MET B 342 -10.34 -39.97 -2.48
C MET B 342 -10.68 -38.54 -2.11
N THR B 343 -9.66 -37.69 -2.07
CA THR B 343 -9.82 -36.27 -1.79
C THR B 343 -10.48 -35.50 -2.92
N GLY B 344 -10.13 -35.89 -4.14
CA GLY B 344 -10.60 -35.23 -5.34
C GLY B 344 -9.64 -34.13 -5.71
N LYS B 345 -8.66 -33.90 -4.85
CA LYS B 345 -7.66 -32.88 -5.08
C LYS B 345 -6.24 -33.41 -4.93
N GLY B 346 -5.37 -33.03 -5.85
CA GLY B 346 -3.97 -33.46 -5.83
C GLY B 346 -3.10 -32.62 -6.74
N PRO B 347 -1.82 -33.02 -6.93
CA PRO B 347 -0.86 -32.30 -7.78
C PRO B 347 -1.45 -31.87 -9.12
N GLY B 348 -1.26 -30.61 -9.47
CA GLY B 348 -1.78 -30.11 -10.73
C GLY B 348 -1.38 -30.99 -11.89
N SER B 349 -0.10 -31.38 -11.91
CA SER B 349 0.43 -32.24 -12.97
C SER B 349 -0.48 -33.43 -13.21
N LEU B 350 -0.64 -34.25 -12.17
CA LEU B 350 -1.47 -35.45 -12.29
C LEU B 350 -2.92 -35.11 -12.66
N ILE B 351 -3.56 -34.28 -11.84
CA ILE B 351 -4.98 -33.94 -12.06
C ILE B 351 -5.34 -33.43 -13.43
N GLU B 352 -4.65 -32.39 -13.88
CA GLU B 352 -4.91 -31.79 -15.18
C GLU B 352 -4.65 -32.74 -16.31
N LYS B 353 -3.57 -33.48 -16.25
CA LYS B 353 -3.27 -34.45 -17.28
C LYS B 353 -4.29 -35.57 -17.29
N ALA B 354 -4.63 -36.10 -16.12
CA ALA B 354 -5.59 -37.18 -16.02
C ALA B 354 -6.99 -36.82 -16.45
N THR B 355 -7.45 -35.65 -16.03
CA THR B 355 -8.78 -35.18 -16.39
C THR B 355 -8.88 -34.91 -17.86
N GLY B 356 -7.84 -34.30 -18.42
CA GLY B 356 -7.83 -34.00 -19.83
C GLY B 356 -7.84 -35.25 -20.69
N LEU B 357 -7.02 -36.23 -20.32
CA LEU B 357 -6.96 -37.47 -21.08
C LEU B 357 -8.27 -38.20 -20.97
N ALA B 358 -8.82 -38.20 -19.76
CA ALA B 358 -10.10 -38.84 -19.49
C ALA B 358 -11.16 -38.14 -20.29
N GLY B 359 -11.06 -36.82 -20.34
CA GLY B 359 -12.02 -36.02 -21.07
C GLY B 359 -12.06 -36.33 -22.54
N ILE B 360 -10.91 -36.53 -23.14
CA ILE B 360 -10.89 -36.85 -24.55
C ILE B 360 -11.60 -38.18 -24.72
N LEU B 361 -11.37 -39.10 -23.79
CA LEU B 361 -12.02 -40.41 -23.80
C LEU B 361 -13.52 -40.30 -23.58
N LEU B 362 -13.93 -39.42 -22.69
CA LEU B 362 -15.34 -39.26 -22.43
C LEU B 362 -16.05 -38.75 -23.66
N GLU B 363 -15.45 -37.80 -24.36
CA GLU B 363 -16.04 -37.23 -25.56
C GLU B 363 -16.16 -38.28 -26.64
N MET B 364 -15.16 -39.13 -26.75
CA MET B 364 -15.16 -40.22 -27.70
C MET B 364 -16.28 -41.19 -27.38
N GLY B 365 -16.53 -41.37 -26.08
CA GLY B 365 -17.53 -42.33 -25.65
C GLY B 365 -18.95 -41.87 -25.90
N GLY B 366 -19.11 -40.63 -26.29
CA GLY B 366 -20.42 -40.09 -26.60
C GLY B 366 -21.07 -39.65 -25.33
N VAL B 367 -20.35 -39.83 -24.23
CA VAL B 367 -20.82 -39.44 -22.92
C VAL B 367 -20.97 -37.94 -22.81
N ALA B 368 -20.06 -37.21 -23.42
CA ALA B 368 -20.06 -35.76 -23.34
C ALA B 368 -19.99 -35.09 -24.69
N PRO B 369 -20.58 -33.92 -24.78
CA PRO B 369 -20.56 -33.12 -26.00
C PRO B 369 -19.14 -32.64 -26.22
N ALA B 370 -18.76 -32.38 -27.45
CA ALA B 370 -17.39 -31.98 -27.74
C ALA B 370 -17.00 -30.70 -27.03
N GLY B 371 -15.77 -30.69 -26.52
CA GLY B 371 -15.22 -29.54 -25.83
C GLY B 371 -15.59 -29.48 -24.37
N THR B 372 -16.37 -30.44 -23.91
CA THR B 372 -16.82 -30.49 -22.53
C THR B 372 -16.27 -31.66 -21.69
N GLY B 373 -15.37 -32.45 -22.27
CA GLY B 373 -14.82 -33.59 -21.57
C GLY B 373 -13.98 -33.36 -20.33
N LYS B 374 -13.08 -32.39 -20.36
CA LYS B 374 -12.23 -32.12 -19.21
C LYS B 374 -13.08 -31.67 -18.04
N LYS B 375 -14.08 -30.85 -18.32
CA LYS B 375 -14.96 -30.34 -17.28
C LYS B 375 -15.71 -31.47 -16.61
N MET B 376 -16.22 -32.39 -17.40
CA MET B 376 -16.96 -33.53 -16.85
C MET B 376 -16.07 -34.44 -16.02
N ALA B 377 -14.85 -34.67 -16.47
CA ALA B 377 -13.94 -35.53 -15.74
C ALA B 377 -13.67 -34.94 -14.38
N LYS B 378 -13.50 -33.63 -14.33
CA LYS B 378 -13.28 -32.96 -13.05
C LYS B 378 -14.51 -33.10 -12.15
N GLU B 379 -15.70 -33.04 -12.73
CA GLU B 379 -16.91 -33.17 -11.95
C GLU B 379 -16.95 -34.54 -11.33
N ILE B 380 -16.59 -35.55 -12.11
CA ILE B 380 -16.56 -36.91 -11.60
C ILE B 380 -15.50 -37.11 -10.53
N LEU B 381 -14.30 -36.59 -10.78
CA LEU B 381 -13.23 -36.71 -9.81
C LEU B 381 -13.51 -35.97 -8.52
N GLU B 382 -13.97 -34.73 -8.65
CA GLU B 382 -14.31 -33.88 -7.51
C GLU B 382 -15.52 -34.42 -6.79
N SER B 383 -16.46 -34.92 -7.57
CA SER B 383 -17.71 -35.46 -7.07
C SER B 383 -17.47 -36.66 -6.17
N GLY B 384 -16.45 -37.45 -6.51
CA GLY B 384 -16.12 -38.64 -5.77
C GLY B 384 -16.67 -39.88 -6.43
N LYS B 385 -17.32 -39.71 -7.56
CA LYS B 385 -17.85 -40.84 -8.29
C LYS B 385 -16.70 -41.72 -8.71
N ALA B 386 -15.60 -41.09 -9.10
CA ALA B 386 -14.38 -41.79 -9.51
C ALA B 386 -13.74 -42.60 -8.41
N TRP B 387 -13.71 -42.05 -7.21
CA TRP B 387 -13.14 -42.76 -6.09
C TRP B 387 -13.92 -43.99 -5.81
N GLU B 388 -15.24 -43.88 -5.91
CA GLU B 388 -16.10 -45.01 -5.64
C GLU B 388 -15.79 -46.12 -6.60
N LYS B 389 -15.57 -45.79 -7.87
CA LYS B 389 -15.27 -46.80 -8.87
C LYS B 389 -13.98 -47.51 -8.59
N MET B 390 -12.98 -46.80 -8.10
CA MET B 390 -11.72 -47.45 -7.84
C MET B 390 -11.93 -48.53 -6.81
N LYS B 391 -12.78 -48.27 -5.83
CA LYS B 391 -13.05 -49.24 -4.79
C LYS B 391 -13.65 -50.50 -5.37
N GLU B 392 -14.54 -50.34 -6.34
CA GLU B 392 -15.13 -51.50 -6.97
C GLU B 392 -14.03 -52.27 -7.66
N ILE B 393 -13.12 -51.54 -8.30
CA ILE B 393 -12.00 -52.17 -8.97
C ILE B 393 -11.10 -52.86 -7.97
N ILE B 394 -10.84 -52.21 -6.86
CA ILE B 394 -9.99 -52.77 -5.82
C ILE B 394 -10.61 -54.00 -5.19
N GLU B 395 -11.91 -53.97 -4.95
CA GLU B 395 -12.60 -55.11 -4.37
C GLU B 395 -12.57 -56.30 -5.31
N ALA B 396 -12.80 -56.05 -6.59
CA ALA B 396 -12.83 -57.08 -7.62
C ALA B 396 -11.47 -57.74 -7.74
N GLN B 397 -10.43 -56.95 -7.55
CA GLN B 397 -9.06 -57.40 -7.66
C GLN B 397 -8.59 -57.91 -6.30
N GLY B 398 -9.54 -58.15 -5.41
CA GLY B 398 -9.24 -58.65 -4.08
C GLY B 398 -8.35 -57.80 -3.22
N GLY B 399 -8.72 -56.53 -3.09
CA GLY B 399 -7.99 -55.56 -2.30
C GLY B 399 -8.94 -54.92 -1.32
N ASP B 400 -8.42 -54.23 -0.31
CA ASP B 400 -9.29 -53.59 0.65
C ASP B 400 -9.83 -52.26 0.15
N PRO B 401 -11.14 -52.19 0.03
CA PRO B 401 -11.87 -51.00 -0.38
C PRO B 401 -11.73 -49.90 0.67
N ASN B 402 -11.69 -50.32 1.93
CA ASN B 402 -11.64 -49.45 3.09
C ASN B 402 -10.25 -48.93 3.39
N ILE B 403 -9.28 -49.29 2.56
CA ILE B 403 -7.91 -48.90 2.78
C ILE B 403 -7.73 -47.39 2.79
N LYS B 404 -6.85 -46.91 3.65
CA LYS B 404 -6.56 -45.49 3.72
C LYS B 404 -5.20 -45.26 3.12
N PRO B 405 -5.17 -44.45 2.09
CA PRO B 405 -3.92 -44.14 1.38
C PRO B 405 -2.80 -43.77 2.33
N GLU B 406 -3.07 -42.79 3.20
CA GLU B 406 -2.07 -42.33 4.15
C GLU B 406 -1.35 -43.48 4.85
N GLU B 407 -2.10 -44.56 5.08
CA GLU B 407 -1.63 -45.77 5.75
C GLU B 407 -0.52 -46.56 5.02
N ILE B 408 -0.57 -46.59 3.70
CA ILE B 408 0.37 -47.38 2.93
C ILE B 408 1.77 -46.94 3.33
N PRO B 409 2.68 -47.91 3.44
CA PRO B 409 4.02 -47.64 3.95
C PRO B 409 5.17 -47.45 2.97
N ILE B 410 5.83 -46.30 3.10
CA ILE B 410 7.01 -45.94 2.34
C ILE B 410 8.22 -46.56 3.03
N GLY B 411 9.36 -46.62 2.34
CA GLY B 411 10.55 -47.22 2.92
C GLY B 411 11.05 -46.48 4.14
N ASP B 412 11.52 -47.23 5.14
CA ASP B 412 12.00 -46.68 6.41
C ASP B 412 13.24 -45.78 6.33
N LYS B 413 14.22 -46.18 5.53
CA LYS B 413 15.45 -45.43 5.43
C LYS B 413 15.33 -44.37 4.37
N THR B 414 15.52 -43.12 4.77
CA THR B 414 15.42 -42.00 3.83
C THR B 414 16.47 -40.94 4.06
N TYR B 415 16.83 -40.26 2.98
CA TYR B 415 17.80 -39.19 3.03
C TYR B 415 17.22 -38.06 2.22
N THR B 416 17.46 -36.83 2.64
CA THR B 416 16.90 -35.65 1.97
C THR B 416 17.97 -34.71 1.42
N PHE B 417 17.76 -34.23 0.20
CA PHE B 417 18.70 -33.31 -0.43
C PHE B 417 18.21 -31.87 -0.39
N THR B 418 19.10 -30.96 0.01
CA THR B 418 18.80 -29.55 0.14
C THR B 418 19.45 -28.73 -0.97
N ALA B 419 18.88 -27.57 -1.24
CA ALA B 419 19.38 -26.68 -2.29
C ALA B 419 20.79 -26.21 -1.98
N ALA B 420 21.64 -26.29 -2.99
CA ALA B 420 23.02 -25.83 -2.89
C ALA B 420 23.13 -24.32 -2.78
N THR B 421 22.34 -23.63 -3.59
CA THR B 421 22.37 -22.18 -3.67
C THR B 421 21.01 -21.57 -3.90
N SER B 422 20.85 -20.29 -3.57
CA SER B 422 19.58 -19.60 -3.77
C SER B 422 19.29 -19.52 -5.26
N GLY B 423 18.04 -19.73 -5.64
CA GLY B 423 17.72 -19.67 -7.05
C GLY B 423 16.37 -20.19 -7.50
N TYR B 424 16.24 -20.32 -8.81
CA TYR B 424 15.04 -20.84 -9.45
C TYR B 424 15.39 -22.14 -10.17
N VAL B 425 14.50 -23.12 -10.14
CA VAL B 425 14.79 -24.42 -10.74
C VAL B 425 14.49 -24.45 -12.24
N THR B 426 15.55 -24.39 -13.03
CA THR B 426 15.44 -24.41 -14.48
C THR B 426 14.92 -25.71 -15.09
N ALA B 427 15.40 -26.85 -14.60
CA ALA B 427 14.98 -28.14 -15.13
C ALA B 427 15.23 -29.34 -14.21
N ILE B 428 14.53 -30.43 -14.49
CA ILE B 428 14.70 -31.69 -13.77
C ILE B 428 14.93 -32.79 -14.78
N ASP B 429 15.91 -33.66 -14.54
CA ASP B 429 16.22 -34.73 -15.50
C ASP B 429 15.59 -36.04 -15.12
N ASN B 430 14.72 -36.53 -16.00
CA ASN B 430 14.03 -37.78 -15.75
C ASN B 430 14.95 -38.98 -15.74
N ARG B 431 15.91 -39.00 -16.65
CA ARG B 431 16.80 -40.14 -16.69
C ARG B 431 17.50 -40.18 -15.36
N ALA B 432 17.92 -39.01 -14.89
CA ALA B 432 18.59 -38.92 -13.61
C ALA B 432 17.70 -39.32 -12.44
N ILE B 433 16.46 -38.85 -12.45
CA ILE B 433 15.55 -39.15 -11.35
C ILE B 433 15.21 -40.62 -11.23
N THR B 434 14.92 -41.25 -12.36
CA THR B 434 14.59 -42.67 -12.41
C THR B 434 15.76 -43.55 -12.02
N ALA B 435 16.95 -43.17 -12.44
CA ALA B 435 18.13 -43.97 -12.13
C ALA B 435 18.30 -44.02 -10.64
N ILE B 436 18.12 -42.88 -9.99
CA ILE B 436 18.24 -42.82 -8.55
C ILE B 436 17.15 -43.62 -7.84
N ALA B 437 15.93 -43.52 -8.32
CA ALA B 437 14.84 -44.24 -7.70
C ALA B 437 15.07 -45.73 -7.84
N ARG B 438 15.50 -46.14 -9.02
CA ARG B 438 15.77 -47.53 -9.30
C ARG B 438 16.92 -48.00 -8.43
N ALA B 439 17.92 -47.15 -8.30
CA ALA B 439 19.06 -47.51 -7.48
C ALA B 439 18.61 -47.70 -6.06
N ALA B 440 17.69 -46.85 -5.60
CA ALA B 440 17.20 -46.96 -4.22
C ALA B 440 16.44 -48.26 -3.98
N GLY B 441 16.37 -49.08 -5.03
CA GLY B 441 15.71 -50.37 -4.98
C GLY B 441 14.38 -50.63 -5.67
N ALA B 442 13.75 -49.61 -6.25
CA ALA B 442 12.48 -49.82 -6.97
C ALA B 442 12.80 -50.52 -8.28
N PRO B 443 11.88 -51.26 -8.86
CA PRO B 443 10.51 -51.44 -8.37
C PRO B 443 10.31 -52.68 -7.51
N GLU B 444 11.36 -53.46 -7.29
CA GLU B 444 11.22 -54.65 -6.47
C GLU B 444 10.80 -54.26 -5.05
N ASP B 445 11.36 -53.18 -4.53
CA ASP B 445 10.97 -52.70 -3.22
C ASP B 445 9.90 -51.64 -3.42
N LYS B 446 8.69 -51.91 -2.98
CA LYS B 446 7.61 -50.95 -3.14
C LYS B 446 7.99 -49.70 -2.38
N GLY B 447 8.64 -49.86 -1.26
CA GLY B 447 9.04 -48.74 -0.43
C GLY B 447 10.00 -47.75 -1.06
N ALA B 448 10.97 -48.22 -1.84
CA ALA B 448 11.95 -47.34 -2.45
C ALA B 448 11.36 -46.38 -3.47
N GLY B 449 11.95 -45.20 -3.58
CA GLY B 449 11.47 -44.18 -4.50
C GLY B 449 12.09 -42.83 -4.22
N ILE B 450 11.52 -41.79 -4.84
CA ILE B 450 11.96 -40.42 -4.64
C ILE B 450 10.75 -39.54 -4.46
N GLU B 451 10.87 -38.52 -3.63
CA GLU B 451 9.78 -37.57 -3.43
C GLU B 451 10.29 -36.18 -3.76
N LEU B 452 9.58 -35.47 -4.62
CA LEU B 452 10.01 -34.14 -5.03
C LEU B 452 9.18 -33.02 -4.45
N TYR B 453 9.86 -32.06 -3.84
CA TYR B 453 9.21 -30.93 -3.25
C TYR B 453 9.26 -29.72 -4.17
N VAL B 454 9.83 -29.88 -5.35
CA VAL B 454 9.94 -28.79 -6.30
C VAL B 454 9.50 -29.17 -7.70
N LYS B 455 9.05 -28.15 -8.43
CA LYS B 455 8.63 -28.29 -9.80
C LYS B 455 9.48 -27.28 -10.54
N VAL B 456 9.64 -27.46 -11.83
CA VAL B 456 10.48 -26.54 -12.58
C VAL B 456 9.89 -25.14 -12.50
N GLY B 457 10.77 -24.16 -12.33
CA GLY B 457 10.35 -22.77 -12.24
C GLY B 457 10.04 -22.26 -10.85
N GLU B 458 10.08 -23.14 -9.85
CA GLU B 458 9.88 -22.72 -8.49
C GLU B 458 11.13 -21.98 -8.05
N LYS B 459 10.98 -21.05 -7.12
CA LYS B 459 12.12 -20.30 -6.63
C LYS B 459 12.55 -20.90 -5.31
N VAL B 460 13.83 -21.24 -5.22
CA VAL B 460 14.35 -21.86 -4.02
C VAL B 460 15.42 -21.03 -3.33
N LYS B 461 15.19 -20.77 -2.05
CA LYS B 461 16.16 -20.13 -1.21
C LYS B 461 17.14 -21.22 -0.84
N GLU B 462 18.36 -20.86 -0.49
CA GLU B 462 19.35 -21.86 -0.14
C GLU B 462 18.85 -22.61 1.06
N GLY B 463 19.08 -23.90 1.08
CA GLY B 463 18.66 -24.75 2.17
C GLY B 463 17.29 -25.35 1.95
N ASP B 464 16.55 -24.87 0.95
CA ASP B 464 15.28 -25.51 0.61
C ASP B 464 15.49 -26.96 0.20
N PRO B 465 14.62 -27.86 0.69
CA PRO B 465 14.74 -29.27 0.34
C PRO B 465 14.20 -29.50 -1.08
N LEU B 466 14.98 -30.19 -1.91
CA LEU B 466 14.58 -30.43 -3.28
C LEU B 466 13.84 -31.75 -3.50
N PHE B 467 14.39 -32.84 -2.99
CA PHE B 467 13.76 -34.14 -3.13
C PHE B 467 14.17 -35.08 -2.00
N THR B 468 13.34 -36.07 -1.71
CA THR B 468 13.63 -37.03 -0.66
C THR B 468 13.65 -38.45 -1.22
N ILE B 469 14.70 -39.19 -0.85
CA ILE B 469 14.91 -40.53 -1.35
C ILE B 469 14.41 -41.54 -0.37
N HIS B 470 13.59 -42.49 -0.81
CA HIS B 470 13.11 -43.51 0.09
C HIS B 470 13.61 -44.86 -0.29
N ALA B 471 14.31 -45.49 0.63
CA ALA B 471 14.85 -46.82 0.40
C ALA B 471 14.63 -47.68 1.61
N GLU B 472 14.44 -48.96 1.36
CA GLU B 472 14.25 -49.94 2.42
C GLU B 472 15.52 -50.40 3.14
N HIS B 473 16.62 -50.54 2.38
CA HIS B 473 17.84 -51.07 2.88
C HIS B 473 18.86 -49.98 2.80
N GLU B 474 19.61 -49.78 3.87
CA GLU B 474 20.59 -48.73 3.90
C GLU B 474 21.62 -48.95 2.80
N ALA B 475 21.96 -50.20 2.52
CA ALA B 475 22.97 -50.43 1.51
C ALA B 475 22.53 -49.84 0.19
N ARG B 476 21.27 -50.07 -0.20
CA ARG B 476 20.75 -49.51 -1.44
C ARG B 476 20.60 -48.00 -1.43
N LEU B 477 20.14 -47.45 -0.32
CA LEU B 477 19.95 -46.02 -0.22
C LEU B 477 21.28 -45.31 -0.40
N ASP B 478 22.33 -45.87 0.17
CA ASP B 478 23.65 -45.27 0.08
C ASP B 478 24.13 -45.20 -1.36
N GLN B 479 23.86 -46.24 -2.14
CA GLN B 479 24.28 -46.25 -3.53
C GLN B 479 23.58 -45.18 -4.33
N ALA B 480 22.30 -45.01 -4.08
CA ALA B 480 21.50 -44.00 -4.75
C ALA B 480 21.93 -42.61 -4.36
N ILE B 481 22.26 -42.43 -3.10
CA ILE B 481 22.67 -41.14 -2.61
C ILE B 481 23.94 -40.74 -3.31
N VAL B 482 24.85 -41.69 -3.49
CA VAL B 482 26.07 -41.39 -4.18
C VAL B 482 25.76 -41.02 -5.62
N LEU B 483 24.86 -41.77 -6.24
CA LEU B 483 24.48 -41.50 -7.62
C LEU B 483 23.85 -40.13 -7.74
N ALA B 484 23.01 -39.80 -6.76
CA ALA B 484 22.33 -38.52 -6.79
C ALA B 484 23.34 -37.41 -6.71
N ARG B 485 24.35 -37.56 -5.88
CA ARG B 485 25.35 -36.52 -5.73
C ARG B 485 26.12 -36.30 -7.03
N ARG B 486 26.52 -37.40 -7.67
CA ARG B 486 27.21 -37.31 -8.95
C ARG B 486 26.27 -36.76 -10.01
N THR B 487 25.04 -37.24 -9.96
CA THR B 487 24.01 -36.89 -10.92
C THR B 487 23.57 -35.43 -10.99
N GLU B 488 23.41 -34.77 -9.85
CA GLU B 488 22.99 -33.38 -9.89
C GLU B 488 21.78 -33.25 -10.80
N PRO B 489 20.74 -34.03 -10.52
CA PRO B 489 19.55 -34.03 -11.36
C PRO B 489 18.91 -32.67 -11.41
N ILE B 490 18.89 -31.96 -10.30
CA ILE B 490 18.25 -30.64 -10.26
C ILE B 490 19.19 -29.49 -10.55
N ARG B 491 18.79 -28.64 -11.50
CA ARG B 491 19.59 -27.49 -11.89
C ARG B 491 18.88 -26.19 -11.57
N ILE B 492 19.58 -25.28 -10.89
CA ILE B 492 19.02 -23.99 -10.51
C ILE B 492 19.77 -22.84 -11.15
N GLU B 493 19.07 -21.84 -11.68
CA GLU B 493 19.85 -20.76 -12.27
C GLU B 493 19.25 -19.38 -11.99
N MET C 1 -8.82 23.01 -45.95
CA MET C 1 -9.51 23.36 -47.17
C MET C 1 -10.97 22.93 -47.11
N LYS C 2 -11.85 23.72 -47.70
CA LYS C 2 -13.27 23.41 -47.75
C LYS C 2 -13.69 23.36 -49.20
N ALA C 3 -14.38 22.31 -49.61
CA ALA C 3 -14.81 22.18 -51.00
C ALA C 3 -16.12 21.43 -51.14
N LYS C 4 -16.78 21.62 -52.28
CA LYS C 4 -18.03 20.96 -52.57
C LYS C 4 -17.79 19.49 -52.88
N ILE C 5 -18.78 18.64 -52.65
CA ILE C 5 -18.59 17.22 -52.89
C ILE C 5 -19.23 16.76 -54.18
N ARG C 6 -18.41 16.17 -55.04
CA ARG C 6 -18.83 15.65 -56.32
C ARG C 6 -18.60 14.17 -56.19
N ILE C 7 -19.62 13.37 -56.46
CA ILE C 7 -19.49 11.92 -56.32
C ILE C 7 -19.26 11.24 -57.66
N LEU C 8 -18.06 10.66 -57.80
CA LEU C 8 -17.64 9.95 -58.99
C LEU C 8 -18.27 8.57 -59.12
N ASP C 9 -18.57 8.17 -60.35
CA ASP C 9 -19.16 6.86 -60.57
C ASP C 9 -18.04 5.86 -60.66
N MET C 10 -17.37 5.63 -59.54
CA MET C 10 -16.26 4.69 -59.50
C MET C 10 -16.19 3.89 -58.21
N PHE C 11 -15.79 2.64 -58.28
CA PHE C 11 -15.60 1.84 -57.09
C PHE C 11 -14.15 1.41 -57.06
N SER C 12 -13.38 1.94 -56.13
CA SER C 12 -11.97 1.62 -56.03
C SER C 12 -11.68 0.48 -55.08
N GLY C 13 -12.71 0.00 -54.41
CA GLY C 13 -12.56 -1.07 -53.43
C GLY C 13 -12.06 -0.45 -52.14
N ARG C 14 -11.93 0.87 -52.19
CA ARG C 14 -11.45 1.67 -51.08
C ARG C 14 -12.16 2.99 -51.12
N TYR C 15 -12.09 3.73 -50.03
CA TYR C 15 -12.73 5.02 -49.95
C TYR C 15 -11.81 6.04 -50.58
N THR C 16 -11.73 6.02 -51.90
CA THR C 16 -10.87 6.96 -52.63
C THR C 16 -11.37 8.39 -52.62
N VAL C 17 -10.48 9.35 -52.50
CA VAL C 17 -10.87 10.74 -52.48
C VAL C 17 -10.09 11.48 -53.55
N LEU C 18 -10.76 12.25 -54.39
CA LEU C 18 -10.07 12.96 -55.46
C LEU C 18 -9.79 14.41 -55.12
N ILE C 19 -8.55 14.82 -55.35
CA ILE C 19 -8.15 16.17 -55.03
C ILE C 19 -7.45 16.85 -56.20
N ASN C 20 -7.73 18.14 -56.38
CA ASN C 20 -7.13 18.91 -57.45
C ASN C 20 -5.64 19.02 -57.17
N GLU C 21 -4.84 19.06 -58.23
CA GLU C 21 -3.40 19.16 -58.05
C GLU C 21 -3.05 20.45 -57.32
N GLU C 22 -3.72 21.53 -57.71
CA GLU C 22 -3.48 22.81 -57.05
C GLU C 22 -3.91 22.84 -55.59
N ASP C 23 -5.10 22.33 -55.30
CA ASP C 23 -5.58 22.33 -53.93
C ASP C 23 -4.71 21.45 -53.07
N ALA C 24 -4.31 20.32 -53.62
CA ALA C 24 -3.45 19.41 -52.93
C ALA C 24 -2.10 20.05 -52.66
N LYS C 25 -1.58 20.79 -53.62
CA LYS C 25 -0.27 21.41 -53.47
C LYS C 25 -0.29 22.38 -52.30
N GLU C 26 -1.36 23.17 -52.20
CA GLU C 26 -1.51 24.12 -51.11
C GLU C 26 -1.64 23.39 -49.78
N ALA C 27 -2.33 22.25 -49.82
CA ALA C 27 -2.57 21.43 -48.62
C ALA C 27 -1.50 20.40 -48.31
N LYS C 28 -0.44 20.34 -49.11
CA LYS C 28 0.62 19.37 -48.86
C LYS C 28 0.16 17.91 -48.84
N LEU C 29 -0.63 17.54 -49.83
CA LEU C 29 -1.12 16.18 -49.96
C LEU C 29 -0.52 15.51 -51.18
N HIS C 30 -0.18 14.23 -51.03
CA HIS C 30 0.42 13.43 -52.07
C HIS C 30 -0.45 12.25 -52.26
N PRO C 31 -0.38 11.63 -53.43
CA PRO C 31 -1.28 10.52 -53.75
C PRO C 31 -1.20 9.40 -52.74
N ASP C 32 -2.37 8.89 -52.37
CA ASP C 32 -2.49 7.79 -51.42
C ASP C 32 -2.39 8.25 -49.98
N ASP C 33 -2.28 9.55 -49.77
CA ASP C 33 -2.21 10.08 -48.43
C ASP C 33 -3.57 9.88 -47.81
N LEU C 34 -3.65 10.01 -46.49
CA LEU C 34 -4.91 9.80 -45.79
C LEU C 34 -5.51 11.14 -45.42
N VAL C 35 -6.80 11.30 -45.71
CA VAL C 35 -7.51 12.53 -45.42
C VAL C 35 -8.82 12.26 -44.73
N LYS C 36 -9.21 13.17 -43.85
CA LYS C 36 -10.45 13.04 -43.12
C LYS C 36 -11.40 14.04 -43.71
N ILE C 37 -12.55 13.57 -44.16
CA ILE C 37 -13.53 14.46 -44.73
C ILE C 37 -14.73 14.51 -43.81
N GLU C 38 -14.97 15.68 -43.23
CA GLU C 38 -16.08 15.87 -42.32
C GLU C 38 -16.84 17.11 -42.73
N ALA C 39 -18.13 16.99 -42.94
CA ALA C 39 -18.90 18.15 -43.31
C ALA C 39 -19.72 18.65 -42.14
N GLY C 40 -20.48 17.75 -41.55
CA GLY C 40 -21.32 18.04 -40.41
C GLY C 40 -20.79 17.21 -39.26
N LYS C 41 -21.70 16.67 -38.48
CA LYS C 41 -21.31 15.80 -37.39
C LYS C 41 -20.61 14.61 -38.03
N LYS C 42 -21.14 14.19 -39.18
CA LYS C 42 -20.60 13.06 -39.93
C LYS C 42 -19.18 13.28 -40.43
N ALA C 43 -18.37 12.23 -40.38
CA ALA C 43 -16.98 12.27 -40.84
C ALA C 43 -16.61 10.94 -41.49
N VAL C 44 -15.64 10.98 -42.41
CA VAL C 44 -15.19 9.78 -43.09
C VAL C 44 -13.71 9.90 -43.40
N TYR C 45 -13.04 8.77 -43.56
CA TYR C 45 -11.61 8.75 -43.86
C TYR C 45 -11.37 8.11 -45.21
N GLY C 46 -10.58 8.76 -46.04
CA GLY C 46 -10.32 8.27 -47.38
C GLY C 46 -8.88 8.42 -47.83
N SER C 47 -8.52 7.66 -48.85
CA SER C 47 -7.18 7.72 -49.40
C SER C 47 -7.22 8.70 -50.55
N VAL C 48 -6.37 9.71 -50.49
CA VAL C 48 -6.34 10.75 -51.50
C VAL C 48 -5.78 10.35 -52.86
N ALA C 49 -6.28 11.02 -53.90
CA ALA C 49 -5.79 10.84 -55.26
C ALA C 49 -5.79 12.24 -55.85
N LEU C 50 -4.86 12.53 -56.75
CA LEU C 50 -4.80 13.86 -57.33
C LEU C 50 -5.23 13.85 -58.78
N SER C 51 -6.28 14.60 -59.10
CA SER C 51 -6.71 14.69 -60.49
C SER C 51 -7.28 16.05 -60.79
N ASN C 52 -7.12 16.49 -62.02
CA ASN C 52 -7.63 17.76 -62.49
C ASN C 52 -9.01 17.54 -63.10
N LEU C 53 -9.48 16.31 -63.01
CA LEU C 53 -10.81 15.96 -63.47
C LEU C 53 -11.76 16.75 -62.60
N VAL C 54 -11.41 16.85 -61.33
CA VAL C 54 -12.20 17.55 -60.34
C VAL C 54 -11.70 18.98 -60.19
N GLY C 55 -12.61 19.94 -60.30
CA GLY C 55 -12.26 21.34 -60.24
C GLY C 55 -11.81 21.78 -58.88
N LYS C 56 -11.02 22.84 -58.83
CA LYS C 56 -10.50 23.33 -57.57
C LYS C 56 -11.65 23.76 -56.71
N GLY C 57 -11.46 23.64 -55.40
CA GLY C 57 -12.51 23.95 -54.45
C GLY C 57 -13.45 22.78 -54.44
N GLU C 58 -13.02 21.68 -55.04
CA GLU C 58 -13.87 20.51 -55.09
C GLU C 58 -13.20 19.25 -54.58
N VAL C 59 -13.99 18.26 -54.14
CA VAL C 59 -13.53 16.99 -53.64
C VAL C 59 -14.42 15.93 -54.24
N GLY C 60 -13.83 14.96 -54.92
CA GLY C 60 -14.62 13.93 -55.53
C GLY C 60 -14.42 12.65 -54.75
N ILE C 61 -15.52 12.08 -54.28
CA ILE C 61 -15.44 10.88 -53.51
C ILE C 61 -16.13 9.75 -54.23
N SER C 62 -15.50 8.59 -54.27
CA SER C 62 -16.11 7.45 -54.94
C SER C 62 -17.33 7.00 -54.17
N ARG C 63 -18.19 6.24 -54.84
CA ARG C 63 -19.46 5.76 -54.31
C ARG C 63 -19.38 4.82 -53.11
N ASP C 64 -18.24 4.19 -52.89
CA ASP C 64 -18.12 3.26 -51.79
C ASP C 64 -18.47 4.05 -50.56
N VAL C 65 -18.03 5.30 -50.53
CA VAL C 65 -18.23 6.18 -49.39
C VAL C 65 -19.69 6.41 -49.08
N LEU C 66 -20.51 6.48 -50.12
CA LEU C 66 -21.91 6.79 -49.99
C LEU C 66 -22.78 5.83 -49.16
N ASP C 67 -22.54 4.53 -49.27
CA ASP C 67 -23.40 3.58 -48.57
C ASP C 67 -23.43 3.69 -47.04
N LEU C 68 -22.27 3.86 -46.41
CA LEU C 68 -22.26 3.96 -44.95
C LEU C 68 -22.40 5.38 -44.43
N HIS C 69 -22.37 6.35 -45.32
CA HIS C 69 -22.49 7.73 -44.93
C HIS C 69 -23.32 8.47 -45.92
N ASN C 70 -23.98 9.53 -45.46
CA ASN C 70 -24.82 10.32 -46.33
C ASN C 70 -24.08 11.56 -46.79
N PHE C 71 -23.70 11.56 -48.05
CA PHE C 71 -23.03 12.71 -48.62
C PHE C 71 -23.84 13.08 -49.85
N SER C 72 -24.20 14.34 -49.95
CA SER C 72 -24.99 14.82 -51.07
C SER C 72 -24.12 15.69 -51.96
N GLU C 73 -24.29 15.51 -53.27
CA GLU C 73 -23.49 16.23 -54.22
C GLU C 73 -23.71 17.72 -54.08
N GLY C 74 -22.62 18.47 -54.18
CA GLY C 74 -22.66 19.92 -54.05
C GLY C 74 -22.64 20.30 -52.59
N GLU C 75 -22.56 19.30 -51.72
CA GLU C 75 -22.53 19.51 -50.29
C GLU C 75 -21.19 20.11 -49.86
N THR C 76 -21.21 20.90 -48.80
CA THR C 76 -19.98 21.52 -48.34
C THR C 76 -19.40 20.70 -47.21
N VAL C 77 -18.15 20.27 -47.39
CA VAL C 77 -17.47 19.46 -46.42
C VAL C 77 -16.04 19.97 -46.30
N SER C 78 -15.39 19.70 -45.17
CA SER C 78 -14.03 20.14 -44.96
C SER C 78 -13.07 18.98 -45.08
N VAL C 79 -12.02 19.15 -45.86
CA VAL C 79 -11.04 18.10 -46.06
C VAL C 79 -9.75 18.45 -45.36
N ILE C 80 -9.28 17.56 -44.50
CA ILE C 80 -8.06 17.79 -43.75
C ILE C 80 -7.17 16.55 -43.75
N PRO C 81 -5.88 16.74 -43.56
CA PRO C 81 -4.95 15.61 -43.51
C PRO C 81 -5.18 14.79 -42.26
N ALA C 82 -4.91 13.49 -42.34
CA ALA C 82 -5.11 12.63 -41.20
C ALA C 82 -3.75 12.19 -40.69
N GLY C 83 -3.53 12.39 -39.41
CA GLY C 83 -2.26 12.02 -38.80
C GLY C 83 -2.20 10.52 -38.74
N THR C 84 -1.00 9.98 -38.66
CA THR C 84 -0.85 8.53 -38.59
C THR C 84 -1.59 8.09 -37.35
N PRO C 85 -2.29 6.98 -37.45
CA PRO C 85 -3.09 6.50 -36.33
C PRO C 85 -2.28 6.10 -35.12
N GLU C 86 -2.85 6.38 -33.96
CA GLU C 86 -2.24 6.03 -32.69
C GLU C 86 -2.17 4.52 -32.57
N SER C 87 -3.18 3.86 -33.12
CA SER C 87 -3.34 2.41 -33.01
C SER C 87 -2.20 1.61 -33.62
N VAL C 88 -1.50 2.21 -34.56
CA VAL C 88 -0.40 1.50 -35.17
C VAL C 88 0.59 1.13 -34.10
N ARG C 89 0.71 1.99 -33.09
CA ARG C 89 1.66 1.72 -32.03
C ARG C 89 1.29 0.42 -31.36
N TYR C 90 0.01 0.20 -31.14
CA TYR C 90 -0.47 -1.02 -30.50
C TYR C 90 -0.18 -2.28 -31.33
N ILE C 91 -0.30 -2.19 -32.63
CA ILE C 91 -0.05 -3.33 -33.48
C ILE C 91 1.38 -3.76 -33.29
N LYS C 92 2.27 -2.79 -33.13
CA LYS C 92 3.68 -3.08 -32.94
C LYS C 92 3.86 -3.87 -31.65
N LYS C 93 3.09 -3.52 -30.62
CA LYS C 93 3.22 -4.25 -29.37
C LYS C 93 2.88 -5.71 -29.64
N LYS C 94 1.82 -5.94 -30.40
CA LYS C 94 1.45 -7.30 -30.76
C LYS C 94 2.55 -7.85 -31.64
N MET C 95 3.11 -6.97 -32.45
CA MET C 95 4.15 -7.37 -33.37
C MET C 95 5.30 -7.93 -32.57
N HIS C 96 5.54 -7.34 -31.40
CA HIS C 96 6.61 -7.76 -30.53
C HIS C 96 6.25 -8.86 -29.57
N GLY C 97 5.01 -9.34 -29.65
CA GLY C 97 4.53 -10.43 -28.81
C GLY C 97 3.88 -10.11 -27.49
N GLU C 98 3.71 -8.84 -27.19
CA GLU C 98 3.07 -8.41 -25.95
C GLU C 98 1.54 -8.54 -25.94
N LYS C 99 0.97 -8.65 -24.74
CA LYS C 99 -0.48 -8.71 -24.58
C LYS C 99 -1.08 -7.31 -24.75
N LEU C 100 -2.32 -7.21 -25.22
CA LEU C 100 -2.98 -5.93 -25.46
C LEU C 100 -4.17 -5.59 -24.55
N ARG C 101 -4.17 -4.37 -24.05
CA ARG C 101 -5.21 -3.88 -23.17
C ARG C 101 -6.51 -3.82 -23.94
N LYS C 102 -7.62 -3.90 -23.24
CA LYS C 102 -8.91 -3.89 -23.90
C LYS C 102 -8.98 -2.59 -24.65
N VAL C 103 -8.47 -1.54 -24.04
CA VAL C 103 -8.46 -0.23 -24.67
C VAL C 103 -7.60 -0.24 -25.93
N GLU C 104 -6.45 -0.89 -25.86
CA GLU C 104 -5.58 -0.97 -27.03
C GLU C 104 -6.26 -1.74 -28.13
N ILE C 105 -6.88 -2.85 -27.76
CA ILE C 105 -7.57 -3.67 -28.74
C ILE C 105 -8.75 -2.94 -29.34
N GLU C 106 -9.49 -2.24 -28.50
CA GLU C 106 -10.66 -1.52 -28.96
C GLU C 106 -10.24 -0.49 -29.95
N ALA C 107 -9.13 0.17 -29.66
CA ALA C 107 -8.63 1.20 -30.55
C ALA C 107 -8.30 0.61 -31.90
N ILE C 108 -7.69 -0.56 -31.92
CA ILE C 108 -7.34 -1.16 -33.20
C ILE C 108 -8.59 -1.46 -33.99
N VAL C 109 -9.60 -1.99 -33.33
CA VAL C 109 -10.85 -2.29 -34.00
C VAL C 109 -11.59 -1.06 -34.52
N ARG C 110 -11.61 0.00 -33.72
CA ARG C 110 -12.32 1.22 -34.09
C ARG C 110 -11.75 1.90 -35.33
N ASP C 111 -10.43 1.98 -35.42
CA ASP C 111 -9.78 2.59 -36.57
C ASP C 111 -10.07 1.78 -37.82
N ILE C 112 -10.11 0.46 -37.69
CA ILE C 112 -10.38 -0.39 -38.82
C ILE C 112 -11.76 -0.09 -39.35
N VAL C 113 -12.74 0.07 -38.48
CA VAL C 113 -14.08 0.38 -38.93
C VAL C 113 -14.15 1.77 -39.55
N ASP C 114 -13.43 2.72 -38.83
CA ASP C 114 -13.46 4.09 -39.34
C ASP C 114 -12.60 4.24 -40.58
N ARG C 115 -11.76 3.24 -40.84
CA ARG C 115 -10.89 3.24 -42.01
C ARG C 115 -9.62 4.07 -41.87
N LYS C 116 -9.19 4.33 -40.65
CA LYS C 116 -7.97 5.12 -40.46
C LYS C 116 -6.84 4.14 -40.74
N LEU C 117 -7.09 2.99 -40.27
CA LEU C 117 -6.10 1.95 -40.48
C LEU C 117 -6.47 1.33 -41.79
N ARG C 118 -5.57 1.41 -42.76
CA ARG C 118 -5.90 0.87 -44.07
C ARG C 118 -5.28 -0.51 -44.35
N ASP C 119 -5.04 -0.81 -45.61
CA ASP C 119 -4.55 -2.11 -46.02
C ASP C 119 -3.18 -2.47 -45.46
N ILE C 120 -2.25 -1.54 -45.50
CA ILE C 120 -0.94 -1.86 -45.01
C ILE C 120 -0.92 -2.19 -43.53
N GLU C 121 -1.61 -1.37 -42.74
CA GLU C 121 -1.67 -1.61 -41.30
C GLU C 121 -2.39 -2.90 -40.96
N ILE C 122 -3.48 -3.17 -41.65
CA ILE C 122 -4.26 -4.38 -41.41
C ILE C 122 -3.54 -5.69 -41.73
N SER C 123 -2.81 -5.73 -42.84
CA SER C 123 -2.11 -6.95 -43.19
C SER C 123 -1.12 -7.24 -42.10
N SER C 124 -0.45 -6.20 -41.62
CA SER C 124 0.53 -6.35 -40.55
C SER C 124 -0.09 -6.80 -39.24
N PHE C 125 -1.25 -6.26 -38.90
CA PHE C 125 -1.90 -6.67 -37.67
C PHE C 125 -2.30 -8.13 -37.75
N VAL C 126 -2.86 -8.51 -38.90
CA VAL C 126 -3.27 -9.89 -39.09
C VAL C 126 -2.07 -10.81 -39.12
N THR C 127 -1.03 -10.37 -39.80
CA THR C 127 0.18 -11.16 -39.92
C THR C 127 0.74 -11.35 -38.54
N ALA C 128 0.68 -10.28 -37.75
CA ALA C 128 1.18 -10.31 -36.39
C ALA C 128 0.38 -11.31 -35.57
N LEU C 129 -0.93 -11.33 -35.76
CA LEU C 129 -1.76 -12.25 -35.00
C LEU C 129 -1.41 -13.69 -35.31
N GLU C 130 -1.20 -13.99 -36.58
CA GLU C 130 -0.90 -15.36 -36.94
C GLU C 130 0.40 -15.81 -36.32
N ILE C 131 1.43 -14.99 -36.43
CA ILE C 131 2.73 -15.32 -35.87
C ILE C 131 2.78 -15.36 -34.35
N ASN C 132 2.38 -14.26 -33.74
CA ASN C 132 2.33 -14.13 -32.28
C ASN C 132 1.20 -14.87 -31.58
N GLY C 133 0.02 -14.83 -32.18
CA GLY C 133 -1.14 -15.49 -31.63
C GLY C 133 -1.88 -14.60 -30.65
N LEU C 134 -3.11 -14.96 -30.33
CA LEU C 134 -3.92 -14.19 -29.39
C LEU C 134 -4.42 -15.06 -28.26
N ASP C 135 -4.26 -14.59 -27.02
CA ASP C 135 -4.74 -15.33 -25.86
C ASP C 135 -6.23 -15.10 -25.71
N MET C 136 -6.88 -15.92 -24.90
CA MET C 136 -8.32 -15.83 -24.72
C MET C 136 -8.82 -14.51 -24.17
N ASP C 137 -8.10 -13.93 -23.22
CA ASP C 137 -8.54 -12.65 -22.67
C ASP C 137 -8.55 -11.63 -23.79
N GLU C 138 -7.53 -11.67 -24.63
CA GLU C 138 -7.43 -10.79 -25.77
C GLU C 138 -8.56 -11.05 -26.74
N ILE C 139 -8.84 -12.33 -26.95
CA ILE C 139 -9.86 -12.77 -27.90
C ILE C 139 -11.28 -12.35 -27.56
N ALA C 140 -11.66 -12.43 -26.30
CA ALA C 140 -13.00 -12.01 -25.92
C ALA C 140 -13.17 -10.52 -26.17
N ALA C 141 -12.14 -9.76 -25.85
CA ALA C 141 -12.19 -8.32 -26.04
C ALA C 141 -12.31 -7.98 -27.50
N LEU C 142 -11.55 -8.69 -28.33
CA LEU C 142 -11.58 -8.45 -29.76
C LEU C 142 -12.97 -8.77 -30.27
N THR C 143 -13.55 -9.84 -29.77
CA THR C 143 -14.87 -10.22 -30.19
C THR C 143 -15.92 -9.21 -29.81
N ILE C 144 -15.87 -8.74 -28.57
CA ILE C 144 -16.83 -7.74 -28.10
C ILE C 144 -16.66 -6.39 -28.78
N ALA C 145 -15.41 -6.02 -29.01
CA ALA C 145 -15.10 -4.75 -29.66
C ALA C 145 -15.68 -4.77 -31.07
N MET C 146 -15.57 -5.92 -31.72
CA MET C 146 -16.12 -6.08 -33.06
C MET C 146 -17.62 -5.94 -33.03
N ALA C 147 -18.24 -6.50 -32.01
CA ALA C 147 -19.69 -6.44 -31.89
C ALA C 147 -20.24 -5.04 -31.67
N GLU C 148 -19.57 -4.28 -30.80
CA GLU C 148 -19.98 -2.92 -30.45
C GLU C 148 -19.91 -1.91 -31.57
N THR C 149 -18.88 -2.01 -32.39
CA THR C 149 -18.67 -1.10 -33.50
C THR C 149 -19.77 -1.17 -34.55
N GLY C 150 -20.23 -2.39 -34.84
CA GLY C 150 -21.29 -2.62 -35.80
C GLY C 150 -22.68 -2.37 -35.25
N ASP C 151 -23.65 -2.27 -36.14
CA ASP C 151 -25.04 -2.07 -35.72
C ASP C 151 -25.50 -3.36 -35.06
N MET C 152 -26.43 -3.26 -34.12
CA MET C 152 -26.89 -4.46 -33.43
C MET C 152 -28.41 -4.59 -33.45
N LEU C 153 -28.86 -5.84 -33.34
CA LEU C 153 -30.29 -6.14 -33.39
C LEU C 153 -30.82 -6.78 -32.12
N ASP C 154 -32.02 -6.35 -31.72
CA ASP C 154 -32.70 -6.89 -30.56
C ASP C 154 -33.99 -7.50 -31.06
N ILE C 155 -34.29 -8.72 -30.67
CA ILE C 155 -35.51 -9.37 -31.12
C ILE C 155 -36.41 -9.64 -29.94
N ASP C 156 -37.69 -9.32 -30.09
CA ASP C 156 -38.63 -9.49 -28.99
C ASP C 156 -38.73 -10.95 -28.58
N ARG C 157 -38.75 -11.85 -29.55
CA ARG C 157 -38.85 -13.26 -29.25
C ARG C 157 -37.59 -13.81 -28.58
N LYS C 158 -37.77 -14.68 -27.60
CA LYS C 158 -36.64 -15.30 -26.92
C LYS C 158 -37.05 -16.72 -26.57
N PRO C 159 -36.10 -17.64 -26.47
CA PRO C 159 -34.66 -17.43 -26.71
C PRO C 159 -34.29 -17.48 -28.18
N ILE C 160 -33.08 -17.04 -28.51
CA ILE C 160 -32.63 -17.03 -29.89
C ILE C 160 -31.58 -18.10 -30.12
N MET C 161 -31.81 -18.91 -31.15
CA MET C 161 -30.92 -20.02 -31.49
C MET C 161 -30.12 -19.68 -32.73
N ASP C 162 -28.83 -19.95 -32.68
CA ASP C 162 -27.96 -19.69 -33.81
C ASP C 162 -27.15 -20.93 -34.17
N VAL C 163 -27.04 -21.21 -35.46
CA VAL C 163 -26.27 -22.35 -35.93
C VAL C 163 -25.19 -21.87 -36.90
N HIS C 164 -23.95 -22.28 -36.68
CA HIS C 164 -22.88 -21.89 -37.58
C HIS C 164 -22.05 -23.06 -37.92
N SER C 165 -21.50 -23.08 -39.12
CA SER C 165 -20.65 -24.16 -39.56
C SER C 165 -19.34 -23.55 -40.02
N ILE C 166 -18.22 -24.02 -39.48
CA ILE C 166 -16.94 -23.45 -39.88
C ILE C 166 -16.82 -23.71 -41.36
N GLY C 167 -17.42 -24.78 -41.84
CA GLY C 167 -17.42 -25.04 -43.25
C GLY C 167 -16.16 -25.60 -43.85
N GLY C 168 -16.00 -25.39 -45.14
CA GLY C 168 -14.87 -25.91 -45.89
C GLY C 168 -15.25 -27.22 -46.52
N VAL C 169 -16.53 -27.60 -46.38
CA VAL C 169 -17.06 -28.82 -46.95
C VAL C 169 -17.93 -28.48 -48.12
N PRO C 170 -17.73 -29.17 -49.24
CA PRO C 170 -18.51 -28.93 -50.45
C PRO C 170 -19.95 -29.38 -50.29
N GLY C 171 -20.89 -28.63 -50.85
CA GLY C 171 -22.28 -28.99 -50.81
C GLY C 171 -22.93 -29.00 -49.45
N ASN C 172 -22.43 -28.20 -48.52
CA ASN C 172 -23.00 -28.17 -47.18
C ASN C 172 -24.19 -27.24 -47.15
N LYS C 173 -25.32 -27.76 -47.59
CA LYS C 173 -26.57 -27.02 -47.70
C LYS C 173 -27.44 -27.34 -46.52
N THR C 174 -26.84 -27.92 -45.49
CA THR C 174 -27.57 -28.41 -44.32
C THR C 174 -28.33 -27.33 -43.57
N ASN C 175 -27.71 -26.17 -43.43
CA ASN C 175 -28.30 -25.10 -42.64
C ASN C 175 -29.65 -24.67 -43.18
N ILE C 176 -29.84 -24.78 -44.48
CA ILE C 176 -31.14 -24.48 -45.05
C ILE C 176 -32.13 -25.46 -44.44
N LEU C 177 -31.71 -26.71 -44.33
CA LEU C 177 -32.54 -27.72 -43.68
C LEU C 177 -32.72 -27.49 -42.17
N VAL C 178 -31.65 -27.08 -41.52
CA VAL C 178 -31.69 -26.87 -40.09
C VAL C 178 -32.54 -25.71 -39.63
N VAL C 179 -32.46 -24.60 -40.34
CA VAL C 179 -33.20 -23.42 -39.93
C VAL C 179 -34.70 -23.57 -39.94
N PRO C 180 -35.25 -24.15 -41.00
CA PRO C 180 -36.70 -24.35 -41.07
C PRO C 180 -37.20 -25.30 -40.01
N ILE C 181 -36.43 -26.37 -39.80
CA ILE C 181 -36.79 -27.39 -38.83
C ILE C 181 -36.84 -26.86 -37.40
N VAL C 182 -35.85 -26.09 -37.02
CA VAL C 182 -35.82 -25.50 -35.69
C VAL C 182 -36.91 -24.47 -35.51
N ALA C 183 -37.13 -23.65 -36.53
CA ALA C 183 -38.17 -22.63 -36.52
C ALA C 183 -39.57 -23.22 -36.43
N ALA C 184 -39.79 -24.31 -37.14
CA ALA C 184 -41.08 -24.97 -37.16
C ALA C 184 -41.40 -25.44 -35.76
N ALA C 185 -40.34 -25.77 -35.04
CA ALA C 185 -40.42 -26.26 -33.68
C ALA C 185 -40.93 -25.15 -32.79
N GLY C 186 -40.92 -23.94 -33.32
CA GLY C 186 -41.37 -22.77 -32.60
C GLY C 186 -40.24 -22.00 -31.96
N LEU C 187 -39.02 -22.50 -32.12
CA LEU C 187 -37.83 -21.81 -31.67
C LEU C 187 -37.51 -20.66 -32.60
N THR C 188 -36.75 -19.68 -32.11
CA THR C 188 -36.39 -18.55 -32.93
C THR C 188 -34.97 -18.71 -33.41
N ILE C 189 -34.78 -18.77 -34.72
CA ILE C 189 -33.45 -18.93 -35.28
C ILE C 189 -33.22 -18.12 -36.53
N PRO C 190 -32.64 -16.91 -36.39
CA PRO C 190 -32.36 -16.00 -37.50
C PRO C 190 -30.96 -16.20 -38.09
N LYS C 191 -30.87 -16.88 -39.23
CA LYS C 191 -29.56 -17.11 -39.86
C LYS C 191 -29.20 -16.07 -40.90
N THR C 192 -27.93 -15.64 -40.82
CA THR C 192 -27.32 -14.77 -41.81
C THR C 192 -26.02 -15.43 -42.25
N SER C 193 -25.86 -15.67 -43.54
CA SER C 193 -24.66 -16.34 -44.01
C SER C 193 -23.94 -15.64 -45.16
N SER C 194 -22.63 -15.74 -45.15
CA SER C 194 -21.78 -15.10 -46.14
C SER C 194 -21.83 -15.72 -47.53
N ARG C 195 -21.48 -14.94 -48.53
CA ARG C 195 -21.39 -15.39 -49.91
C ARG C 195 -20.15 -16.23 -50.07
N ALA C 196 -20.10 -17.04 -51.12
CA ALA C 196 -18.99 -17.97 -51.33
C ALA C 196 -17.80 -17.34 -52.00
N ILE C 197 -17.00 -16.61 -51.24
CA ILE C 197 -15.80 -15.97 -51.77
C ILE C 197 -14.75 -16.95 -52.27
N THR C 198 -14.54 -18.02 -51.52
CA THR C 198 -13.51 -19.01 -51.82
C THR C 198 -14.03 -20.42 -52.06
N SER C 199 -15.34 -20.57 -52.16
CA SER C 199 -15.99 -21.86 -52.36
C SER C 199 -16.96 -21.78 -53.53
N ALA C 200 -17.34 -22.92 -54.08
CA ALA C 200 -18.24 -22.93 -55.22
C ALA C 200 -19.57 -22.28 -54.88
N ALA C 201 -20.05 -22.50 -53.66
CA ALA C 201 -21.32 -21.95 -53.25
C ALA C 201 -21.32 -21.42 -51.82
N GLY C 202 -22.29 -20.60 -51.51
CA GLY C 202 -22.43 -20.02 -50.18
C GLY C 202 -23.85 -20.26 -49.73
N THR C 203 -24.10 -20.19 -48.43
CA THR C 203 -25.44 -20.43 -47.95
C THR C 203 -26.30 -19.39 -48.61
N ALA C 204 -25.76 -18.18 -48.71
CA ALA C 204 -26.47 -17.08 -49.33
C ALA C 204 -26.74 -17.35 -50.79
N ASP C 205 -25.77 -17.92 -51.49
CA ASP C 205 -25.94 -18.22 -52.91
C ASP C 205 -27.04 -19.23 -53.15
N VAL C 206 -27.09 -20.25 -52.31
CA VAL C 206 -28.13 -21.25 -52.45
C VAL C 206 -29.49 -20.60 -52.19
N VAL C 207 -29.54 -19.76 -51.17
CA VAL C 207 -30.78 -19.09 -50.80
C VAL C 207 -31.29 -18.15 -51.86
N GLU C 208 -30.37 -17.45 -52.50
CA GLU C 208 -30.70 -16.46 -53.52
C GLU C 208 -31.45 -17.05 -54.70
N VAL C 209 -31.14 -18.29 -55.04
CA VAL C 209 -31.79 -18.89 -56.18
C VAL C 209 -33.31 -18.96 -56.06
N PHE C 210 -33.81 -19.25 -54.86
CA PHE C 210 -35.25 -19.29 -54.66
C PHE C 210 -35.82 -18.10 -53.86
N ALA C 211 -34.96 -17.19 -53.43
CA ALA C 211 -35.42 -16.04 -52.65
C ALA C 211 -34.40 -14.90 -52.65
N ASP C 212 -34.78 -13.76 -52.11
CA ASP C 212 -33.88 -12.62 -52.07
C ASP C 212 -33.20 -12.52 -50.72
N VAL C 213 -31.88 -12.51 -50.72
CA VAL C 213 -31.08 -12.47 -49.51
C VAL C 213 -30.65 -11.13 -48.93
N SER C 214 -30.88 -10.02 -49.64
CA SER C 214 -30.43 -8.74 -49.10
C SER C 214 -31.54 -7.97 -48.41
N PHE C 215 -31.36 -7.73 -47.12
CA PHE C 215 -32.36 -7.03 -46.32
C PHE C 215 -31.75 -6.15 -45.26
N SER C 216 -32.47 -5.11 -44.86
CA SER C 216 -32.06 -4.17 -43.82
C SER C 216 -32.20 -4.81 -42.45
N LEU C 217 -31.46 -4.32 -41.47
CA LEU C 217 -31.55 -4.90 -40.15
C LEU C 217 -32.96 -4.78 -39.63
N ASP C 218 -33.58 -3.63 -39.87
CA ASP C 218 -34.93 -3.41 -39.41
C ASP C 218 -35.77 -4.47 -40.06
N GLU C 219 -35.46 -4.74 -41.32
CA GLU C 219 -36.21 -5.73 -42.07
C GLU C 219 -36.06 -7.10 -41.43
N ILE C 220 -34.87 -7.39 -40.92
CA ILE C 220 -34.60 -8.67 -40.32
C ILE C 220 -35.46 -8.90 -39.09
N LYS C 221 -35.59 -7.87 -38.26
CA LYS C 221 -36.35 -8.01 -37.03
C LYS C 221 -37.81 -8.32 -37.30
N ARG C 222 -38.40 -7.62 -38.26
CA ARG C 222 -39.77 -7.87 -38.62
C ARG C 222 -39.91 -9.25 -39.22
N ILE C 223 -38.96 -9.63 -40.06
CA ILE C 223 -39.00 -10.91 -40.72
C ILE C 223 -38.91 -12.06 -39.73
N VAL C 224 -37.98 -11.93 -38.80
CA VAL C 224 -37.79 -12.94 -37.79
C VAL C 224 -38.99 -13.09 -36.86
N GLU C 225 -39.58 -11.98 -36.46
CA GLU C 225 -40.70 -12.04 -35.54
C GLU C 225 -41.94 -12.75 -36.07
N LYS C 226 -42.36 -12.44 -37.29
CA LYS C 226 -43.52 -13.13 -37.82
C LYS C 226 -43.20 -14.57 -38.16
N VAL C 227 -42.20 -14.72 -39.02
CA VAL C 227 -41.73 -16.03 -39.49
C VAL C 227 -41.09 -16.90 -38.42
N GLY C 228 -40.32 -16.28 -37.55
CA GLY C 228 -39.61 -16.98 -36.50
C GLY C 228 -38.21 -17.37 -36.91
N ALA C 229 -37.88 -17.15 -38.18
CA ALA C 229 -36.55 -17.44 -38.66
C ALA C 229 -36.28 -16.72 -39.95
N CYS C 230 -35.02 -16.51 -40.28
CA CYS C 230 -34.64 -15.88 -41.54
C CYS C 230 -33.36 -16.47 -42.13
N LEU C 231 -33.26 -16.46 -43.45
CA LEU C 231 -32.10 -16.99 -44.15
C LEU C 231 -31.61 -15.95 -45.14
N VAL C 232 -30.88 -14.95 -44.66
CA VAL C 232 -30.41 -13.87 -45.49
C VAL C 232 -28.92 -13.60 -45.34
N TRP C 233 -28.35 -12.93 -46.33
CA TRP C 233 -26.93 -12.60 -46.34
C TRP C 233 -26.51 -11.62 -45.30
N GLY C 234 -25.41 -11.94 -44.62
CA GLY C 234 -24.89 -11.10 -43.56
C GLY C 234 -23.93 -10.04 -44.01
N GLY C 235 -23.48 -10.14 -45.25
CA GLY C 235 -22.58 -9.16 -45.81
C GLY C 235 -23.24 -7.81 -45.95
N ALA C 236 -24.48 -7.82 -46.42
CA ALA C 236 -25.19 -6.58 -46.65
C ALA C 236 -25.90 -6.05 -45.43
N LEU C 237 -25.17 -5.91 -44.35
CA LEU C 237 -25.69 -5.32 -43.13
C LEU C 237 -24.49 -4.91 -42.31
N ASN C 238 -24.65 -3.95 -41.42
CA ASN C 238 -23.50 -3.53 -40.64
C ASN C 238 -23.30 -4.35 -39.38
N LEU C 239 -22.90 -5.61 -39.54
CA LEU C 239 -22.64 -6.47 -38.40
C LEU C 239 -21.19 -6.86 -38.43
N ALA C 240 -20.45 -6.57 -37.36
CA ALA C 240 -19.06 -6.96 -37.32
C ALA C 240 -18.33 -6.51 -38.58
N PRO C 241 -18.45 -5.23 -38.91
CA PRO C 241 -17.84 -4.68 -40.12
C PRO C 241 -16.35 -4.86 -40.12
N ALA C 242 -15.74 -4.91 -38.94
CA ALA C 242 -14.31 -5.10 -38.85
C ALA C 242 -13.92 -6.43 -39.46
N ASP C 243 -14.75 -7.44 -39.22
CA ASP C 243 -14.46 -8.78 -39.71
C ASP C 243 -14.36 -8.86 -41.22
N ASP C 244 -15.26 -8.17 -41.92
CA ASP C 244 -15.24 -8.19 -43.36
C ASP C 244 -13.95 -7.57 -43.89
N ILE C 245 -13.53 -6.48 -43.28
CA ILE C 245 -12.32 -5.79 -43.71
C ILE C 245 -11.07 -6.64 -43.51
N THR C 246 -10.99 -7.32 -42.38
CA THR C 246 -9.86 -8.17 -42.06
C THR C 246 -9.81 -9.35 -43.02
N ILE C 247 -10.96 -9.76 -43.51
CA ILE C 247 -11.07 -10.90 -44.40
C ILE C 247 -10.33 -10.75 -45.74
N LYS C 248 -10.35 -9.57 -46.33
CA LYS C 248 -9.67 -9.41 -47.60
C LYS C 248 -8.22 -9.74 -47.39
N ALA C 249 -7.68 -9.27 -46.28
CA ALA C 249 -6.28 -9.53 -45.95
C ALA C 249 -5.94 -10.98 -45.71
N GLU C 250 -6.80 -11.69 -44.97
CA GLU C 250 -6.53 -13.07 -44.65
C GLU C 250 -6.50 -13.94 -45.90
N ARG C 251 -7.46 -13.73 -46.79
CA ARG C 251 -7.52 -14.51 -48.00
C ARG C 251 -6.28 -14.26 -48.84
N ALA C 252 -5.85 -13.01 -48.88
CA ALA C 252 -4.67 -12.68 -49.64
C ALA C 252 -3.45 -13.37 -49.10
N LEU C 253 -3.26 -13.37 -47.78
CA LEU C 253 -2.11 -14.02 -47.22
C LEU C 253 -2.34 -15.52 -47.03
N SER C 254 -3.55 -15.95 -47.33
CA SER C 254 -3.96 -17.34 -47.25
C SER C 254 -3.78 -17.92 -45.87
N ILE C 255 -4.09 -17.14 -44.86
CA ILE C 255 -3.95 -17.60 -43.49
C ILE C 255 -5.17 -17.19 -42.70
N ASP C 256 -5.57 -18.01 -41.73
CA ASP C 256 -6.70 -17.65 -40.89
C ASP C 256 -6.29 -17.87 -39.44
N PRO C 257 -6.09 -16.78 -38.70
CA PRO C 257 -5.68 -16.88 -37.31
C PRO C 257 -6.78 -17.44 -36.43
N THR C 258 -6.40 -18.32 -35.51
CA THR C 258 -7.38 -18.95 -34.64
C THR C 258 -8.10 -17.95 -33.76
N GLY C 259 -7.35 -17.04 -33.17
CA GLY C 259 -7.91 -16.05 -32.27
C GLY C 259 -8.86 -15.12 -32.97
N LEU C 260 -8.47 -14.76 -34.18
CA LEU C 260 -9.23 -13.86 -35.05
C LEU C 260 -10.47 -14.56 -35.58
N MET C 261 -10.33 -15.83 -35.95
CA MET C 261 -11.45 -16.61 -36.45
C MET C 261 -12.57 -16.67 -35.41
N LEU C 262 -12.29 -17.17 -34.23
CA LEU C 262 -13.35 -17.32 -33.25
C LEU C 262 -13.99 -15.99 -32.97
N ALA C 263 -13.17 -14.97 -32.81
CA ALA C 263 -13.70 -13.66 -32.54
C ALA C 263 -14.55 -13.23 -33.71
N SER C 264 -14.07 -13.52 -34.90
CA SER C 264 -14.78 -13.13 -36.11
C SER C 264 -16.15 -13.75 -36.22
N ILE C 265 -16.24 -15.06 -35.96
CA ILE C 265 -17.52 -15.76 -36.02
C ILE C 265 -18.51 -15.38 -34.93
N MET C 266 -18.00 -15.28 -33.72
CA MET C 266 -18.81 -14.96 -32.54
C MET C 266 -19.32 -13.52 -32.49
N SER C 267 -18.61 -12.60 -33.11
CA SER C 267 -19.01 -11.20 -33.08
C SER C 267 -20.38 -11.01 -33.72
N LYS C 268 -20.62 -11.66 -34.85
CA LYS C 268 -21.91 -11.55 -35.50
C LYS C 268 -22.95 -12.13 -34.56
N LYS C 269 -22.60 -13.23 -33.90
CA LYS C 269 -23.53 -13.85 -32.98
C LYS C 269 -23.84 -12.96 -31.80
N TYR C 270 -22.82 -12.31 -31.25
CA TYR C 270 -23.01 -11.42 -30.13
C TYR C 270 -23.87 -10.25 -30.56
N ALA C 271 -23.63 -9.79 -31.78
CA ALA C 271 -24.37 -8.66 -32.35
C ALA C 271 -25.86 -8.92 -32.51
N MET C 272 -26.18 -10.12 -32.99
CA MET C 272 -27.55 -10.58 -33.24
C MET C 272 -28.28 -10.92 -31.96
N GLY C 273 -27.55 -11.02 -30.86
CA GLY C 273 -28.15 -11.35 -29.58
C GLY C 273 -28.47 -12.83 -29.46
N SER C 274 -27.79 -13.66 -30.25
CA SER C 274 -28.04 -15.09 -30.16
C SER C 274 -27.68 -15.55 -28.77
N GLN C 275 -28.54 -16.35 -28.17
CA GLN C 275 -28.29 -16.84 -26.83
C GLN C 275 -27.76 -18.25 -26.81
N TYR C 276 -28.28 -19.10 -27.70
CA TYR C 276 -27.79 -20.46 -27.80
C TYR C 276 -27.21 -20.67 -29.17
N VAL C 277 -25.93 -21.03 -29.22
CA VAL C 277 -25.23 -21.16 -30.48
C VAL C 277 -24.70 -22.56 -30.68
N LEU C 278 -24.88 -23.12 -31.86
CA LEU C 278 -24.39 -24.45 -32.15
C LEU C 278 -23.38 -24.36 -33.27
N ILE C 279 -22.21 -24.91 -33.06
CA ILE C 279 -21.15 -24.81 -34.05
C ILE C 279 -20.81 -26.16 -34.63
N ASP C 280 -20.73 -26.24 -35.95
CA ASP C 280 -20.41 -27.49 -36.60
C ASP C 280 -19.03 -27.42 -37.21
N ILE C 281 -18.11 -28.24 -36.73
CA ILE C 281 -16.75 -28.25 -37.24
C ILE C 281 -16.50 -29.44 -38.14
N PRO C 282 -16.54 -29.23 -39.46
CA PRO C 282 -16.31 -30.30 -40.41
C PRO C 282 -14.82 -30.66 -40.39
N THR C 283 -14.51 -31.84 -39.85
CA THR C 283 -13.14 -32.31 -39.74
C THR C 283 -12.88 -33.37 -40.81
N GLY C 284 -11.74 -33.29 -41.48
CA GLY C 284 -11.41 -34.26 -42.52
C GLY C 284 -10.42 -33.70 -43.51
N LYS C 285 -9.89 -34.55 -44.38
CA LYS C 285 -8.91 -34.13 -45.39
C LYS C 285 -9.49 -33.08 -46.33
N GLY C 286 -8.76 -32.00 -46.55
CA GLY C 286 -9.26 -30.98 -47.45
C GLY C 286 -10.39 -30.16 -46.88
N VAL C 287 -10.38 -29.95 -45.58
CA VAL C 287 -11.38 -29.16 -44.89
C VAL C 287 -10.58 -28.19 -44.04
N LYS C 288 -11.21 -27.14 -43.54
CA LYS C 288 -10.45 -26.17 -42.77
C LYS C 288 -9.82 -26.82 -41.55
N VAL C 289 -10.57 -27.65 -40.84
CA VAL C 289 -10.01 -28.33 -39.69
C VAL C 289 -9.80 -29.77 -40.09
N GLU C 290 -8.57 -30.08 -40.47
CA GLU C 290 -8.19 -31.42 -40.93
C GLU C 290 -8.24 -32.54 -39.91
N THR C 291 -7.84 -32.25 -38.69
CA THR C 291 -7.77 -33.26 -37.64
C THR C 291 -8.80 -33.11 -36.54
N VAL C 292 -9.29 -34.24 -36.05
CA VAL C 292 -10.26 -34.26 -34.98
C VAL C 292 -9.67 -33.62 -33.75
N GLU C 293 -8.38 -33.86 -33.52
CA GLU C 293 -7.71 -33.30 -32.37
C GLU C 293 -7.72 -31.79 -32.43
N GLU C 294 -7.47 -31.25 -33.62
CA GLU C 294 -7.47 -29.81 -33.79
C GLU C 294 -8.85 -29.29 -33.51
N ALA C 295 -9.84 -30.02 -33.99
CA ALA C 295 -11.25 -29.67 -33.83
C ALA C 295 -11.68 -29.68 -32.39
N ARG C 296 -11.18 -30.64 -31.64
CA ARG C 296 -11.50 -30.76 -30.22
C ARG C 296 -11.01 -29.53 -29.49
N SER C 297 -9.80 -29.09 -29.80
CA SER C 297 -9.25 -27.90 -29.17
C SER C 297 -10.08 -26.71 -29.55
N LEU C 298 -10.45 -26.64 -30.83
CA LEU C 298 -11.23 -25.54 -31.36
C LEU C 298 -12.59 -25.48 -30.69
N ALA C 299 -13.19 -26.64 -30.46
CA ALA C 299 -14.48 -26.73 -29.81
C ALA C 299 -14.41 -26.19 -28.38
N ARG C 300 -13.32 -26.50 -27.69
CA ARG C 300 -13.17 -26.06 -26.32
C ARG C 300 -13.17 -24.55 -26.26
N ASP C 301 -12.51 -23.92 -27.23
CA ASP C 301 -12.42 -22.47 -27.30
C ASP C 301 -13.75 -21.78 -27.52
N PHE C 302 -14.55 -22.32 -28.43
CA PHE C 302 -15.85 -21.70 -28.71
C PHE C 302 -16.75 -21.73 -27.50
N ILE C 303 -16.80 -22.87 -26.82
CA ILE C 303 -17.64 -22.99 -25.65
C ILE C 303 -17.14 -22.05 -24.57
N GLU C 304 -15.82 -22.02 -24.41
CA GLU C 304 -15.19 -21.13 -23.44
C GLU C 304 -15.37 -19.67 -23.80
N LEU C 305 -15.24 -19.35 -25.09
CA LEU C 305 -15.38 -17.97 -25.55
C LEU C 305 -16.79 -17.48 -25.28
N GLY C 306 -17.75 -18.36 -25.51
CA GLY C 306 -19.14 -18.04 -25.30
C GLY C 306 -19.44 -17.73 -23.86
N LYS C 307 -18.79 -18.44 -22.94
CA LYS C 307 -19.08 -18.19 -21.55
C LYS C 307 -18.77 -16.75 -21.21
N ARG C 308 -17.67 -16.24 -21.76
CA ARG C 308 -17.25 -14.87 -21.52
C ARG C 308 -18.29 -13.90 -22.04
N LEU C 309 -18.91 -14.26 -23.16
CA LEU C 309 -19.92 -13.45 -23.80
C LEU C 309 -21.32 -13.81 -23.36
N GLY C 310 -21.43 -14.65 -22.34
CA GLY C 310 -22.74 -15.06 -21.85
C GLY C 310 -23.63 -15.80 -22.82
N GLN C 311 -23.04 -16.70 -23.58
CA GLN C 311 -23.78 -17.50 -24.55
C GLN C 311 -23.54 -18.98 -24.29
N TYR C 312 -24.55 -19.81 -24.49
CA TYR C 312 -24.38 -21.24 -24.29
C TYR C 312 -24.01 -21.82 -25.64
N VAL C 313 -22.80 -22.32 -25.75
CA VAL C 313 -22.33 -22.88 -27.01
C VAL C 313 -22.15 -24.37 -26.98
N GLU C 314 -22.64 -25.04 -28.01
CA GLU C 314 -22.49 -26.47 -28.14
C GLU C 314 -21.88 -26.77 -29.48
N VAL C 315 -20.87 -27.63 -29.50
CA VAL C 315 -20.16 -27.97 -30.72
C VAL C 315 -20.28 -29.43 -31.11
N ALA C 316 -20.53 -29.66 -32.39
CA ALA C 316 -20.64 -31.01 -32.93
C ALA C 316 -19.54 -31.17 -33.95
N ILE C 317 -18.79 -32.26 -33.85
CA ILE C 317 -17.70 -32.49 -34.78
C ILE C 317 -18.16 -33.51 -35.79
N THR C 318 -18.09 -33.15 -37.06
CA THR C 318 -18.55 -34.02 -38.13
C THR C 318 -17.54 -34.16 -39.24
N TYR C 319 -17.73 -35.23 -40.00
CA TYR C 319 -16.86 -35.61 -41.10
C TYR C 319 -17.02 -34.71 -42.32
N GLY C 320 -15.90 -34.22 -42.84
CA GLY C 320 -15.89 -33.34 -44.00
C GLY C 320 -15.12 -33.92 -45.17
N GLY C 321 -14.86 -35.22 -45.13
CA GLY C 321 -14.09 -35.89 -46.16
C GLY C 321 -14.67 -35.87 -47.56
N GLN C 322 -15.99 -36.01 -47.67
CA GLN C 322 -16.62 -36.03 -48.96
C GLN C 322 -17.68 -34.95 -49.01
N PRO C 323 -18.02 -34.48 -50.21
CA PRO C 323 -19.02 -33.44 -50.35
C PRO C 323 -20.36 -33.93 -49.86
N ILE C 324 -21.10 -33.07 -49.16
CA ILE C 324 -22.40 -33.45 -48.65
C ILE C 324 -23.40 -33.59 -49.77
N GLY C 325 -24.31 -34.54 -49.67
CA GLY C 325 -25.29 -34.71 -50.71
C GLY C 325 -24.54 -35.12 -51.95
N HIS C 326 -25.16 -34.94 -53.11
CA HIS C 326 -24.54 -35.27 -54.36
C HIS C 326 -24.44 -34.09 -55.27
N THR C 327 -24.58 -32.89 -54.70
CA THR C 327 -24.57 -31.68 -55.49
C THR C 327 -23.60 -30.61 -55.01
N VAL C 328 -23.13 -29.80 -55.96
CA VAL C 328 -22.22 -28.71 -55.68
C VAL C 328 -22.55 -27.58 -56.66
N GLY C 329 -22.62 -26.36 -56.17
CA GLY C 329 -22.99 -25.21 -56.98
C GLY C 329 -24.35 -24.74 -56.49
N PRO C 330 -24.64 -23.45 -56.65
CA PRO C 330 -25.89 -22.88 -56.13
C PRO C 330 -27.22 -23.39 -56.66
N ALA C 331 -27.39 -23.52 -57.96
CA ALA C 331 -28.66 -24.00 -58.48
C ALA C 331 -28.91 -25.45 -58.12
N LEU C 332 -27.88 -26.26 -58.27
CA LEU C 332 -27.96 -27.67 -57.97
C LEU C 332 -28.15 -27.92 -56.48
N GLU C 333 -27.40 -27.18 -55.67
CA GLU C 333 -27.51 -27.34 -54.24
C GLU C 333 -28.89 -26.96 -53.76
N ALA C 334 -29.42 -25.86 -54.29
CA ALA C 334 -30.74 -25.37 -53.89
C ALA C 334 -31.85 -26.34 -54.24
N ARG C 335 -31.76 -26.95 -55.42
CA ARG C 335 -32.78 -27.88 -55.82
C ARG C 335 -32.79 -29.07 -54.87
N GLU C 336 -31.59 -29.50 -54.51
CA GLU C 336 -31.42 -30.63 -53.60
C GLU C 336 -31.98 -30.36 -52.20
N ALA C 337 -31.70 -29.19 -51.67
CA ALA C 337 -32.19 -28.85 -50.35
C ALA C 337 -33.70 -28.71 -50.28
N LEU C 338 -34.28 -28.02 -51.26
CA LEU C 338 -35.72 -27.80 -51.29
C LEU C 338 -36.54 -29.05 -51.47
N SER C 339 -36.10 -29.91 -52.36
CA SER C 339 -36.81 -31.13 -52.63
C SER C 339 -36.84 -31.98 -51.39
N ALA C 340 -35.74 -32.00 -50.66
CA ALA C 340 -35.66 -32.77 -49.43
C ALA C 340 -36.66 -32.20 -48.44
N LEU C 341 -36.73 -30.89 -48.34
CA LEU C 341 -37.67 -30.30 -47.42
C LEU C 341 -39.09 -30.62 -47.85
N MET C 342 -39.38 -30.44 -49.13
CA MET C 342 -40.71 -30.71 -49.63
C MET C 342 -41.11 -32.18 -49.59
N THR C 343 -40.21 -33.03 -50.08
CA THR C 343 -40.44 -34.48 -50.08
C THR C 343 -40.37 -35.09 -48.70
N GLY C 344 -39.45 -34.59 -47.90
CA GLY C 344 -39.21 -35.09 -46.56
C GLY C 344 -38.22 -36.22 -46.73
N LYS C 345 -37.90 -36.50 -47.98
CA LYS C 345 -36.95 -37.55 -48.31
C LYS C 345 -35.78 -36.92 -49.02
N GLY C 346 -34.59 -37.19 -48.53
CA GLY C 346 -33.38 -36.62 -49.08
C GLY C 346 -32.21 -37.54 -48.95
N PRO C 347 -31.10 -37.17 -49.57
CA PRO C 347 -29.89 -37.97 -49.51
C PRO C 347 -29.50 -38.12 -48.06
N GLY C 348 -29.00 -39.29 -47.70
CA GLY C 348 -28.66 -39.57 -46.34
C GLY C 348 -27.61 -38.65 -45.79
N SER C 349 -26.63 -38.26 -46.60
CA SER C 349 -25.59 -37.41 -46.08
C SER C 349 -26.17 -36.09 -45.59
N LEU C 350 -27.05 -35.49 -46.38
CA LEU C 350 -27.69 -34.23 -46.01
C LEU C 350 -28.70 -34.30 -44.88
N ILE C 351 -29.58 -35.29 -44.92
CA ILE C 351 -30.61 -35.43 -43.92
C ILE C 351 -30.14 -35.77 -42.51
N GLU C 352 -29.23 -36.71 -42.39
CA GLU C 352 -28.79 -37.12 -41.07
C GLU C 352 -28.09 -36.00 -40.33
N LYS C 353 -27.21 -35.29 -41.01
CA LYS C 353 -26.51 -34.19 -40.40
C LYS C 353 -27.44 -33.05 -40.03
N ALA C 354 -28.36 -32.71 -40.93
CA ALA C 354 -29.27 -31.61 -40.66
C ALA C 354 -30.19 -31.88 -39.49
N THR C 355 -30.78 -33.07 -39.47
CA THR C 355 -31.68 -33.45 -38.39
C THR C 355 -30.95 -33.62 -37.07
N GLY C 356 -29.78 -34.23 -37.12
CA GLY C 356 -28.99 -34.42 -35.93
C GLY C 356 -28.58 -33.08 -35.40
N LEU C 357 -28.15 -32.19 -36.30
CA LEU C 357 -27.75 -30.85 -35.91
C LEU C 357 -28.95 -30.11 -35.39
N ALA C 358 -30.08 -30.29 -36.05
CA ALA C 358 -31.31 -29.64 -35.67
C ALA C 358 -31.74 -30.13 -34.29
N GLY C 359 -31.54 -31.42 -34.05
CA GLY C 359 -31.90 -32.02 -32.79
C GLY C 359 -31.13 -31.42 -31.63
N ILE C 360 -29.86 -31.14 -31.83
CA ILE C 360 -29.09 -30.56 -30.76
C ILE C 360 -29.70 -29.21 -30.43
N LEU C 361 -30.08 -28.46 -31.45
CA LEU C 361 -30.70 -27.15 -31.25
C LEU C 361 -32.04 -27.26 -30.55
N LEU C 362 -32.84 -28.24 -30.93
CA LEU C 362 -34.14 -28.42 -30.30
C LEU C 362 -33.96 -28.75 -28.83
N GLU C 363 -33.00 -29.63 -28.53
CA GLU C 363 -32.73 -30.01 -27.16
C GLU C 363 -32.23 -28.82 -26.37
N MET C 364 -31.38 -28.01 -26.98
CA MET C 364 -30.89 -26.80 -26.33
C MET C 364 -32.09 -25.90 -26.08
N GLY C 365 -33.01 -25.92 -27.03
CA GLY C 365 -34.24 -25.13 -27.01
C GLY C 365 -35.18 -25.43 -25.87
N GLY C 366 -35.24 -26.69 -25.47
CA GLY C 366 -36.13 -27.12 -24.41
C GLY C 366 -37.38 -27.72 -24.98
N VAL C 367 -37.48 -27.67 -26.30
CA VAL C 367 -38.59 -28.26 -27.01
C VAL C 367 -38.58 -29.78 -26.85
N ALA C 368 -37.39 -30.35 -26.87
CA ALA C 368 -37.22 -31.80 -26.77
C ALA C 368 -36.37 -32.24 -25.59
N PRO C 369 -36.80 -33.31 -24.93
CA PRO C 369 -36.09 -33.86 -23.78
C PRO C 369 -34.77 -34.46 -24.24
N ALA C 370 -33.79 -34.60 -23.36
CA ALA C 370 -32.50 -35.10 -23.81
C ALA C 370 -32.63 -36.46 -24.48
N GLY C 371 -31.94 -36.59 -25.61
CA GLY C 371 -31.90 -37.79 -26.42
C GLY C 371 -33.02 -37.89 -27.43
N THR C 372 -33.98 -36.98 -27.36
CA THR C 372 -35.11 -36.98 -28.29
C THR C 372 -35.06 -35.93 -29.39
N GLY C 373 -33.99 -35.14 -29.44
CA GLY C 373 -33.90 -34.10 -30.44
C GLY C 373 -33.85 -34.53 -31.90
N LYS C 374 -33.06 -35.55 -32.21
CA LYS C 374 -32.98 -36.03 -33.58
C LYS C 374 -34.29 -36.64 -34.04
N LYS C 375 -34.93 -37.39 -33.15
CA LYS C 375 -36.20 -38.00 -33.48
C LYS C 375 -37.25 -36.94 -33.74
N MET C 376 -37.25 -35.91 -32.91
CA MET C 376 -38.19 -34.81 -33.07
C MET C 376 -37.92 -34.08 -34.35
N ALA C 377 -36.65 -33.94 -34.69
CA ALA C 377 -36.27 -33.24 -35.90
C ALA C 377 -36.83 -33.97 -37.11
N LYS C 378 -36.74 -35.29 -37.11
CA LYS C 378 -37.25 -36.08 -38.21
C LYS C 378 -38.77 -35.95 -38.36
N GLU C 379 -39.49 -35.90 -37.26
CA GLU C 379 -40.93 -35.78 -37.35
C GLU C 379 -41.26 -34.48 -38.05
N ILE C 380 -40.55 -33.43 -37.69
CA ILE C 380 -40.80 -32.15 -38.33
C ILE C 380 -40.50 -32.18 -39.81
N LEU C 381 -39.34 -32.71 -40.19
CA LEU C 381 -39.00 -32.76 -41.60
C LEU C 381 -39.95 -33.65 -42.38
N GLU C 382 -40.22 -34.83 -41.83
CA GLU C 382 -41.11 -35.80 -42.45
C GLU C 382 -42.55 -35.32 -42.50
N SER C 383 -42.98 -34.66 -41.43
CA SER C 383 -44.32 -34.15 -41.32
C SER C 383 -44.60 -33.17 -42.41
N GLY C 384 -43.59 -32.41 -42.79
CA GLY C 384 -43.73 -31.40 -43.81
C GLY C 384 -43.97 -30.08 -43.13
N LYS C 385 -43.96 -30.11 -41.82
CA LYS C 385 -44.16 -28.91 -41.04
C LYS C 385 -43.00 -28.02 -41.40
N ALA C 386 -41.83 -28.60 -41.57
CA ALA C 386 -40.63 -27.85 -41.92
C ALA C 386 -40.76 -27.18 -43.27
N TRP C 387 -41.27 -27.90 -44.25
CA TRP C 387 -41.42 -27.34 -45.56
C TRP C 387 -42.39 -26.21 -45.47
N GLU C 388 -43.46 -26.41 -44.73
CA GLU C 388 -44.43 -25.35 -44.60
C GLU C 388 -43.68 -24.20 -43.96
N LYS C 389 -42.85 -24.49 -42.97
CA LYS C 389 -42.12 -23.39 -42.37
C LYS C 389 -41.19 -22.67 -43.34
N MET C 390 -40.56 -23.43 -44.24
CA MET C 390 -39.65 -22.81 -45.21
C MET C 390 -40.35 -21.84 -46.15
N LYS C 391 -41.56 -22.19 -46.58
CA LYS C 391 -42.32 -21.35 -47.48
C LYS C 391 -42.62 -20.00 -46.84
N GLU C 392 -42.90 -20.00 -45.56
CA GLU C 392 -43.17 -18.76 -44.87
C GLU C 392 -41.93 -17.89 -44.93
N ILE C 393 -40.76 -18.51 -44.77
CA ILE C 393 -39.51 -17.76 -44.82
C ILE C 393 -39.32 -17.10 -46.17
N ILE C 394 -39.60 -17.85 -47.23
CA ILE C 394 -39.48 -17.35 -48.59
C ILE C 394 -40.45 -16.22 -48.92
N GLU C 395 -41.70 -16.38 -48.50
CA GLU C 395 -42.70 -15.38 -48.80
C GLU C 395 -42.33 -14.06 -48.16
N ALA C 396 -41.92 -14.10 -46.91
CA ALA C 396 -41.53 -12.88 -46.21
C ALA C 396 -40.34 -12.35 -46.95
N GLN C 397 -39.47 -13.27 -47.33
CA GLN C 397 -38.29 -12.96 -48.09
C GLN C 397 -38.72 -12.42 -49.44
N GLY C 398 -39.81 -12.97 -49.98
CA GLY C 398 -40.26 -12.53 -51.29
C GLY C 398 -40.17 -13.50 -52.44
N GLY C 399 -40.54 -14.76 -52.21
CA GLY C 399 -40.49 -15.75 -53.28
C GLY C 399 -41.77 -16.56 -53.31
N ASP C 400 -41.97 -17.35 -54.37
CA ASP C 400 -43.17 -18.15 -54.44
C ASP C 400 -43.14 -19.39 -53.57
N PRO C 401 -44.02 -19.45 -52.56
CA PRO C 401 -44.06 -20.60 -51.68
C PRO C 401 -44.55 -21.77 -52.52
N ASN C 402 -45.08 -21.42 -53.69
CA ASN C 402 -45.62 -22.41 -54.61
C ASN C 402 -44.60 -22.93 -55.60
N ILE C 403 -43.37 -22.48 -55.45
CA ILE C 403 -42.30 -22.86 -56.34
C ILE C 403 -42.02 -24.35 -56.24
N LYS C 404 -41.68 -24.96 -57.36
CA LYS C 404 -41.36 -26.37 -57.40
C LYS C 404 -39.89 -26.45 -57.73
N PRO C 405 -39.15 -27.18 -56.91
CA PRO C 405 -37.69 -27.31 -57.06
C PRO C 405 -37.29 -27.94 -58.38
N GLU C 406 -38.05 -28.90 -58.85
CA GLU C 406 -37.70 -29.55 -60.11
C GLU C 406 -37.69 -28.44 -61.15
N GLU C 407 -38.55 -27.45 -60.94
CA GLU C 407 -38.66 -26.31 -61.84
C GLU C 407 -37.37 -25.49 -61.93
N ILE C 408 -36.63 -25.41 -60.84
CA ILE C 408 -35.39 -24.63 -60.85
C ILE C 408 -34.48 -25.19 -61.92
N PRO C 409 -33.76 -24.32 -62.62
CA PRO C 409 -32.93 -24.74 -63.74
C PRO C 409 -31.42 -24.84 -63.53
N ILE C 410 -30.90 -26.01 -63.87
CA ILE C 410 -29.49 -26.33 -63.83
C ILE C 410 -28.92 -25.81 -65.15
N GLY C 411 -27.60 -25.76 -65.27
CA GLY C 411 -26.97 -25.26 -66.49
C GLY C 411 -27.25 -26.05 -67.76
N ASP C 412 -27.42 -25.32 -68.86
CA ASP C 412 -27.71 -25.90 -70.18
C ASP C 412 -26.62 -26.80 -70.78
N LYS C 413 -25.37 -26.41 -70.65
CA LYS C 413 -24.29 -27.20 -71.24
C LYS C 413 -23.70 -28.10 -70.18
N THR C 414 -23.72 -29.40 -70.45
CA THR C 414 -23.22 -30.37 -69.49
C THR C 414 -22.35 -31.47 -70.08
N TYR C 415 -21.41 -31.94 -69.28
CA TYR C 415 -20.53 -33.04 -69.65
C TYR C 415 -20.48 -34.02 -68.48
N THR C 416 -20.42 -35.31 -68.79
CA THR C 416 -20.38 -36.32 -67.74
C THR C 416 -19.11 -37.16 -67.79
N PHE C 417 -18.60 -37.51 -66.62
CA PHE C 417 -17.41 -38.34 -66.51
C PHE C 417 -17.81 -39.76 -66.12
N THR C 418 -17.16 -40.72 -66.74
CA THR C 418 -17.46 -42.13 -66.52
C THR C 418 -16.26 -42.83 -65.90
N ALA C 419 -16.50 -43.94 -65.21
CA ALA C 419 -15.41 -44.64 -64.57
C ALA C 419 -14.42 -45.28 -65.54
N ALA C 420 -13.14 -44.96 -65.35
CA ALA C 420 -12.05 -45.50 -66.14
C ALA C 420 -11.83 -46.99 -65.89
N THR C 421 -11.94 -47.40 -64.63
CA THR C 421 -11.72 -48.78 -64.24
C THR C 421 -12.70 -49.25 -63.19
N SER C 422 -12.96 -50.56 -63.16
CA SER C 422 -13.87 -51.15 -62.19
C SER C 422 -13.24 -51.11 -60.80
N GLY C 423 -14.04 -50.88 -59.77
CA GLY C 423 -13.52 -50.82 -58.42
C GLY C 423 -14.45 -50.14 -57.43
N TYR C 424 -13.88 -49.78 -56.28
CA TYR C 424 -14.60 -49.09 -55.23
C TYR C 424 -13.99 -47.71 -55.06
N VAL C 425 -14.80 -46.70 -54.79
CA VAL C 425 -14.27 -45.35 -54.65
C VAL C 425 -13.61 -45.08 -53.31
N THR C 426 -12.28 -45.02 -53.34
CA THR C 426 -11.50 -44.78 -52.14
C THR C 426 -11.65 -43.40 -51.52
N ALA C 427 -11.64 -42.37 -52.35
CA ALA C 427 -11.77 -41.01 -51.84
C ALA C 427 -12.22 -39.98 -52.86
N ILE C 428 -12.78 -38.89 -52.36
CA ILE C 428 -13.22 -37.79 -53.20
C ILE C 428 -12.46 -36.57 -52.73
N ASP C 429 -11.82 -35.86 -53.65
CA ASP C 429 -11.04 -34.70 -53.26
C ASP C 429 -11.89 -33.45 -53.25
N ASN C 430 -12.00 -32.84 -52.07
CA ASN C 430 -12.79 -31.63 -51.93
C ASN C 430 -12.21 -30.45 -52.68
N ARG C 431 -10.89 -30.29 -52.63
CA ARG C 431 -10.27 -29.17 -53.30
C ARG C 431 -10.53 -29.26 -54.79
N ALA C 432 -10.38 -30.45 -55.34
CA ALA C 432 -10.61 -30.69 -56.75
C ALA C 432 -12.07 -30.51 -57.18
N ILE C 433 -13.01 -31.01 -56.40
CA ILE C 433 -14.41 -30.90 -56.76
C ILE C 433 -14.87 -29.46 -56.81
N THR C 434 -14.51 -28.68 -55.80
CA THR C 434 -14.88 -27.28 -55.75
C THR C 434 -14.22 -26.42 -56.81
N ALA C 435 -12.95 -26.70 -57.08
CA ALA C 435 -12.19 -25.97 -58.07
C ALA C 435 -12.81 -26.18 -59.42
N ILE C 436 -13.25 -27.40 -59.69
CA ILE C 436 -13.89 -27.72 -60.95
C ILE C 436 -15.18 -26.93 -61.07
N ALA C 437 -15.92 -26.88 -59.97
CA ALA C 437 -17.19 -26.16 -59.90
C ALA C 437 -17.02 -24.67 -60.10
N ARG C 438 -15.97 -24.11 -59.49
CA ARG C 438 -15.68 -22.69 -59.62
C ARG C 438 -15.38 -22.42 -61.07
N ALA C 439 -14.72 -23.39 -61.70
CA ALA C 439 -14.35 -23.33 -63.11
C ALA C 439 -15.55 -23.27 -64.02
N ALA C 440 -16.61 -23.96 -63.63
CA ALA C 440 -17.85 -24.02 -64.39
C ALA C 440 -18.50 -22.66 -64.34
N GLY C 441 -17.96 -21.81 -63.49
CA GLY C 441 -18.44 -20.46 -63.30
C GLY C 441 -19.18 -20.19 -62.02
N ALA C 442 -19.44 -21.21 -61.22
CA ALA C 442 -20.10 -21.01 -59.96
C ALA C 442 -19.08 -20.22 -59.15
N PRO C 443 -19.51 -19.41 -58.19
CA PRO C 443 -20.91 -19.24 -57.81
C PRO C 443 -21.58 -18.10 -58.53
N GLU C 444 -20.85 -17.40 -59.39
CA GLU C 444 -21.43 -16.28 -60.10
C GLU C 444 -22.58 -16.75 -60.97
N ASP C 445 -22.43 -17.91 -61.58
CA ASP C 445 -23.50 -18.45 -62.41
C ASP C 445 -24.17 -19.59 -61.65
N LYS C 446 -25.45 -19.41 -61.34
CA LYS C 446 -26.21 -20.38 -60.59
C LYS C 446 -26.31 -21.70 -61.33
N GLY C 447 -26.42 -21.63 -62.65
CA GLY C 447 -26.55 -22.83 -63.45
C GLY C 447 -25.36 -23.74 -63.30
N ALA C 448 -24.18 -23.16 -63.18
CA ALA C 448 -22.92 -23.91 -63.04
C ALA C 448 -22.81 -24.73 -61.75
N GLY C 449 -22.23 -25.93 -61.86
CA GLY C 449 -22.07 -26.78 -60.70
C GLY C 449 -21.67 -28.22 -61.03
N ILE C 450 -21.71 -29.08 -60.02
CA ILE C 450 -21.38 -30.48 -60.18
C ILE C 450 -22.39 -31.37 -59.47
N GLU C 451 -22.69 -32.52 -60.08
CA GLU C 451 -23.59 -33.49 -59.48
C GLU C 451 -22.86 -34.81 -59.44
N LEU C 452 -22.88 -35.50 -58.30
CA LEU C 452 -22.19 -36.77 -58.16
C LEU C 452 -23.14 -37.92 -57.94
N TYR C 453 -22.96 -38.96 -58.73
CA TYR C 453 -23.79 -40.14 -58.63
C TYR C 453 -23.22 -41.19 -57.69
N VAL C 454 -22.04 -40.91 -57.15
CA VAL C 454 -21.36 -41.84 -56.27
C VAL C 454 -20.94 -41.22 -54.94
N LYS C 455 -20.79 -42.07 -53.94
CA LYS C 455 -20.39 -41.65 -52.61
C LYS C 455 -19.22 -42.53 -52.22
N VAL C 456 -18.41 -42.08 -51.27
CA VAL C 456 -17.26 -42.87 -50.86
C VAL C 456 -17.67 -44.20 -50.25
N GLY C 457 -16.91 -45.23 -50.56
CA GLY C 457 -17.19 -46.57 -50.08
C GLY C 457 -18.14 -47.27 -51.02
N GLU C 458 -18.58 -46.53 -52.03
CA GLU C 458 -19.49 -47.06 -53.03
C GLU C 458 -18.75 -47.94 -54.01
N LYS C 459 -19.47 -48.87 -54.63
CA LYS C 459 -18.87 -49.78 -55.60
C LYS C 459 -19.31 -49.38 -56.99
N VAL C 460 -18.35 -49.10 -57.86
CA VAL C 460 -18.66 -48.67 -59.22
C VAL C 460 -18.07 -49.55 -60.31
N LYS C 461 -18.92 -49.98 -61.24
CA LYS C 461 -18.49 -50.78 -62.38
C LYS C 461 -17.95 -49.85 -63.45
N GLU C 462 -17.08 -50.35 -64.31
CA GLU C 462 -16.51 -49.53 -65.36
C GLU C 462 -17.58 -49.00 -66.29
N GLY C 463 -17.42 -47.78 -66.75
CA GLY C 463 -18.39 -47.15 -67.62
C GLY C 463 -19.46 -46.40 -66.86
N ASP C 464 -19.41 -46.50 -65.54
CA ASP C 464 -20.37 -45.80 -64.69
C ASP C 464 -20.05 -44.32 -64.72
N PRO C 465 -21.07 -43.48 -64.50
CA PRO C 465 -20.86 -42.03 -64.51
C PRO C 465 -20.65 -41.48 -63.10
N LEU C 466 -19.42 -41.09 -62.80
CA LEU C 466 -19.10 -40.56 -61.48
C LEU C 466 -19.75 -39.22 -61.17
N PHE C 467 -19.71 -38.30 -62.12
CA PHE C 467 -20.30 -36.99 -61.91
C PHE C 467 -20.60 -36.25 -63.20
N THR C 468 -21.50 -35.29 -63.10
CA THR C 468 -21.90 -34.49 -64.25
C THR C 468 -21.58 -33.04 -64.01
N ILE C 469 -20.99 -32.39 -64.98
CA ILE C 469 -20.62 -31.00 -64.86
C ILE C 469 -21.65 -30.13 -65.55
N HIS C 470 -22.11 -29.08 -64.85
CA HIS C 470 -23.10 -28.18 -65.41
C HIS C 470 -22.57 -26.80 -65.60
N ALA C 471 -22.70 -26.27 -66.80
CA ALA C 471 -22.21 -24.93 -67.06
C ALA C 471 -23.12 -24.11 -67.95
N GLU C 472 -23.30 -22.84 -67.61
CA GLU C 472 -24.09 -21.94 -68.43
C GLU C 472 -23.41 -21.62 -69.75
N HIS C 473 -22.08 -21.48 -69.70
CA HIS C 473 -21.26 -21.15 -70.86
C HIS C 473 -20.29 -22.22 -71.25
N GLU C 474 -20.22 -22.52 -72.54
CA GLU C 474 -19.32 -23.53 -73.06
C GLU C 474 -17.84 -23.20 -72.83
N ALA C 475 -17.48 -21.95 -72.92
CA ALA C 475 -16.09 -21.58 -72.72
C ALA C 475 -15.69 -21.99 -71.32
N ARG C 476 -16.58 -21.73 -70.36
CA ARG C 476 -16.36 -22.10 -68.98
C ARG C 476 -16.34 -23.61 -68.78
N LEU C 477 -17.23 -24.31 -69.46
CA LEU C 477 -17.32 -25.76 -69.32
C LEU C 477 -16.06 -26.49 -69.79
N ASP C 478 -15.50 -26.06 -70.91
CA ASP C 478 -14.29 -26.69 -71.40
C ASP C 478 -13.15 -26.48 -70.42
N GLN C 479 -13.09 -25.30 -69.82
CA GLN C 479 -12.05 -25.02 -68.86
C GLN C 479 -12.17 -25.97 -67.67
N ALA C 480 -13.39 -26.18 -67.21
CA ALA C 480 -13.64 -27.07 -66.09
C ALA C 480 -13.28 -28.50 -66.41
N ILE C 481 -13.60 -28.94 -67.61
CA ILE C 481 -13.31 -30.31 -68.01
C ILE C 481 -11.82 -30.59 -68.00
N VAL C 482 -11.04 -29.62 -68.44
CA VAL C 482 -9.60 -29.83 -68.47
C VAL C 482 -9.10 -30.04 -67.05
N LEU C 483 -9.57 -29.22 -66.12
CA LEU C 483 -9.13 -29.35 -64.74
C LEU C 483 -9.55 -30.69 -64.19
N ALA C 484 -10.75 -31.13 -64.52
CA ALA C 484 -11.26 -32.40 -64.02
C ALA C 484 -10.46 -33.61 -64.45
N ARG C 485 -10.05 -33.66 -65.71
CA ARG C 485 -9.27 -34.79 -66.16
C ARG C 485 -7.94 -34.81 -65.44
N ARG C 486 -7.32 -33.64 -65.34
CA ARG C 486 -6.03 -33.50 -64.67
C ARG C 486 -6.12 -33.78 -63.18
N THR C 487 -7.16 -33.26 -62.55
CA THR C 487 -7.39 -33.43 -61.13
C THR C 487 -7.68 -34.83 -60.62
N GLU C 488 -8.44 -35.63 -61.37
CA GLU C 488 -8.77 -36.97 -60.90
C GLU C 488 -9.38 -36.87 -59.52
N PRO C 489 -10.44 -36.09 -59.43
CA PRO C 489 -11.13 -35.83 -58.17
C PRO C 489 -11.64 -37.09 -57.53
N ILE C 490 -12.13 -38.04 -58.32
CA ILE C 490 -12.64 -39.29 -57.77
C ILE C 490 -11.66 -40.43 -57.96
N ARG C 491 -11.28 -41.08 -56.86
CA ARG C 491 -10.33 -42.17 -56.89
C ARG C 491 -10.94 -43.52 -56.57
N ILE C 492 -10.65 -44.49 -57.44
CA ILE C 492 -11.16 -45.84 -57.31
C ILE C 492 -10.01 -46.82 -57.18
N GLU C 493 -10.13 -47.75 -56.26
CA GLU C 493 -9.07 -48.75 -56.07
C GLU C 493 -9.62 -50.14 -55.77
N MET D 1 13.65 -48.43 22.02
CA MET D 1 13.46 -49.01 23.34
C MET D 1 12.04 -49.52 23.49
N LYS D 2 11.90 -50.71 24.06
CA LYS D 2 10.60 -51.30 24.27
C LYS D 2 10.32 -51.21 25.76
N ALA D 3 9.13 -50.76 26.11
CA ALA D 3 8.75 -50.61 27.50
C ALA D 3 7.27 -50.85 27.65
N LYS D 4 6.81 -51.07 28.88
CA LYS D 4 5.40 -51.35 29.11
C LYS D 4 4.68 -50.13 29.70
N ILE D 5 3.58 -49.73 29.06
CA ILE D 5 2.83 -48.56 29.49
C ILE D 5 2.20 -48.67 30.87
N ARG D 6 2.32 -47.60 31.64
CA ARG D 6 1.74 -47.52 32.97
C ARG D 6 0.96 -46.21 33.07
N ILE D 7 -0.35 -46.28 33.33
CA ILE D 7 -1.17 -45.06 33.44
C ILE D 7 -0.91 -44.30 34.73
N LEU D 8 -0.87 -42.98 34.68
CA LEU D 8 -0.62 -42.16 35.87
C LEU D 8 -1.74 -41.18 36.23
N ASP D 9 -2.12 -41.15 37.48
CA ASP D 9 -3.27 -40.34 37.84
C ASP D 9 -2.86 -38.89 37.97
N MET D 10 -2.45 -38.33 36.84
CA MET D 10 -2.14 -36.92 36.75
C MET D 10 -2.59 -36.41 35.40
N PHE D 11 -3.07 -35.19 35.35
CA PHE D 11 -3.39 -34.56 34.07
C PHE D 11 -2.46 -33.39 33.92
N SER D 12 -1.60 -33.44 32.91
CA SER D 12 -0.60 -32.40 32.72
C SER D 12 -1.06 -31.27 31.82
N GLY D 13 -2.19 -31.46 31.16
CA GLY D 13 -2.71 -30.45 30.25
C GLY D 13 -1.94 -30.63 28.98
N ARG D 14 -1.04 -31.59 29.03
CA ARG D 14 -0.19 -31.95 27.91
C ARG D 14 0.00 -33.45 28.00
N TYR D 15 0.42 -34.07 26.90
CA TYR D 15 0.69 -35.50 26.94
C TYR D 15 2.05 -35.66 27.56
N THR D 16 2.13 -36.41 28.65
CA THR D 16 3.38 -36.56 29.36
C THR D 16 3.83 -38.00 29.44
N VAL D 17 5.10 -38.22 29.15
CA VAL D 17 5.67 -39.56 29.19
C VAL D 17 6.75 -39.59 30.24
N LEU D 18 6.72 -40.60 31.10
CA LEU D 18 7.71 -40.71 32.17
C LEU D 18 8.71 -41.80 31.82
N ILE D 19 9.99 -41.47 31.95
CA ILE D 19 11.03 -42.40 31.56
C ILE D 19 12.04 -42.59 32.69
N ASN D 20 12.60 -43.80 32.78
CA ASN D 20 13.59 -44.10 33.78
C ASN D 20 14.85 -43.30 33.49
N GLU D 21 15.54 -42.85 34.53
CA GLU D 21 16.76 -42.10 34.33
C GLU D 21 17.80 -42.91 33.57
N GLU D 22 17.95 -44.18 33.95
CA GLU D 22 18.90 -45.06 33.26
C GLU D 22 18.48 -45.37 31.83
N ASP D 23 17.20 -45.63 31.64
CA ASP D 23 16.67 -45.93 30.32
C ASP D 23 16.83 -44.72 29.43
N ALA D 24 16.57 -43.56 30.00
CA ALA D 24 16.71 -42.32 29.28
C ALA D 24 18.15 -42.11 28.88
N LYS D 25 19.08 -42.45 29.76
CA LYS D 25 20.49 -42.26 29.48
C LYS D 25 20.94 -43.05 28.27
N GLU D 26 20.53 -44.31 28.18
CA GLU D 26 20.90 -45.12 27.01
C GLU D 26 20.27 -44.46 25.81
N ALA D 27 19.04 -44.02 26.00
CA ALA D 27 18.25 -43.35 24.97
C ALA D 27 18.81 -41.99 24.55
N LYS D 28 19.34 -41.25 25.51
CA LYS D 28 19.85 -39.92 25.21
C LYS D 28 18.77 -38.88 25.40
N LEU D 29 17.62 -39.32 25.89
CA LEU D 29 16.49 -38.45 26.14
C LEU D 29 16.75 -37.50 27.30
N HIS D 30 16.19 -36.30 27.21
CA HIS D 30 16.32 -35.27 28.21
C HIS D 30 14.94 -34.79 28.48
N PRO D 31 14.73 -34.16 29.62
CA PRO D 31 13.39 -33.72 29.98
C PRO D 31 12.76 -32.75 28.99
N ASP D 32 11.49 -33.00 28.70
CA ASP D 32 10.69 -32.18 27.80
C ASP D 32 10.93 -32.52 26.33
N ASP D 33 11.75 -33.51 26.09
CA ASP D 33 12.03 -33.91 24.73
C ASP D 33 10.76 -34.54 24.19
N LEU D 34 10.67 -34.64 22.88
CA LEU D 34 9.50 -35.21 22.25
C LEU D 34 9.78 -36.63 21.91
N VAL D 35 8.87 -37.52 22.28
CA VAL D 35 9.03 -38.93 22.01
C VAL D 35 7.80 -39.45 21.32
N LYS D 36 7.99 -40.41 20.42
CA LYS D 36 6.89 -41.01 19.71
C LYS D 36 6.71 -42.36 20.32
N ILE D 37 5.51 -42.62 20.80
CA ILE D 37 5.23 -43.90 21.40
C ILE D 37 4.31 -44.66 20.48
N GLU D 38 4.79 -45.76 19.95
CA GLU D 38 4.00 -46.58 19.05
C GLU D 38 4.03 -48.01 19.51
N ALA D 39 2.87 -48.65 19.56
CA ALA D 39 2.80 -50.03 19.96
C ALA D 39 2.41 -50.87 18.77
N GLY D 40 1.13 -50.83 18.44
CA GLY D 40 0.61 -51.55 17.29
C GLY D 40 0.51 -50.53 16.20
N LYS D 41 -0.60 -50.53 15.48
CA LYS D 41 -0.80 -49.54 14.44
C LYS D 41 -0.84 -48.18 15.13
N LYS D 42 -1.48 -48.15 16.30
CA LYS D 42 -1.64 -46.94 17.09
C LYS D 42 -0.32 -46.35 17.57
N ALA D 43 -0.24 -45.02 17.58
CA ALA D 43 0.95 -44.31 18.03
C ALA D 43 0.60 -42.92 18.51
N VAL D 44 1.49 -42.32 19.30
CA VAL D 44 1.26 -40.97 19.81
C VAL D 44 2.55 -40.26 20.17
N TYR D 45 2.48 -38.92 20.29
CA TYR D 45 3.64 -38.10 20.65
C TYR D 45 3.47 -37.44 22.00
N GLY D 46 4.49 -37.52 22.84
CA GLY D 46 4.42 -36.95 24.16
C GLY D 46 5.69 -36.29 24.63
N SER D 47 5.58 -35.44 25.64
CA SER D 47 6.74 -34.75 26.17
C SER D 47 7.31 -35.52 27.34
N VAL D 48 8.57 -35.88 27.21
CA VAL D 48 9.33 -36.66 28.19
C VAL D 48 9.63 -36.02 29.53
N ALA D 49 9.66 -36.86 30.55
CA ALA D 49 9.98 -36.46 31.92
C ALA D 49 10.81 -37.58 32.51
N LEU D 50 11.70 -37.27 33.43
CA LEU D 50 12.52 -38.31 34.02
C LEU D 50 12.16 -38.49 35.47
N SER D 51 11.88 -39.72 35.89
CA SER D 51 11.55 -39.98 37.28
C SER D 51 11.80 -41.42 37.66
N ASN D 52 11.89 -41.67 38.96
CA ASN D 52 12.08 -43.01 39.49
C ASN D 52 10.72 -43.59 39.85
N LEU D 53 9.68 -42.81 39.63
CA LEU D 53 8.35 -43.27 39.93
C LEU D 53 8.09 -44.45 39.02
N VAL D 54 8.62 -44.39 37.81
CA VAL D 54 8.48 -45.48 36.86
C VAL D 54 9.78 -46.25 36.72
N GLY D 55 9.71 -47.56 36.94
CA GLY D 55 10.88 -48.42 36.86
C GLY D 55 11.39 -48.66 35.46
N LYS D 56 12.65 -49.01 35.33
CA LYS D 56 13.21 -49.23 34.01
C LYS D 56 12.38 -50.29 33.33
N GLY D 57 12.17 -50.10 32.03
CA GLY D 57 11.36 -51.01 31.24
C GLY D 57 9.91 -50.61 31.23
N GLU D 58 9.60 -49.46 31.82
CA GLU D 58 8.23 -48.98 31.88
C GLU D 58 8.12 -47.54 31.41
N VAL D 59 6.97 -47.19 30.85
CA VAL D 59 6.74 -45.85 30.38
C VAL D 59 5.49 -45.33 31.08
N GLY D 60 5.58 -44.14 31.63
CA GLY D 60 4.44 -43.58 32.32
C GLY D 60 3.81 -42.56 31.42
N ILE D 61 2.52 -42.74 31.19
CA ILE D 61 1.76 -41.84 30.35
C ILE D 61 0.65 -41.23 31.18
N SER D 62 0.50 -39.92 31.09
CA SER D 62 -0.54 -39.25 31.84
C SER D 62 -1.86 -39.62 31.23
N ARG D 63 -2.93 -39.41 31.98
CA ARG D 63 -4.28 -39.75 31.54
C ARG D 63 -4.75 -38.97 30.31
N ASP D 64 -4.14 -37.82 30.04
CA ASP D 64 -4.56 -37.04 28.90
C ASP D 64 -4.41 -37.94 27.71
N VAL D 65 -3.35 -38.73 27.72
CA VAL D 65 -3.05 -39.62 26.62
C VAL D 65 -4.13 -40.64 26.33
N LEU D 66 -4.77 -41.12 27.38
CA LEU D 66 -5.78 -42.16 27.26
C LEU D 66 -7.02 -41.83 26.42
N ASP D 67 -7.51 -40.59 26.48
CA ASP D 67 -8.73 -40.24 25.77
C ASP D 67 -8.73 -40.40 24.24
N LEU D 68 -7.69 -39.93 23.56
CA LEU D 68 -7.67 -40.07 22.11
C LEU D 68 -7.08 -41.37 21.61
N HIS D 69 -6.49 -42.13 22.53
CA HIS D 69 -5.89 -43.39 22.17
C HIS D 69 -6.21 -44.42 23.20
N ASN D 70 -6.25 -45.67 22.79
CA ASN D 70 -6.54 -46.73 23.74
C ASN D 70 -5.25 -47.42 24.07
N PHE D 71 -4.82 -47.28 25.32
CA PHE D 71 -3.62 -47.91 25.79
C PHE D 71 -3.99 -48.70 27.04
N SER D 72 -3.56 -49.95 27.07
CA SER D 72 -3.87 -50.81 28.20
C SER D 72 -2.65 -50.96 29.07
N GLU D 73 -2.84 -50.83 30.38
CA GLU D 73 -1.73 -50.92 31.28
C GLU D 73 -1.11 -52.29 31.11
N GLY D 74 0.22 -52.33 31.09
CA GLY D 74 0.97 -53.55 30.91
C GLY D 74 1.17 -53.82 29.44
N GLU D 75 0.54 -52.98 28.62
CA GLU D 75 0.65 -53.10 27.17
C GLU D 75 2.08 -52.82 26.73
N THR D 76 2.59 -53.61 25.81
CA THR D 76 3.94 -53.39 25.34
C THR D 76 3.93 -52.33 24.27
N VAL D 77 4.79 -51.33 24.44
CA VAL D 77 4.91 -50.23 23.49
C VAL D 77 6.37 -49.94 23.26
N SER D 78 6.69 -49.39 22.09
CA SER D 78 8.06 -49.05 21.76
C SER D 78 8.22 -47.55 21.85
N VAL D 79 9.22 -47.10 22.58
CA VAL D 79 9.46 -45.67 22.75
C VAL D 79 10.66 -45.19 21.97
N ILE D 80 10.45 -44.21 21.11
CA ILE D 80 11.54 -43.67 20.31
C ILE D 80 11.54 -42.14 20.33
N PRO D 81 12.71 -41.55 20.17
CA PRO D 81 12.83 -40.11 20.15
C PRO D 81 12.22 -39.58 18.88
N ALA D 82 11.76 -38.34 18.89
CA ALA D 82 11.19 -37.74 17.71
C ALA D 82 12.03 -36.57 17.24
N GLY D 83 12.35 -36.56 15.96
CA GLY D 83 13.15 -35.50 15.40
C GLY D 83 12.28 -34.28 15.31
N THR D 84 12.88 -33.10 15.22
CA THR D 84 12.10 -31.89 15.12
C THR D 84 11.27 -32.00 13.87
N PRO D 85 10.01 -31.57 13.97
CA PRO D 85 9.05 -31.67 12.87
C PRO D 85 9.39 -30.83 11.65
N GLU D 86 9.06 -31.36 10.48
CA GLU D 86 9.30 -30.68 9.22
C GLU D 86 8.53 -29.38 9.13
N SER D 87 7.31 -29.38 9.66
CA SER D 87 6.42 -28.23 9.60
C SER D 87 6.96 -27.00 10.31
N VAL D 88 7.89 -27.19 11.23
CA VAL D 88 8.44 -26.05 11.92
C VAL D 88 9.03 -25.17 10.84
N ARG D 89 9.59 -25.78 9.82
CA ARG D 89 10.18 -25.03 8.72
C ARG D 89 9.14 -24.19 8.00
N TYR D 90 7.94 -24.73 7.81
CA TYR D 90 6.88 -24.00 7.13
C TYR D 90 6.48 -22.76 7.92
N ILE D 91 6.47 -22.86 9.24
CA ILE D 91 6.08 -21.73 10.06
C ILE D 91 7.04 -20.60 9.79
N LYS D 92 8.32 -20.92 9.62
CA LYS D 92 9.30 -19.90 9.36
C LYS D 92 8.95 -19.16 8.08
N LYS D 93 8.50 -19.88 7.08
CA LYS D 93 8.14 -19.25 5.82
C LYS D 93 6.99 -18.27 6.06
N LYS D 94 6.00 -18.70 6.83
CA LYS D 94 4.88 -17.85 7.14
C LYS D 94 5.42 -16.69 7.93
N MET D 95 6.40 -17.01 8.75
CA MET D 95 7.04 -16.03 9.60
C MET D 95 7.64 -14.95 8.72
N HIS D 96 8.15 -15.36 7.56
CA HIS D 96 8.76 -14.43 6.63
C HIS D 96 7.75 -13.82 5.70
N GLY D 97 6.49 -14.16 5.91
CA GLY D 97 5.41 -13.61 5.12
C GLY D 97 5.07 -14.27 3.81
N GLU D 98 5.76 -15.36 3.49
CA GLU D 98 5.50 -16.08 2.26
C GLU D 98 4.17 -16.81 2.30
N LYS D 99 3.53 -16.97 1.15
CA LYS D 99 2.26 -17.68 1.11
C LYS D 99 2.51 -19.16 1.38
N LEU D 100 1.53 -19.83 1.97
CA LEU D 100 1.66 -21.24 2.31
C LEU D 100 0.89 -22.17 1.37
N ARG D 101 1.58 -23.18 0.88
CA ARG D 101 1.00 -24.16 -0.02
C ARG D 101 -0.01 -24.94 0.77
N LYS D 102 -0.99 -25.52 0.09
CA LYS D 102 -2.03 -26.25 0.78
C LYS D 102 -1.37 -27.37 1.56
N VAL D 103 -0.39 -28.01 0.94
CA VAL D 103 0.32 -29.09 1.60
C VAL D 103 1.05 -28.57 2.82
N GLU D 104 1.65 -27.40 2.71
CA GLU D 104 2.37 -26.84 3.83
C GLU D 104 1.41 -26.56 4.97
N ILE D 105 0.27 -25.99 4.64
CA ILE D 105 -0.75 -25.73 5.64
C ILE D 105 -1.33 -27.00 6.21
N GLU D 106 -1.57 -27.97 5.34
CA GLU D 106 -2.15 -29.24 5.75
C GLU D 106 -1.22 -29.94 6.71
N ALA D 107 0.07 -29.90 6.41
CA ALA D 107 1.05 -30.53 7.26
C ALA D 107 1.06 -29.88 8.62
N ILE D 108 0.99 -28.55 8.65
CA ILE D 108 1.02 -27.86 9.93
C ILE D 108 -0.17 -28.25 10.75
N VAL D 109 -1.32 -28.31 10.12
CA VAL D 109 -2.53 -28.67 10.83
C VAL D 109 -2.45 -30.09 11.37
N ARG D 110 -1.95 -31.02 10.56
CA ARG D 110 -1.84 -32.41 10.98
C ARG D 110 -0.91 -32.61 12.16
N ASP D 111 0.24 -31.93 12.14
CA ASP D 111 1.22 -32.03 13.21
C ASP D 111 0.66 -31.48 14.52
N ILE D 112 -0.12 -30.42 14.45
CA ILE D 112 -0.71 -29.85 15.65
C ILE D 112 -1.62 -30.86 16.32
N VAL D 113 -2.44 -31.55 15.54
CA VAL D 113 -3.36 -32.54 16.09
C VAL D 113 -2.56 -33.67 16.70
N ASP D 114 -1.49 -34.05 16.01
CA ASP D 114 -0.62 -35.12 16.45
C ASP D 114 0.06 -34.77 17.75
N ARG D 115 0.35 -33.50 17.94
CA ARG D 115 1.05 -33.07 19.12
C ARG D 115 2.52 -33.09 18.83
N LYS D 116 2.86 -33.28 17.56
CA LYS D 116 4.25 -33.25 17.15
C LYS D 116 4.68 -31.83 17.43
N LEU D 117 3.79 -30.89 17.12
CA LEU D 117 4.07 -29.48 17.37
C LEU D 117 3.41 -29.11 18.68
N ARG D 118 4.24 -28.77 19.65
CA ARG D 118 3.77 -28.42 20.99
C ARG D 118 3.53 -26.93 21.17
N ASP D 119 3.49 -26.50 22.42
CA ASP D 119 3.22 -25.10 22.73
C ASP D 119 4.22 -24.12 22.15
N ILE D 120 5.50 -24.45 22.20
CA ILE D 120 6.46 -23.50 21.69
C ILE D 120 6.27 -23.25 20.20
N GLU D 121 6.08 -24.31 19.41
CA GLU D 121 5.87 -24.17 17.97
C GLU D 121 4.57 -23.49 17.60
N ILE D 122 3.49 -23.83 18.30
CA ILE D 122 2.19 -23.25 18.03
C ILE D 122 2.08 -21.75 18.27
N SER D 123 2.68 -21.26 19.36
CA SER D 123 2.62 -19.84 19.67
C SER D 123 3.30 -19.07 18.57
N SER D 124 4.41 -19.61 18.09
CA SER D 124 5.14 -18.97 17.02
C SER D 124 4.29 -18.91 15.77
N PHE D 125 3.63 -20.00 15.45
CA PHE D 125 2.79 -20.02 14.27
C PHE D 125 1.62 -19.06 14.41
N VAL D 126 0.97 -19.11 15.57
CA VAL D 126 -0.17 -18.25 15.82
C VAL D 126 0.24 -16.80 15.83
N THR D 127 1.36 -16.54 16.47
CA THR D 127 1.89 -15.20 16.58
C THR D 127 2.24 -14.68 15.21
N ALA D 128 2.81 -15.55 14.40
CA ALA D 128 3.20 -15.19 13.04
C ALA D 128 1.98 -14.81 12.25
N LEU D 129 0.88 -15.50 12.48
CA LEU D 129 -0.35 -15.22 11.76
C LEU D 129 -0.87 -13.82 12.05
N GLU D 130 -0.82 -13.42 13.31
CA GLU D 130 -1.31 -12.10 13.67
C GLU D 130 -0.49 -11.01 13.01
N ILE D 131 0.83 -11.14 13.07
CA ILE D 131 1.70 -10.16 12.45
C ILE D 131 1.67 -10.14 10.94
N ASN D 132 1.71 -11.32 10.32
CA ASN D 132 1.73 -11.43 8.86
C ASN D 132 0.39 -11.68 8.17
N GLY D 133 -0.61 -12.09 8.93
CA GLY D 133 -1.93 -12.28 8.38
C GLY D 133 -2.02 -13.48 7.46
N LEU D 134 -3.23 -13.82 7.07
CA LEU D 134 -3.50 -14.96 6.19
C LEU D 134 -4.28 -14.61 4.95
N ASP D 135 -3.84 -15.13 3.81
CA ASP D 135 -4.48 -14.92 2.53
C ASP D 135 -5.79 -15.70 2.52
N MET D 136 -6.79 -15.22 1.79
CA MET D 136 -8.06 -15.92 1.74
C MET D 136 -7.87 -17.31 1.17
N ASP D 137 -7.00 -17.44 0.19
CA ASP D 137 -6.71 -18.74 -0.40
C ASP D 137 -6.13 -19.62 0.69
N GLU D 138 -5.23 -19.05 1.48
CA GLU D 138 -4.61 -19.75 2.60
C GLU D 138 -5.63 -20.09 3.66
N ILE D 139 -6.54 -19.16 3.90
CA ILE D 139 -7.56 -19.33 4.92
C ILE D 139 -8.45 -20.51 4.64
N ALA D 140 -8.81 -20.68 3.38
CA ALA D 140 -9.66 -21.79 2.99
C ALA D 140 -9.00 -23.14 3.24
N ALA D 141 -7.72 -23.25 2.92
CA ALA D 141 -7.01 -24.49 3.13
C ALA D 141 -6.96 -24.81 4.61
N LEU D 142 -6.69 -23.80 5.42
CA LEU D 142 -6.63 -24.00 6.86
C LEU D 142 -7.98 -24.42 7.36
N THR D 143 -9.03 -23.80 6.85
CA THR D 143 -10.35 -24.15 7.29
C THR D 143 -10.72 -25.58 6.92
N ILE D 144 -10.43 -25.97 5.69
CA ILE D 144 -10.71 -27.32 5.23
C ILE D 144 -9.85 -28.36 5.92
N ALA D 145 -8.58 -28.04 6.11
CA ALA D 145 -7.64 -28.94 6.75
C ALA D 145 -8.04 -29.23 8.18
N MET D 146 -8.46 -28.20 8.88
CA MET D 146 -8.86 -28.39 10.27
C MET D 146 -10.05 -29.31 10.31
N ALA D 147 -10.96 -29.16 9.36
CA ALA D 147 -12.14 -30.00 9.30
C ALA D 147 -11.86 -31.47 9.00
N GLU D 148 -10.97 -31.71 8.04
CA GLU D 148 -10.61 -33.05 7.59
C GLU D 148 -9.91 -33.92 8.62
N THR D 149 -9.11 -33.26 9.45
CA THR D 149 -8.36 -33.88 10.54
C THR D 149 -9.24 -34.50 11.62
N GLY D 150 -10.32 -33.82 11.94
CA GLY D 150 -11.27 -34.27 12.96
C GLY D 150 -12.37 -35.17 12.46
N ASP D 151 -13.14 -35.73 13.38
CA ASP D 151 -14.26 -36.58 13.05
C ASP D 151 -15.33 -35.70 12.42
N MET D 152 -16.14 -36.28 11.54
CA MET D 152 -17.19 -35.51 10.89
C MET D 152 -18.53 -36.21 10.96
N LEU D 153 -19.60 -35.44 10.89
CA LEU D 153 -20.95 -35.97 10.99
C LEU D 153 -21.81 -35.74 9.74
N ASP D 154 -22.50 -36.79 9.31
CA ASP D 154 -23.36 -36.69 8.15
C ASP D 154 -24.76 -36.99 8.64
N ILE D 155 -25.71 -36.11 8.30
CA ILE D 155 -27.08 -36.33 8.73
C ILE D 155 -27.96 -36.52 7.52
N ASP D 156 -28.83 -37.51 7.58
CA ASP D 156 -29.71 -37.83 6.47
C ASP D 156 -30.63 -36.68 6.14
N ARG D 157 -31.13 -36.00 7.16
CA ARG D 157 -32.03 -34.86 6.97
C ARG D 157 -31.36 -33.65 6.35
N LYS D 158 -32.03 -33.00 5.40
CA LYS D 158 -31.49 -31.82 4.75
C LYS D 158 -32.66 -30.88 4.46
N PRO D 159 -32.41 -29.58 4.35
CA PRO D 159 -31.10 -28.95 4.50
C PRO D 159 -30.62 -28.77 5.93
N ILE D 160 -29.32 -28.54 6.11
CA ILE D 160 -28.73 -28.35 7.43
C ILE D 160 -28.54 -26.88 7.72
N MET D 161 -29.11 -26.41 8.82
CA MET D 161 -29.04 -25.01 9.21
C MET D 161 -28.12 -24.81 10.40
N ASP D 162 -27.21 -23.87 10.30
CA ASP D 162 -26.30 -23.58 11.41
C ASP D 162 -26.30 -22.10 11.73
N VAL D 163 -26.42 -21.77 13.01
CA VAL D 163 -26.41 -20.39 13.45
C VAL D 163 -25.28 -20.19 14.43
N HIS D 164 -24.48 -19.16 14.22
CA HIS D 164 -23.38 -18.86 15.08
C HIS D 164 -23.32 -17.41 15.37
N SER D 165 -22.87 -17.05 16.56
CA SER D 165 -22.70 -15.66 16.94
C SER D 165 -21.27 -15.51 17.39
N ILE D 166 -20.56 -14.54 16.85
CA ILE D 166 -19.16 -14.32 17.22
C ILE D 166 -19.09 -14.02 18.70
N GLY D 167 -20.17 -13.47 19.25
CA GLY D 167 -20.22 -13.22 20.68
C GLY D 167 -19.56 -11.95 21.16
N GLY D 168 -19.22 -11.94 22.44
CA GLY D 168 -18.67 -10.78 23.09
C GLY D 168 -19.74 -9.95 23.76
N VAL D 169 -20.98 -10.42 23.67
CA VAL D 169 -22.11 -9.75 24.29
C VAL D 169 -22.61 -10.55 25.48
N PRO D 170 -22.79 -9.89 26.61
CA PRO D 170 -23.23 -10.57 27.82
C PRO D 170 -24.64 -11.13 27.74
N GLY D 171 -24.83 -12.34 28.24
CA GLY D 171 -26.13 -12.95 28.27
C GLY D 171 -26.80 -13.10 26.93
N ASN D 172 -26.04 -13.37 25.89
CA ASN D 172 -26.64 -13.53 24.60
C ASN D 172 -27.16 -14.93 24.50
N LYS D 173 -28.13 -15.22 25.37
CA LYS D 173 -28.79 -16.52 25.43
C LYS D 173 -29.70 -16.75 24.21
N THR D 174 -29.55 -15.89 23.22
CA THR D 174 -30.46 -15.81 22.08
C THR D 174 -30.56 -17.10 21.28
N ASN D 175 -29.46 -17.80 21.12
CA ASN D 175 -29.43 -19.02 20.33
C ASN D 175 -30.32 -20.12 20.89
N ILE D 176 -30.52 -20.14 22.19
CA ILE D 176 -31.42 -21.13 22.75
C ILE D 176 -32.81 -20.89 22.17
N LEU D 177 -33.22 -19.63 22.12
CA LEU D 177 -34.50 -19.24 21.51
C LEU D 177 -34.54 -19.46 20.01
N VAL D 178 -33.46 -19.13 19.33
CA VAL D 178 -33.39 -19.29 17.90
C VAL D 178 -33.46 -20.73 17.44
N VAL D 179 -32.73 -21.61 18.12
CA VAL D 179 -32.65 -23.01 17.70
C VAL D 179 -33.96 -23.78 17.78
N PRO D 180 -34.69 -23.62 18.87
CA PRO D 180 -35.98 -24.28 19.00
C PRO D 180 -36.96 -23.76 17.96
N ILE D 181 -36.95 -22.46 17.73
CA ILE D 181 -37.85 -21.84 16.76
C ILE D 181 -37.60 -22.32 15.34
N VAL D 182 -36.34 -22.38 14.93
CA VAL D 182 -36.03 -22.83 13.58
C VAL D 182 -36.39 -24.29 13.39
N ALA D 183 -36.10 -25.10 14.40
CA ALA D 183 -36.42 -26.53 14.39
C ALA D 183 -37.92 -26.77 14.38
N ALA D 184 -38.65 -25.97 15.13
CA ALA D 184 -40.10 -26.10 15.23
C ALA D 184 -40.64 -25.88 13.83
N ALA D 185 -39.93 -25.04 13.08
CA ALA D 185 -40.26 -24.75 11.71
C ALA D 185 -40.10 -26.02 10.89
N GLY D 186 -39.34 -26.97 11.43
CA GLY D 186 -39.10 -28.24 10.78
C GLY D 186 -37.77 -28.31 10.06
N LEU D 187 -37.08 -27.18 9.99
CA LEU D 187 -35.74 -27.15 9.43
C LEU D 187 -34.79 -27.82 10.40
N THR D 188 -33.80 -28.53 9.88
CA THR D 188 -32.84 -29.17 10.76
C THR D 188 -31.75 -28.21 11.16
N ILE D 189 -31.52 -28.09 12.46
CA ILE D 189 -30.49 -27.20 12.97
C ILE D 189 -29.81 -27.76 14.22
N PRO D 190 -28.67 -28.43 14.04
CA PRO D 190 -27.89 -29.02 15.13
C PRO D 190 -26.82 -28.08 15.69
N LYS D 191 -27.10 -27.46 16.84
CA LYS D 191 -26.12 -26.54 17.43
C LYS D 191 -25.19 -27.19 18.46
N THR D 192 -23.93 -26.77 18.43
CA THR D 192 -22.94 -27.21 19.40
C THR D 192 -22.19 -26.03 20.02
N SER D 193 -22.84 -25.30 20.91
CA SER D 193 -22.21 -24.17 21.60
C SER D 193 -21.18 -24.60 22.62
N SER D 194 -20.05 -23.90 22.63
CA SER D 194 -18.96 -24.17 23.55
C SER D 194 -19.19 -23.58 24.94
N ARG D 195 -18.42 -24.08 25.90
CA ARG D 195 -18.44 -23.59 27.27
C ARG D 195 -17.74 -22.25 27.30
N ALA D 196 -17.98 -21.46 28.33
CA ALA D 196 -17.42 -20.11 28.39
C ALA D 196 -16.13 -20.02 29.19
N ILE D 197 -15.07 -19.54 28.54
CA ILE D 197 -13.79 -19.36 29.21
C ILE D 197 -13.54 -17.91 29.62
N THR D 198 -13.93 -16.97 28.76
CA THR D 198 -13.73 -15.55 29.02
C THR D 198 -15.03 -14.81 29.30
N SER D 199 -16.11 -15.56 29.45
CA SER D 199 -17.43 -14.99 29.69
C SER D 199 -18.10 -15.61 30.89
N ALA D 200 -19.08 -14.91 31.44
CA ALA D 200 -19.80 -15.39 32.61
C ALA D 200 -20.55 -16.68 32.30
N ALA D 201 -21.13 -16.77 31.12
CA ALA D 201 -21.87 -17.94 30.72
C ALA D 201 -21.63 -18.31 29.28
N GLY D 202 -21.89 -19.57 28.96
CA GLY D 202 -21.72 -20.10 27.62
C GLY D 202 -23.02 -20.79 27.27
N THR D 203 -23.31 -20.97 26.00
CA THR D 203 -24.56 -21.58 25.62
C THR D 203 -24.58 -22.94 26.28
N ALA D 204 -23.43 -23.59 26.31
CA ALA D 204 -23.34 -24.90 26.92
C ALA D 204 -23.67 -24.82 28.39
N ASP D 205 -23.16 -23.80 29.07
CA ASP D 205 -23.42 -23.63 30.50
C ASP D 205 -24.89 -23.38 30.79
N VAL D 206 -25.54 -22.54 29.98
CA VAL D 206 -26.95 -22.25 30.17
C VAL D 206 -27.80 -23.48 29.92
N VAL D 207 -27.45 -24.22 28.88
CA VAL D 207 -28.14 -25.44 28.49
C VAL D 207 -28.02 -26.52 29.54
N GLU D 208 -26.87 -26.57 30.18
CA GLU D 208 -26.56 -27.58 31.19
C GLU D 208 -27.52 -27.59 32.37
N VAL D 209 -27.98 -26.42 32.77
CA VAL D 209 -28.85 -26.32 33.92
C VAL D 209 -30.14 -27.11 33.76
N PHE D 210 -30.78 -27.04 32.60
CA PHE D 210 -32.01 -27.81 32.40
C PHE D 210 -31.84 -29.11 31.60
N ALA D 211 -30.63 -29.37 31.11
CA ALA D 211 -30.37 -30.57 30.34
C ALA D 211 -28.89 -30.94 30.32
N ASP D 212 -28.60 -32.17 29.93
CA ASP D 212 -27.22 -32.65 29.87
C ASP D 212 -26.58 -32.23 28.55
N VAL D 213 -25.42 -31.60 28.64
CA VAL D 213 -24.73 -31.10 27.45
C VAL D 213 -23.64 -31.97 26.80
N SER D 214 -23.30 -33.11 27.36
CA SER D 214 -22.24 -33.93 26.76
C SER D 214 -22.79 -35.16 26.05
N PHE D 215 -22.46 -35.29 24.77
CA PHE D 215 -22.96 -36.40 23.97
C PHE D 215 -22.00 -36.86 22.87
N SER D 216 -22.17 -38.10 22.44
CA SER D 216 -21.38 -38.70 21.36
C SER D 216 -21.92 -38.27 20.00
N LEU D 217 -21.08 -38.24 18.99
CA LEU D 217 -21.55 -37.83 17.69
C LEU D 217 -22.64 -38.77 17.21
N ASP D 218 -22.45 -40.05 17.46
CA ASP D 218 -23.45 -41.03 17.07
C ASP D 218 -24.73 -40.69 17.81
N GLU D 219 -24.58 -40.32 19.08
CA GLU D 219 -25.72 -39.92 19.88
C GLU D 219 -26.30 -38.66 19.29
N ILE D 220 -25.43 -37.75 18.88
CA ILE D 220 -25.88 -36.49 18.31
C ILE D 220 -26.66 -36.70 17.03
N LYS D 221 -26.18 -37.59 16.18
CA LYS D 221 -26.88 -37.83 14.93
C LYS D 221 -28.26 -38.38 15.18
N ARG D 222 -28.39 -39.28 16.13
CA ARG D 222 -29.70 -39.86 16.40
C ARG D 222 -30.64 -38.80 16.93
N ILE D 223 -30.14 -37.97 17.83
CA ILE D 223 -30.96 -36.91 18.43
C ILE D 223 -31.42 -35.87 17.43
N VAL D 224 -30.51 -35.47 16.57
CA VAL D 224 -30.82 -34.48 15.57
C VAL D 224 -31.89 -34.97 14.61
N GLU D 225 -31.79 -36.24 14.20
CA GLU D 225 -32.76 -36.78 13.27
C GLU D 225 -34.20 -36.84 13.78
N LYS D 226 -34.40 -37.34 15.00
CA LYS D 226 -35.75 -37.41 15.56
C LYS D 226 -36.31 -36.06 15.99
N VAL D 227 -35.56 -35.38 16.86
CA VAL D 227 -35.91 -34.09 17.40
C VAL D 227 -35.90 -32.97 16.36
N GLY D 228 -34.93 -33.04 15.46
CA GLY D 228 -34.76 -32.06 14.41
C GLY D 228 -33.76 -30.99 14.79
N ALA D 229 -33.33 -31.02 16.05
CA ALA D 229 -32.36 -30.06 16.52
C ALA D 229 -31.69 -30.58 17.77
N CYS D 230 -30.52 -30.05 18.10
CA CYS D 230 -29.84 -30.44 19.32
C CYS D 230 -29.10 -29.23 19.89
N LEU D 231 -29.02 -29.15 21.21
CA LEU D 231 -28.31 -28.05 21.87
C LEU D 231 -27.33 -28.63 22.87
N VAL D 232 -26.22 -29.16 22.34
CA VAL D 232 -25.23 -29.81 23.16
C VAL D 232 -23.85 -29.25 22.96
N TRP D 233 -23.03 -29.41 24.00
CA TRP D 233 -21.66 -28.92 24.02
C TRP D 233 -20.80 -29.59 22.99
N GLY D 234 -20.02 -28.79 22.29
CA GLY D 234 -19.13 -29.29 21.25
C GLY D 234 -17.74 -29.61 21.74
N GLY D 235 -17.50 -29.34 23.01
CA GLY D 235 -16.21 -29.62 23.61
C GLY D 235 -15.91 -31.10 23.65
N ALA D 236 -16.93 -31.89 23.96
CA ALA D 236 -16.78 -33.34 24.06
C ALA D 236 -16.42 -34.04 22.76
N LEU D 237 -17.06 -33.66 21.66
CA LEU D 237 -16.75 -34.29 20.39
C LEU D 237 -15.44 -33.84 19.79
N ASN D 238 -14.84 -34.71 18.99
CA ASN D 238 -13.58 -34.38 18.34
C ASN D 238 -13.76 -33.68 17.01
N LEU D 239 -14.18 -32.42 17.05
CA LEU D 239 -14.37 -31.64 15.85
C LEU D 239 -13.39 -30.50 15.85
N ALA D 240 -12.66 -30.32 14.75
CA ALA D 240 -11.71 -29.23 14.72
C ALA D 240 -10.80 -29.28 15.93
N PRO D 241 -10.19 -30.43 16.17
CA PRO D 241 -9.31 -30.63 17.33
C PRO D 241 -8.17 -29.63 17.31
N ALA D 242 -7.73 -29.26 16.12
CA ALA D 242 -6.66 -28.28 15.97
C ALA D 242 -7.08 -26.95 16.53
N ASP D 243 -8.35 -26.61 16.36
CA ASP D 243 -8.87 -25.33 16.82
C ASP D 243 -8.75 -25.16 18.31
N ASP D 244 -9.02 -26.23 19.05
CA ASP D 244 -8.93 -26.18 20.50
C ASP D 244 -7.52 -25.90 20.98
N ILE D 245 -6.55 -26.55 20.37
CA ILE D 245 -5.15 -26.40 20.75
C ILE D 245 -4.60 -25.00 20.51
N THR D 246 -4.94 -24.42 19.37
CA THR D 246 -4.47 -23.09 19.02
C THR D 246 -5.00 -22.08 20.00
N ILE D 247 -6.21 -22.34 20.48
CA ILE D 247 -6.92 -21.43 21.38
C ILE D 247 -6.22 -21.13 22.70
N LYS D 248 -5.56 -22.11 23.29
CA LYS D 248 -4.92 -21.85 24.56
C LYS D 248 -3.93 -20.75 24.33
N ALA D 249 -3.25 -20.81 23.21
CA ALA D 249 -2.31 -19.76 22.85
C ALA D 249 -2.96 -18.42 22.59
N GLU D 250 -4.07 -18.42 21.86
CA GLU D 250 -4.69 -17.16 21.52
C GLU D 250 -5.16 -16.47 22.78
N ARG D 251 -5.76 -17.22 23.68
CA ARG D 251 -6.25 -16.65 24.94
C ARG D 251 -5.11 -16.13 25.78
N ALA D 252 -4.01 -16.86 25.81
CA ALA D 252 -2.87 -16.49 26.61
C ALA D 252 -2.29 -15.19 26.10
N LEU D 253 -2.24 -15.04 24.78
CA LEU D 253 -1.67 -13.87 24.15
C LEU D 253 -2.67 -12.74 23.89
N SER D 254 -3.95 -12.99 24.15
CA SER D 254 -4.96 -11.96 23.98
C SER D 254 -4.95 -11.38 22.58
N ILE D 255 -4.81 -12.24 21.58
CA ILE D 255 -4.77 -11.84 20.19
C ILE D 255 -5.69 -12.76 19.43
N ASP D 256 -6.13 -12.38 18.23
CA ASP D 256 -7.03 -13.25 17.49
C ASP D 256 -6.97 -12.98 16.00
N PRO D 257 -6.00 -13.58 15.30
CA PRO D 257 -5.80 -13.42 13.86
C PRO D 257 -7.10 -13.63 13.07
N THR D 258 -7.54 -12.59 12.38
CA THR D 258 -8.78 -12.66 11.63
C THR D 258 -8.89 -13.95 10.83
N GLY D 259 -7.87 -14.29 10.06
CA GLY D 259 -7.92 -15.50 9.27
C GLY D 259 -8.03 -16.75 10.12
N LEU D 260 -7.29 -16.79 11.21
CA LEU D 260 -7.36 -17.93 12.11
C LEU D 260 -8.74 -18.06 12.72
N MET D 261 -9.32 -16.93 13.09
CA MET D 261 -10.66 -16.94 13.66
C MET D 261 -11.72 -17.43 12.69
N LEU D 262 -11.67 -16.99 11.45
CA LEU D 262 -12.65 -17.39 10.47
C LEU D 262 -12.55 -18.88 10.20
N ALA D 263 -11.33 -19.36 10.08
CA ALA D 263 -11.09 -20.77 9.81
C ALA D 263 -11.60 -21.62 10.96
N SER D 264 -11.35 -21.17 12.18
CA SER D 264 -11.77 -21.91 13.35
C SER D 264 -13.27 -22.05 13.45
N ILE D 265 -13.99 -20.96 13.22
CA ILE D 265 -15.44 -21.00 13.28
C ILE D 265 -16.07 -21.83 12.18
N MET D 266 -15.59 -21.61 10.96
CA MET D 266 -16.07 -22.30 9.78
C MET D 266 -15.76 -23.79 9.73
N SER D 267 -14.60 -24.18 10.24
CA SER D 267 -14.19 -25.57 10.18
C SER D 267 -15.18 -26.47 10.91
N LYS D 268 -15.66 -26.03 12.07
CA LYS D 268 -16.64 -26.81 12.80
C LYS D 268 -17.96 -26.95 12.05
N LYS D 269 -18.43 -25.86 11.45
CA LYS D 269 -19.68 -25.89 10.70
C LYS D 269 -19.57 -26.80 9.50
N TYR D 270 -18.45 -26.69 8.81
CA TYR D 270 -18.19 -27.47 7.61
C TYR D 270 -18.15 -28.95 7.94
N ALA D 271 -17.54 -29.27 9.07
CA ALA D 271 -17.40 -30.65 9.51
C ALA D 271 -18.74 -31.30 9.74
N MET D 272 -19.69 -30.56 10.30
CA MET D 272 -21.00 -31.09 10.57
C MET D 272 -21.86 -31.07 9.31
N GLY D 273 -21.31 -30.54 8.23
CA GLY D 273 -22.02 -30.49 6.98
C GLY D 273 -23.11 -29.44 6.92
N SER D 274 -23.01 -28.41 7.76
CA SER D 274 -24.02 -27.38 7.74
C SER D 274 -23.94 -26.79 6.35
N GLN D 275 -25.10 -26.59 5.72
CA GLN D 275 -25.14 -26.03 4.38
C GLN D 275 -25.45 -24.55 4.39
N TYR D 276 -26.40 -24.14 5.21
CA TYR D 276 -26.77 -22.75 5.33
C TYR D 276 -26.38 -22.27 6.71
N VAL D 277 -25.50 -21.28 6.78
CA VAL D 277 -25.01 -20.80 8.05
C VAL D 277 -25.29 -19.33 8.20
N LEU D 278 -25.80 -18.94 9.35
CA LEU D 278 -26.07 -17.54 9.62
C LEU D 278 -25.13 -17.07 10.70
N ILE D 279 -24.42 -15.98 10.45
CA ILE D 279 -23.48 -15.47 11.42
C ILE D 279 -23.98 -14.14 11.97
N ASP D 280 -23.99 -14.03 13.29
CA ASP D 280 -24.40 -12.80 13.93
C ASP D 280 -23.17 -12.14 14.55
N ILE D 281 -22.86 -10.94 14.10
CA ILE D 281 -21.72 -10.17 14.56
C ILE D 281 -22.15 -9.03 15.46
N PRO D 282 -22.04 -9.22 16.78
CA PRO D 282 -22.42 -8.18 17.73
C PRO D 282 -21.37 -7.07 17.67
N THR D 283 -21.77 -5.92 17.14
CA THR D 283 -20.89 -4.76 17.01
C THR D 283 -21.25 -3.72 18.06
N GLY D 284 -20.26 -3.19 18.76
CA GLY D 284 -20.55 -2.19 19.78
C GLY D 284 -19.33 -1.95 20.64
N LYS D 285 -19.48 -1.16 21.70
CA LYS D 285 -18.38 -0.93 22.61
C LYS D 285 -18.28 -2.08 23.61
N GLY D 286 -17.09 -2.65 23.72
CA GLY D 286 -16.83 -3.76 24.62
C GLY D 286 -17.08 -5.11 23.99
N VAL D 287 -17.65 -5.10 22.79
CA VAL D 287 -17.86 -6.31 22.01
C VAL D 287 -16.57 -6.68 21.28
N LYS D 288 -16.49 -7.89 20.77
CA LYS D 288 -15.29 -8.31 20.07
C LYS D 288 -15.01 -7.47 18.82
N VAL D 289 -16.05 -7.19 18.05
CA VAL D 289 -15.90 -6.37 16.87
C VAL D 289 -16.40 -4.98 17.22
N GLU D 290 -15.48 -4.07 17.47
CA GLU D 290 -15.82 -2.72 17.94
C GLU D 290 -16.60 -1.82 16.98
N THR D 291 -16.26 -1.87 15.71
CA THR D 291 -16.83 -0.95 14.73
C THR D 291 -17.62 -1.63 13.63
N VAL D 292 -18.65 -0.96 13.17
CA VAL D 292 -19.50 -1.51 12.12
C VAL D 292 -18.69 -1.72 10.86
N GLU D 293 -17.76 -0.82 10.59
CA GLU D 293 -16.92 -0.92 9.41
C GLU D 293 -16.08 -2.18 9.45
N GLU D 294 -15.55 -2.51 10.61
CA GLU D 294 -14.78 -3.75 10.76
C GLU D 294 -15.68 -4.94 10.53
N ALA D 295 -16.88 -4.86 11.05
CA ALA D 295 -17.85 -5.95 10.99
C ALA D 295 -18.26 -6.31 9.58
N ARG D 296 -18.46 -5.29 8.74
CA ARG D 296 -18.83 -5.48 7.36
C ARG D 296 -17.74 -6.21 6.61
N SER D 297 -16.49 -5.90 6.93
CA SER D 297 -15.36 -6.56 6.30
C SER D 297 -15.34 -8.00 6.74
N LEU D 298 -15.57 -8.22 8.02
CA LEU D 298 -15.57 -9.56 8.57
C LEU D 298 -16.69 -10.33 7.91
N ALA D 299 -17.82 -9.68 7.74
CA ALA D 299 -18.98 -10.29 7.10
C ALA D 299 -18.69 -10.64 5.65
N ARG D 300 -17.97 -9.78 4.96
CA ARG D 300 -17.65 -10.05 3.58
C ARG D 300 -16.82 -11.30 3.53
N ASP D 301 -15.91 -11.43 4.48
CA ASP D 301 -15.03 -12.59 4.56
C ASP D 301 -15.77 -13.90 4.80
N PHE D 302 -16.74 -13.88 5.71
CA PHE D 302 -17.48 -15.10 6.01
C PHE D 302 -18.25 -15.61 4.81
N ILE D 303 -18.88 -14.70 4.08
CA ILE D 303 -19.65 -15.08 2.91
C ILE D 303 -18.76 -15.68 1.85
N GLU D 304 -17.60 -15.08 1.63
CA GLU D 304 -16.64 -15.58 0.66
C GLU D 304 -16.09 -16.93 1.08
N LEU D 305 -15.80 -17.08 2.37
CA LEU D 305 -15.29 -18.33 2.89
C LEU D 305 -16.34 -19.39 2.70
N GLY D 306 -17.58 -19.02 2.93
CA GLY D 306 -18.69 -19.94 2.78
C GLY D 306 -18.81 -20.44 1.38
N LYS D 307 -18.61 -19.57 0.40
CA LYS D 307 -18.67 -19.96 -1.00
C LYS D 307 -17.58 -20.97 -1.31
N ARG D 308 -16.40 -20.73 -0.77
CA ARG D 308 -15.24 -21.59 -0.97
C ARG D 308 -15.49 -22.98 -0.41
N LEU D 309 -16.20 -23.02 0.71
CA LEU D 309 -16.52 -24.28 1.37
C LEU D 309 -17.82 -24.86 0.86
N GLY D 310 -18.43 -24.19 -0.10
CA GLY D 310 -19.69 -24.66 -0.65
C GLY D 310 -20.92 -24.41 0.21
N GLN D 311 -20.82 -23.47 1.14
CA GLN D 311 -21.92 -23.16 2.04
C GLN D 311 -22.55 -21.80 1.76
N TYR D 312 -23.85 -21.67 2.01
CA TYR D 312 -24.54 -20.40 1.82
C TYR D 312 -24.47 -19.68 3.15
N VAL D 313 -23.78 -18.55 3.20
CA VAL D 313 -23.65 -17.84 4.46
C VAL D 313 -24.24 -16.45 4.46
N GLU D 314 -24.98 -16.14 5.52
CA GLU D 314 -25.58 -14.83 5.67
C GLU D 314 -25.17 -14.25 7.00
N VAL D 315 -24.78 -12.98 7.00
CA VAL D 315 -24.33 -12.29 8.19
C VAL D 315 -25.23 -11.15 8.58
N ALA D 316 -25.55 -11.08 9.87
CA ALA D 316 -26.40 -10.02 10.38
C ALA D 316 -25.60 -9.22 11.38
N ILE D 317 -25.57 -7.91 11.21
CA ILE D 317 -24.81 -7.07 12.13
C ILE D 317 -25.79 -6.54 13.15
N THR D 318 -25.45 -6.71 14.42
CA THR D 318 -26.32 -6.29 15.49
C THR D 318 -25.58 -5.63 16.63
N TYR D 319 -26.31 -4.79 17.35
CA TYR D 319 -25.79 -4.00 18.46
C TYR D 319 -25.33 -4.86 19.63
N GLY D 320 -24.15 -4.57 20.14
CA GLY D 320 -23.57 -5.27 21.27
C GLY D 320 -23.22 -4.36 22.42
N GLY D 321 -23.78 -3.17 22.44
CA GLY D 321 -23.52 -2.19 23.47
C GLY D 321 -23.90 -2.51 24.89
N GLN D 322 -25.06 -3.14 25.07
CA GLN D 322 -25.56 -3.47 26.39
C GLN D 322 -25.88 -4.94 26.44
N PRO D 323 -25.92 -5.51 27.64
CA PRO D 323 -26.21 -6.93 27.77
C PRO D 323 -27.60 -7.25 27.25
N ILE D 324 -27.72 -8.32 26.49
CA ILE D 324 -29.01 -8.70 25.96
C ILE D 324 -29.89 -9.17 27.10
N GLY D 325 -31.16 -8.80 27.09
CA GLY D 325 -32.05 -9.25 28.13
C GLY D 325 -31.69 -8.56 29.42
N HIS D 326 -32.28 -9.00 30.52
CA HIS D 326 -31.98 -8.40 31.80
C HIS D 326 -31.22 -9.29 32.73
N THR D 327 -30.74 -10.42 32.25
CA THR D 327 -30.04 -11.36 33.09
C THR D 327 -28.70 -11.82 32.57
N VAL D 328 -27.78 -12.08 33.50
CA VAL D 328 -26.46 -12.59 33.17
C VAL D 328 -26.15 -13.77 34.08
N GLY D 329 -25.48 -14.78 33.55
CA GLY D 329 -25.16 -15.99 34.30
C GLY D 329 -25.96 -17.18 33.77
N PRO D 330 -25.41 -18.38 33.93
CA PRO D 330 -26.02 -19.60 33.39
C PRO D 330 -27.38 -20.06 33.93
N ALA D 331 -27.57 -20.10 35.24
CA ALA D 331 -28.85 -20.46 35.82
C ALA D 331 -29.94 -19.50 35.42
N LEU D 332 -29.64 -18.22 35.64
CA LEU D 332 -30.51 -17.07 35.40
C LEU D 332 -30.82 -16.87 33.95
N GLU D 333 -29.81 -17.01 33.11
CA GLU D 333 -30.00 -16.84 31.69
C GLU D 333 -30.97 -17.93 31.26
N ALA D 334 -30.79 -19.12 31.84
CA ALA D 334 -31.67 -20.26 31.54
C ALA D 334 -33.10 -20.02 31.98
N ARG D 335 -33.27 -19.44 33.16
CA ARG D 335 -34.61 -19.16 33.63
C ARG D 335 -35.27 -18.14 32.72
N GLU D 336 -34.51 -17.14 32.32
CA GLU D 336 -34.98 -16.10 31.41
C GLU D 336 -35.27 -16.59 30.00
N ALA D 337 -34.37 -17.40 29.45
CA ALA D 337 -34.53 -17.95 28.12
C ALA D 337 -35.69 -18.92 28.02
N LEU D 338 -35.80 -19.78 29.01
CA LEU D 338 -36.84 -20.80 29.07
C LEU D 338 -38.23 -20.26 29.27
N SER D 339 -38.37 -19.29 30.14
CA SER D 339 -39.67 -18.73 30.41
C SER D 339 -40.21 -18.10 29.15
N ALA D 340 -39.34 -17.44 28.41
CA ALA D 340 -39.76 -16.79 27.19
C ALA D 340 -40.27 -17.83 26.24
N LEU D 341 -39.59 -18.96 26.14
CA LEU D 341 -40.06 -20.00 25.25
C LEU D 341 -41.40 -20.50 25.73
N MET D 342 -41.52 -20.79 27.01
CA MET D 342 -42.78 -21.27 27.54
C MET D 342 -43.86 -20.21 27.48
N THR D 343 -43.52 -19.00 27.94
CA THR D 343 -44.45 -17.88 27.94
C THR D 343 -44.79 -17.37 26.56
N GLY D 344 -43.76 -17.28 25.71
CA GLY D 344 -43.91 -16.76 24.37
C GLY D 344 -43.77 -15.26 24.42
N LYS D 345 -43.60 -14.76 25.63
CA LYS D 345 -43.42 -13.34 25.87
C LYS D 345 -42.12 -13.21 26.62
N GLY D 346 -41.28 -12.30 26.17
CA GLY D 346 -39.99 -12.10 26.78
C GLY D 346 -39.51 -10.68 26.60
N PRO D 347 -38.32 -10.39 27.12
CA PRO D 347 -37.76 -9.06 26.99
C PRO D 347 -37.54 -8.74 25.52
N GLY D 348 -37.77 -7.50 25.16
CA GLY D 348 -37.65 -7.10 23.78
C GLY D 348 -36.26 -7.28 23.22
N SER D 349 -35.23 -7.04 24.01
CA SER D 349 -33.89 -7.17 23.46
C SER D 349 -33.66 -8.58 22.99
N LEU D 350 -34.02 -9.57 23.82
CA LEU D 350 -33.84 -10.97 23.46
C LEU D 350 -34.74 -11.49 22.36
N ILE D 351 -36.03 -11.16 22.45
CA ILE D 351 -37.01 -11.63 21.49
C ILE D 351 -36.86 -11.12 20.07
N GLU D 352 -36.61 -9.84 19.91
CA GLU D 352 -36.48 -9.29 18.58
C GLU D 352 -35.28 -9.87 17.87
N LYS D 353 -34.17 -9.98 18.58
CA LYS D 353 -32.96 -10.56 18.00
C LYS D 353 -33.16 -12.03 17.68
N ALA D 354 -33.82 -12.76 18.57
CA ALA D 354 -34.06 -14.17 18.35
C ALA D 354 -35.00 -14.44 17.20
N THR D 355 -36.09 -13.70 17.15
CA THR D 355 -37.06 -13.84 16.08
C THR D 355 -36.51 -13.40 14.74
N GLY D 356 -35.80 -12.29 14.73
CA GLY D 356 -35.21 -11.80 13.52
C GLY D 356 -34.13 -12.72 13.01
N LEU D 357 -33.26 -13.17 13.91
CA LEU D 357 -32.19 -14.05 13.52
C LEU D 357 -32.78 -15.33 13.02
N ALA D 358 -33.78 -15.81 13.73
CA ALA D 358 -34.45 -17.04 13.35
C ALA D 358 -35.12 -16.89 12.01
N GLY D 359 -35.72 -15.74 11.78
CA GLY D 359 -36.42 -15.48 10.53
C GLY D 359 -35.48 -15.53 9.35
N ILE D 360 -34.28 -15.01 9.53
CA ILE D 360 -33.33 -15.02 8.43
C ILE D 360 -33.05 -16.46 8.07
N LEU D 361 -32.94 -17.30 9.08
CA LEU D 361 -32.72 -18.73 8.87
C LEU D 361 -33.87 -19.41 8.18
N LEU D 362 -35.10 -19.06 8.55
CA LEU D 362 -36.28 -19.65 7.95
C LEU D 362 -36.38 -19.35 6.46
N GLU D 363 -36.08 -18.12 6.07
CA GLU D 363 -36.13 -17.76 4.67
C GLU D 363 -35.10 -18.57 3.92
N MET D 364 -33.92 -18.71 4.50
CA MET D 364 -32.85 -19.49 3.89
C MET D 364 -33.36 -20.92 3.80
N GLY D 365 -34.10 -21.31 4.83
CA GLY D 365 -34.69 -22.63 4.92
C GLY D 365 -35.65 -22.90 3.79
N GLY D 366 -36.36 -21.87 3.36
CA GLY D 366 -37.33 -21.97 2.30
C GLY D 366 -38.72 -22.10 2.88
N VAL D 367 -38.74 -22.14 4.20
CA VAL D 367 -39.98 -22.27 4.95
C VAL D 367 -40.91 -21.08 4.80
N ALA D 368 -40.36 -19.89 4.65
CA ALA D 368 -41.17 -18.69 4.51
C ALA D 368 -40.81 -17.83 3.31
N PRO D 369 -41.82 -17.17 2.75
CA PRO D 369 -41.63 -16.30 1.60
C PRO D 369 -40.74 -15.15 2.02
N ALA D 370 -39.95 -14.62 1.11
CA ALA D 370 -39.00 -13.60 1.48
C ALA D 370 -39.67 -12.41 2.16
N GLY D 371 -39.02 -11.93 3.20
CA GLY D 371 -39.46 -10.80 4.00
C GLY D 371 -40.42 -11.16 5.11
N THR D 372 -40.84 -12.42 5.14
CA THR D 372 -41.78 -12.88 6.16
C THR D 372 -41.19 -13.82 7.21
N GLY D 373 -39.87 -13.94 7.25
CA GLY D 373 -39.25 -14.83 8.22
C GLY D 373 -39.48 -14.49 9.67
N LYS D 374 -39.40 -13.22 10.02
CA LYS D 374 -39.58 -12.80 11.40
C LYS D 374 -41.02 -12.92 11.89
N LYS D 375 -41.97 -12.56 11.05
CA LYS D 375 -43.37 -12.63 11.44
C LYS D 375 -43.74 -14.06 11.74
N MET D 376 -43.27 -14.97 10.89
CA MET D 376 -43.53 -16.38 11.08
C MET D 376 -42.88 -16.87 12.36
N ALA D 377 -41.70 -16.38 12.65
CA ALA D 377 -40.99 -16.79 13.85
C ALA D 377 -41.79 -16.42 15.08
N LYS D 378 -42.36 -15.23 15.07
CA LYS D 378 -43.17 -14.77 16.19
C LYS D 378 -44.41 -15.64 16.34
N GLU D 379 -44.99 -16.03 15.22
CA GLU D 379 -46.16 -16.87 15.28
C GLU D 379 -45.74 -18.16 15.95
N ILE D 380 -44.58 -18.66 15.60
CA ILE D 380 -44.09 -19.88 16.20
C ILE D 380 -43.85 -19.71 17.70
N LEU D 381 -43.22 -18.62 18.10
CA LEU D 381 -42.97 -18.40 19.51
C LEU D 381 -44.25 -18.22 20.30
N GLU D 382 -45.17 -17.46 19.73
CA GLU D 382 -46.47 -17.18 20.32
C GLU D 382 -47.34 -18.42 20.45
N SER D 383 -47.30 -19.23 19.40
CA SER D 383 -48.08 -20.45 19.33
C SER D 383 -47.69 -21.39 20.44
N GLY D 384 -46.41 -21.38 20.79
CA GLY D 384 -45.89 -22.24 21.82
C GLY D 384 -45.26 -23.44 21.15
N LYS D 385 -45.21 -23.38 19.82
CA LYS D 385 -44.61 -24.45 19.04
C LYS D 385 -43.15 -24.58 19.41
N ALA D 386 -42.49 -23.45 19.64
CA ALA D 386 -41.08 -23.46 20.00
C ALA D 386 -40.87 -24.18 21.32
N TRP D 387 -41.76 -23.94 22.27
CA TRP D 387 -41.67 -24.57 23.57
C TRP D 387 -41.82 -26.05 23.47
N GLU D 388 -42.74 -26.50 22.64
CA GLU D 388 -42.93 -27.92 22.52
C GLU D 388 -41.65 -28.52 22.03
N LYS D 389 -41.02 -27.86 21.07
CA LYS D 389 -39.75 -28.36 20.53
C LYS D 389 -38.64 -28.36 21.55
N MET D 390 -38.59 -27.34 22.39
CA MET D 390 -37.54 -27.26 23.40
C MET D 390 -37.67 -28.47 24.31
N LYS D 391 -38.90 -28.83 24.64
CA LYS D 391 -39.14 -29.98 25.50
C LYS D 391 -38.64 -31.26 24.86
N GLU D 392 -38.81 -31.37 23.55
CA GLU D 392 -38.35 -32.54 22.83
C GLU D 392 -36.84 -32.62 22.95
N ILE D 393 -36.19 -31.47 22.82
CA ILE D 393 -34.74 -31.38 22.94
C ILE D 393 -34.29 -31.76 24.33
N ILE D 394 -35.04 -31.28 25.32
CA ILE D 394 -34.73 -31.57 26.71
C ILE D 394 -34.85 -33.05 27.05
N GLU D 395 -35.92 -33.69 26.59
CA GLU D 395 -36.11 -35.11 26.90
C GLU D 395 -35.01 -35.94 26.26
N ALA D 396 -34.70 -35.65 25.01
CA ALA D 396 -33.64 -36.34 24.30
C ALA D 396 -32.38 -36.01 25.05
N GLN D 397 -32.31 -34.77 25.50
CA GLN D 397 -31.20 -34.26 26.27
C GLN D 397 -31.15 -34.94 27.63
N GLY D 398 -32.29 -35.46 28.07
CA GLY D 398 -32.39 -36.13 29.35
C GLY D 398 -32.91 -35.22 30.44
N GLY D 399 -33.17 -33.98 30.09
CA GLY D 399 -33.74 -33.04 31.01
C GLY D 399 -35.20 -33.38 31.06
N ASP D 400 -35.95 -32.82 32.00
CA ASP D 400 -37.36 -33.14 32.07
C ASP D 400 -38.21 -32.00 31.50
N PRO D 401 -39.09 -32.36 30.58
CA PRO D 401 -40.00 -31.43 29.92
C PRO D 401 -40.97 -30.79 30.90
N ASN D 402 -41.34 -31.56 31.91
CA ASN D 402 -42.29 -31.13 32.92
C ASN D 402 -41.75 -29.99 33.77
N ILE D 403 -40.45 -29.77 33.64
CA ILE D 403 -39.75 -28.75 34.42
C ILE D 403 -40.30 -27.35 34.23
N LYS D 404 -40.34 -26.61 35.34
CA LYS D 404 -40.83 -25.24 35.37
C LYS D 404 -39.68 -24.33 35.72
N PRO D 405 -39.52 -23.26 34.93
CA PRO D 405 -38.45 -22.27 35.08
C PRO D 405 -38.43 -21.50 36.39
N GLU D 406 -39.58 -21.14 36.91
CA GLU D 406 -39.63 -20.40 38.16
C GLU D 406 -38.94 -21.25 39.21
N GLU D 407 -39.12 -22.56 39.09
CA GLU D 407 -38.54 -23.53 40.00
C GLU D 407 -37.01 -23.53 40.04
N ILE D 408 -36.36 -23.21 38.92
CA ILE D 408 -34.90 -23.22 38.89
C ILE D 408 -34.38 -22.27 39.94
N PRO D 409 -33.29 -22.64 40.61
CA PRO D 409 -32.76 -21.84 41.71
C PRO D 409 -31.62 -20.87 41.41
N ILE D 410 -31.87 -19.61 41.74
CA ILE D 410 -30.93 -18.53 41.61
C ILE D 410 -30.02 -18.62 42.82
N GLY D 411 -28.93 -17.87 42.85
CA GLY D 411 -28.01 -17.94 43.97
C GLY D 411 -28.65 -17.55 45.30
N ASP D 412 -28.29 -18.28 46.35
CA ASP D 412 -28.83 -18.06 47.70
C ASP D 412 -28.52 -16.71 48.35
N LYS D 413 -27.29 -16.20 48.17
CA LYS D 413 -26.89 -14.93 48.79
C LYS D 413 -26.74 -13.83 47.75
N THR D 414 -27.38 -12.68 48.01
CA THR D 414 -27.33 -11.56 47.07
C THR D 414 -27.23 -10.17 47.69
N TYR D 415 -26.70 -9.24 46.90
CA TYR D 415 -26.59 -7.83 47.26
C TYR D 415 -27.16 -7.03 46.10
N THR D 416 -27.92 -5.97 46.38
CA THR D 416 -28.51 -5.18 45.31
C THR D 416 -28.04 -3.73 45.29
N PHE D 417 -27.68 -3.23 44.11
CA PHE D 417 -27.21 -1.86 43.95
C PHE D 417 -28.33 -0.91 43.58
N THR D 418 -28.37 0.22 44.27
CA THR D 418 -29.37 1.24 44.06
C THR D 418 -28.72 2.43 43.39
N ALA D 419 -29.48 3.18 42.61
CA ALA D 419 -28.90 4.33 41.92
C ALA D 419 -28.40 5.37 42.90
N ALA D 420 -27.17 5.82 42.71
CA ALA D 420 -26.59 6.88 43.52
C ALA D 420 -27.28 8.22 43.30
N THR D 421 -27.60 8.53 42.04
CA THR D 421 -28.22 9.81 41.68
C THR D 421 -29.34 9.73 40.65
N SER D 422 -30.22 10.72 40.68
CA SER D 422 -31.35 10.80 39.75
C SER D 422 -30.84 11.06 38.35
N GLY D 423 -31.50 10.48 37.35
CA GLY D 423 -31.06 10.66 35.98
C GLY D 423 -31.56 9.60 35.00
N TYR D 424 -30.89 9.53 33.86
CA TYR D 424 -31.20 8.58 32.80
C TYR D 424 -30.00 7.66 32.67
N VAL D 425 -30.22 6.43 32.23
CA VAL D 425 -29.13 5.47 32.11
C VAL D 425 -28.45 5.52 30.75
N THR D 426 -27.37 6.29 30.66
CA THR D 426 -26.62 6.46 29.42
C THR D 426 -25.90 5.23 28.90
N ALA D 427 -25.22 4.48 29.75
CA ALA D 427 -24.50 3.32 29.27
C ALA D 427 -24.21 2.22 30.27
N ILE D 428 -24.03 1.01 29.75
CA ILE D 428 -23.71 -0.14 30.55
C ILE D 428 -22.43 -0.73 29.98
N ASP D 429 -21.46 -1.04 30.84
CA ASP D 429 -20.22 -1.58 30.33
C ASP D 429 -20.24 -3.09 30.44
N ASN D 430 -20.13 -3.74 29.29
CA ASN D 430 -20.14 -5.19 29.23
C ASN D 430 -18.96 -5.83 29.91
N ARG D 431 -17.77 -5.27 29.75
CA ARG D 431 -16.59 -5.85 30.35
C ARG D 431 -16.75 -5.83 31.86
N ALA D 432 -17.23 -4.72 32.40
CA ALA D 432 -17.45 -4.59 33.83
C ALA D 432 -18.54 -5.51 34.37
N ILE D 433 -19.66 -5.61 33.65
CA ILE D 433 -20.75 -6.48 34.09
C ILE D 433 -20.35 -7.92 34.07
N THR D 434 -19.69 -8.32 33.00
CA THR D 434 -19.21 -9.68 32.81
C THR D 434 -18.15 -10.03 33.84
N ALA D 435 -17.29 -9.07 34.13
CA ALA D 435 -16.23 -9.24 35.12
C ALA D 435 -16.80 -9.45 36.49
N ILE D 436 -17.84 -8.71 36.81
CA ILE D 436 -18.49 -8.81 38.11
C ILE D 436 -19.11 -10.17 38.33
N ALA D 437 -19.77 -10.70 37.31
CA ALA D 437 -20.44 -11.99 37.38
C ALA D 437 -19.45 -13.12 37.60
N ARG D 438 -18.32 -13.07 36.91
CA ARG D 438 -17.30 -14.08 37.05
C ARG D 438 -16.83 -14.00 38.48
N ALA D 439 -16.77 -12.79 39.00
CA ALA D 439 -16.37 -12.54 40.39
C ALA D 439 -17.36 -13.20 41.32
N ALA D 440 -18.63 -13.16 40.92
CA ALA D 440 -19.72 -13.73 41.69
C ALA D 440 -19.55 -15.24 41.73
N GLY D 441 -18.65 -15.73 40.90
CA GLY D 441 -18.38 -17.14 40.82
C GLY D 441 -18.90 -17.86 39.60
N ALA D 442 -19.62 -17.17 38.73
CA ALA D 442 -20.10 -17.81 37.52
C ALA D 442 -18.85 -18.02 36.70
N PRO D 443 -18.85 -18.97 35.77
CA PRO D 443 -20.00 -19.81 35.46
C PRO D 443 -19.90 -21.15 36.15
N GLU D 444 -18.90 -21.29 37.01
CA GLU D 444 -18.72 -22.54 37.74
C GLU D 444 -19.96 -22.75 38.60
N ASP D 445 -20.46 -21.66 39.18
CA ASP D 445 -21.67 -21.73 39.99
C ASP D 445 -22.83 -21.24 39.16
N LYS D 446 -23.78 -22.12 38.88
CA LYS D 446 -24.93 -21.77 38.10
C LYS D 446 -25.71 -20.69 38.82
N GLY D 447 -25.77 -20.77 40.13
CA GLY D 447 -26.51 -19.81 40.92
C GLY D 447 -26.03 -18.38 40.79
N ALA D 448 -24.70 -18.21 40.74
CA ALA D 448 -24.09 -16.88 40.63
C ALA D 448 -24.38 -16.18 39.31
N GLY D 449 -24.64 -14.89 39.37
CA GLY D 449 -24.93 -14.13 38.18
C GLY D 449 -25.40 -12.73 38.52
N ILE D 450 -25.85 -12.01 37.50
CA ILE D 450 -26.35 -10.65 37.66
C ILE D 450 -27.72 -10.50 37.02
N GLU D 451 -28.65 -9.87 37.73
CA GLU D 451 -29.98 -9.63 37.20
C GLU D 451 -30.09 -8.12 37.00
N LEU D 452 -30.53 -7.71 35.82
CA LEU D 452 -30.60 -6.29 35.49
C LEU D 452 -32.02 -5.75 35.46
N TYR D 453 -32.27 -4.72 36.25
CA TYR D 453 -33.57 -4.07 36.25
C TYR D 453 -33.65 -2.88 35.30
N VAL D 454 -32.52 -2.55 34.67
CA VAL D 454 -32.44 -1.38 33.80
C VAL D 454 -31.83 -1.65 32.44
N LYS D 455 -32.22 -0.82 31.47
CA LYS D 455 -31.74 -0.91 30.11
C LYS D 455 -31.39 0.50 29.69
N VAL D 456 -30.52 0.64 28.71
CA VAL D 456 -30.09 1.98 28.29
C VAL D 456 -31.24 2.80 27.74
N GLY D 457 -31.23 4.08 28.06
CA GLY D 457 -32.27 5.00 27.66
C GLY D 457 -33.39 5.06 28.67
N GLU D 458 -33.35 4.18 29.67
CA GLU D 458 -34.34 4.18 30.73
C GLU D 458 -34.10 5.34 31.66
N LYS D 459 -35.16 5.82 32.30
CA LYS D 459 -35.06 6.93 33.24
C LYS D 459 -35.19 6.36 34.64
N VAL D 460 -34.24 6.69 35.50
CA VAL D 460 -34.26 6.16 36.87
C VAL D 460 -34.28 7.22 37.96
N LYS D 461 -35.23 7.08 38.89
CA LYS D 461 -35.31 7.96 40.05
C LYS D 461 -34.31 7.47 41.08
N GLU D 462 -33.88 8.35 41.98
CA GLU D 462 -32.90 7.96 42.98
C GLU D 462 -33.46 6.91 43.93
N GLY D 463 -32.58 6.02 44.38
CA GLY D 463 -32.96 4.95 45.29
C GLY D 463 -33.44 3.72 44.57
N ASP D 464 -33.51 3.83 43.24
CA ASP D 464 -33.94 2.72 42.41
C ASP D 464 -32.84 1.66 42.37
N PRO D 465 -33.21 0.41 42.17
CA PRO D 465 -32.26 -0.70 42.13
C PRO D 465 -31.77 -0.89 40.69
N LEU D 466 -30.45 -0.99 40.51
CA LEU D 466 -29.89 -1.15 39.18
C LEU D 466 -29.66 -2.60 38.76
N PHE D 467 -29.10 -3.39 39.67
CA PHE D 467 -28.91 -4.80 39.40
C PHE D 467 -28.83 -5.53 40.71
N THR D 468 -29.07 -6.82 40.65
CA THR D 468 -28.95 -7.65 41.83
C THR D 468 -27.86 -8.65 41.56
N ILE D 469 -26.96 -8.83 42.51
CA ILE D 469 -25.89 -9.77 42.34
C ILE D 469 -26.24 -11.04 43.07
N HIS D 470 -26.15 -12.16 42.38
CA HIS D 470 -26.49 -13.43 42.98
C HIS D 470 -25.28 -14.29 43.12
N ALA D 471 -25.01 -14.73 44.34
CA ALA D 471 -23.89 -15.61 44.58
C ALA D 471 -24.22 -16.77 45.51
N GLU D 472 -23.73 -17.95 45.17
CA GLU D 472 -23.86 -19.13 46.00
C GLU D 472 -23.09 -19.03 47.31
N HIS D 473 -21.90 -18.45 47.24
CA HIS D 473 -21.02 -18.32 48.39
C HIS D 473 -20.72 -16.91 48.78
N GLU D 474 -20.83 -16.62 50.07
CA GLU D 474 -20.61 -15.27 50.60
C GLU D 474 -19.21 -14.73 50.37
N ALA D 475 -18.20 -15.59 50.42
CA ALA D 475 -16.85 -15.10 50.23
C ALA D 475 -16.72 -14.49 48.84
N ARG D 476 -17.28 -15.16 47.85
CA ARG D 476 -17.32 -14.67 46.47
C ARG D 476 -18.22 -13.45 46.27
N LEU D 477 -19.34 -13.42 46.96
CA LEU D 477 -20.27 -12.29 46.86
C LEU D 477 -19.62 -11.01 47.31
N ASP D 478 -18.80 -11.08 48.37
CA ASP D 478 -18.10 -9.91 48.86
C ASP D 478 -17.14 -9.37 47.80
N GLN D 479 -16.45 -10.27 47.11
CA GLN D 479 -15.51 -9.88 46.07
C GLN D 479 -16.20 -9.17 44.91
N ALA D 480 -17.35 -9.68 44.51
CA ALA D 480 -18.10 -9.12 43.40
C ALA D 480 -18.61 -7.74 43.74
N ILE D 481 -19.05 -7.55 44.97
CA ILE D 481 -19.55 -6.27 45.41
C ILE D 481 -18.43 -5.26 45.31
N VAL D 482 -17.22 -5.69 45.70
CA VAL D 482 -16.10 -4.78 45.66
C VAL D 482 -15.84 -4.35 44.24
N LEU D 483 -15.85 -5.30 43.31
CA LEU D 483 -15.60 -4.99 41.91
C LEU D 483 -16.66 -4.05 41.39
N ALA D 484 -17.90 -4.25 41.81
CA ALA D 484 -18.99 -3.42 41.32
C ALA D 484 -18.83 -1.96 41.69
N ARG D 485 -18.46 -1.69 42.93
CA ARG D 485 -18.30 -0.31 43.37
C ARG D 485 -17.19 0.38 42.61
N ARG D 486 -16.06 -0.29 42.48
CA ARG D 486 -14.93 0.26 41.75
C ARG D 486 -15.23 0.39 40.26
N THR D 487 -15.89 -0.63 39.73
CA THR D 487 -16.27 -0.71 38.32
C THR D 487 -17.30 0.27 37.79
N GLU D 488 -18.34 0.59 38.57
CA GLU D 488 -19.36 1.50 38.06
C GLU D 488 -19.88 1.05 36.71
N PRO D 489 -20.43 -0.15 36.69
CA PRO D 489 -20.95 -0.78 35.47
C PRO D 489 -22.06 0.02 34.82
N ILE D 490 -22.95 0.62 35.62
CA ILE D 490 -24.03 1.40 35.05
C ILE D 490 -23.80 2.88 35.32
N ARG D 491 -23.82 3.68 34.26
CA ARG D 491 -23.60 5.12 34.38
C ARG D 491 -24.82 5.92 34.00
N ILE D 492 -25.21 6.86 34.87
CA ILE D 492 -26.36 7.71 34.63
C ILE D 492 -25.94 9.17 34.53
N GLU D 493 -26.50 9.88 33.55
CA GLU D 493 -26.19 11.28 33.35
C GLU D 493 -27.41 12.14 33.08
N MET E 1 -0.90 39.13 87.44
CA MET E 1 -0.51 38.87 88.81
C MET E 1 0.69 37.95 88.86
N LYS E 2 0.82 37.22 89.96
CA LYS E 2 1.94 36.31 90.14
C LYS E 2 1.41 34.89 90.11
N ALA E 3 2.02 34.05 89.28
CA ALA E 3 1.63 32.66 89.16
C ALA E 3 2.82 31.82 88.79
N LYS E 4 2.73 30.53 89.06
CA LYS E 4 3.80 29.58 88.78
C LYS E 4 3.38 28.72 87.59
N ILE E 5 4.26 28.58 86.61
CA ILE E 5 3.92 27.82 85.41
C ILE E 5 3.59 26.34 85.62
N ARG E 6 2.53 25.91 84.94
CA ARG E 6 2.06 24.53 84.95
C ARG E 6 1.93 24.23 83.48
N ILE E 7 2.38 23.06 83.03
CA ILE E 7 2.36 22.73 81.61
C ILE E 7 1.34 21.70 81.16
N LEU E 8 0.69 22.01 80.05
CA LEU E 8 -0.29 21.13 79.44
C LEU E 8 0.29 20.66 78.12
N ASP E 9 0.19 19.37 77.85
CA ASP E 9 0.69 18.91 76.57
C ASP E 9 -0.41 19.12 75.56
N MET E 10 -0.71 20.39 75.26
CA MET E 10 -1.73 20.74 74.28
C MET E 10 -1.20 21.64 73.18
N PHE E 11 -1.42 21.26 71.92
CA PHE E 11 -1.00 22.11 70.81
C PHE E 11 -2.25 22.67 70.14
N SER E 12 -2.39 23.99 70.18
CA SER E 12 -3.55 24.64 69.61
C SER E 12 -3.23 25.49 68.39
N GLY E 13 -1.97 25.52 67.99
CA GLY E 13 -1.54 26.32 66.87
C GLY E 13 -1.31 27.75 67.30
N ARG E 14 -1.49 28.00 68.58
CA ARG E 14 -1.30 29.31 69.19
C ARG E 14 -0.85 29.08 70.62
N TYR E 15 -0.24 30.09 71.22
CA TYR E 15 0.26 29.94 72.57
C TYR E 15 -0.84 30.11 73.58
N THR E 16 -1.71 29.11 73.71
CA THR E 16 -2.78 29.19 74.68
C THR E 16 -2.22 29.20 76.08
N VAL E 17 -2.82 30.01 76.93
CA VAL E 17 -2.44 30.12 78.32
C VAL E 17 -3.71 29.94 79.12
N LEU E 18 -3.66 29.14 80.17
CA LEU E 18 -4.85 28.91 80.98
C LEU E 18 -4.76 29.61 82.32
N ILE E 19 -5.85 30.29 82.67
CA ILE E 19 -5.91 31.03 83.91
C ILE E 19 -7.16 30.68 84.69
N ASN E 20 -7.04 30.69 86.01
CA ASN E 20 -8.17 30.36 86.86
C ASN E 20 -9.24 31.43 86.75
N GLU E 21 -10.49 31.03 86.87
CA GLU E 21 -11.60 31.96 86.74
C GLU E 21 -11.59 33.00 87.85
N GLU E 22 -11.37 32.56 89.08
CA GLU E 22 -11.31 33.48 90.20
C GLU E 22 -10.11 34.41 90.08
N ASP E 23 -8.97 33.85 89.71
CA ASP E 23 -7.75 34.62 89.53
C ASP E 23 -7.92 35.60 88.38
N ALA E 24 -8.59 35.15 87.33
CA ALA E 24 -8.83 35.98 86.16
C ALA E 24 -9.71 37.18 86.47
N LYS E 25 -10.74 36.98 87.27
CA LYS E 25 -11.64 38.09 87.59
C LYS E 25 -10.89 39.20 88.30
N GLU E 26 -10.01 38.84 89.23
CA GLU E 26 -9.24 39.85 89.91
C GLU E 26 -8.39 40.52 88.86
N ALA E 27 -7.86 39.70 87.95
CA ALA E 27 -7.04 40.14 86.85
C ALA E 27 -7.82 40.95 85.83
N LYS E 28 -9.13 40.75 85.80
CA LYS E 28 -9.97 41.44 84.83
C LYS E 28 -9.55 41.01 83.45
N LEU E 29 -9.30 39.70 83.32
CA LEU E 29 -8.95 39.06 82.06
C LEU E 29 -10.13 38.27 81.51
N HIS E 30 -10.27 38.27 80.19
CA HIS E 30 -11.35 37.63 79.49
C HIS E 30 -10.81 36.69 78.47
N PRO E 31 -11.60 35.72 78.07
CA PRO E 31 -11.13 34.72 77.11
C PRO E 31 -10.67 35.29 75.79
N ASP E 32 -9.51 34.82 75.35
CA ASP E 32 -8.91 35.25 74.09
C ASP E 32 -8.13 36.52 74.26
N ASP E 33 -8.11 37.06 75.47
CA ASP E 33 -7.41 38.30 75.75
C ASP E 33 -5.91 38.05 75.58
N LEU E 34 -5.17 39.06 75.15
CA LEU E 34 -3.74 38.88 74.99
C LEU E 34 -3.07 39.20 76.30
N VAL E 35 -2.22 38.29 76.76
CA VAL E 35 -1.51 38.47 78.01
C VAL E 35 -0.03 38.25 77.79
N LYS E 36 0.79 39.00 78.53
CA LYS E 36 2.24 38.89 78.42
C LYS E 36 2.79 38.23 79.65
N ILE E 37 3.53 37.15 79.45
CA ILE E 37 4.13 36.43 80.56
C ILE E 37 5.63 36.53 80.50
N GLU E 38 6.19 37.19 81.51
CA GLU E 38 7.62 37.37 81.60
C GLU E 38 8.09 36.98 82.99
N ALA E 39 9.12 36.16 83.07
CA ALA E 39 9.66 35.78 84.36
C ALA E 39 11.03 36.40 84.52
N GLY E 40 11.87 36.15 83.52
CA GLY E 40 13.23 36.67 83.48
C GLY E 40 13.29 37.60 82.30
N LYS E 41 14.44 37.65 81.65
CA LYS E 41 14.57 38.51 80.49
C LYS E 41 13.58 37.99 79.46
N LYS E 42 13.47 36.67 79.37
CA LYS E 42 12.56 36.05 78.43
C LYS E 42 11.11 36.26 78.82
N ALA E 43 10.30 36.62 77.83
CA ALA E 43 8.87 36.84 78.03
C ALA E 43 8.15 36.36 76.79
N VAL E 44 6.88 36.00 76.94
CA VAL E 44 6.11 35.51 75.82
C VAL E 44 4.68 36.06 75.84
N TYR E 45 4.06 36.11 74.67
CA TYR E 45 2.68 36.60 74.55
C TYR E 45 1.77 35.46 74.15
N GLY E 46 0.68 35.28 74.87
CA GLY E 46 -0.26 34.20 74.57
C GLY E 46 -1.72 34.53 74.74
N SER E 47 -2.59 33.77 74.08
CA SER E 47 -4.02 34.01 74.18
C SER E 47 -4.60 33.32 75.40
N VAL E 48 -5.22 34.11 76.26
CA VAL E 48 -5.82 33.61 77.48
C VAL E 48 -7.02 32.71 77.27
N ALA E 49 -7.08 31.63 78.03
CA ALA E 49 -8.21 30.73 78.00
C ALA E 49 -8.56 30.56 79.46
N LEU E 50 -9.83 30.66 79.83
CA LEU E 50 -10.18 30.52 81.23
C LEU E 50 -10.61 29.12 81.57
N SER E 51 -9.90 28.46 82.47
CA SER E 51 -10.27 27.12 82.88
C SER E 51 -9.96 26.90 84.35
N ASN E 52 -10.74 26.03 84.97
CA ASN E 52 -10.57 25.68 86.38
C ASN E 52 -9.70 24.44 86.49
N LEU E 53 -9.22 23.98 85.33
CA LEU E 53 -8.33 22.84 85.25
C LEU E 53 -7.08 23.22 85.99
N VAL E 54 -6.71 24.49 85.85
CA VAL E 54 -5.54 25.06 86.50
C VAL E 54 -5.97 25.77 87.78
N GLY E 55 -5.30 25.46 88.89
CA GLY E 55 -5.62 26.03 90.19
C GLY E 55 -5.26 27.49 90.36
N LYS E 56 -5.93 28.16 91.29
CA LYS E 56 -5.66 29.57 91.51
C LYS E 56 -4.20 29.71 91.88
N GLY E 57 -3.57 30.75 91.35
CA GLY E 57 -2.16 30.98 91.59
C GLY E 57 -1.27 30.22 90.63
N GLU E 58 -1.90 29.55 89.67
CA GLU E 58 -1.16 28.78 88.66
C GLU E 58 -1.58 29.19 87.26
N VAL E 59 -0.62 29.32 86.35
CA VAL E 59 -0.93 29.71 85.00
C VAL E 59 -0.48 28.61 84.07
N GLY E 60 -1.40 28.06 83.31
CA GLY E 60 -1.06 26.99 82.41
C GLY E 60 -0.73 27.53 81.04
N ILE E 61 0.45 27.17 80.55
CA ILE E 61 0.89 27.62 79.25
C ILE E 61 0.89 26.43 78.32
N SER E 62 0.49 26.67 77.08
CA SER E 62 0.42 25.61 76.10
C SER E 62 1.81 25.04 75.90
N ARG E 63 1.92 23.78 75.52
CA ARG E 63 3.24 23.23 75.29
C ARG E 63 3.93 23.78 74.03
N ASP E 64 3.17 24.48 73.20
CA ASP E 64 3.71 25.06 71.97
C ASP E 64 4.82 26.01 72.37
N VAL E 65 4.61 26.71 73.47
CA VAL E 65 5.54 27.71 73.97
C VAL E 65 6.91 27.17 74.31
N LEU E 66 6.99 25.89 74.65
CA LEU E 66 8.26 25.32 75.05
C LEU E 66 9.39 25.39 74.02
N ASP E 67 9.10 25.18 72.73
CA ASP E 67 10.18 25.21 71.76
C ASP E 67 10.93 26.52 71.62
N LEU E 68 10.22 27.62 71.38
CA LEU E 68 10.89 28.92 71.22
C LEU E 68 11.56 29.44 72.48
N HIS E 69 10.90 29.25 73.62
CA HIS E 69 11.41 29.71 74.89
C HIS E 69 11.43 28.61 75.88
N ASN E 70 12.30 28.72 76.87
CA ASN E 70 12.40 27.68 77.88
C ASN E 70 11.77 28.08 79.20
N PHE E 71 10.69 27.40 79.55
CA PHE E 71 9.98 27.64 80.79
C PHE E 71 9.85 26.28 81.46
N SER E 72 10.09 26.22 82.76
CA SER E 72 10.03 24.97 83.50
C SER E 72 8.81 24.93 84.37
N GLU E 73 8.13 23.79 84.39
CA GLU E 73 6.90 23.64 85.17
C GLU E 73 7.18 23.89 86.65
N GLY E 74 6.24 24.53 87.31
CA GLY E 74 6.36 24.86 88.72
C GLY E 74 7.13 26.14 88.95
N GLU E 75 7.53 26.79 87.87
CA GLU E 75 8.27 28.04 87.94
C GLU E 75 7.41 29.22 88.38
N THR E 76 8.05 30.23 88.95
CA THR E 76 7.33 31.40 89.40
C THR E 76 7.44 32.44 88.31
N VAL E 77 6.30 32.87 87.77
CA VAL E 77 6.25 33.83 86.69
C VAL E 77 5.16 34.86 86.96
N SER E 78 5.26 36.00 86.31
CA SER E 78 4.29 37.07 86.47
C SER E 78 3.53 37.28 85.17
N VAL E 79 2.20 37.32 85.25
CA VAL E 79 1.37 37.50 84.05
C VAL E 79 0.68 38.85 84.02
N ILE E 80 0.93 39.60 82.96
CA ILE E 80 0.31 40.91 82.81
C ILE E 80 -0.40 41.01 81.46
N PRO E 81 -1.54 41.68 81.45
CA PRO E 81 -2.32 41.86 80.23
C PRO E 81 -1.59 42.74 79.26
N ALA E 82 -1.83 42.55 77.97
CA ALA E 82 -1.13 43.32 76.96
C ALA E 82 -2.02 44.27 76.18
N GLY E 83 -1.54 45.49 76.01
CA GLY E 83 -2.25 46.52 75.27
C GLY E 83 -2.22 46.22 73.80
N THR E 84 -3.12 46.82 73.04
CA THR E 84 -3.16 46.60 71.62
C THR E 84 -1.79 47.00 71.10
N PRO E 85 -1.30 46.26 70.13
CA PRO E 85 0.03 46.50 69.57
C PRO E 85 0.19 47.81 68.80
N GLU E 86 1.35 48.41 68.94
CA GLU E 86 1.69 49.65 68.26
C GLU E 86 1.69 49.41 66.77
N SER E 87 2.11 48.22 66.37
CA SER E 87 2.23 47.84 64.97
C SER E 87 0.91 47.86 64.24
N VAL E 88 -0.20 47.75 64.96
CA VAL E 88 -1.49 47.75 64.31
C VAL E 88 -1.72 49.03 63.50
N ARG E 89 -1.25 50.15 64.00
CA ARG E 89 -1.43 51.38 63.27
C ARG E 89 -0.72 51.27 61.93
N TYR E 90 0.47 50.70 61.93
CA TYR E 90 1.24 50.54 60.70
C TYR E 90 0.51 49.63 59.75
N ILE E 91 -0.14 48.61 60.28
CA ILE E 91 -0.87 47.68 59.44
C ILE E 91 -1.94 48.47 58.73
N LYS E 92 -2.55 49.39 59.46
CA LYS E 92 -3.60 50.26 58.91
C LYS E 92 -3.09 51.18 57.81
N LYS E 93 -1.91 51.73 57.99
CA LYS E 93 -1.39 52.64 56.98
C LYS E 93 -1.26 51.90 55.67
N LYS E 94 -0.77 50.67 55.71
CA LYS E 94 -0.67 49.89 54.49
C LYS E 94 -2.07 49.67 54.01
N MET E 95 -2.97 49.57 54.96
CA MET E 95 -4.39 49.35 54.71
C MET E 95 -4.90 50.52 53.89
N HIS E 96 -4.38 51.70 54.15
CA HIS E 96 -4.77 52.92 53.47
C HIS E 96 -3.95 53.23 52.26
N GLY E 97 -3.03 52.34 51.91
CA GLY E 97 -2.20 52.49 50.73
C GLY E 97 -0.87 53.19 50.87
N GLU E 98 -0.54 53.63 52.08
CA GLU E 98 0.73 54.31 52.29
C GLU E 98 1.94 53.39 52.21
N LYS E 99 3.05 53.92 51.73
CA LYS E 99 4.29 53.16 51.65
C LYS E 99 4.74 52.98 53.08
N LEU E 100 5.45 51.91 53.37
CA LEU E 100 5.88 51.65 54.75
C LEU E 100 7.36 51.82 55.03
N ARG E 101 7.66 52.52 56.12
CA ARG E 101 9.03 52.76 56.53
C ARG E 101 9.64 51.47 57.04
N LYS E 102 10.97 51.37 56.94
CA LYS E 102 11.66 50.17 57.35
C LYS E 102 11.42 49.91 58.82
N VAL E 103 11.40 50.97 59.59
CA VAL E 103 11.16 50.85 61.00
C VAL E 103 9.77 50.27 61.20
N GLU E 104 8.81 50.73 60.40
CA GLU E 104 7.45 50.24 60.47
C GLU E 104 7.31 48.77 60.05
N ILE E 105 7.99 48.39 58.98
CA ILE E 105 7.91 47.01 58.54
C ILE E 105 8.49 46.07 59.56
N GLU E 106 9.64 46.46 60.11
CA GLU E 106 10.33 45.65 61.09
C GLU E 106 9.48 45.46 62.30
N ALA E 107 8.79 46.51 62.72
CA ALA E 107 7.94 46.43 63.90
C ALA E 107 6.83 45.42 63.73
N ILE E 108 6.22 45.40 62.55
CA ILE E 108 5.16 44.45 62.33
C ILE E 108 5.70 43.04 62.40
N VAL E 109 6.87 42.84 61.81
CA VAL E 109 7.50 41.53 61.82
C VAL E 109 7.89 41.09 63.22
N ARG E 110 8.43 42.00 64.01
CA ARG E 110 8.82 41.63 65.36
C ARG E 110 7.59 41.21 66.10
N ASP E 111 6.50 41.94 65.91
CA ASP E 111 5.25 41.61 66.57
C ASP E 111 4.73 40.26 66.10
N ILE E 112 4.85 39.99 64.80
CA ILE E 112 4.38 38.73 64.26
C ILE E 112 5.17 37.55 64.83
N VAL E 113 6.48 37.69 64.87
CA VAL E 113 7.35 36.65 65.43
C VAL E 113 7.12 36.50 66.92
N ASP E 114 6.97 37.63 67.59
CA ASP E 114 6.71 37.68 69.02
C ASP E 114 5.37 37.05 69.33
N ARG E 115 4.43 37.17 68.42
CA ARG E 115 3.11 36.62 68.66
C ARG E 115 2.17 37.68 69.22
N LYS E 116 2.63 38.92 69.26
CA LYS E 116 1.83 40.04 69.71
C LYS E 116 0.66 40.23 68.75
N LEU E 117 0.95 40.04 67.46
CA LEU E 117 -0.08 40.16 66.46
C LEU E 117 -0.55 38.75 66.15
N ARG E 118 -1.83 38.52 66.40
CA ARG E 118 -2.48 37.22 66.22
C ARG E 118 -3.14 36.97 64.87
N ASP E 119 -4.08 36.04 64.81
CA ASP E 119 -4.72 35.70 63.55
C ASP E 119 -5.42 36.90 62.94
N ILE E 120 -6.17 37.63 63.75
CA ILE E 120 -6.91 38.78 63.24
C ILE E 120 -5.98 39.83 62.67
N GLU E 121 -4.90 40.13 63.38
CA GLU E 121 -3.96 41.11 62.89
C GLU E 121 -3.24 40.69 61.63
N ILE E 122 -2.79 39.45 61.56
CA ILE E 122 -2.08 38.97 60.39
C ILE E 122 -2.91 38.91 59.13
N SER E 123 -4.15 38.47 59.24
CA SER E 123 -5.04 38.37 58.10
C SER E 123 -5.27 39.76 57.54
N SER E 124 -5.42 40.72 58.44
CA SER E 124 -5.63 42.11 58.05
C SER E 124 -4.42 42.65 57.31
N PHE E 125 -3.24 42.34 57.82
CA PHE E 125 -2.01 42.78 57.17
C PHE E 125 -1.81 42.17 55.81
N VAL E 126 -2.05 40.87 55.72
CA VAL E 126 -1.90 40.14 54.46
C VAL E 126 -2.90 40.56 53.42
N THR E 127 -4.14 40.75 53.85
CA THR E 127 -5.23 41.15 52.98
C THR E 127 -4.96 42.52 52.43
N ALA E 128 -4.43 43.38 53.28
CA ALA E 128 -4.10 44.74 52.91
C ALA E 128 -3.04 44.67 51.83
N LEU E 129 -2.08 43.79 51.99
CA LEU E 129 -1.01 43.64 51.02
C LEU E 129 -1.55 43.21 49.68
N GLU E 130 -2.50 42.29 49.67
CA GLU E 130 -3.05 41.85 48.41
C GLU E 130 -3.76 42.98 47.69
N ILE E 131 -4.63 43.69 48.40
CA ILE E 131 -5.33 44.79 47.79
C ILE E 131 -4.48 46.01 47.44
N ASN E 132 -3.63 46.43 48.36
CA ASN E 132 -2.80 47.62 48.18
C ASN E 132 -1.41 47.44 47.58
N GLY E 133 -0.82 46.28 47.78
CA GLY E 133 0.48 45.97 47.21
C GLY E 133 1.69 46.44 47.99
N LEU E 134 2.86 45.99 47.53
CA LEU E 134 4.14 46.35 48.12
C LEU E 134 5.13 46.77 47.03
N ASP E 135 5.79 47.90 47.21
CA ASP E 135 6.80 48.37 46.26
C ASP E 135 8.10 47.67 46.60
N MET E 136 9.09 47.72 45.73
CA MET E 136 10.35 47.03 45.99
C MET E 136 11.14 47.46 47.24
N ASP E 137 11.12 48.73 47.57
CA ASP E 137 11.87 49.15 48.74
C ASP E 137 11.32 48.42 49.94
N GLU E 138 9.99 48.33 49.99
CA GLU E 138 9.30 47.63 51.07
C GLU E 138 9.55 46.13 51.07
N ILE E 139 9.56 45.52 49.89
CA ILE E 139 9.76 44.09 49.79
C ILE E 139 11.13 43.69 50.30
N ALA E 140 12.16 44.45 49.93
CA ALA E 140 13.50 44.15 50.37
C ALA E 140 13.60 44.30 51.86
N ALA E 141 12.97 45.36 52.38
CA ALA E 141 12.98 45.60 53.80
C ALA E 141 12.22 44.49 54.51
N LEU E 142 11.09 44.10 53.95
CA LEU E 142 10.29 43.04 54.53
C LEU E 142 11.07 41.74 54.50
N THR E 143 11.73 41.48 53.39
CA THR E 143 12.50 40.26 53.26
C THR E 143 13.64 40.22 54.26
N ILE E 144 14.37 41.31 54.39
CA ILE E 144 15.48 41.36 55.33
C ILE E 144 15.02 41.29 56.77
N ALA E 145 13.92 41.96 57.08
CA ALA E 145 13.39 41.96 58.43
C ALA E 145 12.97 40.57 58.83
N MET E 146 12.34 39.85 57.91
CA MET E 146 11.88 38.50 58.20
C MET E 146 13.04 37.58 58.52
N ALA E 147 14.12 37.71 57.80
CA ALA E 147 15.30 36.89 58.03
C ALA E 147 15.97 37.14 59.37
N GLU E 148 16.07 38.42 59.74
CA GLU E 148 16.71 38.85 60.97
C GLU E 148 16.08 38.39 62.27
N THR E 149 14.77 38.39 62.38
CA THR E 149 14.13 37.98 63.62
C THR E 149 14.40 36.51 63.95
N GLY E 150 14.40 35.68 62.92
CA GLY E 150 14.66 34.25 63.05
C GLY E 150 16.13 33.87 63.18
N ASP E 151 16.38 32.67 63.71
CA ASP E 151 17.74 32.16 63.82
C ASP E 151 18.30 31.98 62.41
N MET E 152 19.57 32.29 62.25
CA MET E 152 20.22 32.20 60.94
C MET E 152 21.30 31.13 60.98
N LEU E 153 21.44 30.40 59.89
CA LEU E 153 22.41 29.31 59.84
C LEU E 153 23.62 29.65 59.00
N ASP E 154 24.79 29.54 59.61
CA ASP E 154 26.04 29.75 58.89
C ASP E 154 26.77 28.43 58.86
N ILE E 155 27.17 28.00 57.67
CA ILE E 155 27.84 26.72 57.50
C ILE E 155 29.22 27.01 56.98
N ASP E 156 30.25 26.38 57.54
CA ASP E 156 31.56 26.80 57.05
C ASP E 156 31.66 27.05 55.55
N ARG E 157 31.16 26.12 54.76
CA ARG E 157 31.48 26.13 53.33
C ARG E 157 30.96 27.33 52.54
N LYS E 158 31.70 27.69 51.50
CA LYS E 158 31.29 28.74 50.58
C LYS E 158 31.67 28.29 49.18
N PRO E 159 30.93 28.71 48.16
CA PRO E 159 29.80 29.64 48.32
C PRO E 159 28.47 28.89 48.28
N ILE E 160 27.58 29.20 49.20
CA ILE E 160 26.30 28.51 49.32
C ILE E 160 25.40 28.68 48.09
N MET E 161 24.72 27.59 47.76
CA MET E 161 23.84 27.54 46.60
C MET E 161 22.44 27.14 47.02
N ASP E 162 21.43 27.78 46.45
CA ASP E 162 20.05 27.41 46.75
C ASP E 162 19.24 27.25 45.48
N VAL E 163 18.37 26.25 45.48
CA VAL E 163 17.47 26.01 44.37
C VAL E 163 16.05 26.02 44.90
N HIS E 164 15.16 26.74 44.22
CA HIS E 164 13.80 26.81 44.66
C HIS E 164 12.85 26.70 43.51
N SER E 165 11.69 26.12 43.76
CA SER E 165 10.65 26.03 42.77
C SER E 165 9.44 26.66 43.42
N ILE E 166 8.85 27.66 42.78
CA ILE E 166 7.74 28.30 43.45
C ILE E 166 6.68 27.26 43.73
N GLY E 167 6.53 26.32 42.81
CA GLY E 167 5.63 25.21 43.02
C GLY E 167 4.38 25.20 42.19
N GLY E 168 3.45 24.34 42.60
CA GLY E 168 2.19 24.16 41.93
C GLY E 168 2.21 23.08 40.88
N VAL E 169 3.35 22.41 40.76
CA VAL E 169 3.48 21.32 39.80
C VAL E 169 3.61 20.02 40.54
N PRO E 170 2.78 19.05 40.18
CA PRO E 170 2.75 17.74 40.81
C PRO E 170 3.97 16.91 40.51
N GLY E 171 4.43 16.15 41.50
CA GLY E 171 5.56 15.28 41.33
C GLY E 171 6.83 15.97 40.90
N ASN E 172 7.08 17.17 41.40
CA ASN E 172 8.30 17.85 41.04
C ASN E 172 9.37 17.38 41.97
N LYS E 173 9.83 16.15 41.75
CA LYS E 173 10.88 15.57 42.59
C LYS E 173 12.28 15.98 42.09
N THR E 174 12.30 16.93 41.17
CA THR E 174 13.51 17.32 40.46
C THR E 174 14.61 17.82 41.35
N ASN E 175 14.25 18.56 42.39
CA ASN E 175 15.24 19.17 43.26
C ASN E 175 16.14 18.12 43.90
N ILE E 176 15.57 16.98 44.24
CA ILE E 176 16.34 15.93 44.87
C ILE E 176 17.48 15.49 43.98
N LEU E 177 17.20 15.33 42.69
CA LEU E 177 18.25 14.99 41.75
C LEU E 177 19.26 16.11 41.67
N VAL E 178 18.76 17.34 41.68
CA VAL E 178 19.62 18.51 41.53
C VAL E 178 20.62 18.72 42.65
N VAL E 179 20.22 18.51 43.90
CA VAL E 179 21.12 18.75 45.01
C VAL E 179 22.35 17.86 44.99
N PRO E 180 22.15 16.57 44.76
CA PRO E 180 23.25 15.63 44.68
C PRO E 180 24.15 15.94 43.51
N ILE E 181 23.54 16.29 42.39
CA ILE E 181 24.29 16.58 41.18
C ILE E 181 25.21 17.76 41.37
N VAL E 182 24.69 18.81 41.99
CA VAL E 182 25.47 20.00 42.24
C VAL E 182 26.58 19.74 43.23
N ALA E 183 26.28 18.96 44.26
CA ALA E 183 27.23 18.66 45.33
C ALA E 183 28.48 17.92 44.87
N ALA E 184 28.32 17.00 43.93
CA ALA E 184 29.46 16.25 43.44
C ALA E 184 30.44 17.21 42.81
N ALA E 185 29.95 18.20 42.09
CA ALA E 185 30.83 19.17 41.47
C ALA E 185 31.60 19.86 42.56
N GLY E 186 31.17 19.63 43.79
CA GLY E 186 31.81 20.20 44.97
C GLY E 186 31.22 21.48 45.47
N LEU E 187 30.21 21.99 44.80
CA LEU E 187 29.52 23.21 45.20
C LEU E 187 28.70 22.90 46.44
N THR E 188 28.43 23.91 47.27
CA THR E 188 27.66 23.67 48.48
C THR E 188 26.20 24.01 48.24
N ILE E 189 25.33 23.01 48.39
CA ILE E 189 23.90 23.22 48.19
C ILE E 189 23.04 22.63 49.28
N PRO E 190 22.91 23.30 50.42
CA PRO E 190 22.09 22.78 51.50
C PRO E 190 20.62 23.05 51.23
N LYS E 191 19.76 22.06 51.35
CA LYS E 191 18.34 22.24 51.08
C LYS E 191 17.46 21.96 52.28
N THR E 192 16.53 22.86 52.54
CA THR E 192 15.62 22.72 53.66
C THR E 192 14.20 22.87 53.18
N SER E 193 13.71 21.85 52.51
CA SER E 193 12.36 21.84 51.97
C SER E 193 11.32 21.64 53.05
N SER E 194 10.06 21.83 52.68
CA SER E 194 8.95 21.71 53.62
C SER E 194 7.93 20.64 53.24
N ARG E 195 7.39 19.98 54.24
CA ARG E 195 6.41 18.92 54.05
C ARG E 195 5.16 19.48 53.41
N ALA E 196 4.55 18.71 52.51
CA ALA E 196 3.36 19.14 51.79
C ALA E 196 2.13 19.28 52.65
N ILE E 197 1.37 20.34 52.42
CA ILE E 197 0.13 20.59 53.13
C ILE E 197 -1.05 20.54 52.17
N THR E 198 -0.91 21.20 51.03
CA THR E 198 -1.95 21.24 50.00
C THR E 198 -1.55 20.46 48.76
N SER E 199 -0.50 19.66 48.89
CA SER E 199 0.03 18.88 47.78
C SER E 199 0.11 17.40 48.13
N ALA E 200 0.11 16.55 47.12
CA ALA E 200 0.17 15.11 47.33
C ALA E 200 1.45 14.70 48.02
N ALA E 201 2.55 15.35 47.64
CA ALA E 201 3.86 15.06 48.22
C ALA E 201 4.69 16.33 48.33
N GLY E 202 5.67 16.30 49.22
CA GLY E 202 6.56 17.42 49.44
C GLY E 202 7.98 16.92 49.36
N THR E 203 8.95 17.79 49.15
CA THR E 203 10.31 17.31 49.03
C THR E 203 10.66 16.62 50.33
N ALA E 204 10.21 17.18 51.45
CA ALA E 204 10.46 16.57 52.75
C ALA E 204 9.77 15.24 52.88
N ASP E 205 8.56 15.15 52.38
CA ASP E 205 7.80 13.91 52.46
C ASP E 205 8.51 12.81 51.68
N VAL E 206 9.01 13.16 50.51
CA VAL E 206 9.70 12.18 49.69
C VAL E 206 10.97 11.71 50.39
N VAL E 207 11.70 12.65 50.96
CA VAL E 207 12.95 12.38 51.66
C VAL E 207 12.81 11.55 52.92
N GLU E 208 11.70 11.72 53.63
CA GLU E 208 11.48 11.00 54.88
C GLU E 208 11.48 9.50 54.64
N VAL E 209 11.04 9.09 53.47
CA VAL E 209 10.98 7.68 53.16
C VAL E 209 12.35 7.00 53.21
N PHE E 210 13.36 7.62 52.63
CA PHE E 210 14.68 7.00 52.64
C PHE E 210 15.70 7.65 53.57
N ALA E 211 15.28 8.62 54.37
CA ALA E 211 16.19 9.30 55.28
C ALA E 211 15.40 10.00 56.36
N ASP E 212 16.10 10.53 57.37
CA ASP E 212 15.41 11.23 58.44
C ASP E 212 15.37 12.73 58.14
N VAL E 213 14.17 13.22 57.93
CA VAL E 213 13.91 14.63 57.62
C VAL E 213 14.19 15.71 58.66
N SER E 214 13.84 15.47 59.92
CA SER E 214 14.00 16.50 60.95
C SER E 214 15.38 16.62 61.59
N PHE E 215 15.94 17.82 61.57
CA PHE E 215 17.24 18.05 62.17
C PHE E 215 17.37 19.43 62.81
N SER E 216 18.24 19.52 63.81
CA SER E 216 18.51 20.78 64.49
C SER E 216 19.39 21.61 63.59
N LEU E 217 19.38 22.92 63.77
CA LEU E 217 20.20 23.80 62.97
C LEU E 217 21.65 23.44 63.21
N ASP E 218 21.97 23.14 64.46
CA ASP E 218 23.31 22.76 64.83
C ASP E 218 23.66 21.48 64.09
N GLU E 219 22.71 20.56 64.07
CA GLU E 219 22.86 19.28 63.40
C GLU E 219 23.02 19.48 61.91
N ILE E 220 22.26 20.41 61.35
CA ILE E 220 22.32 20.70 59.92
C ILE E 220 23.67 21.25 59.46
N LYS E 221 24.29 22.10 60.27
CA LYS E 221 25.58 22.66 59.88
C LYS E 221 26.66 21.62 59.74
N ARG E 222 26.71 20.66 60.66
CA ARG E 222 27.73 19.64 60.59
C ARG E 222 27.59 18.83 59.31
N ILE E 223 26.34 18.47 58.99
CA ILE E 223 26.05 17.67 57.82
C ILE E 223 26.44 18.35 56.52
N VAL E 224 26.16 19.63 56.43
CA VAL E 224 26.47 20.38 55.22
C VAL E 224 27.95 20.42 54.95
N GLU E 225 28.73 20.65 56.01
CA GLU E 225 30.17 20.74 55.86
C GLU E 225 30.85 19.44 55.41
N LYS E 226 30.57 18.33 56.09
CA LYS E 226 31.21 17.09 55.66
C LYS E 226 30.69 16.62 54.31
N VAL E 227 29.37 16.55 54.19
CA VAL E 227 28.70 16.15 52.95
C VAL E 227 28.79 17.19 51.85
N GLY E 228 28.65 18.45 52.25
CA GLY E 228 28.67 19.59 51.35
C GLY E 228 27.30 19.94 50.82
N ALA E 229 26.30 19.14 51.17
CA ALA E 229 24.92 19.35 50.76
C ALA E 229 23.98 18.59 51.68
N CYS E 230 22.70 18.93 51.71
CA CYS E 230 21.75 18.21 52.55
C CYS E 230 20.31 18.33 52.09
N LEU E 231 19.46 17.38 52.50
CA LEU E 231 18.04 17.38 52.15
C LEU E 231 17.18 17.17 53.39
N VAL E 232 16.97 18.22 54.18
CA VAL E 232 16.19 18.11 55.42
C VAL E 232 15.01 19.07 55.52
N TRP E 233 13.98 18.65 56.25
CA TRP E 233 12.76 19.41 56.43
C TRP E 233 12.91 20.70 57.17
N GLY E 234 12.31 21.73 56.60
CA GLY E 234 12.29 23.08 57.13
C GLY E 234 11.61 23.47 58.42
N GLY E 235 10.46 22.86 58.70
CA GLY E 235 9.65 23.25 59.83
C GLY E 235 10.22 23.19 61.23
N ALA E 236 11.01 22.18 61.54
CA ALA E 236 11.57 22.06 62.89
C ALA E 236 12.47 23.21 63.29
N LEU E 237 13.34 23.61 62.37
CA LEU E 237 14.28 24.69 62.63
C LEU E 237 13.59 26.06 62.57
N ASN E 238 14.21 27.04 63.24
CA ASN E 238 13.70 28.41 63.30
C ASN E 238 14.21 29.35 62.20
N LEU E 239 13.73 29.21 60.97
CA LEU E 239 14.19 30.11 59.93
C LEU E 239 13.01 30.90 59.40
N ALA E 240 13.11 32.23 59.43
CA ALA E 240 12.01 33.02 58.93
C ALA E 240 10.71 32.58 59.57
N PRO E 241 10.66 32.59 60.90
CA PRO E 241 9.48 32.16 61.63
C PRO E 241 8.26 32.97 61.24
N ALA E 242 8.47 34.25 60.97
CA ALA E 242 7.39 35.13 60.56
C ALA E 242 6.76 34.67 59.27
N ASP E 243 7.58 34.15 58.36
CA ASP E 243 7.06 33.72 57.08
C ASP E 243 6.02 32.63 57.21
N ASP E 244 6.27 31.65 58.07
CA ASP E 244 5.33 30.55 58.26
C ASP E 244 4.01 31.00 58.86
N ILE E 245 4.06 31.92 59.80
CA ILE E 245 2.85 32.41 60.45
C ILE E 245 1.92 33.08 59.46
N THR E 246 2.49 33.90 58.58
CA THR E 246 1.73 34.61 57.56
C THR E 246 1.10 33.64 56.59
N ILE E 247 1.81 32.56 56.28
CA ILE E 247 1.35 31.57 55.33
C ILE E 247 0.08 30.91 55.78
N LYS E 248 -0.15 30.83 57.08
CA LYS E 248 -1.36 30.20 57.55
C LYS E 248 -2.50 30.99 56.95
N ALA E 249 -2.37 32.31 56.98
CA ALA E 249 -3.36 33.21 56.43
C ALA E 249 -3.53 33.14 54.91
N GLU E 250 -2.43 33.09 54.17
CA GLU E 250 -2.51 33.03 52.72
C GLU E 250 -3.19 31.76 52.24
N ARG E 251 -2.86 30.64 52.84
CA ARG E 251 -3.45 29.36 52.45
C ARG E 251 -4.96 29.35 52.71
N ALA E 252 -5.35 29.94 53.83
CA ALA E 252 -6.75 30.01 54.22
C ALA E 252 -7.59 30.83 53.27
N LEU E 253 -7.03 31.94 52.81
CA LEU E 253 -7.70 32.85 51.91
C LEU E 253 -7.47 32.55 50.44
N SER E 254 -6.64 31.57 50.15
CA SER E 254 -6.37 31.18 48.78
C SER E 254 -5.86 32.34 47.94
N ILE E 255 -5.05 33.19 48.55
CA ILE E 255 -4.47 34.34 47.88
C ILE E 255 -3.00 34.39 48.18
N ASP E 256 -2.19 34.74 47.20
CA ASP E 256 -0.77 34.90 47.47
C ASP E 256 -0.26 36.23 46.93
N PRO E 257 0.00 37.19 47.80
CA PRO E 257 0.50 38.49 47.37
C PRO E 257 1.86 38.32 46.76
N THR E 258 2.15 38.99 45.65
CA THR E 258 3.44 38.83 45.03
C THR E 258 4.57 39.30 45.92
N GLY E 259 4.38 40.42 46.59
CA GLY E 259 5.41 40.94 47.46
C GLY E 259 5.70 40.02 48.63
N LEU E 260 4.66 39.48 49.23
CA LEU E 260 4.85 38.58 50.35
C LEU E 260 5.57 37.34 49.91
N MET E 261 5.19 36.82 48.75
CA MET E 261 5.81 35.63 48.21
C MET E 261 7.27 35.82 47.88
N LEU E 262 7.62 36.94 47.24
CA LEU E 262 9.01 37.15 46.93
C LEU E 262 9.76 37.29 48.23
N ALA E 263 9.18 38.05 49.14
CA ALA E 263 9.81 38.28 50.43
C ALA E 263 9.92 37.03 51.26
N SER E 264 8.86 36.23 51.27
CA SER E 264 8.87 35.01 52.06
C SER E 264 9.89 33.98 51.61
N ILE E 265 10.00 33.77 50.31
CA ILE E 265 10.95 32.80 49.77
C ILE E 265 12.40 33.19 50.02
N MET E 266 12.70 34.45 49.80
CA MET E 266 14.05 35.00 50.00
C MET E 266 14.50 35.09 51.45
N SER E 267 13.55 35.28 52.36
CA SER E 267 13.92 35.42 53.76
C SER E 267 14.64 34.18 54.24
N LYS E 268 14.13 33.01 53.86
CA LYS E 268 14.74 31.75 54.25
C LYS E 268 16.12 31.63 53.61
N LYS E 269 16.23 32.04 52.34
CA LYS E 269 17.50 31.98 51.62
C LYS E 269 18.56 32.91 52.21
N TYR E 270 18.17 34.10 52.62
CA TYR E 270 19.09 35.06 53.22
C TYR E 270 19.64 34.52 54.54
N ALA E 271 18.75 33.86 55.28
CA ALA E 271 19.09 33.28 56.58
C ALA E 271 20.11 32.16 56.47
N MET E 272 19.96 31.32 55.46
CA MET E 272 20.90 30.22 55.25
C MET E 272 22.20 30.76 54.70
N GLY E 273 22.19 32.01 54.31
CA GLY E 273 23.37 32.63 53.77
C GLY E 273 23.61 32.25 52.34
N SER E 274 22.58 31.74 51.67
CA SER E 274 22.76 31.35 50.29
C SER E 274 23.27 32.56 49.55
N GLN E 275 24.32 32.38 48.78
CA GLN E 275 24.91 33.47 48.02
C GLN E 275 24.52 33.43 46.55
N TYR E 276 24.38 32.23 46.01
CA TYR E 276 23.95 32.09 44.64
C TYR E 276 22.63 31.35 44.64
N VAL E 277 21.60 31.99 44.10
CA VAL E 277 20.25 31.43 44.13
C VAL E 277 19.66 31.27 42.73
N LEU E 278 19.10 30.09 42.48
CA LEU E 278 18.45 29.79 41.23
C LEU E 278 17.00 29.51 41.51
N ILE E 279 16.12 30.16 40.76
CA ILE E 279 14.70 29.99 40.97
C ILE E 279 14.05 29.39 39.75
N ASP E 280 13.19 28.41 39.99
CA ASP E 280 12.48 27.77 38.90
C ASP E 280 11.02 28.18 38.96
N ILE E 281 10.49 28.69 37.86
CA ILE E 281 9.08 29.08 37.82
C ILE E 281 8.30 28.23 36.85
N PRO E 282 7.57 27.23 37.36
CA PRO E 282 6.78 26.35 36.51
C PRO E 282 5.58 27.13 36.01
N THR E 283 5.57 27.42 34.70
CA THR E 283 4.50 28.16 34.07
C THR E 283 3.62 27.20 33.25
N GLY E 284 2.31 27.39 33.32
CA GLY E 284 1.40 26.58 32.54
C GLY E 284 0.03 26.52 33.18
N LYS E 285 -0.92 25.90 32.51
CA LYS E 285 -2.28 25.83 33.02
C LYS E 285 -2.31 25.06 34.31
N GLY E 286 -3.17 25.48 35.24
CA GLY E 286 -3.25 24.78 36.50
C GLY E 286 -1.93 24.77 37.24
N VAL E 287 -1.22 25.89 37.16
CA VAL E 287 0.02 26.09 37.87
C VAL E 287 -0.12 27.47 38.50
N LYS E 288 0.69 27.77 39.50
CA LYS E 288 0.52 29.05 40.18
C LYS E 288 0.71 30.19 39.21
N VAL E 289 1.72 30.07 38.33
CA VAL E 289 1.94 31.08 37.31
C VAL E 289 1.49 30.57 35.94
N GLU E 290 0.34 31.04 35.49
CA GLU E 290 -0.30 30.60 34.24
C GLU E 290 0.39 30.89 32.92
N THR E 291 0.97 32.08 32.77
CA THR E 291 1.52 32.53 31.51
C THR E 291 3.00 32.84 31.56
N VAL E 292 3.68 32.70 30.43
CA VAL E 292 5.09 33.00 30.37
C VAL E 292 5.32 34.47 30.66
N GLU E 293 4.43 35.32 30.16
CA GLU E 293 4.61 36.76 30.35
C GLU E 293 4.65 37.10 31.83
N GLU E 294 3.77 36.47 32.61
CA GLU E 294 3.72 36.69 34.04
C GLU E 294 5.01 36.20 34.66
N ALA E 295 5.53 35.10 34.14
CA ALA E 295 6.75 34.50 34.63
C ALA E 295 7.96 35.40 34.47
N ARG E 296 8.05 36.07 33.33
CA ARG E 296 9.19 36.94 33.09
C ARG E 296 9.23 38.09 34.09
N SER E 297 8.08 38.67 34.40
CA SER E 297 8.02 39.74 35.36
C SER E 297 8.41 39.25 36.74
N LEU E 298 7.93 38.06 37.09
CA LEU E 298 8.24 37.45 38.36
C LEU E 298 9.72 37.18 38.45
N ALA E 299 10.29 36.73 37.34
CA ALA E 299 11.70 36.44 37.28
C ALA E 299 12.51 37.71 37.52
N ARG E 300 12.06 38.80 36.93
CA ARG E 300 12.74 40.08 37.10
C ARG E 300 12.70 40.52 38.55
N ASP E 301 11.56 40.32 39.18
CA ASP E 301 11.40 40.70 40.58
C ASP E 301 12.33 39.87 41.45
N PHE E 302 12.47 38.58 41.15
CA PHE E 302 13.37 37.74 41.94
C PHE E 302 14.81 38.17 41.80
N ILE E 303 15.24 38.46 40.58
CA ILE E 303 16.60 38.90 40.32
C ILE E 303 16.94 40.24 40.96
N GLU E 304 16.02 41.19 40.83
CA GLU E 304 16.21 42.52 41.40
C GLU E 304 16.24 42.52 42.91
N LEU E 305 15.39 41.71 43.51
CA LEU E 305 15.34 41.62 44.95
C LEU E 305 16.67 41.11 45.45
N GLY E 306 17.26 40.20 44.68
CA GLY E 306 18.55 39.63 45.04
C GLY E 306 19.67 40.64 45.10
N LYS E 307 19.66 41.61 44.18
CA LYS E 307 20.71 42.62 44.16
C LYS E 307 20.69 43.39 45.46
N ARG E 308 19.50 43.68 45.96
CA ARG E 308 19.33 44.41 47.20
C ARG E 308 19.92 43.66 48.38
N LEU E 309 19.77 42.35 48.38
CA LEU E 309 20.24 41.49 49.45
C LEU E 309 21.64 40.97 49.21
N GLY E 310 22.28 41.47 48.16
CA GLY E 310 23.61 41.01 47.82
C GLY E 310 23.67 39.54 47.47
N GLN E 311 22.65 39.09 46.73
CA GLN E 311 22.57 37.71 46.28
C GLN E 311 22.49 37.65 44.76
N TYR E 312 23.24 36.75 44.15
CA TYR E 312 23.21 36.63 42.71
C TYR E 312 22.13 35.63 42.38
N VAL E 313 21.11 36.08 41.66
CA VAL E 313 20.00 35.20 41.32
C VAL E 313 19.79 35.08 39.82
N GLU E 314 19.57 33.85 39.38
CA GLU E 314 19.28 33.54 38.00
C GLU E 314 17.97 32.80 38.04
N VAL E 315 17.10 33.08 37.07
CA VAL E 315 15.79 32.46 37.04
C VAL E 315 15.57 31.60 35.81
N ALA E 316 14.97 30.43 36.00
CA ALA E 316 14.68 29.53 34.91
C ALA E 316 13.19 29.31 34.86
N ILE E 317 12.60 29.45 33.68
CA ILE E 317 11.18 29.28 33.49
C ILE E 317 10.97 27.96 32.79
N THR E 318 10.15 27.12 33.39
CA THR E 318 9.88 25.78 32.87
C THR E 318 8.41 25.46 32.81
N TYR E 319 8.06 24.44 32.04
CA TYR E 319 6.67 24.02 31.90
C TYR E 319 6.08 23.30 33.10
N GLY E 320 4.91 23.74 33.53
CA GLY E 320 4.20 23.17 34.65
C GLY E 320 2.87 22.56 34.27
N GLY E 321 2.65 22.35 32.97
CA GLY E 321 1.41 21.80 32.47
C GLY E 321 1.06 20.38 32.88
N GLN E 322 2.06 19.53 32.95
CA GLN E 322 1.84 18.15 33.28
C GLN E 322 2.72 17.76 34.45
N PRO E 323 2.33 16.72 35.17
CA PRO E 323 3.10 16.27 36.32
C PRO E 323 4.47 15.81 35.84
N ILE E 324 5.48 16.05 36.65
CA ILE E 324 6.83 15.67 36.28
C ILE E 324 7.10 14.21 36.61
N GLY E 325 7.52 13.44 35.62
CA GLY E 325 7.77 12.04 35.82
C GLY E 325 6.44 11.34 35.74
N HIS E 326 6.43 10.03 35.96
CA HIS E 326 5.20 9.28 35.93
C HIS E 326 4.69 8.96 37.29
N THR E 327 5.34 9.48 38.32
CA THR E 327 4.96 9.20 39.70
C THR E 327 4.56 10.42 40.54
N VAL E 328 3.41 10.30 41.17
CA VAL E 328 2.88 11.33 42.05
C VAL E 328 2.64 10.65 43.39
N GLY E 329 3.06 11.29 44.48
CA GLY E 329 2.94 10.73 45.81
C GLY E 329 4.33 10.45 46.34
N PRO E 330 4.50 10.49 47.66
CA PRO E 330 5.83 10.33 48.26
C PRO E 330 6.58 9.01 48.11
N ALA E 331 5.96 7.87 48.32
CA ALA E 331 6.69 6.62 48.17
C ALA E 331 7.07 6.43 46.72
N LEU E 332 6.11 6.70 45.83
CA LEU E 332 6.31 6.56 44.41
C LEU E 332 7.35 7.53 43.88
N GLU E 333 7.30 8.76 44.35
CA GLU E 333 8.26 9.77 43.91
C GLU E 333 9.67 9.39 44.34
N ALA E 334 9.81 8.87 45.55
CA ALA E 334 11.12 8.50 46.05
C ALA E 334 11.77 7.40 45.23
N ARG E 335 10.99 6.40 44.83
CA ARG E 335 11.55 5.32 44.06
C ARG E 335 12.03 5.87 42.75
N GLU E 336 11.22 6.74 42.17
CA GLU E 336 11.59 7.31 40.90
C GLU E 336 12.84 8.16 40.97
N ALA E 337 12.93 8.99 42.01
CA ALA E 337 14.10 9.83 42.14
C ALA E 337 15.34 8.99 42.36
N LEU E 338 15.24 8.01 43.24
CA LEU E 338 16.37 7.14 43.52
C LEU E 338 16.76 6.28 42.35
N SER E 339 15.77 5.70 41.68
CA SER E 339 16.06 4.83 40.57
C SER E 339 16.77 5.61 39.50
N ALA E 340 16.32 6.83 39.27
CA ALA E 340 16.94 7.68 38.27
C ALA E 340 18.37 8.00 38.68
N LEU E 341 18.55 8.35 39.95
CA LEU E 341 19.88 8.69 40.41
C LEU E 341 20.83 7.52 40.32
N MET E 342 20.41 6.36 40.80
CA MET E 342 21.27 5.19 40.76
C MET E 342 21.53 4.65 39.37
N THR E 343 20.46 4.49 38.60
CA THR E 343 20.54 3.99 37.24
C THR E 343 21.17 4.96 36.25
N GLY E 344 20.87 6.24 36.42
CA GLY E 344 21.35 7.27 35.51
C GLY E 344 20.38 7.35 34.36
N LYS E 345 19.36 6.51 34.43
CA LYS E 345 18.31 6.46 33.43
C LYS E 345 17.01 6.79 34.14
N GLY E 346 16.28 7.76 33.60
CA GLY E 346 15.04 8.18 34.20
C GLY E 346 14.15 8.82 33.17
N PRO E 347 12.94 9.17 33.59
CA PRO E 347 11.97 9.79 32.70
C PRO E 347 12.55 11.07 32.15
N GLY E 348 12.26 11.35 30.88
CA GLY E 348 12.80 12.53 30.23
C GLY E 348 12.42 13.82 30.90
N SER E 349 11.17 13.93 31.31
CA SER E 349 10.76 15.15 31.97
C SER E 349 11.54 15.37 33.25
N LEU E 350 11.68 14.32 34.06
CA LEU E 350 12.45 14.45 35.29
C LEU E 350 13.94 14.67 35.08
N ILE E 351 14.52 13.91 34.17
CA ILE E 351 15.96 14.01 33.91
C ILE E 351 16.47 15.31 33.29
N GLU E 352 15.80 15.78 32.26
CA GLU E 352 16.24 16.99 31.57
C GLU E 352 16.16 18.22 32.45
N LYS E 353 15.06 18.34 33.18
CA LYS E 353 14.89 19.48 34.05
C LYS E 353 15.93 19.48 35.14
N ALA E 354 16.18 18.31 35.70
CA ALA E 354 17.16 18.17 36.77
C ALA E 354 18.53 18.55 36.24
N THR E 355 18.82 18.12 35.02
CA THR E 355 20.09 18.43 34.39
C THR E 355 20.16 19.89 34.05
N GLY E 356 19.08 20.44 33.51
CA GLY E 356 19.07 21.84 33.16
C GLY E 356 19.22 22.76 34.35
N LEU E 357 18.45 22.51 35.40
CA LEU E 357 18.55 23.34 36.59
C LEU E 357 19.92 23.20 37.23
N ALA E 358 20.41 21.98 37.28
CA ALA E 358 21.72 21.72 37.85
C ALA E 358 22.81 22.40 37.04
N GLY E 359 22.66 22.37 35.72
CA GLY E 359 23.63 22.98 34.84
C GLY E 359 23.70 24.46 35.05
N ILE E 360 22.56 25.10 35.24
CA ILE E 360 22.54 26.53 35.45
C ILE E 360 23.29 26.85 36.72
N LEU E 361 23.09 26.03 37.75
CA LEU E 361 23.77 26.19 39.03
C LEU E 361 25.29 26.01 38.92
N LEU E 362 25.72 25.04 38.13
CA LEU E 362 27.14 24.79 37.97
C LEU E 362 27.85 25.97 37.33
N GLU E 363 27.23 26.56 36.31
CA GLU E 363 27.84 27.70 35.65
C GLU E 363 27.97 28.83 36.65
N MET E 364 26.94 28.97 37.47
CA MET E 364 26.92 30.01 38.49
C MET E 364 28.07 29.73 39.44
N GLY E 365 28.29 28.46 39.70
CA GLY E 365 29.37 28.00 40.56
C GLY E 365 30.76 28.33 40.07
N GLY E 366 30.90 28.41 38.75
CA GLY E 366 32.18 28.66 38.11
C GLY E 366 32.83 27.34 37.76
N VAL E 367 32.15 26.26 38.12
CA VAL E 367 32.59 24.91 37.84
C VAL E 367 32.64 24.64 36.35
N ALA E 368 31.69 25.19 35.62
CA ALA E 368 31.64 24.98 34.19
C ALA E 368 31.67 26.27 33.40
N PRO E 369 32.27 26.20 32.20
CA PRO E 369 32.35 27.34 31.31
C PRO E 369 30.95 27.59 30.81
N ALA E 370 30.63 28.80 30.39
CA ALA E 370 29.28 29.09 29.95
C ALA E 370 28.83 28.23 28.79
N GLY E 371 27.58 27.76 28.88
CA GLY E 371 26.97 26.92 27.87
C GLY E 371 27.26 25.44 28.02
N THR E 372 28.09 25.10 29.00
CA THR E 372 28.47 23.72 29.27
C THR E 372 27.79 23.06 30.48
N GLY E 373 26.93 23.79 31.17
CA GLY E 373 26.30 23.24 32.35
C GLY E 373 25.40 22.03 32.15
N LYS E 374 24.57 22.07 31.13
CA LYS E 374 23.68 20.95 30.89
C LYS E 374 24.47 19.70 30.57
N LYS E 375 25.48 19.84 29.72
CA LYS E 375 26.31 18.70 29.34
C LYS E 375 27.08 18.13 30.50
N MET E 376 27.65 18.99 31.32
CA MET E 376 28.41 18.53 32.47
C MET E 376 27.53 17.81 33.46
N ALA E 377 26.32 18.31 33.63
CA ALA E 377 25.37 17.72 34.57
C ALA E 377 25.00 16.29 34.21
N LYS E 378 24.83 16.03 32.92
CA LYS E 378 24.49 14.70 32.46
C LYS E 378 25.61 13.74 32.83
N GLU E 379 26.84 14.21 32.69
CA GLU E 379 28.02 13.41 32.97
C GLU E 379 28.06 12.96 34.42
N ILE E 380 27.73 13.85 35.33
CA ILE E 380 27.76 13.49 36.73
C ILE E 380 26.71 12.43 37.04
N LEU E 381 25.51 12.60 36.50
CA LEU E 381 24.45 11.64 36.71
C LEU E 381 24.73 10.31 36.03
N GLU E 382 25.17 10.38 34.77
CA GLU E 382 25.51 9.20 33.98
C GLU E 382 26.72 8.52 34.56
N SER E 383 27.66 9.32 35.01
CA SER E 383 28.89 8.83 35.60
C SER E 383 28.52 8.01 36.83
N GLY E 384 27.41 8.35 37.44
CA GLY E 384 26.96 7.67 38.63
C GLY E 384 27.62 8.36 39.79
N LYS E 385 28.39 9.39 39.47
CA LYS E 385 29.10 10.16 40.48
C LYS E 385 28.09 10.83 41.40
N ALA E 386 27.01 11.33 40.80
CA ALA E 386 25.95 12.00 41.55
C ALA E 386 25.28 11.06 42.53
N TRP E 387 25.11 9.81 42.12
CA TRP E 387 24.46 8.83 42.96
C TRP E 387 25.18 8.62 44.25
N GLU E 388 26.50 8.60 44.18
CA GLU E 388 27.30 8.38 45.39
C GLU E 388 27.08 9.49 46.41
N LYS E 389 26.99 10.73 45.95
CA LYS E 389 26.80 11.85 46.86
C LYS E 389 25.48 11.69 47.60
N MET E 390 24.44 11.24 46.91
CA MET E 390 23.16 11.02 47.55
C MET E 390 23.36 9.97 48.61
N LYS E 391 24.17 8.97 48.30
CA LYS E 391 24.42 7.90 49.24
C LYS E 391 25.05 8.49 50.49
N GLU E 392 25.95 9.46 50.31
CA GLU E 392 26.59 10.07 51.46
C GLU E 392 25.55 10.78 52.30
N ILE E 393 24.61 11.44 51.64
CA ILE E 393 23.54 12.17 52.33
C ILE E 393 22.58 11.30 53.14
N ILE E 394 22.20 10.16 52.59
CA ILE E 394 21.27 9.28 53.27
C ILE E 394 21.85 8.78 54.57
N GLU E 395 23.13 8.41 54.54
CA GLU E 395 23.81 7.92 55.72
C GLU E 395 23.92 8.98 56.80
N ALA E 396 24.23 10.19 56.38
CA ALA E 396 24.39 11.31 57.30
C ALA E 396 23.09 11.61 58.01
N GLN E 397 21.99 11.51 57.28
CA GLN E 397 20.68 11.77 57.84
C GLN E 397 20.15 10.54 58.55
N GLY E 398 20.88 9.44 58.48
CA GLY E 398 20.43 8.21 59.11
C GLY E 398 19.77 7.19 58.22
N GLY E 399 19.75 7.47 56.92
CA GLY E 399 19.18 6.55 55.95
C GLY E 399 20.18 5.46 55.63
N ASP E 400 19.75 4.38 54.99
CA ASP E 400 20.69 3.33 54.65
C ASP E 400 21.04 3.38 53.17
N PRO E 401 22.31 3.63 52.89
CA PRO E 401 22.83 3.74 51.53
C PRO E 401 22.68 2.45 50.74
N ASN E 402 22.88 1.34 51.43
CA ASN E 402 22.83 0.02 50.83
C ASN E 402 21.45 -0.26 50.26
N ILE E 403 20.47 0.48 50.76
CA ILE E 403 19.09 0.22 50.42
C ILE E 403 18.84 0.33 48.94
N LYS E 404 17.89 -0.46 48.46
CA LYS E 404 17.55 -0.53 47.05
C LYS E 404 16.17 0.02 46.79
N PRO E 405 16.06 0.84 45.74
CA PRO E 405 14.82 1.53 45.38
C PRO E 405 13.72 0.55 45.05
N GLU E 406 14.06 -0.54 44.38
CA GLU E 406 13.07 -1.51 43.96
C GLU E 406 12.37 -2.06 45.19
N GLU E 407 13.14 -2.18 46.26
CA GLU E 407 12.67 -2.67 47.54
C GLU E 407 11.58 -1.80 48.15
N ILE E 408 11.68 -0.50 47.96
CA ILE E 408 10.79 0.43 48.65
C ILE E 408 9.35 0.05 48.42
N PRO E 409 8.54 0.15 49.53
CA PRO E 409 7.13 -0.25 49.52
C PRO E 409 6.07 0.76 49.06
N ILE E 410 5.47 0.42 47.92
CA ILE E 410 4.32 1.12 47.38
C ILE E 410 3.07 0.59 48.02
N GLY E 411 1.95 1.29 47.87
CA GLY E 411 0.69 0.86 48.45
C GLY E 411 0.17 -0.46 47.91
N ASP E 412 -0.36 -1.28 48.80
CA ASP E 412 -0.87 -2.61 48.48
C ASP E 412 -2.08 -2.66 47.56
N LYS E 413 -3.02 -1.74 47.75
CA LYS E 413 -4.25 -1.74 46.97
C LYS E 413 -4.12 -0.84 45.77
N THR E 414 -4.31 -1.40 44.58
CA THR E 414 -4.19 -0.64 43.35
C THR E 414 -5.39 -0.79 42.46
N TYR E 415 -5.82 0.33 41.88
CA TYR E 415 -6.87 0.32 40.88
C TYR E 415 -6.34 1.03 39.66
N THR E 416 -6.56 0.47 38.49
CA THR E 416 -6.02 1.05 37.27
C THR E 416 -7.09 1.56 36.33
N PHE E 417 -6.91 2.78 35.83
CA PHE E 417 -7.82 3.40 34.88
C PHE E 417 -7.25 3.30 33.46
N THR E 418 -8.09 2.92 32.51
CA THR E 418 -7.68 2.75 31.12
C THR E 418 -8.43 3.69 30.18
N ALA E 419 -7.85 3.95 29.02
CA ALA E 419 -8.45 4.88 28.06
C ALA E 419 -9.80 4.44 27.54
N ALA E 420 -10.75 5.36 27.59
CA ALA E 420 -12.11 5.12 27.10
C ALA E 420 -12.19 4.93 25.59
N THR E 421 -11.41 5.74 24.87
CA THR E 421 -11.39 5.72 23.42
C THR E 421 -9.99 5.91 22.88
N SER E 422 -9.74 5.44 21.65
CA SER E 422 -8.44 5.58 21.02
C SER E 422 -8.21 7.06 20.75
N GLY E 423 -6.97 7.50 20.79
CA GLY E 423 -6.71 8.91 20.55
C GLY E 423 -5.33 9.40 20.96
N TYR E 424 -5.20 10.70 21.06
CA TYR E 424 -3.97 11.36 21.46
C TYR E 424 -4.30 12.10 22.75
N VAL E 425 -3.39 12.12 23.73
CA VAL E 425 -3.67 12.76 25.00
C VAL E 425 -3.35 14.24 25.01
N THR E 426 -4.37 15.07 24.80
CA THR E 426 -4.18 16.52 24.77
C THR E 426 -3.76 17.19 26.08
N ALA E 427 -4.33 16.77 27.20
CA ALA E 427 -3.96 17.39 28.46
C ALA E 427 -4.20 16.54 29.70
N ILE E 428 -3.42 16.81 30.73
CA ILE E 428 -3.52 16.15 32.02
C ILE E 428 -3.73 17.27 33.02
N ASP E 429 -4.70 17.14 33.91
CA ASP E 429 -4.95 18.18 34.87
C ASP E 429 -4.25 17.96 36.20
N ASN E 430 -3.38 18.89 36.56
CA ASN E 430 -2.64 18.81 37.80
C ASN E 430 -3.50 18.87 39.03
N ARG E 431 -4.50 19.75 39.01
CA ARG E 431 -5.35 19.92 40.16
C ARG E 431 -6.10 18.64 40.45
N ALA E 432 -6.63 18.02 39.41
CA ALA E 432 -7.35 16.77 39.57
C ALA E 432 -6.49 15.61 40.00
N ILE E 433 -5.31 15.47 39.39
CA ILE E 433 -4.42 14.37 39.72
C ILE E 433 -3.96 14.42 41.17
N THR E 434 -3.60 15.59 41.62
CA THR E 434 -3.17 15.77 42.99
C THR E 434 -4.32 15.57 43.93
N ALA E 435 -5.49 16.02 43.53
CA ALA E 435 -6.67 15.87 44.37
C ALA E 435 -6.95 14.39 44.54
N ILE E 436 -6.82 13.63 43.46
CA ILE E 436 -7.04 12.20 43.48
C ILE E 436 -6.02 11.52 44.37
N ALA E 437 -4.78 11.98 44.27
CA ALA E 437 -3.70 11.41 45.05
C ALA E 437 -3.93 11.63 46.53
N ARG E 438 -4.42 12.81 46.89
CA ARG E 438 -4.67 13.16 48.27
C ARG E 438 -5.75 12.26 48.86
N ALA E 439 -6.74 11.91 48.06
CA ALA E 439 -7.82 11.04 48.51
C ALA E 439 -7.27 9.68 48.86
N ALA E 440 -6.27 9.26 48.11
CA ALA E 440 -5.61 7.97 48.30
C ALA E 440 -4.92 7.96 49.65
N GLY E 441 -4.75 9.15 50.23
CA GLY E 441 -4.13 9.28 51.53
C GLY E 441 -2.78 9.94 51.62
N ALA E 442 -2.24 10.36 50.48
CA ALA E 442 -0.97 11.04 50.48
C ALA E 442 -1.21 12.36 51.18
N PRO E 443 -0.21 12.88 51.89
CA PRO E 443 1.09 12.26 52.00
C PRO E 443 1.22 11.56 53.33
N GLU E 444 0.12 11.45 54.06
CA GLU E 444 0.16 10.79 55.35
C GLU E 444 0.54 9.33 55.18
N ASP E 445 0.01 8.69 54.15
CA ASP E 445 0.36 7.32 53.87
C ASP E 445 1.31 7.36 52.70
N LYS E 446 2.54 6.94 52.92
CA LYS E 446 3.56 6.97 51.89
C LYS E 446 3.16 6.08 50.73
N GLY E 447 2.51 4.98 51.06
CA GLY E 447 2.10 4.01 50.06
C GLY E 447 1.17 4.56 49.01
N ALA E 448 0.25 5.44 49.40
CA ALA E 448 -0.71 6.03 48.48
C ALA E 448 -0.08 6.99 47.48
N GLY E 449 -0.63 7.04 46.27
CA GLY E 449 -0.13 7.91 45.23
C GLY E 449 -0.74 7.54 43.90
N ILE E 450 -0.23 8.12 42.82
CA ILE E 450 -0.72 7.82 41.49
C ILE E 450 0.45 7.56 40.56
N GLU E 451 0.30 6.61 39.64
CA GLU E 451 1.36 6.31 38.69
C GLU E 451 0.80 6.49 37.29
N LEU E 452 1.49 7.28 36.47
CA LEU E 452 1.02 7.54 35.12
C LEU E 452 1.92 6.89 34.09
N TYR E 453 1.30 6.14 33.19
CA TYR E 453 2.04 5.48 32.14
C TYR E 453 2.01 6.30 30.87
N VAL E 454 1.29 7.42 30.90
CA VAL E 454 1.15 8.29 29.74
C VAL E 454 1.57 9.72 30.03
N LYS E 455 2.01 10.40 28.99
CA LYS E 455 2.45 11.79 29.09
C LYS E 455 1.78 12.58 27.99
N VAL E 456 1.69 13.89 28.15
CA VAL E 456 1.03 14.71 27.16
C VAL E 456 1.75 14.62 25.82
N GLY E 457 0.96 14.58 24.76
CA GLY E 457 1.48 14.47 23.41
C GLY E 457 1.66 13.04 22.99
N GLU E 458 1.43 12.12 23.92
CA GLU E 458 1.55 10.71 23.62
C GLU E 458 0.30 10.22 22.91
N LYS E 459 0.42 9.14 22.16
CA LYS E 459 -0.70 8.57 21.44
C LYS E 459 -1.08 7.29 22.12
N VAL E 460 -2.33 7.17 22.53
CA VAL E 460 -2.78 5.97 23.23
C VAL E 460 -3.96 5.30 22.54
N LYS E 461 -3.84 4.00 22.31
CA LYS E 461 -4.93 3.24 21.71
C LYS E 461 -5.99 3.01 22.77
N GLU E 462 -7.21 2.74 22.35
CA GLU E 462 -8.31 2.51 23.28
C GLU E 462 -8.04 1.30 24.12
N GLY E 463 -8.36 1.39 25.40
CA GLY E 463 -8.16 0.30 26.32
C GLY E 463 -6.76 0.34 26.95
N ASP E 464 -5.93 1.27 26.50
CA ASP E 464 -4.60 1.41 27.08
C ASP E 464 -4.74 1.95 28.48
N PRO E 465 -3.91 1.49 29.39
CA PRO E 465 -3.97 1.98 30.77
C PRO E 465 -3.43 3.40 30.86
N LEU E 466 -4.09 4.27 31.62
CA LEU E 466 -3.62 5.64 31.72
C LEU E 466 -2.83 5.92 32.98
N PHE E 467 -3.34 5.49 34.12
CA PHE E 467 -2.67 5.69 35.38
C PHE E 467 -3.16 4.63 36.36
N THR E 468 -2.36 4.36 37.39
CA THR E 468 -2.71 3.37 38.38
C THR E 468 -2.77 4.06 39.73
N ILE E 469 -3.78 3.75 40.54
CA ILE E 469 -3.91 4.38 41.84
C ILE E 469 -3.49 3.44 42.95
N HIS E 470 -2.59 3.88 43.81
CA HIS E 470 -2.12 3.06 44.90
C HIS E 470 -2.58 3.60 46.22
N ALA E 471 -3.30 2.78 46.98
CA ALA E 471 -3.79 3.20 48.27
C ALA E 471 -3.52 2.18 49.35
N GLU E 472 -3.13 2.65 50.52
CA GLU E 472 -2.86 1.79 51.67
C GLU E 472 -4.10 1.08 52.22
N HIS E 473 -5.23 1.77 52.21
CA HIS E 473 -6.49 1.21 52.71
C HIS E 473 -7.55 1.22 51.66
N GLU E 474 -8.37 0.18 51.66
CA GLU E 474 -9.43 0.04 50.67
C GLU E 474 -10.44 1.17 50.74
N ALA E 475 -10.76 1.64 51.94
CA ALA E 475 -11.73 2.72 52.04
C ALA E 475 -11.22 3.95 51.33
N ARG E 476 -9.93 4.25 51.53
CA ARG E 476 -9.30 5.40 50.88
C ARG E 476 -9.22 5.22 49.38
N LEU E 477 -8.92 3.99 48.94
CA LEU E 477 -8.82 3.71 47.52
C LEU E 477 -10.15 3.93 46.82
N ASP E 478 -11.23 3.54 47.47
CA ASP E 478 -12.53 3.70 46.88
C ASP E 478 -12.84 5.17 46.65
N GLN E 479 -12.50 6.01 47.62
CA GLN E 479 -12.76 7.43 47.50
C GLN E 479 -11.97 8.04 46.36
N ALA E 480 -10.71 7.63 46.25
CA ALA E 480 -9.84 8.09 45.19
C ALA E 480 -10.34 7.64 43.82
N ILE E 481 -10.78 6.40 43.74
CA ILE E 481 -11.30 5.88 42.48
C ILE E 481 -12.52 6.68 42.09
N VAL E 482 -13.33 7.04 43.08
CA VAL E 482 -14.52 7.82 42.85
C VAL E 482 -14.21 9.21 42.32
N LEU E 483 -13.21 9.86 42.91
CA LEU E 483 -12.84 11.21 42.49
C LEU E 483 -12.30 11.21 41.07
N ALA E 484 -11.49 10.23 40.76
CA ALA E 484 -10.89 10.13 39.43
C ALA E 484 -11.92 9.96 38.35
N ARG E 485 -12.95 9.16 38.61
CA ARG E 485 -13.96 8.93 37.59
C ARG E 485 -14.70 10.21 37.23
N ARG E 486 -15.11 10.97 38.24
CA ARG E 486 -15.82 12.22 38.00
C ARG E 486 -14.92 13.29 37.36
N THR E 487 -13.75 13.48 37.96
CA THR E 487 -12.81 14.47 37.50
C THR E 487 -12.20 14.23 36.11
N GLU E 488 -11.86 12.99 35.79
CA GLU E 488 -11.28 12.73 34.47
C GLU E 488 -10.06 13.60 34.14
N PRO E 489 -9.00 13.45 34.91
CA PRO E 489 -7.76 14.24 34.75
C PRO E 489 -7.09 14.10 33.39
N ILE E 490 -7.12 12.91 32.80
CA ILE E 490 -6.49 12.74 31.51
C ILE E 490 -7.48 12.94 30.37
N ARG E 491 -7.09 13.75 29.39
CA ARG E 491 -7.94 14.06 28.25
C ARG E 491 -7.39 13.56 26.93
N ILE E 492 -8.25 12.88 26.18
CA ILE E 492 -7.91 12.31 24.88
C ILE E 492 -8.82 12.85 23.80
N GLU E 493 -8.26 13.14 22.63
CA GLU E 493 -9.04 13.64 21.50
C GLU E 493 -8.51 13.23 20.13
N MET F 1 -0.82 40.91 -18.07
CA MET F 1 -1.75 41.71 -18.82
C MET F 1 -1.38 43.18 -18.73
N LYS F 2 -1.56 43.89 -19.83
CA LYS F 2 -1.25 45.31 -19.87
C LYS F 2 -2.52 46.11 -20.11
N ALA F 3 -2.75 47.10 -19.27
CA ALA F 3 -3.91 47.97 -19.38
C ALA F 3 -3.53 49.36 -18.93
N LYS F 4 -4.26 50.36 -19.42
CA LYS F 4 -3.98 51.75 -19.09
C LYS F 4 -4.63 52.14 -17.77
N ILE F 5 -3.85 52.73 -16.87
CA ILE F 5 -4.37 53.11 -15.56
C ILE F 5 -5.47 54.16 -15.62
N ARG F 6 -6.53 53.96 -14.85
CA ARG F 6 -7.63 54.90 -14.80
C ARG F 6 -7.92 55.23 -13.35
N ILE F 7 -7.79 56.49 -12.97
CA ILE F 7 -8.04 56.89 -11.58
C ILE F 7 -9.50 56.77 -11.23
N LEU F 8 -9.76 56.35 -9.99
CA LEU F 8 -11.11 56.17 -9.50
C LEU F 8 -11.37 57.12 -8.37
N ASP F 9 -12.51 57.80 -8.43
CA ASP F 9 -12.86 58.74 -7.39
C ASP F 9 -13.51 57.99 -6.25
N MET F 10 -12.76 57.11 -5.60
CA MET F 10 -13.30 56.35 -4.49
C MET F 10 -12.29 55.95 -3.43
N PHE F 11 -12.71 55.93 -2.16
CA PHE F 11 -11.85 55.51 -1.07
C PHE F 11 -12.46 54.30 -0.39
N SER F 12 -11.88 53.13 -0.61
CA SER F 12 -12.40 51.89 -0.04
C SER F 12 -11.74 51.42 1.24
N GLY F 13 -10.72 52.11 1.70
CA GLY F 13 -10.01 51.72 2.91
C GLY F 13 -9.02 50.61 2.60
N ARG F 14 -8.91 50.31 1.31
CA ARG F 14 -8.03 49.27 0.81
C ARG F 14 -7.63 49.68 -0.59
N TYR F 15 -6.60 49.07 -1.14
CA TYR F 15 -6.20 49.40 -2.48
C TYR F 15 -7.13 48.57 -3.34
N THR F 16 -8.02 49.25 -4.04
CA THR F 16 -9.01 48.59 -4.87
C THR F 16 -8.66 48.73 -6.32
N VAL F 17 -8.63 47.61 -7.01
CA VAL F 17 -8.33 47.63 -8.43
C VAL F 17 -9.57 47.11 -9.13
N LEU F 18 -10.04 47.84 -10.13
CA LEU F 18 -11.21 47.44 -10.86
C LEU F 18 -10.81 46.87 -12.19
N ILE F 19 -11.39 45.73 -12.55
CA ILE F 19 -11.05 45.08 -13.79
C ILE F 19 -12.28 44.68 -14.58
N ASN F 20 -12.17 44.70 -15.90
CA ASN F 20 -13.27 44.36 -16.78
C ASN F 20 -13.67 42.91 -16.62
N GLU F 21 -14.96 42.62 -16.71
CA GLU F 21 -15.39 41.24 -16.54
C GLU F 21 -14.80 40.34 -17.62
N GLU F 22 -14.83 40.80 -18.87
CA GLU F 22 -14.26 40.03 -19.98
C GLU F 22 -12.74 39.91 -19.88
N ASP F 23 -12.09 41.02 -19.58
CA ASP F 23 -10.64 41.07 -19.45
C ASP F 23 -10.20 40.22 -18.28
N ALA F 24 -10.96 40.30 -17.21
CA ALA F 24 -10.68 39.55 -16.00
C ALA F 24 -10.77 38.07 -16.29
N LYS F 25 -11.75 37.69 -17.10
CA LYS F 25 -11.94 36.29 -17.42
C LYS F 25 -10.69 35.76 -18.11
N GLU F 26 -10.07 36.57 -18.95
CA GLU F 26 -8.89 36.12 -19.66
C GLU F 26 -7.80 35.74 -18.68
N ALA F 27 -7.64 36.54 -17.63
CA ALA F 27 -6.60 36.28 -16.64
C ALA F 27 -7.03 35.29 -15.57
N LYS F 28 -8.31 34.91 -15.57
CA LYS F 28 -8.80 33.96 -14.59
C LYS F 28 -8.94 34.62 -13.22
N LEU F 29 -8.92 35.94 -13.20
CA LEU F 29 -9.05 36.70 -11.97
C LEU F 29 -10.45 36.61 -11.39
N HIS F 30 -10.54 36.66 -10.07
CA HIS F 30 -11.81 36.58 -9.37
C HIS F 30 -11.86 37.67 -8.35
N PRO F 31 -13.05 38.04 -7.91
CA PRO F 31 -13.20 39.13 -6.95
C PRO F 31 -12.49 38.92 -5.64
N ASP F 32 -11.83 39.98 -5.18
CA ASP F 32 -11.10 39.99 -3.93
C ASP F 32 -9.72 39.39 -4.08
N ASP F 33 -9.40 38.96 -5.30
CA ASP F 33 -8.10 38.38 -5.62
C ASP F 33 -7.03 39.43 -5.56
N LEU F 34 -5.81 39.02 -5.29
CA LEU F 34 -4.71 39.95 -5.20
C LEU F 34 -3.97 39.96 -6.51
N VAL F 35 -3.77 41.15 -7.06
CA VAL F 35 -3.07 41.31 -8.31
C VAL F 35 -1.97 42.32 -8.11
N LYS F 36 -0.87 42.15 -8.83
CA LYS F 36 0.25 43.07 -8.72
C LYS F 36 0.25 43.92 -9.97
N ILE F 37 0.23 45.23 -9.78
CA ILE F 37 0.22 46.16 -10.89
C ILE F 37 1.54 46.88 -10.92
N GLU F 38 2.24 46.82 -12.04
CA GLU F 38 3.53 47.48 -12.15
C GLU F 38 3.76 48.07 -13.52
N ALA F 39 4.59 49.10 -13.56
CA ALA F 39 4.96 49.75 -14.79
C ALA F 39 6.47 49.74 -14.91
N GLY F 40 7.10 50.62 -14.15
CA GLY F 40 8.55 50.74 -14.13
C GLY F 40 9.08 50.00 -12.92
N LYS F 41 10.02 50.60 -12.22
CA LYS F 41 10.59 49.99 -11.03
C LYS F 41 9.48 49.86 -9.99
N LYS F 42 8.66 50.89 -9.90
CA LYS F 42 7.56 50.93 -8.95
C LYS F 42 6.43 49.96 -9.30
N ALA F 43 5.87 49.35 -8.25
CA ALA F 43 4.77 48.42 -8.40
C ALA F 43 3.90 48.51 -7.16
N VAL F 44 2.63 48.15 -7.28
CA VAL F 44 1.71 48.21 -6.15
C VAL F 44 0.84 46.98 -6.13
N TYR F 45 0.41 46.57 -4.95
CA TYR F 45 -0.44 45.39 -4.78
C TYR F 45 -1.84 45.83 -4.44
N GLY F 46 -2.81 45.32 -5.19
CA GLY F 46 -4.19 45.70 -4.99
C GLY F 46 -5.15 44.53 -4.92
N SER F 47 -6.33 44.79 -4.37
CA SER F 47 -7.33 43.75 -4.27
C SER F 47 -8.34 43.94 -5.37
N VAL F 48 -8.48 42.94 -6.23
CA VAL F 48 -9.37 43.01 -7.37
C VAL F 48 -10.86 43.13 -7.12
N ALA F 49 -11.51 43.99 -7.89
CA ALA F 49 -12.94 44.17 -7.85
C ALA F 49 -13.31 44.18 -9.31
N LEU F 50 -14.34 43.44 -9.69
CA LEU F 50 -14.72 43.42 -11.10
C LEU F 50 -15.91 44.30 -11.35
N SER F 51 -15.75 45.24 -12.27
CA SER F 51 -16.82 46.14 -12.64
C SER F 51 -16.76 46.38 -14.14
N ASN F 52 -17.89 46.74 -14.71
CA ASN F 52 -17.99 47.02 -16.14
C ASN F 52 -17.86 48.52 -16.37
N LEU F 53 -17.68 49.26 -15.29
CA LEU F 53 -17.52 50.70 -15.36
C LEU F 53 -16.27 50.94 -16.17
N VAL F 54 -15.29 50.08 -15.96
CA VAL F 54 -14.01 50.15 -16.66
C VAL F 54 -14.08 49.29 -17.91
N GLY F 55 -13.64 49.83 -19.04
CA GLY F 55 -13.72 49.11 -20.30
C GLY F 55 -12.54 48.20 -20.54
N LYS F 56 -12.68 47.25 -21.47
CA LYS F 56 -11.61 46.31 -21.78
C LYS F 56 -10.32 47.06 -22.06
N GLY F 57 -9.23 46.67 -21.41
CA GLY F 57 -7.95 47.32 -21.60
C GLY F 57 -7.61 48.35 -20.53
N GLU F 58 -8.56 48.64 -19.64
CA GLU F 58 -8.34 49.63 -18.59
C GLU F 58 -8.37 49.00 -17.21
N VAL F 59 -7.54 49.52 -16.31
CA VAL F 59 -7.52 49.04 -14.95
C VAL F 59 -7.96 50.20 -14.07
N GLY F 60 -8.86 49.94 -13.13
CA GLY F 60 -9.32 50.99 -12.26
C GLY F 60 -8.66 50.94 -10.89
N ILE F 61 -7.99 52.02 -10.51
CA ILE F 61 -7.33 52.07 -9.23
C ILE F 61 -7.89 53.20 -8.41
N SER F 62 -8.23 52.92 -7.16
CA SER F 62 -8.80 53.92 -6.27
C SER F 62 -7.75 54.91 -5.84
N ARG F 63 -8.21 56.04 -5.31
CA ARG F 63 -7.34 57.12 -4.85
C ARG F 63 -6.46 56.72 -3.68
N ASP F 64 -6.81 55.65 -2.98
CA ASP F 64 -6.01 55.24 -1.83
C ASP F 64 -4.60 54.98 -2.33
N VAL F 65 -4.50 54.40 -3.52
CA VAL F 65 -3.23 54.05 -4.11
C VAL F 65 -2.34 55.25 -4.38
N LEU F 66 -2.95 56.35 -4.78
CA LEU F 66 -2.24 57.56 -5.15
C LEU F 66 -1.38 58.15 -4.03
N ASP F 67 -1.80 57.99 -2.78
CA ASP F 67 -1.04 58.59 -1.69
C ASP F 67 0.39 58.12 -1.58
N LEU F 68 0.65 56.81 -1.68
CA LEU F 68 2.02 56.34 -1.56
C LEU F 68 2.71 56.00 -2.88
N HIS F 69 1.92 55.90 -3.95
CA HIS F 69 2.46 55.55 -5.23
C HIS F 69 1.99 56.50 -6.28
N ASN F 70 2.87 56.94 -7.17
CA ASN F 70 2.45 57.87 -8.20
C ASN F 70 2.17 57.17 -9.52
N PHE F 71 0.89 57.13 -9.88
CA PHE F 71 0.47 56.51 -11.12
C PHE F 71 -0.29 57.58 -11.88
N SER F 72 0.01 57.73 -13.15
CA SER F 72 -0.64 58.75 -13.96
C SER F 72 -1.73 58.13 -14.80
N GLU F 73 -2.89 58.79 -14.80
CA GLU F 73 -4.04 58.28 -15.54
C GLU F 73 -3.70 58.22 -17.01
N GLY F 74 -4.20 57.18 -17.67
CA GLY F 74 -3.97 56.94 -19.07
C GLY F 74 -2.67 56.21 -19.23
N GLU F 75 -2.01 55.98 -18.10
CA GLU F 75 -0.74 55.27 -18.06
C GLU F 75 -0.94 53.80 -18.36
N THR F 76 0.06 53.19 -18.98
CA THR F 76 -0.03 51.78 -19.32
C THR F 76 0.72 51.01 -18.23
N VAL F 77 0.04 50.05 -17.64
CA VAL F 77 0.61 49.26 -16.57
C VAL F 77 0.34 47.79 -16.82
N SER F 78 1.16 46.93 -16.24
CA SER F 78 0.98 45.51 -16.41
C SER F 78 0.33 44.96 -15.16
N VAL F 79 -0.81 44.33 -15.31
CA VAL F 79 -1.51 43.76 -14.18
C VAL F 79 -1.41 42.25 -14.24
N ILE F 80 -0.74 41.69 -13.24
CA ILE F 80 -0.53 40.26 -13.16
C ILE F 80 -1.04 39.75 -11.82
N PRO F 81 -1.49 38.52 -11.80
CA PRO F 81 -2.03 37.91 -10.57
C PRO F 81 -0.92 37.68 -9.57
N ALA F 82 -1.28 37.65 -8.30
CA ALA F 82 -0.29 37.47 -7.25
C ALA F 82 -0.47 36.18 -6.47
N GLY F 83 0.62 35.47 -6.29
CA GLY F 83 0.63 34.23 -5.53
C GLY F 83 0.55 34.53 -4.05
N THR F 84 0.17 33.52 -3.27
CA THR F 84 0.07 33.70 -1.84
C THR F 84 1.46 34.07 -1.35
N PRO F 85 1.54 35.01 -0.42
CA PRO F 85 2.83 35.47 0.10
C PRO F 85 3.61 34.42 0.87
N GLU F 86 4.93 34.48 0.75
CA GLU F 86 5.83 33.56 1.44
C GLU F 86 5.72 33.74 2.94
N SER F 87 5.47 34.97 3.37
CA SER F 87 5.39 35.35 4.78
C SER F 87 4.28 34.63 5.55
N VAL F 88 3.26 34.15 4.85
CA VAL F 88 2.16 33.47 5.51
C VAL F 88 2.69 32.26 6.26
N ARG F 89 3.69 31.60 5.72
CA ARG F 89 4.25 30.44 6.39
C ARG F 89 4.78 30.88 7.74
N TYR F 90 5.43 32.03 7.77
CA TYR F 90 5.98 32.57 9.00
C TYR F 90 4.89 32.93 10.01
N ILE F 91 3.77 33.42 9.51
CA ILE F 91 2.67 33.76 10.39
C ILE F 91 2.23 32.50 11.08
N LYS F 92 2.22 31.41 10.32
CA LYS F 92 1.83 30.11 10.85
C LYS F 92 2.75 29.60 11.94
N LYS F 93 4.05 29.78 11.78
CA LYS F 93 4.97 29.28 12.78
C LYS F 93 4.65 29.95 14.11
N LYS F 94 4.38 31.25 14.08
CA LYS F 94 4.02 31.97 15.28
C LYS F 94 2.71 31.42 15.79
N MET F 95 1.86 31.05 14.85
CA MET F 95 0.55 30.54 15.15
C MET F 95 0.75 29.28 15.97
N HIS F 96 1.82 28.55 15.66
CA HIS F 96 2.12 27.31 16.33
C HIS F 96 3.00 27.46 17.53
N GLY F 97 3.25 28.69 17.90
CA GLY F 97 4.04 28.99 19.08
C GLY F 97 5.53 29.03 18.90
N GLU F 98 5.98 28.87 17.66
CA GLU F 98 7.40 28.92 17.38
C GLU F 98 7.96 30.34 17.40
N LYS F 99 9.20 30.46 17.83
CA LYS F 99 9.87 31.75 17.88
C LYS F 99 10.19 32.16 16.45
N LEU F 100 10.36 33.45 16.22
CA LEU F 100 10.64 33.94 14.87
C LEU F 100 12.02 34.51 14.65
N ARG F 101 12.65 34.06 13.58
CA ARG F 101 13.95 34.54 13.19
C ARG F 101 13.74 35.97 12.76
N LYS F 102 14.76 36.80 12.91
CA LYS F 102 14.61 38.20 12.55
C LYS F 102 14.24 38.28 11.10
N VAL F 103 14.82 37.40 10.29
CA VAL F 103 14.52 37.39 8.87
C VAL F 103 13.06 37.10 8.61
N GLU F 104 12.48 36.15 9.34
CA GLU F 104 11.08 35.82 9.18
C GLU F 104 10.18 36.98 9.52
N ILE F 105 10.50 37.67 10.60
CA ILE F 105 9.73 38.81 11.03
C ILE F 105 9.78 39.94 10.02
N GLU F 106 10.94 40.19 9.48
CA GLU F 106 11.09 41.28 8.54
C GLU F 106 10.23 41.06 7.32
N ALA F 107 10.18 39.83 6.84
CA ALA F 107 9.38 39.54 5.67
C ALA F 107 7.93 39.82 5.94
N ILE F 108 7.47 39.47 7.13
CA ILE F 108 6.07 39.67 7.42
C ILE F 108 5.74 41.14 7.40
N VAL F 109 6.59 41.94 8.01
CA VAL F 109 6.36 43.37 8.07
C VAL F 109 6.43 44.03 6.70
N ARG F 110 7.38 43.62 5.88
CA ARG F 110 7.54 44.24 4.57
C ARG F 110 6.28 43.99 3.76
N ASP F 111 5.76 42.78 3.85
CA ASP F 111 4.55 42.45 3.14
C ASP F 111 3.41 43.29 3.65
N ILE F 112 3.36 43.51 4.96
CA ILE F 112 2.27 44.30 5.51
C ILE F 112 2.32 45.69 4.92
N VAL F 113 3.52 46.25 4.84
CA VAL F 113 3.71 47.55 4.22
C VAL F 113 3.42 47.55 2.72
N ASP F 114 3.90 46.53 2.02
CA ASP F 114 3.65 46.48 0.57
C ASP F 114 2.22 46.11 0.26
N ARG F 115 1.50 45.61 1.27
CA ARG F 115 0.09 45.24 1.10
C ARG F 115 -0.14 43.88 0.47
N LYS F 116 0.84 42.99 0.53
CA LYS F 116 0.66 41.65 -0.04
C LYS F 116 -0.19 40.92 0.98
N LEU F 117 0.09 41.25 2.31
CA LEU F 117 -0.70 40.70 3.39
C LEU F 117 -1.82 41.66 3.72
N ARG F 118 -3.05 41.18 3.57
CA ARG F 118 -4.27 41.95 3.80
C ARG F 118 -4.86 41.81 5.21
N ASP F 119 -6.15 42.10 5.34
CA ASP F 119 -6.80 42.05 6.63
C ASP F 119 -6.76 40.67 7.25
N ILE F 120 -7.04 39.66 6.45
CA ILE F 120 -7.06 38.30 6.95
C ILE F 120 -5.71 37.85 7.48
N GLU F 121 -4.65 38.14 6.75
CA GLU F 121 -3.32 37.74 7.19
C GLU F 121 -2.93 38.47 8.46
N ILE F 122 -3.19 39.77 8.49
CA ILE F 122 -2.85 40.60 9.64
C ILE F 122 -3.64 40.29 10.90
N SER F 123 -4.94 40.05 10.75
CA SER F 123 -5.80 39.75 11.89
C SER F 123 -5.29 38.47 12.49
N SER F 124 -4.92 37.54 11.62
CA SER F 124 -4.37 36.27 12.05
C SER F 124 -3.05 36.47 12.76
N PHE F 125 -2.21 37.34 12.22
CA PHE F 125 -0.91 37.60 12.83
C PHE F 125 -1.11 38.25 14.18
N VAL F 126 -2.02 39.20 14.23
CA VAL F 126 -2.30 39.88 15.48
C VAL F 126 -2.89 38.92 16.49
N THR F 127 -3.79 38.07 16.03
CA THR F 127 -4.44 37.09 16.88
C THR F 127 -3.45 36.09 17.42
N ALA F 128 -2.53 35.67 16.57
CA ALA F 128 -1.52 34.71 16.94
C ALA F 128 -0.65 35.27 18.03
N LEU F 129 -0.30 36.54 17.89
CA LEU F 129 0.55 37.21 18.86
C LEU F 129 -0.11 37.30 20.22
N GLU F 130 -1.40 37.60 20.23
CA GLU F 130 -2.10 37.72 21.49
C GLU F 130 -2.13 36.41 22.22
N ILE F 131 -2.52 35.35 21.52
CA ILE F 131 -2.57 34.04 22.13
C ILE F 131 -1.21 33.46 22.50
N ASN F 132 -0.26 33.54 21.57
CA ASN F 132 1.07 32.99 21.79
C ASN F 132 2.11 33.93 22.37
N GLY F 133 2.10 35.17 21.91
CA GLY F 133 3.03 36.18 22.43
C GLY F 133 4.37 36.31 21.74
N LEU F 134 5.07 37.38 22.04
CA LEU F 134 6.37 37.65 21.48
C LEU F 134 7.36 37.87 22.60
N ASP F 135 8.49 37.17 22.57
CA ASP F 135 9.52 37.34 23.59
C ASP F 135 10.29 38.59 23.22
N MET F 136 11.16 39.07 24.10
CA MET F 136 11.90 40.31 23.85
C MET F 136 12.78 40.35 22.61
N ASP F 137 13.44 39.26 22.25
CA ASP F 137 14.28 39.30 21.07
C ASP F 137 13.40 39.61 19.88
N GLU F 138 12.24 38.96 19.84
CA GLU F 138 11.30 39.15 18.74
C GLU F 138 10.74 40.56 18.67
N ILE F 139 10.44 41.14 19.83
CA ILE F 139 9.86 42.47 19.87
C ILE F 139 10.78 43.52 19.28
N ALA F 140 12.05 43.45 19.62
CA ALA F 140 13.04 44.40 19.14
C ALA F 140 13.24 44.30 17.64
N ALA F 141 13.27 43.08 17.13
CA ALA F 141 13.44 42.86 15.71
C ALA F 141 12.25 43.45 15.02
N LEU F 142 11.09 43.23 15.61
CA LEU F 142 9.84 43.75 15.07
C LEU F 142 9.85 45.26 15.14
N THR F 143 10.35 45.81 16.23
CA THR F 143 10.40 47.25 16.39
C THR F 143 11.30 47.94 15.38
N ILE F 144 12.49 47.38 15.19
CA ILE F 144 13.44 47.92 14.24
C ILE F 144 12.91 47.78 12.82
N ALA F 145 12.30 46.64 12.55
CA ALA F 145 11.74 46.36 11.23
C ALA F 145 10.60 47.29 10.87
N MET F 146 9.73 47.58 11.83
CA MET F 146 8.61 48.47 11.57
C MET F 146 9.12 49.85 11.20
N ALA F 147 10.13 50.31 11.92
CA ALA F 147 10.73 51.62 11.67
C ALA F 147 11.44 51.70 10.33
N GLU F 148 12.18 50.64 10.00
CA GLU F 148 12.97 50.57 8.78
C GLU F 148 12.17 50.63 7.50
N THR F 149 11.00 50.02 7.50
CA THR F 149 10.14 49.98 6.32
C THR F 149 9.46 51.31 5.99
N GLY F 150 9.58 52.27 6.90
CA GLY F 150 8.97 53.58 6.74
C GLY F 150 9.96 54.73 6.77
N ASP F 151 9.56 55.91 6.31
CA ASP F 151 10.45 57.06 6.26
C ASP F 151 10.96 57.48 7.64
N MET F 152 12.24 57.82 7.72
CA MET F 152 12.88 58.24 8.95
C MET F 152 13.43 59.65 8.86
N LEU F 153 13.23 60.44 9.90
CA LEU F 153 13.71 61.81 9.92
C LEU F 153 15.02 61.96 10.68
N ASP F 154 16.01 62.56 10.04
CA ASP F 154 17.31 62.79 10.67
C ASP F 154 17.45 64.26 11.00
N ILE F 155 17.65 64.56 12.28
CA ILE F 155 17.76 65.93 12.72
C ILE F 155 19.10 66.22 13.39
N ASP F 156 19.71 67.33 13.01
CA ASP F 156 21.01 67.72 13.51
C ASP F 156 21.08 67.95 15.02
N ARG F 157 20.06 68.56 15.58
CA ARG F 157 20.05 68.86 17.01
C ARG F 157 20.10 67.64 17.90
N LYS F 158 20.89 67.70 18.97
CA LYS F 158 21.00 66.63 19.94
C LYS F 158 21.27 67.26 21.29
N PRO F 159 20.82 66.64 22.37
CA PRO F 159 20.03 65.40 22.36
C PRO F 159 18.61 65.64 21.91
N ILE F 160 17.96 64.59 21.40
CA ILE F 160 16.57 64.66 20.96
C ILE F 160 15.71 63.94 21.97
N MET F 161 14.64 64.60 22.44
CA MET F 161 13.79 64.03 23.46
C MET F 161 12.38 63.74 22.99
N ASP F 162 11.75 62.73 23.57
CA ASP F 162 10.40 62.36 23.24
C ASP F 162 9.60 62.07 24.50
N VAL F 163 8.30 62.28 24.43
CA VAL F 163 7.42 62.02 25.55
C VAL F 163 6.24 61.22 25.03
N HIS F 164 5.85 60.17 25.73
CA HIS F 164 4.73 59.38 25.28
C HIS F 164 3.81 58.94 26.37
N SER F 165 2.53 58.81 26.00
CA SER F 165 1.53 58.37 26.93
C SER F 165 0.82 57.19 26.29
N ILE F 166 0.77 56.06 26.97
CA ILE F 166 0.11 54.90 26.41
C ILE F 166 -1.35 55.31 26.23
N GLY F 167 -1.83 56.13 27.14
CA GLY F 167 -3.19 56.62 27.03
C GLY F 167 -4.29 55.89 27.74
N GLY F 168 -5.51 56.11 27.26
CA GLY F 168 -6.69 55.54 27.85
C GLY F 168 -7.29 56.49 28.85
N VAL F 169 -6.67 57.66 29.01
CA VAL F 169 -7.16 58.67 29.94
C VAL F 169 -7.68 59.87 29.18
N PRO F 170 -8.89 60.28 29.51
CA PRO F 170 -9.55 61.41 28.87
C PRO F 170 -8.97 62.77 29.20
N GLY F 171 -8.95 63.65 28.21
CA GLY F 171 -8.43 64.99 28.39
C GLY F 171 -6.97 65.08 28.76
N ASN F 172 -6.17 64.15 28.29
CA ASN F 172 -4.76 64.20 28.60
C ASN F 172 -4.11 65.12 27.59
N LYS F 173 -4.18 66.41 27.88
CA LYS F 173 -3.63 67.44 27.01
C LYS F 173 -2.30 67.90 27.55
N THR F 174 -1.77 67.11 28.47
CA THR F 174 -0.53 67.41 29.16
C THR F 174 0.66 67.52 28.24
N ASN F 175 0.71 66.70 27.20
CA ASN F 175 1.84 66.74 26.29
C ASN F 175 1.98 68.10 25.64
N ILE F 176 0.87 68.77 25.41
CA ILE F 176 0.92 70.08 24.81
C ILE F 176 1.68 71.01 25.73
N LEU F 177 1.43 70.90 27.03
CA LEU F 177 2.14 71.70 28.02
C LEU F 177 3.61 71.34 28.14
N VAL F 178 3.91 70.05 28.11
CA VAL F 178 5.28 69.56 28.27
C VAL F 178 6.26 69.94 27.17
N VAL F 179 5.85 69.84 25.91
CA VAL F 179 6.75 70.15 24.81
C VAL F 179 7.19 71.59 24.79
N PRO F 180 6.27 72.51 24.98
CA PRO F 180 6.65 73.92 24.99
C PRO F 180 7.59 74.18 26.14
N ILE F 181 7.30 73.58 27.29
CA ILE F 181 8.11 73.77 28.48
C ILE F 181 9.53 73.26 28.29
N VAL F 182 9.66 72.07 27.72
CA VAL F 182 10.98 71.47 27.46
C VAL F 182 11.81 72.23 26.43
N ALA F 183 11.18 72.69 25.38
CA ALA F 183 11.87 73.40 24.32
C ALA F 183 12.51 74.68 24.86
N ALA F 184 11.80 75.34 25.77
CA ALA F 184 12.27 76.58 26.36
C ALA F 184 13.58 76.32 27.05
N ALA F 185 13.71 75.14 27.62
CA ALA F 185 14.94 74.74 28.26
C ALA F 185 15.97 74.67 27.16
N GLY F 186 15.51 74.58 25.92
CA GLY F 186 16.39 74.52 24.77
C GLY F 186 16.70 73.13 24.29
N LEU F 187 16.11 72.14 24.92
CA LEU F 187 16.21 70.76 24.48
C LEU F 187 15.36 70.64 23.24
N THR F 188 15.61 69.63 22.42
CA THR F 188 14.83 69.45 21.21
C THR F 188 13.81 68.35 21.41
N ILE F 189 12.53 68.67 21.23
CA ILE F 189 11.48 67.68 21.42
C ILE F 189 10.37 67.79 20.38
N PRO F 190 10.47 66.97 19.32
CA PRO F 190 9.50 66.94 18.22
C PRO F 190 8.38 65.93 18.43
N LYS F 191 7.21 66.38 18.87
CA LYS F 191 6.10 65.45 19.10
C LYS F 191 5.18 65.27 17.89
N THR F 192 4.78 64.02 17.67
CA THR F 192 3.88 63.64 16.57
C THR F 192 2.71 62.79 17.03
N SER F 193 1.70 63.42 17.62
CA SER F 193 0.50 62.73 18.08
C SER F 193 -0.43 62.39 16.93
N SER F 194 -1.45 61.59 17.21
CA SER F 194 -2.41 61.16 16.20
C SER F 194 -3.86 61.51 16.56
N ARG F 195 -4.66 61.79 15.55
CA ARG F 195 -6.05 62.17 15.74
C ARG F 195 -6.84 61.03 16.34
N ALA F 196 -7.80 61.35 17.19
CA ALA F 196 -8.61 60.34 17.89
C ALA F 196 -9.57 59.54 17.03
N ILE F 197 -9.63 58.23 17.28
CA ILE F 197 -10.58 57.35 16.63
C ILE F 197 -11.57 56.77 17.61
N THR F 198 -11.07 56.27 18.73
CA THR F 198 -11.90 55.69 19.79
C THR F 198 -12.02 56.61 21.00
N SER F 199 -11.50 57.82 20.87
CA SER F 199 -11.48 58.77 21.98
C SER F 199 -12.11 60.09 21.61
N ALA F 200 -12.54 60.84 22.61
CA ALA F 200 -13.21 62.11 22.41
C ALA F 200 -12.31 63.13 21.71
N ALA F 201 -11.03 63.11 22.05
CA ALA F 201 -10.08 64.03 21.46
C ALA F 201 -8.68 63.42 21.42
N GLY F 202 -7.85 63.96 20.55
CA GLY F 202 -6.48 63.50 20.38
C GLY F 202 -5.58 64.72 20.49
N THR F 203 -4.31 64.50 20.79
CA THR F 203 -3.42 65.63 20.94
C THR F 203 -3.46 66.37 19.63
N ALA F 204 -3.50 65.62 18.54
CA ALA F 204 -3.57 66.22 17.21
C ALA F 204 -4.87 66.98 17.02
N ASP F 205 -5.96 66.43 17.52
CA ASP F 205 -7.27 67.07 17.39
C ASP F 205 -7.30 68.38 18.15
N VAL F 206 -6.70 68.41 19.31
CA VAL F 206 -6.64 69.62 20.12
C VAL F 206 -5.79 70.70 19.47
N VAL F 207 -4.66 70.30 18.90
CA VAL F 207 -3.74 71.20 18.21
C VAL F 207 -4.33 71.85 16.96
N GLU F 208 -5.16 71.12 16.24
CA GLU F 208 -5.74 71.64 15.01
C GLU F 208 -6.56 72.87 15.32
N VAL F 209 -7.10 72.94 16.53
CA VAL F 209 -7.92 74.08 16.91
C VAL F 209 -7.17 75.41 16.86
N PHE F 210 -5.94 75.44 17.33
CA PHE F 210 -5.18 76.69 17.30
C PHE F 210 -4.01 76.69 16.32
N ALA F 211 -3.85 75.63 15.54
CA ALA F 211 -2.75 75.55 14.59
C ALA F 211 -2.99 74.49 13.53
N ASP F 212 -2.15 74.43 12.51
CA ASP F 212 -2.31 73.45 11.46
C ASP F 212 -1.43 72.24 11.74
N VAL F 213 -2.06 71.09 11.98
CA VAL F 213 -1.36 69.84 12.27
C VAL F 213 -0.52 69.15 11.19
N SER F 214 -1.02 69.08 9.97
CA SER F 214 -0.33 68.37 8.89
C SER F 214 0.99 68.94 8.36
N PHE F 215 2.00 68.10 8.21
CA PHE F 215 3.28 68.55 7.69
C PHE F 215 4.13 67.47 7.02
N SER F 216 4.98 67.90 6.10
CA SER F 216 5.90 67.02 5.41
C SER F 216 7.01 66.68 6.38
N LEU F 217 7.70 65.57 6.14
CA LEU F 217 8.78 65.21 7.03
C LEU F 217 9.84 66.29 6.97
N ASP F 218 10.13 66.76 5.77
CA ASP F 218 11.12 67.81 5.60
C ASP F 218 10.68 69.09 6.29
N GLU F 219 9.42 69.43 6.13
CA GLU F 219 8.87 70.63 6.74
C GLU F 219 8.96 70.46 8.25
N ILE F 220 8.70 69.25 8.73
CA ILE F 220 8.75 69.00 10.14
C ILE F 220 10.14 69.24 10.67
N LYS F 221 11.13 68.82 9.89
CA LYS F 221 12.52 69.00 10.29
C LYS F 221 12.89 70.46 10.39
N ARG F 222 12.43 71.25 9.43
CA ARG F 222 12.74 72.67 9.42
C ARG F 222 12.16 73.36 10.64
N ILE F 223 10.94 73.01 11.00
CA ILE F 223 10.27 73.62 12.14
C ILE F 223 11.00 73.32 13.43
N VAL F 224 11.42 72.07 13.59
CA VAL F 224 12.15 71.62 14.76
C VAL F 224 13.50 72.29 14.88
N GLU F 225 14.15 72.51 13.75
CA GLU F 225 15.46 73.14 13.72
C GLU F 225 15.41 74.55 14.27
N LYS F 226 14.37 75.30 13.93
CA LYS F 226 14.26 76.67 14.43
C LYS F 226 13.50 76.80 15.74
N VAL F 227 12.30 76.24 15.78
CA VAL F 227 11.46 76.28 16.97
C VAL F 227 12.02 75.49 18.14
N GLY F 228 12.59 74.33 17.81
CA GLY F 228 13.16 73.41 18.78
C GLY F 228 12.18 72.34 19.20
N ALA F 229 10.92 72.51 18.80
CA ALA F 229 9.87 71.57 19.09
C ALA F 229 8.72 71.74 18.12
N CYS F 230 7.89 70.72 17.99
CA CYS F 230 6.73 70.80 17.12
C CYS F 230 5.61 69.93 17.64
N LEU F 231 4.38 70.26 17.28
CA LEU F 231 3.22 69.49 17.70
C LEU F 231 2.40 69.19 16.47
N VAL F 232 2.89 68.25 15.68
CA VAL F 232 2.26 67.87 14.43
C VAL F 232 1.61 66.50 14.49
N TRP F 233 0.65 66.30 13.59
CA TRP F 233 -0.08 65.06 13.47
C TRP F 233 0.72 63.99 12.79
N GLY F 234 0.76 62.84 13.43
CA GLY F 234 1.48 61.66 12.97
C GLY F 234 1.06 60.99 11.69
N GLY F 235 -0.24 60.97 11.43
CA GLY F 235 -0.77 60.29 10.27
C GLY F 235 -0.29 60.68 8.89
N ALA F 236 -0.09 61.97 8.63
CA ALA F 236 0.31 62.37 7.29
C ALA F 236 1.67 61.81 6.85
N LEU F 237 2.66 61.83 7.72
CA LEU F 237 3.98 61.32 7.38
C LEU F 237 4.04 59.79 7.35
N ASN F 238 4.99 59.26 6.60
CA ASN F 238 5.15 57.81 6.49
C ASN F 238 6.08 57.24 7.54
N LEU F 239 5.61 57.13 8.76
CA LEU F 239 6.43 56.56 9.82
C LEU F 239 5.77 55.31 10.36
N ALA F 240 6.51 54.22 10.45
CA ALA F 240 5.92 53.01 10.99
C ALA F 240 4.61 52.73 10.30
N PRO F 241 4.64 52.61 8.98
CA PRO F 241 3.43 52.35 8.21
C PRO F 241 2.79 51.07 8.69
N ALA F 242 3.62 50.11 9.06
CA ALA F 242 3.15 48.84 9.55
C ALA F 242 2.33 48.98 10.83
N ASP F 243 2.75 49.88 11.72
CA ASP F 243 2.05 50.02 13.00
C ASP F 243 0.60 50.43 12.84
N ASP F 244 0.33 51.37 11.96
CA ASP F 244 -1.06 51.80 11.76
C ASP F 244 -1.98 50.73 11.16
N ILE F 245 -1.48 49.95 10.22
CA ILE F 245 -2.29 48.90 9.60
C ILE F 245 -2.69 47.82 10.58
N THR F 246 -1.77 47.45 11.45
CA THR F 246 -2.00 46.45 12.48
C THR F 246 -3.05 46.92 13.46
N ILE F 247 -3.05 48.21 13.72
CA ILE F 247 -3.98 48.81 14.66
C ILE F 247 -5.42 48.62 14.25
N LYS F 248 -5.70 48.65 12.96
CA LYS F 248 -7.07 48.49 12.53
C LYS F 248 -7.52 47.15 13.02
N ALA F 249 -6.65 46.16 12.92
CA ALA F 249 -6.95 44.82 13.38
C ALA F 249 -7.14 44.78 14.88
N GLU F 250 -6.28 45.46 15.63
CA GLU F 250 -6.38 45.48 17.08
C GLU F 250 -7.66 46.15 17.59
N ARG F 251 -8.06 47.25 16.97
CA ARG F 251 -9.24 47.95 17.39
C ARG F 251 -10.50 47.12 17.22
N ALA F 252 -10.60 46.41 16.11
CA ALA F 252 -11.75 45.57 15.80
C ALA F 252 -11.98 44.38 16.73
N LEU F 253 -10.91 43.71 17.10
CA LEU F 253 -10.94 42.54 17.99
C LEU F 253 -10.87 42.95 19.45
N SER F 254 -10.64 44.23 19.69
CA SER F 254 -10.55 44.79 21.03
C SER F 254 -9.48 44.14 21.88
N ILE F 255 -8.36 43.79 21.25
CA ILE F 255 -7.25 43.18 21.96
C ILE F 255 -5.97 43.91 21.63
N ASP F 256 -5.14 44.17 22.63
CA ASP F 256 -3.87 44.81 22.38
C ASP F 256 -2.75 43.96 22.96
N PRO F 257 -1.99 43.29 22.10
CA PRO F 257 -0.89 42.45 22.58
C PRO F 257 0.23 43.33 23.06
N THR F 258 0.84 43.02 24.19
CA THR F 258 1.87 43.90 24.71
C THR F 258 3.08 44.01 23.80
N GLY F 259 3.50 42.91 23.20
CA GLY F 259 4.66 42.98 22.34
C GLY F 259 4.45 43.89 21.15
N LEU F 260 3.30 43.80 20.52
CA LEU F 260 3.00 44.64 19.37
C LEU F 260 2.96 46.09 19.79
N MET F 261 2.33 46.35 20.92
CA MET F 261 2.21 47.71 21.42
C MET F 261 3.54 48.33 21.80
N LEU F 262 4.40 47.58 22.46
CA LEU F 262 5.68 48.14 22.83
C LEU F 262 6.44 48.44 21.57
N ALA F 263 6.40 47.50 20.65
CA ALA F 263 7.09 47.63 19.38
C ALA F 263 6.56 48.78 18.57
N SER F 264 5.25 48.93 18.56
CA SER F 264 4.62 49.99 17.79
C SER F 264 4.96 51.38 18.30
N ILE F 265 4.93 51.55 19.62
CA ILE F 265 5.25 52.84 20.21
C ILE F 265 6.70 53.24 19.99
N MET F 266 7.61 52.31 20.20
CA MET F 266 9.04 52.56 20.02
C MET F 266 9.45 52.66 18.56
N SER F 267 8.66 52.08 17.67
CA SER F 267 8.99 52.12 16.26
C SER F 267 9.01 53.55 15.74
N LYS F 268 8.01 54.33 16.13
CA LYS F 268 7.93 55.72 15.73
C LYS F 268 9.04 56.56 16.32
N LYS F 269 9.37 56.31 17.58
CA LYS F 269 10.44 57.06 18.23
C LYS F 269 11.81 56.80 17.59
N TYR F 270 12.08 55.54 17.29
CA TYR F 270 13.33 55.13 16.68
C TYR F 270 13.48 55.76 15.31
N ALA F 271 12.38 55.84 14.58
CA ALA F 271 12.39 56.42 13.25
C ALA F 271 12.77 57.89 13.26
N MET F 272 12.29 58.62 14.26
CA MET F 272 12.59 60.03 14.35
C MET F 272 13.88 60.32 15.08
N GLY F 273 14.54 59.26 15.54
CA GLY F 273 15.81 59.39 16.21
C GLY F 273 15.79 59.91 17.63
N SER F 274 14.66 59.82 18.30
CA SER F 274 14.59 60.30 19.66
C SER F 274 15.61 59.50 20.45
N GLN F 275 16.41 60.19 21.25
CA GLN F 275 17.44 59.53 22.04
C GLN F 275 17.03 59.29 23.48
N TYR F 276 16.22 60.18 24.02
CA TYR F 276 15.71 60.01 25.37
C TYR F 276 14.21 60.04 25.28
N VAL F 277 13.57 59.01 25.81
CA VAL F 277 12.13 58.90 25.72
C VAL F 277 11.50 58.76 27.08
N LEU F 278 10.43 59.52 27.32
CA LEU F 278 9.70 59.38 28.56
C LEU F 278 8.34 58.82 28.21
N ILE F 279 7.95 57.76 28.91
CA ILE F 279 6.68 57.14 28.65
C ILE F 279 5.84 57.30 29.87
N ASP F 280 4.60 57.71 29.69
CA ASP F 280 3.72 57.89 30.81
C ASP F 280 2.73 56.76 30.82
N ILE F 281 2.69 55.98 31.90
CA ILE F 281 1.69 54.92 31.95
C ILE F 281 0.60 55.24 32.95
N PRO F 282 -0.56 55.73 32.45
CA PRO F 282 -1.68 56.06 33.32
C PRO F 282 -2.28 54.76 33.83
N THR F 283 -2.10 54.51 35.12
CA THR F 283 -2.63 53.31 35.76
C THR F 283 -3.87 53.68 36.59
N GLY F 284 -4.91 52.86 36.51
CA GLY F 284 -6.10 53.10 37.31
C GLY F 284 -7.28 52.36 36.73
N LYS F 285 -8.40 52.38 37.42
CA LYS F 285 -9.59 51.71 36.91
C LYS F 285 -10.04 52.43 35.67
N GLY F 286 -10.50 51.71 34.67
CA GLY F 286 -10.95 52.36 33.45
C GLY F 286 -9.85 52.93 32.59
N VAL F 287 -8.63 52.41 32.77
CA VAL F 287 -7.47 52.82 31.99
C VAL F 287 -6.86 51.56 31.42
N LYS F 288 -6.03 51.68 30.40
CA LYS F 288 -5.53 50.51 29.71
C LYS F 288 -4.74 49.63 30.66
N VAL F 289 -3.93 50.22 31.52
CA VAL F 289 -3.20 49.44 32.51
C VAL F 289 -3.83 49.67 33.87
N GLU F 290 -4.57 48.67 34.34
CA GLU F 290 -5.34 48.71 35.58
C GLU F 290 -4.58 48.85 36.90
N THR F 291 -3.43 48.22 37.02
CA THR F 291 -2.72 48.22 38.29
C THR F 291 -1.28 48.67 38.22
N VAL F 292 -0.78 49.07 39.37
CA VAL F 292 0.59 49.53 39.49
C VAL F 292 1.53 48.41 39.12
N GLU F 293 1.20 47.19 39.53
CA GLU F 293 2.05 46.04 39.25
C GLU F 293 2.17 45.78 37.76
N GLU F 294 1.06 45.90 37.04
CA GLU F 294 1.09 45.74 35.59
C GLU F 294 1.93 46.84 34.96
N ALA F 295 1.77 48.06 35.47
CA ALA F 295 2.52 49.20 34.98
C ALA F 295 4.00 49.05 35.23
N ARG F 296 4.34 48.52 36.40
CA ARG F 296 5.72 48.33 36.80
C ARG F 296 6.42 47.38 35.86
N SER F 297 5.71 46.35 35.41
CA SER F 297 6.27 45.41 34.46
C SER F 297 6.41 46.05 33.09
N LEU F 298 5.40 46.80 32.70
CA LEU F 298 5.38 47.46 31.40
C LEU F 298 6.51 48.46 31.31
N ALA F 299 6.78 49.14 32.41
CA ALA F 299 7.84 50.11 32.45
C ALA F 299 9.16 49.41 32.21
N ARG F 300 9.33 48.24 32.80
CA ARG F 300 10.57 47.50 32.62
C ARG F 300 10.73 47.08 31.16
N ASP F 301 9.63 46.68 30.54
CA ASP F 301 9.69 46.28 29.14
C ASP F 301 10.10 47.43 28.24
N PHE F 302 9.56 48.61 28.49
CA PHE F 302 9.88 49.79 27.69
C PHE F 302 11.33 50.18 27.83
N ILE F 303 11.82 50.14 29.06
CA ILE F 303 13.20 50.52 29.31
C ILE F 303 14.17 49.59 28.62
N GLU F 304 13.91 48.29 28.70
CA GLU F 304 14.75 47.29 28.07
C GLU F 304 14.71 47.39 26.55
N LEU F 305 13.54 47.69 26.01
CA LEU F 305 13.38 47.80 24.58
C LEU F 305 14.26 48.93 24.11
N GLY F 306 14.35 49.97 24.93
CA GLY F 306 15.21 51.09 24.60
C GLY F 306 16.67 50.68 24.54
N LYS F 307 17.10 49.82 25.44
CA LYS F 307 18.50 49.40 25.46
C LYS F 307 18.86 48.72 24.16
N ARG F 308 17.97 47.87 23.67
CA ARG F 308 18.19 47.16 22.43
C ARG F 308 18.27 48.12 21.26
N LEU F 309 17.42 49.15 21.30
CA LEU F 309 17.35 50.16 20.25
C LEU F 309 18.34 51.31 20.41
N GLY F 310 19.09 51.31 21.50
CA GLY F 310 20.05 52.38 21.73
C GLY F 310 19.46 53.65 22.31
N GLN F 311 18.25 53.55 22.82
CA GLN F 311 17.57 54.70 23.38
C GLN F 311 17.53 54.64 24.89
N TYR F 312 17.87 55.75 25.53
CA TYR F 312 17.83 55.80 26.99
C TYR F 312 16.37 56.08 27.29
N VAL F 313 15.74 55.20 28.07
CA VAL F 313 14.33 55.36 28.38
C VAL F 313 14.00 55.34 29.86
N GLU F 314 13.02 56.14 30.23
CA GLU F 314 12.56 56.21 31.60
C GLU F 314 11.06 56.26 31.54
N VAL F 315 10.41 55.71 32.54
CA VAL F 315 8.96 55.66 32.54
C VAL F 315 8.38 56.23 33.80
N ALA F 316 7.21 56.83 33.68
CA ALA F 316 6.49 57.40 34.80
C ALA F 316 5.12 56.77 34.89
N ILE F 317 4.73 56.35 36.08
CA ILE F 317 3.44 55.75 36.27
C ILE F 317 2.61 56.83 36.93
N THR F 318 1.49 57.16 36.32
CA THR F 318 0.62 58.23 36.78
C THR F 318 -0.81 57.76 36.89
N TYR F 319 -1.61 58.48 37.68
CA TYR F 319 -3.00 58.11 37.87
C TYR F 319 -3.87 58.35 36.64
N GLY F 320 -4.68 57.35 36.30
CA GLY F 320 -5.60 57.40 35.18
C GLY F 320 -7.03 57.17 35.58
N GLY F 321 -7.30 57.22 36.88
CA GLY F 321 -8.63 57.01 37.41
C GLY F 321 -9.68 58.01 37.02
N GLN F 322 -9.29 59.27 36.98
CA GLN F 322 -10.20 60.35 36.65
C GLN F 322 -9.65 61.11 35.47
N PRO F 323 -10.53 61.78 34.74
CA PRO F 323 -10.14 62.55 33.58
C PRO F 323 -9.22 63.68 34.01
N ILE F 324 -8.25 64.04 33.17
CA ILE F 324 -7.31 65.09 33.50
C ILE F 324 -7.89 66.46 33.19
N GLY F 325 -7.87 67.33 34.19
CA GLY F 325 -8.42 68.66 34.03
C GLY F 325 -9.92 68.54 34.10
N HIS F 326 -10.63 69.62 33.79
CA HIS F 326 -12.06 69.61 33.82
C HIS F 326 -12.65 69.67 32.45
N THR F 327 -11.80 69.56 31.43
CA THR F 327 -12.24 69.65 30.04
C THR F 327 -11.99 68.40 29.21
N VAL F 328 -13.04 67.92 28.58
CA VAL F 328 -12.98 66.76 27.69
C VAL F 328 -13.58 67.19 26.36
N GLY F 329 -12.91 66.84 25.27
CA GLY F 329 -13.33 67.24 23.94
C GLY F 329 -12.25 68.17 23.45
N PRO F 330 -12.04 68.22 22.14
CA PRO F 330 -10.96 69.03 21.57
C PRO F 330 -11.02 70.54 21.72
N ALA F 331 -12.16 71.16 21.47
CA ALA F 331 -12.24 72.60 21.60
C ALA F 331 -12.03 73.00 23.05
N LEU F 332 -12.70 72.29 23.95
CA LEU F 332 -12.61 72.57 25.36
C LEU F 332 -11.21 72.32 25.88
N GLU F 333 -10.59 71.25 25.41
CA GLU F 333 -9.25 70.89 25.82
C GLU F 333 -8.21 71.92 25.39
N ALA F 334 -8.34 72.44 24.18
CA ALA F 334 -7.40 73.43 23.69
C ALA F 334 -7.45 74.68 24.53
N ARG F 335 -8.65 75.10 24.89
CA ARG F 335 -8.77 76.30 25.70
C ARG F 335 -8.12 76.08 27.03
N GLU F 336 -8.36 74.93 27.63
CA GLU F 336 -7.79 74.62 28.93
C GLU F 336 -6.28 74.52 28.90
N ALA F 337 -5.74 73.87 27.89
CA ALA F 337 -4.30 73.73 27.78
C ALA F 337 -3.63 75.06 27.55
N LEU F 338 -4.16 75.82 26.59
CA LEU F 338 -3.60 77.12 26.26
C LEU F 338 -3.73 78.18 27.36
N SER F 339 -4.88 78.22 28.01
CA SER F 339 -5.08 79.21 29.06
C SER F 339 -4.08 78.97 30.17
N ALA F 340 -3.85 77.69 30.48
CA ALA F 340 -2.91 77.31 31.51
C ALA F 340 -1.48 77.73 31.16
N LEU F 341 -1.09 77.54 29.91
CA LEU F 341 0.23 77.93 29.49
C LEU F 341 0.40 79.43 29.59
N MET F 342 -0.60 80.16 29.09
CA MET F 342 -0.54 81.61 29.12
C MET F 342 -0.62 82.19 30.52
N THR F 343 -1.59 81.73 31.28
CA THR F 343 -1.78 82.17 32.65
C THR F 343 -0.69 81.70 33.61
N GLY F 344 -0.26 80.46 33.43
CA GLY F 344 0.75 79.85 34.29
C GLY F 344 0.04 79.26 35.49
N LYS F 345 -1.26 79.46 35.53
CA LYS F 345 -2.09 78.91 36.59
C LYS F 345 -3.15 78.08 35.89
N GLY F 346 -3.30 76.83 36.31
CA GLY F 346 -4.24 75.93 35.69
C GLY F 346 -4.71 74.88 36.65
N PRO F 347 -5.48 73.93 36.15
CA PRO F 347 -5.98 72.85 37.00
C PRO F 347 -4.79 72.12 37.57
N GLY F 348 -4.87 71.75 38.83
CA GLY F 348 -3.78 71.06 39.50
C GLY F 348 -3.46 69.73 38.87
N SER F 349 -4.48 69.00 38.45
CA SER F 349 -4.21 67.70 37.84
C SER F 349 -3.39 67.86 36.59
N LEU F 350 -3.80 68.79 35.72
CA LEU F 350 -3.05 69.04 34.49
C LEU F 350 -1.69 69.68 34.72
N ILE F 351 -1.66 70.66 35.61
CA ILE F 351 -0.43 71.39 35.91
C ILE F 351 0.70 70.61 36.57
N GLU F 352 0.37 69.84 37.59
CA GLU F 352 1.39 69.07 38.30
C GLU F 352 2.03 68.02 37.43
N LYS F 353 1.22 67.33 36.66
CA LYS F 353 1.70 66.29 35.77
C LYS F 353 2.57 66.82 34.65
N ALA F 354 2.17 67.92 34.04
CA ALA F 354 2.94 68.45 32.94
C ALA F 354 4.31 68.86 33.42
N THR F 355 4.34 69.56 34.56
CA THR F 355 5.60 69.99 35.11
C THR F 355 6.42 68.80 35.53
N GLY F 356 5.77 67.84 36.17
CA GLY F 356 6.47 66.64 36.62
C GLY F 356 7.02 65.81 35.50
N LEU F 357 6.24 65.60 34.45
CA LEU F 357 6.70 64.82 33.31
C LEU F 357 7.82 65.57 32.62
N ALA F 358 7.63 66.88 32.50
CA ALA F 358 8.59 67.77 31.87
C ALA F 358 9.86 67.77 32.66
N GLY F 359 9.73 67.72 33.98
CA GLY F 359 10.87 67.70 34.86
C GLY F 359 11.73 66.48 34.65
N ILE F 360 11.10 65.33 34.42
CA ILE F 360 11.86 64.13 34.19
C ILE F 360 12.69 64.28 32.93
N LEU F 361 12.10 64.89 31.92
CA LEU F 361 12.78 65.15 30.66
C LEU F 361 13.95 66.11 30.79
N LEU F 362 13.79 67.16 31.59
CA LEU F 362 14.83 68.16 31.78
C LEU F 362 16.05 67.53 32.39
N GLU F 363 15.84 66.67 33.38
CA GLU F 363 16.96 66.00 34.03
C GLU F 363 17.67 65.09 33.03
N MET F 364 16.89 64.39 32.22
CA MET F 364 17.44 63.48 31.21
C MET F 364 18.26 64.26 30.19
N GLY F 365 17.77 65.44 29.86
CA GLY F 365 18.46 66.30 28.92
C GLY F 365 19.82 66.71 29.43
N GLY F 366 19.92 66.87 30.73
CA GLY F 366 21.14 67.29 31.37
C GLY F 366 21.05 68.76 31.73
N VAL F 367 19.93 69.34 31.35
CA VAL F 367 19.65 70.74 31.64
C VAL F 367 19.51 71.00 33.14
N ALA F 368 18.87 70.10 33.87
CA ALA F 368 18.67 70.31 35.30
C ALA F 368 19.28 69.26 36.21
N PRO F 369 19.78 69.70 37.36
CA PRO F 369 20.40 68.79 38.33
C PRO F 369 19.33 67.84 38.83
N ALA F 370 19.73 66.62 39.15
CA ALA F 370 18.77 65.64 39.59
C ALA F 370 18.03 66.11 40.83
N GLY F 371 16.72 65.90 40.79
CA GLY F 371 15.81 66.27 41.87
C GLY F 371 15.25 67.67 41.75
N THR F 372 15.81 68.46 40.85
CA THR F 372 15.33 69.81 40.64
C THR F 372 14.55 69.92 39.34
N GLY F 373 14.31 68.79 38.69
CA GLY F 373 13.61 68.82 37.43
C GLY F 373 12.19 69.33 37.50
N LYS F 374 11.44 68.89 38.49
CA LYS F 374 10.07 69.35 38.61
C LYS F 374 10.02 70.84 38.86
N LYS F 375 10.90 71.31 39.73
CA LYS F 375 10.96 72.73 40.07
C LYS F 375 11.34 73.64 38.91
N MET F 376 12.31 73.22 38.12
CA MET F 376 12.75 74.03 36.99
C MET F 376 11.60 74.20 36.02
N ALA F 377 10.83 73.14 35.86
CA ALA F 377 9.68 73.17 34.97
C ALA F 377 8.66 74.17 35.49
N LYS F 378 8.48 74.23 36.81
CA LYS F 378 7.53 75.16 37.38
C LYS F 378 7.91 76.61 37.11
N GLU F 379 9.20 76.91 37.23
CA GLU F 379 9.69 78.26 36.97
C GLU F 379 9.49 78.68 35.52
N ILE F 380 9.76 77.78 34.59
CA ILE F 380 9.59 78.09 33.19
C ILE F 380 8.15 78.43 32.89
N LEU F 381 7.24 77.64 33.43
CA LEU F 381 5.81 77.87 33.21
C LEU F 381 5.34 79.20 33.80
N GLU F 382 5.76 79.46 35.02
CA GLU F 382 5.40 80.69 35.71
C GLU F 382 5.98 81.90 35.02
N SER F 383 7.21 81.76 34.53
CA SER F 383 7.92 82.81 33.86
C SER F 383 7.17 83.26 32.63
N GLY F 384 6.51 82.33 31.98
CA GLY F 384 5.79 82.61 30.76
C GLY F 384 6.73 82.30 29.62
N LYS F 385 7.90 81.80 29.98
CA LYS F 385 8.90 81.41 29.01
C LYS F 385 8.30 80.28 28.18
N ALA F 386 7.54 79.42 28.84
CA ALA F 386 6.89 78.30 28.17
C ALA F 386 5.86 78.77 27.15
N TRP F 387 5.11 79.81 27.49
CA TRP F 387 4.11 80.33 26.60
C TRP F 387 4.70 80.88 25.34
N GLU F 388 5.84 81.56 25.46
CA GLU F 388 6.48 82.11 24.28
C GLU F 388 6.91 81.02 23.33
N LYS F 389 7.42 79.92 23.85
CA LYS F 389 7.85 78.81 23.02
C LYS F 389 6.66 78.25 22.26
N MET F 390 5.52 78.20 22.94
CA MET F 390 4.29 77.73 22.31
C MET F 390 3.93 78.67 21.19
N LYS F 391 4.13 79.96 21.41
CA LYS F 391 3.82 80.94 20.39
C LYS F 391 4.69 80.71 19.17
N GLU F 392 5.95 80.37 19.40
CA GLU F 392 6.87 80.10 18.31
C GLU F 392 6.38 78.89 17.53
N ILE F 393 5.97 77.86 18.25
CA ILE F 393 5.49 76.66 17.61
C ILE F 393 4.26 76.96 16.81
N ILE F 394 3.36 77.75 17.39
CA ILE F 394 2.13 78.11 16.71
C ILE F 394 2.41 78.92 15.45
N GLU F 395 3.34 79.85 15.55
CA GLU F 395 3.67 80.69 14.40
C GLU F 395 4.25 79.82 13.29
N ALA F 396 5.11 78.89 13.67
CA ALA F 396 5.73 77.99 12.71
C ALA F 396 4.68 77.11 12.06
N GLN F 397 3.72 76.68 12.87
CA GLN F 397 2.63 75.81 12.46
C GLN F 397 1.62 76.55 11.60
N GLY F 398 1.73 77.88 11.55
CA GLY F 398 0.81 78.67 10.76
C GLY F 398 -0.40 79.13 11.54
N GLY F 399 -0.35 78.90 12.84
CA GLY F 399 -1.40 79.32 13.73
C GLY F 399 -1.21 80.79 14.03
N ASP F 400 -2.22 81.42 14.64
CA ASP F 400 -2.10 82.81 15.00
C ASP F 400 -1.58 82.88 16.42
N PRO F 401 -0.35 83.34 16.57
CA PRO F 401 0.31 83.46 17.87
C PRO F 401 -0.37 84.49 18.72
N ASN F 402 -1.05 85.42 18.07
CA ASN F 402 -1.74 86.52 18.72
C ASN F 402 -3.15 86.16 19.17
N ILE F 403 -3.49 84.88 19.03
CA ILE F 403 -4.80 84.35 19.42
C ILE F 403 -5.02 84.39 20.92
N LYS F 404 -6.27 84.52 21.32
CA LYS F 404 -6.65 84.56 22.73
C LYS F 404 -7.51 83.35 23.05
N PRO F 405 -7.18 82.65 24.12
CA PRO F 405 -7.89 81.44 24.52
C PRO F 405 -9.36 81.64 24.87
N GLU F 406 -9.70 82.75 25.49
CA GLU F 406 -11.08 83.00 25.86
C GLU F 406 -11.89 83.04 24.58
N GLU F 407 -11.28 83.55 23.53
CA GLU F 407 -11.90 83.70 22.22
C GLU F 407 -12.34 82.42 21.52
N ILE F 408 -11.65 81.30 21.77
CA ILE F 408 -12.00 80.03 21.11
C ILE F 408 -13.44 79.68 21.43
N PRO F 409 -14.14 79.12 20.46
CA PRO F 409 -15.56 78.83 20.63
C PRO F 409 -15.97 77.41 20.98
N ILE F 410 -16.61 77.30 22.13
CA ILE F 410 -17.15 76.06 22.66
C ILE F 410 -18.53 75.85 22.02
N GLY F 411 -19.11 74.67 22.21
CA GLY F 411 -20.41 74.38 21.63
C GLY F 411 -21.56 75.25 22.14
N ASP F 412 -22.40 75.67 21.21
CA ASP F 412 -23.55 76.53 21.47
C ASP F 412 -24.64 75.94 22.34
N LYS F 413 -24.95 74.67 22.13
CA LYS F 413 -26.01 74.00 22.89
C LYS F 413 -25.42 73.21 24.02
N THR F 414 -25.85 73.50 25.24
CA THR F 414 -25.34 72.81 26.40
C THR F 414 -26.40 72.46 27.43
N TYR F 415 -26.21 71.33 28.10
CA TYR F 415 -27.09 70.88 29.16
C TYR F 415 -26.20 70.57 30.35
N THR F 416 -26.59 70.99 31.54
CA THR F 416 -25.76 70.73 32.70
C THR F 416 -26.40 69.79 33.73
N PHE F 417 -25.63 68.79 34.17
CA PHE F 417 -26.10 67.81 35.14
C PHE F 417 -25.70 68.20 36.54
N THR F 418 -26.67 68.17 37.45
CA THR F 418 -26.48 68.53 38.85
C THR F 418 -26.63 67.30 39.72
N ALA F 419 -26.01 67.33 40.90
CA ALA F 419 -26.06 66.18 41.79
C ALA F 419 -27.45 65.81 42.29
N ALA F 420 -27.75 64.52 42.22
CA ALA F 420 -29.00 63.97 42.68
C ALA F 420 -29.14 64.09 44.19
N THR F 421 -28.02 63.87 44.88
CA THR F 421 -28.01 63.91 46.34
C THR F 421 -26.73 64.52 46.91
N SER F 422 -26.78 64.95 48.18
CA SER F 422 -25.61 65.50 48.85
C SER F 422 -24.60 64.39 49.05
N GLY F 423 -23.31 64.69 49.01
CA GLY F 423 -22.30 63.65 49.20
C GLY F 423 -20.88 64.00 48.81
N TYR F 424 -20.03 62.98 48.76
CA TYR F 424 -18.64 63.11 48.38
C TYR F 424 -18.49 62.31 47.10
N VAL F 425 -17.74 62.83 46.14
CA VAL F 425 -17.62 62.13 44.86
C VAL F 425 -16.55 61.06 44.88
N THR F 426 -16.99 59.81 45.07
CA THR F 426 -16.09 58.66 45.12
C THR F 426 -15.36 58.30 43.82
N ALA F 427 -16.05 58.38 42.69
CA ALA F 427 -15.39 58.04 41.44
C ALA F 427 -16.02 58.65 40.18
N ILE F 428 -15.22 58.74 39.13
CA ILE F 428 -15.64 59.23 37.83
C ILE F 428 -15.24 58.17 36.81
N ASP F 429 -16.15 57.78 35.93
CA ASP F 429 -15.87 56.73 34.95
C ASP F 429 -15.44 57.30 33.63
N ASN F 430 -14.23 56.95 33.22
CA ASN F 430 -13.68 57.43 31.98
C ASN F 430 -14.42 56.97 30.74
N ARG F 431 -14.81 55.71 30.71
CA ARG F 431 -15.47 55.22 29.51
C ARG F 431 -16.78 55.93 29.28
N ALA F 432 -17.55 56.12 30.34
CA ALA F 432 -18.81 56.81 30.22
C ALA F 432 -18.64 58.26 29.83
N ILE F 433 -17.68 58.94 30.45
CA ILE F 433 -17.45 60.34 30.16
C ILE F 433 -17.02 60.53 28.71
N THR F 434 -16.11 59.70 28.25
CA THR F 434 -15.65 59.77 26.88
C THR F 434 -16.76 59.37 25.93
N ALA F 435 -17.52 58.37 26.33
CA ALA F 435 -18.62 57.90 25.50
C ALA F 435 -19.63 59.01 25.36
N ILE F 436 -19.95 59.68 26.45
CA ILE F 436 -20.92 60.77 26.40
C ILE F 436 -20.39 61.89 25.54
N ALA F 437 -19.11 62.20 25.68
CA ALA F 437 -18.51 63.27 24.91
C ALA F 437 -18.55 62.93 23.43
N ARG F 438 -18.28 61.68 23.10
CA ARG F 438 -18.28 61.23 21.72
C ARG F 438 -19.68 61.34 21.12
N ALA F 439 -20.68 61.03 21.92
CA ALA F 439 -22.08 61.11 21.49
C ALA F 439 -22.39 62.55 21.17
N ALA F 440 -21.81 63.44 21.97
CA ALA F 440 -22.00 64.88 21.83
C ALA F 440 -21.42 65.35 20.52
N GLY F 441 -20.67 64.47 19.87
CA GLY F 441 -20.07 64.75 18.58
C GLY F 441 -18.57 64.92 18.43
N ALA F 442 -17.82 64.83 19.53
CA ALA F 442 -16.38 64.92 19.45
C ALA F 442 -15.90 63.69 18.72
N PRO F 443 -14.81 63.77 17.96
CA PRO F 443 -14.03 64.99 17.79
C PRO F 443 -14.35 65.63 16.46
N GLU F 444 -15.36 65.12 15.78
CA GLU F 444 -15.74 65.65 14.49
C GLU F 444 -16.12 67.11 14.63
N ASP F 445 -16.82 67.44 15.72
CA ASP F 445 -17.20 68.81 16.00
C ASP F 445 -16.32 69.25 17.15
N LYS F 446 -15.50 70.25 16.91
CA LYS F 446 -14.58 70.76 17.92
C LYS F 446 -15.30 71.34 19.11
N GLY F 447 -16.46 71.93 18.85
CA GLY F 447 -17.25 72.56 19.89
C GLY F 447 -17.73 71.62 20.95
N ALA F 448 -18.14 70.41 20.56
CA ALA F 448 -18.68 69.41 21.47
C ALA F 448 -17.66 68.85 22.45
N GLY F 449 -18.14 68.47 23.63
CA GLY F 449 -17.28 67.94 24.67
C GLY F 449 -17.98 67.94 26.01
N ILE F 450 -17.20 67.81 27.07
CA ILE F 450 -17.74 67.83 28.42
C ILE F 450 -16.88 68.67 29.34
N GLU F 451 -17.51 69.36 30.28
CA GLU F 451 -16.76 70.15 31.24
C GLU F 451 -17.11 69.67 32.63
N LEU F 452 -16.10 69.35 33.42
CA LEU F 452 -16.31 68.84 34.77
C LEU F 452 -15.95 69.89 35.80
N TYR F 453 -16.89 70.17 36.70
CA TYR F 453 -16.63 71.13 37.74
C TYR F 453 -16.20 70.41 39.00
N VAL F 454 -16.15 69.09 38.95
CA VAL F 454 -15.79 68.29 40.10
C VAL F 454 -14.67 67.31 39.85
N LYS F 455 -13.98 66.94 40.91
CA LYS F 455 -12.88 66.00 40.87
C LYS F 455 -13.09 65.00 42.00
N VAL F 456 -12.50 63.83 41.88
CA VAL F 456 -12.66 62.80 42.88
C VAL F 456 -12.15 63.27 44.23
N GLY F 457 -12.88 62.87 45.28
CA GLY F 457 -12.57 63.24 46.64
C GLY F 457 -13.24 64.53 47.01
N GLU F 458 -13.86 65.14 46.02
CA GLU F 458 -14.53 66.42 46.22
C GLU F 458 -15.88 66.32 46.88
N LYS F 459 -16.12 67.15 47.89
CA LYS F 459 -17.39 67.17 48.57
C LYS F 459 -18.42 67.82 47.67
N VAL F 460 -19.63 67.30 47.68
CA VAL F 460 -20.70 67.84 46.86
C VAL F 460 -21.98 67.97 47.66
N LYS F 461 -22.84 68.88 47.26
CA LYS F 461 -24.10 69.12 47.93
C LYS F 461 -25.19 68.97 46.89
N GLU F 462 -26.41 68.68 47.30
CA GLU F 462 -27.47 68.50 46.33
C GLU F 462 -27.66 69.75 45.50
N GLY F 463 -27.83 69.56 44.20
CA GLY F 463 -28.03 70.64 43.27
C GLY F 463 -26.76 71.23 42.72
N ASP F 464 -25.61 70.81 43.23
CA ASP F 464 -24.35 71.29 42.72
C ASP F 464 -24.27 70.75 41.31
N PRO F 465 -23.59 71.43 40.40
CA PRO F 465 -23.51 70.91 39.04
C PRO F 465 -22.25 70.11 38.80
N LEU F 466 -22.42 68.81 38.54
CA LEU F 466 -21.30 67.92 38.29
C LEU F 466 -20.52 68.13 36.98
N PHE F 467 -21.24 68.23 35.87
CA PHE F 467 -20.60 68.45 34.59
C PHE F 467 -21.57 69.06 33.60
N THR F 468 -21.06 69.66 32.54
CA THR F 468 -21.90 70.27 31.50
C THR F 468 -21.55 69.67 30.15
N ILE F 469 -22.55 69.46 29.32
CA ILE F 469 -22.32 68.86 28.01
C ILE F 469 -22.41 69.91 26.93
N HIS F 470 -21.40 69.97 26.07
CA HIS F 470 -21.41 70.94 25.01
C HIS F 470 -21.56 70.24 23.71
N ALA F 471 -22.60 70.58 22.96
CA ALA F 471 -22.83 69.98 21.66
C ALA F 471 -23.13 71.00 20.59
N GLU F 472 -22.52 70.83 19.42
CA GLU F 472 -22.76 71.72 18.28
C GLU F 472 -24.18 71.62 17.72
N HIS F 473 -24.73 70.42 17.69
CA HIS F 473 -26.05 70.21 17.17
C HIS F 473 -26.98 69.73 18.24
N GLU F 474 -28.19 70.25 18.26
CA GLU F 474 -29.18 69.89 19.26
C GLU F 474 -29.53 68.41 19.17
N ALA F 475 -29.59 67.89 17.96
CA ALA F 475 -29.93 66.49 17.80
C ALA F 475 -28.88 65.68 18.51
N ARG F 476 -27.63 66.09 18.39
CA ARG F 476 -26.52 65.42 19.04
C ARG F 476 -26.62 65.50 20.56
N LEU F 477 -27.07 66.65 21.06
CA LEU F 477 -27.17 66.86 22.48
C LEU F 477 -28.12 65.88 23.17
N ASP F 478 -29.25 65.57 22.55
CA ASP F 478 -30.18 64.65 23.16
C ASP F 478 -29.56 63.26 23.32
N GLN F 479 -28.83 62.83 22.31
CA GLN F 479 -28.21 61.52 22.36
C GLN F 479 -27.21 61.50 23.49
N ALA F 480 -26.45 62.57 23.61
CA ALA F 480 -25.45 62.70 24.66
C ALA F 480 -26.07 62.74 26.04
N ILE F 481 -27.17 63.49 26.15
CA ILE F 481 -27.86 63.59 27.42
C ILE F 481 -28.40 62.25 27.83
N VAL F 482 -28.95 61.53 26.86
CA VAL F 482 -29.50 60.20 27.11
C VAL F 482 -28.46 59.18 27.55
N LEU F 483 -27.32 59.16 26.86
CA LEU F 483 -26.25 58.24 27.21
C LEU F 483 -25.73 58.60 28.57
N ALA F 484 -25.62 59.89 28.83
CA ALA F 484 -25.12 60.38 30.10
C ALA F 484 -26.05 59.99 31.23
N ARG F 485 -27.34 60.03 30.96
CA ARG F 485 -28.32 59.68 31.99
C ARG F 485 -28.21 58.23 32.42
N ARG F 486 -28.06 57.32 31.47
CA ARG F 486 -27.93 55.91 31.81
C ARG F 486 -26.66 55.63 32.60
N THR F 487 -25.57 56.23 32.16
CA THR F 487 -24.26 56.06 32.80
C THR F 487 -24.05 56.64 34.21
N GLU F 488 -24.57 57.82 34.50
CA GLU F 488 -24.36 58.32 35.84
C GLU F 488 -22.88 58.17 36.11
N PRO F 489 -22.06 58.79 35.28
CA PRO F 489 -20.60 58.67 35.39
C PRO F 489 -20.07 59.13 36.73
N ILE F 490 -20.61 60.19 37.29
CA ILE F 490 -20.14 60.65 38.57
C ILE F 490 -20.85 59.87 39.68
N ARG F 491 -20.07 59.41 40.66
CA ARG F 491 -20.62 58.65 41.79
C ARG F 491 -20.41 59.40 43.10
N ILE F 492 -21.49 59.55 43.86
CA ILE F 492 -21.46 60.26 45.13
C ILE F 492 -21.90 59.37 46.28
N GLU F 493 -21.22 59.45 47.43
CA GLU F 493 -21.63 58.63 48.57
C GLU F 493 -21.37 59.27 49.94
N MET G 1 -10.11 -10.48 -72.22
CA MET G 1 -10.81 -9.37 -72.88
C MET G 1 -9.83 -8.48 -73.62
N LYS G 2 -10.31 -7.80 -74.65
CA LYS G 2 -9.49 -6.90 -75.44
C LYS G 2 -10.12 -5.52 -75.37
N ALA G 3 -9.31 -4.49 -75.15
CA ALA G 3 -9.82 -3.14 -75.05
C ALA G 3 -8.75 -2.14 -75.41
N LYS G 4 -9.13 -0.88 -75.56
CA LYS G 4 -8.20 0.17 -75.92
C LYS G 4 -7.89 1.04 -74.70
N ILE G 5 -6.61 1.24 -74.44
CA ILE G 5 -6.17 2.00 -73.30
C ILE G 5 -6.61 3.45 -73.36
N ARG G 6 -6.98 3.99 -72.21
CA ARG G 6 -7.37 5.39 -72.10
C ARG G 6 -6.66 6.00 -70.89
N ILE G 7 -5.79 6.97 -71.10
CA ILE G 7 -5.09 7.58 -69.98
C ILE G 7 -6.10 8.36 -69.16
N LEU G 8 -5.89 8.41 -67.85
CA LEU G 8 -6.78 9.14 -66.95
C LEU G 8 -5.98 10.22 -66.25
N ASP G 9 -6.51 11.43 -66.19
CA ASP G 9 -5.76 12.48 -65.56
C ASP G 9 -5.92 12.40 -64.06
N MET G 10 -5.33 11.37 -63.49
CA MET G 10 -5.35 11.14 -62.05
C MET G 10 -4.14 10.36 -61.61
N PHE G 11 -3.68 10.61 -60.38
CA PHE G 11 -2.55 9.86 -59.84
C PHE G 11 -3.08 9.17 -58.59
N SER G 12 -3.28 7.86 -58.73
CA SER G 12 -3.76 6.96 -57.71
C SER G 12 -2.79 6.72 -56.57
N GLY G 13 -1.51 6.65 -56.92
CA GLY G 13 -0.45 6.33 -55.99
C GLY G 13 -0.25 4.84 -56.06
N ARG G 14 -1.04 4.22 -56.93
CA ARG G 14 -0.97 2.79 -57.19
C ARG G 14 -1.32 2.63 -58.66
N TYR G 15 -0.83 1.58 -59.32
CA TYR G 15 -1.18 1.42 -60.71
C TYR G 15 -2.68 1.22 -60.66
N THR G 16 -3.43 2.01 -61.41
CA THR G 16 -4.87 1.89 -61.36
C THR G 16 -5.47 1.56 -62.71
N VAL G 17 -6.28 0.53 -62.75
CA VAL G 17 -6.93 0.14 -63.98
C VAL G 17 -8.41 0.35 -63.76
N LEU G 18 -9.03 1.13 -64.62
CA LEU G 18 -10.46 1.40 -64.51
C LEU G 18 -11.16 0.52 -65.51
N ILE G 19 -12.17 -0.18 -65.05
CA ILE G 19 -12.92 -1.06 -65.91
C ILE G 19 -14.38 -0.73 -65.91
N ASN G 20 -14.99 -0.79 -67.10
CA ASN G 20 -16.39 -0.50 -67.25
C ASN G 20 -17.19 -1.52 -66.45
N GLU G 21 -18.26 -1.09 -65.81
CA GLU G 21 -19.05 -2.00 -64.99
C GLU G 21 -19.66 -3.16 -65.77
N GLU G 22 -20.19 -2.88 -66.95
CA GLU G 22 -20.79 -3.93 -67.75
C GLU G 22 -19.75 -4.95 -68.16
N ASP G 23 -18.60 -4.45 -68.58
CA ASP G 23 -17.52 -5.32 -69.01
C ASP G 23 -17.03 -6.18 -67.86
N ALA G 24 -16.99 -5.59 -66.67
CA ALA G 24 -16.51 -6.31 -65.51
C ALA G 24 -17.35 -7.53 -65.17
N LYS G 25 -18.68 -7.42 -65.23
CA LYS G 25 -19.49 -8.58 -64.92
C LYS G 25 -19.18 -9.66 -65.94
N GLU G 26 -19.06 -9.27 -67.19
CA GLU G 26 -18.74 -10.23 -68.24
C GLU G 26 -17.36 -10.78 -67.93
N ALA G 27 -16.45 -9.88 -67.57
CA ALA G 27 -15.09 -10.23 -67.22
C ALA G 27 -15.02 -11.07 -65.94
N LYS G 28 -15.90 -10.75 -65.00
CA LYS G 28 -15.94 -11.42 -63.71
C LYS G 28 -15.02 -10.75 -62.72
N LEU G 29 -14.49 -9.60 -63.10
CA LEU G 29 -13.59 -8.81 -62.28
C LEU G 29 -14.28 -8.13 -61.10
N HIS G 30 -13.56 -7.98 -60.00
CA HIS G 30 -14.08 -7.36 -58.80
C HIS G 30 -13.15 -6.24 -58.44
N PRO G 31 -13.66 -5.24 -57.75
CA PRO G 31 -12.83 -4.08 -57.40
C PRO G 31 -11.62 -4.46 -56.57
N ASP G 32 -10.47 -3.96 -57.02
CA ASP G 32 -9.18 -4.20 -56.37
C ASP G 32 -8.56 -5.51 -56.82
N ASP G 33 -9.24 -6.27 -57.67
CA ASP G 33 -8.70 -7.52 -58.16
C ASP G 33 -7.52 -7.22 -59.04
N LEU G 34 -6.50 -8.07 -59.00
CA LEU G 34 -5.34 -7.88 -59.85
C LEU G 34 -5.71 -8.15 -61.28
N VAL G 35 -5.14 -7.39 -62.20
CA VAL G 35 -5.39 -7.55 -63.63
C VAL G 35 -4.08 -7.42 -64.38
N LYS G 36 -3.98 -8.04 -65.54
CA LYS G 36 -2.76 -7.97 -66.33
C LYS G 36 -3.04 -7.30 -67.65
N ILE G 37 -2.22 -6.31 -68.01
CA ILE G 37 -2.40 -5.61 -69.26
C ILE G 37 -1.15 -5.73 -70.12
N GLU G 38 -1.31 -6.26 -71.32
CA GLU G 38 -0.20 -6.40 -72.24
C GLU G 38 -0.69 -6.05 -73.63
N ALA G 39 0.10 -5.27 -74.37
CA ALA G 39 -0.28 -4.91 -75.73
C ALA G 39 0.46 -5.78 -76.72
N GLY G 40 1.76 -5.89 -76.52
CA GLY G 40 2.61 -6.72 -77.35
C GLY G 40 3.40 -7.52 -76.36
N LYS G 41 4.71 -7.43 -76.46
CA LYS G 41 5.58 -8.12 -75.52
C LYS G 41 5.42 -7.53 -74.13
N LYS G 42 5.33 -6.20 -74.05
CA LYS G 42 5.20 -5.46 -72.79
C LYS G 42 3.87 -5.60 -72.05
N ALA G 43 3.96 -5.74 -70.73
CA ALA G 43 2.77 -5.88 -69.89
C ALA G 43 2.92 -5.22 -68.52
N VAL G 44 1.80 -4.88 -67.91
CA VAL G 44 1.80 -4.27 -66.60
C VAL G 44 0.69 -4.85 -65.73
N TYR G 45 0.95 -4.92 -64.43
CA TYR G 45 -0.02 -5.46 -63.48
C TYR G 45 -0.68 -4.34 -62.68
N GLY G 46 -2.00 -4.28 -62.72
CA GLY G 46 -2.72 -3.21 -62.06
C GLY G 46 -3.94 -3.61 -61.28
N SER G 47 -4.40 -2.71 -60.42
CA SER G 47 -5.56 -2.96 -59.59
C SER G 47 -6.81 -2.38 -60.22
N VAL G 48 -7.79 -3.24 -60.45
CA VAL G 48 -9.06 -2.89 -61.04
C VAL G 48 -9.91 -1.99 -60.19
N ALA G 49 -10.52 -0.99 -60.82
CA ALA G 49 -11.47 -0.11 -60.17
C ALA G 49 -12.63 -0.05 -61.15
N LEU G 50 -13.83 -0.40 -60.73
CA LEU G 50 -14.96 -0.40 -61.67
C LEU G 50 -15.50 0.99 -61.83
N SER G 51 -15.67 1.44 -63.07
CA SER G 51 -16.21 2.77 -63.30
C SER G 51 -16.91 2.92 -64.63
N ASN G 52 -17.83 3.89 -64.68
CA ASN G 52 -18.57 4.21 -65.89
C ASN G 52 -17.88 5.35 -66.63
N LEU G 53 -16.80 5.86 -66.05
CA LEU G 53 -16.04 6.94 -66.65
C LEU G 53 -15.51 6.44 -67.98
N VAL G 54 -15.15 5.18 -68.01
CA VAL G 54 -14.61 4.55 -69.19
C VAL G 54 -15.69 3.71 -69.88
N GLY G 55 -15.89 3.96 -71.16
CA GLY G 55 -16.88 3.25 -71.95
C GLY G 55 -16.49 1.82 -72.26
N LYS G 56 -17.48 1.01 -72.62
CA LYS G 56 -17.26 -0.39 -72.90
C LYS G 56 -16.29 -0.52 -74.05
N GLY G 57 -15.40 -1.49 -73.92
CA GLY G 57 -14.36 -1.75 -74.90
C GLY G 57 -13.15 -0.89 -74.60
N GLU G 58 -13.25 -0.11 -73.53
CA GLU G 58 -12.16 0.76 -73.12
C GLU G 58 -11.65 0.42 -71.73
N VAL G 59 -10.34 0.35 -71.60
CA VAL G 59 -9.71 0.08 -70.33
C VAL G 59 -8.94 1.34 -70.02
N GLY G 60 -9.13 1.88 -68.83
CA GLY G 60 -8.50 3.13 -68.47
C GLY G 60 -7.41 2.95 -67.43
N ILE G 61 -6.26 3.55 -67.70
CA ILE G 61 -5.11 3.46 -66.83
C ILE G 61 -4.72 4.82 -66.30
N SER G 62 -4.46 4.90 -65.00
CA SER G 62 -4.05 6.16 -64.39
C SER G 62 -2.65 6.49 -64.84
N ARG G 63 -2.23 7.73 -64.64
CA ARG G 63 -0.95 8.23 -65.11
C ARG G 63 0.28 7.54 -64.50
N ASP G 64 0.14 6.94 -63.32
CA ASP G 64 1.27 6.27 -62.68
C ASP G 64 1.80 5.15 -63.55
N VAL G 65 0.90 4.47 -64.24
CA VAL G 65 1.25 3.32 -65.07
C VAL G 65 2.24 3.75 -66.13
N LEU G 66 2.09 4.98 -66.60
CA LEU G 66 2.91 5.52 -67.68
C LEU G 66 4.40 5.57 -67.35
N ASP G 67 4.73 5.74 -66.08
CA ASP G 67 6.13 5.89 -65.67
C ASP G 67 7.02 4.69 -65.99
N LEU G 68 6.53 3.47 -65.81
CA LEU G 68 7.33 2.27 -66.04
C LEU G 68 6.89 1.43 -67.24
N HIS G 69 6.23 2.05 -68.21
CA HIS G 69 5.67 1.34 -69.35
C HIS G 69 5.22 2.25 -70.49
N ASN G 70 5.67 1.92 -71.69
CA ASN G 70 5.33 2.70 -72.88
C ASN G 70 3.99 2.24 -73.47
N PHE G 71 2.91 2.77 -72.90
CA PHE G 71 1.56 2.46 -73.36
C PHE G 71 1.01 3.73 -73.98
N SER G 72 0.59 3.67 -75.24
CA SER G 72 0.08 4.85 -75.94
C SER G 72 -1.45 4.85 -76.00
N GLU G 73 -2.06 6.02 -75.85
CA GLU G 73 -3.52 6.08 -75.82
C GLU G 73 -4.19 5.62 -77.09
N GLY G 74 -5.32 4.96 -76.92
CA GLY G 74 -6.10 4.44 -78.02
C GLY G 74 -5.47 3.13 -78.41
N GLU G 75 -4.37 2.81 -77.76
CA GLU G 75 -3.66 1.57 -78.05
C GLU G 75 -4.55 0.43 -77.68
N THR G 76 -4.53 -0.62 -78.50
CA THR G 76 -5.39 -1.78 -78.25
C THR G 76 -4.62 -2.79 -77.43
N VAL G 77 -5.17 -3.13 -76.27
CA VAL G 77 -4.51 -4.01 -75.31
C VAL G 77 -5.45 -5.09 -74.83
N SER G 78 -4.88 -6.17 -74.34
CA SER G 78 -5.69 -7.28 -73.83
C SER G 78 -5.60 -7.32 -72.32
N VAL G 79 -6.74 -7.32 -71.67
CA VAL G 79 -6.79 -7.34 -70.23
C VAL G 79 -7.20 -8.69 -69.70
N ILE G 80 -6.32 -9.30 -68.92
CA ILE G 80 -6.58 -10.61 -68.36
C ILE G 80 -6.39 -10.58 -66.85
N PRO G 81 -7.25 -11.28 -66.13
CA PRO G 81 -7.16 -11.34 -64.68
C PRO G 81 -5.91 -12.07 -64.23
N ALA G 82 -5.31 -11.65 -63.13
CA ALA G 82 -4.11 -12.29 -62.64
C ALA G 82 -4.39 -13.05 -61.35
N GLY G 83 -4.01 -14.30 -61.32
CA GLY G 83 -4.23 -15.16 -60.18
C GLY G 83 -3.30 -14.79 -59.05
N THR G 84 -3.59 -15.30 -57.86
CA THR G 84 -2.74 -15.00 -56.73
C THR G 84 -1.36 -15.51 -57.10
N PRO G 85 -0.33 -14.73 -56.80
CA PRO G 85 1.04 -15.12 -57.12
C PRO G 85 1.54 -16.29 -56.30
N GLU G 86 2.36 -17.14 -56.90
CA GLU G 86 2.92 -18.28 -56.21
C GLU G 86 3.87 -17.80 -55.12
N SER G 87 4.43 -16.62 -55.32
CA SER G 87 5.39 -16.07 -54.39
C SER G 87 4.78 -15.89 -53.02
N VAL G 88 3.46 -15.78 -52.97
CA VAL G 88 2.79 -15.59 -51.69
C VAL G 88 3.08 -16.76 -50.75
N ARG G 89 3.23 -17.95 -51.32
CA ARG G 89 3.50 -19.11 -50.50
C ARG G 89 4.79 -18.94 -49.75
N TYR G 90 5.79 -18.36 -50.41
CA TYR G 90 7.10 -18.13 -49.80
C TYR G 90 7.03 -17.18 -48.62
N ILE G 91 6.17 -16.18 -48.72
CA ILE G 91 6.00 -15.21 -47.65
C ILE G 91 5.50 -15.93 -46.41
N LYS G 92 4.59 -16.89 -46.61
CA LYS G 92 4.03 -17.66 -45.52
C LYS G 92 5.09 -18.47 -44.81
N LYS G 93 6.00 -19.05 -45.57
CA LYS G 93 7.05 -19.86 -44.97
C LYS G 93 7.88 -18.99 -44.05
N LYS G 94 8.20 -17.78 -44.51
CA LYS G 94 8.96 -16.84 -43.71
C LYS G 94 8.11 -16.47 -42.51
N MET G 95 6.82 -16.40 -42.77
CA MET G 95 5.83 -16.06 -41.77
C MET G 95 5.94 -17.11 -40.69
N HIS G 96 6.21 -18.33 -41.11
CA HIS G 96 6.33 -19.43 -40.18
C HIS G 96 7.72 -19.58 -39.65
N GLY G 97 8.60 -18.68 -40.05
CA GLY G 97 9.97 -18.65 -39.57
C GLY G 97 10.94 -19.56 -40.28
N GLU G 98 10.48 -20.25 -41.31
CA GLU G 98 11.35 -21.12 -42.07
C GLU G 98 12.33 -20.31 -42.90
N LYS G 99 13.54 -20.83 -43.11
CA LYS G 99 14.55 -20.15 -43.90
C LYS G 99 14.16 -20.10 -45.37
N LEU G 100 14.53 -19.02 -46.06
CA LEU G 100 14.16 -18.85 -47.46
C LEU G 100 15.22 -19.27 -48.46
N ARG G 101 14.79 -20.04 -49.45
CA ARG G 101 15.68 -20.50 -50.51
C ARG G 101 16.00 -19.32 -51.40
N LYS G 102 17.15 -19.35 -52.07
CA LYS G 102 17.52 -18.27 -52.95
C LYS G 102 16.50 -18.13 -54.03
N VAL G 103 16.04 -19.25 -54.59
CA VAL G 103 15.03 -19.19 -55.62
C VAL G 103 13.75 -18.60 -55.06
N GLU G 104 13.41 -19.01 -53.84
CA GLU G 104 12.20 -18.52 -53.21
C GLU G 104 12.31 -17.02 -52.97
N ILE G 105 13.46 -16.58 -52.51
CA ILE G 105 13.68 -15.16 -52.26
C ILE G 105 13.63 -14.32 -53.51
N GLU G 106 14.22 -14.82 -54.59
CA GLU G 106 14.27 -14.08 -55.85
C GLU G 106 12.89 -13.85 -56.40
N ALA G 107 12.03 -14.84 -56.26
CA ALA G 107 10.68 -14.75 -56.78
C ALA G 107 9.93 -13.63 -56.11
N ILE G 108 10.12 -13.50 -54.81
CA ILE G 108 9.40 -12.48 -54.08
C ILE G 108 9.78 -11.11 -54.59
N VAL G 109 11.06 -10.88 -54.78
CA VAL G 109 11.50 -9.59 -55.26
C VAL G 109 11.00 -9.32 -56.67
N ARG G 110 11.10 -10.32 -57.53
CA ARG G 110 10.68 -10.15 -58.91
C ARG G 110 9.20 -9.87 -58.90
N ASP G 111 8.47 -10.59 -58.06
CA ASP G 111 7.04 -10.36 -57.93
C ASP G 111 6.77 -8.98 -57.37
N ILE G 112 7.57 -8.56 -56.41
CA ILE G 112 7.39 -7.25 -55.81
C ILE G 112 7.60 -6.14 -56.83
N VAL G 113 8.64 -6.27 -57.64
CA VAL G 113 8.92 -5.31 -58.70
C VAL G 113 7.88 -5.29 -59.80
N ASP G 114 7.39 -6.47 -60.19
CA ASP G 114 6.38 -6.54 -61.23
C ASP G 114 5.04 -6.02 -60.75
N ARG G 115 4.90 -5.87 -59.43
CA ARG G 115 3.67 -5.37 -58.83
C ARG G 115 2.55 -6.39 -58.67
N LYS G 116 2.88 -7.68 -58.65
CA LYS G 116 1.86 -8.70 -58.48
C LYS G 116 1.53 -8.68 -56.99
N LEU G 117 2.57 -8.52 -56.18
CA LEU G 117 2.42 -8.39 -54.74
C LEU G 117 2.17 -6.94 -54.47
N ARG G 118 0.96 -6.64 -54.02
CA ARG G 118 0.56 -5.29 -53.75
C ARG G 118 0.79 -4.96 -52.28
N ASP G 119 0.11 -3.94 -51.77
CA ASP G 119 0.35 -3.49 -50.41
C ASP G 119 0.09 -4.56 -49.37
N ILE G 120 -0.97 -5.34 -49.54
CA ILE G 120 -1.27 -6.34 -48.54
C ILE G 120 -0.18 -7.39 -48.41
N GLU G 121 0.33 -7.89 -49.54
CA GLU G 121 1.41 -8.88 -49.52
C GLU G 121 2.73 -8.34 -49.01
N ILE G 122 3.09 -7.14 -49.43
CA ILE G 122 4.35 -6.55 -49.00
C ILE G 122 4.39 -6.26 -47.51
N SER G 123 3.27 -5.79 -46.97
CA SER G 123 3.20 -5.49 -45.55
C SER G 123 3.37 -6.78 -44.77
N SER G 124 2.77 -7.85 -45.23
CA SER G 124 2.90 -9.11 -44.56
C SER G 124 4.34 -9.59 -44.61
N PHE G 125 4.96 -9.44 -45.76
CA PHE G 125 6.33 -9.88 -45.95
C PHE G 125 7.28 -9.08 -45.09
N VAL G 126 7.06 -7.78 -45.02
CA VAL G 126 7.89 -6.91 -44.22
C VAL G 126 7.69 -7.16 -42.73
N THR G 127 6.45 -7.33 -42.33
CA THR G 127 6.12 -7.59 -40.93
C THR G 127 6.72 -8.90 -40.49
N ALA G 128 6.61 -9.89 -41.37
CA ALA G 128 7.13 -11.19 -41.08
C ALA G 128 8.61 -11.05 -40.89
N LEU G 129 9.24 -10.22 -41.71
CA LEU G 129 10.67 -10.02 -41.59
C LEU G 129 10.99 -9.39 -40.24
N GLU G 130 10.17 -8.45 -39.80
CA GLU G 130 10.43 -7.81 -38.53
C GLU G 130 10.31 -8.79 -37.37
N ILE G 131 9.22 -9.54 -37.34
CA ILE G 131 9.01 -10.50 -36.26
C ILE G 131 9.98 -11.68 -36.20
N ASN G 132 10.29 -12.29 -37.35
CA ASN G 132 11.17 -13.44 -37.40
C ASN G 132 12.60 -13.20 -37.85
N GLY G 133 12.81 -12.15 -38.64
CA GLY G 133 14.14 -11.81 -39.09
C GLY G 133 14.66 -12.60 -40.27
N LEU G 134 15.89 -12.32 -40.64
CA LEU G 134 16.56 -13.00 -41.75
C LEU G 134 17.97 -13.33 -41.33
N ASP G 135 18.48 -14.48 -41.74
CA ASP G 135 19.86 -14.85 -41.43
C ASP G 135 20.78 -14.18 -42.45
N MET G 136 22.07 -14.19 -42.21
CA MET G 136 23.01 -13.55 -43.12
C MET G 136 22.99 -14.14 -44.52
N ASP G 137 22.84 -15.45 -44.63
CA ASP G 137 22.81 -16.09 -45.93
C ASP G 137 21.64 -15.52 -46.73
N GLU G 138 20.51 -15.36 -46.05
CA GLU G 138 19.31 -14.82 -46.69
C GLU G 138 19.50 -13.38 -47.12
N ILE G 139 20.16 -12.60 -46.29
CA ILE G 139 20.38 -11.19 -46.59
C ILE G 139 21.24 -10.94 -47.82
N ALA G 140 22.32 -11.70 -47.96
CA ALA G 140 23.19 -11.53 -49.11
C ALA G 140 22.43 -11.92 -50.36
N ALA G 141 21.66 -12.99 -50.26
CA ALA G 141 20.84 -13.44 -51.37
C ALA G 141 19.76 -12.43 -51.72
N LEU G 142 19.11 -11.88 -50.69
CA LEU G 142 18.06 -10.91 -50.90
C LEU G 142 18.66 -9.68 -51.53
N THR G 143 19.84 -9.31 -51.07
CA THR G 143 20.52 -8.14 -51.58
C THR G 143 20.89 -8.24 -53.05
N ILE G 144 21.41 -9.39 -53.46
CA ILE G 144 21.78 -9.57 -54.86
C ILE G 144 20.55 -9.51 -55.75
N ALA G 145 19.47 -10.11 -55.28
CA ALA G 145 18.23 -10.13 -56.02
C ALA G 145 17.65 -8.75 -56.19
N MET G 146 17.72 -7.94 -55.15
CA MET G 146 17.17 -6.59 -55.23
C MET G 146 17.88 -5.78 -56.29
N ALA G 147 19.20 -5.89 -56.33
CA ALA G 147 20.00 -5.18 -57.32
C ALA G 147 19.79 -5.66 -58.75
N GLU G 148 19.73 -6.96 -58.93
CA GLU G 148 19.60 -7.58 -60.25
C GLU G 148 18.32 -7.22 -61.00
N THR G 149 17.22 -7.11 -60.26
CA THR G 149 15.94 -6.78 -60.87
C THR G 149 16.03 -5.40 -61.51
N GLY G 150 16.72 -4.48 -60.84
CA GLY G 150 16.93 -3.12 -61.31
C GLY G 150 18.04 -2.95 -62.34
N ASP G 151 18.06 -1.81 -63.01
CA ASP G 151 19.08 -1.50 -64.00
C ASP G 151 20.42 -1.29 -63.29
N MET G 152 21.53 -1.53 -63.99
CA MET G 152 22.85 -1.40 -63.38
C MET G 152 23.85 -0.66 -64.26
N LEU G 153 24.90 -0.11 -63.65
CA LEU G 153 25.90 0.64 -64.39
C LEU G 153 27.33 0.15 -64.14
N ASP G 154 28.15 0.22 -65.18
CA ASP G 154 29.55 -0.20 -65.11
C ASP G 154 30.44 1.01 -65.32
N ILE G 155 31.41 1.21 -64.44
CA ILE G 155 32.29 2.35 -64.55
C ILE G 155 33.73 1.96 -64.83
N ASP G 156 34.30 2.57 -65.86
CA ASP G 156 35.67 2.28 -66.27
C ASP G 156 36.73 2.61 -65.23
N ARG G 157 36.60 3.75 -64.57
CA ARG G 157 37.57 4.13 -63.55
C ARG G 157 37.44 3.18 -62.37
N LYS G 158 38.55 2.81 -61.76
CA LYS G 158 38.53 1.90 -60.62
C LYS G 158 39.76 2.07 -59.74
N PRO G 159 39.68 1.60 -58.51
CA PRO G 159 38.47 0.98 -57.95
C PRO G 159 37.41 2.00 -57.59
N ILE G 160 36.14 1.66 -57.74
CA ILE G 160 35.05 2.56 -57.38
C ILE G 160 34.92 2.68 -55.86
N MET G 161 34.64 3.90 -55.39
CA MET G 161 34.50 4.14 -53.96
C MET G 161 33.11 4.65 -53.62
N ASP G 162 32.51 4.08 -52.59
CA ASP G 162 31.18 4.50 -52.17
C ASP G 162 31.14 4.89 -50.70
N VAL G 163 30.46 5.99 -50.39
CA VAL G 163 30.34 6.45 -49.02
C VAL G 163 28.87 6.53 -48.65
N HIS G 164 28.49 5.93 -47.53
CA HIS G 164 27.10 5.93 -47.12
C HIS G 164 26.92 6.13 -45.63
N SER G 165 25.79 6.72 -45.27
CA SER G 165 25.46 6.94 -43.86
C SER G 165 24.03 6.51 -43.58
N ILE G 166 23.84 5.83 -42.47
CA ILE G 166 22.52 5.36 -42.08
C ILE G 166 21.65 6.60 -41.89
N GLY G 167 22.27 7.67 -41.43
CA GLY G 167 21.55 8.92 -41.25
C GLY G 167 20.78 9.09 -39.97
N GLY G 168 19.80 9.98 -40.01
CA GLY G 168 19.00 10.29 -38.85
C GLY G 168 19.48 11.50 -38.07
N VAL G 169 20.50 12.18 -38.58
CA VAL G 169 21.00 13.37 -37.91
C VAL G 169 20.63 14.55 -38.78
N PRO G 170 20.01 15.58 -38.21
CA PRO G 170 19.63 16.74 -38.99
C PRO G 170 20.85 17.50 -39.50
N GLY G 171 20.72 18.14 -40.65
CA GLY G 171 21.82 18.88 -41.24
C GLY G 171 23.05 18.07 -41.60
N ASN G 172 22.83 16.85 -42.09
CA ASN G 172 23.93 15.98 -42.48
C ASN G 172 24.39 16.27 -43.91
N LYS G 173 25.20 17.31 -44.06
CA LYS G 173 25.71 17.74 -45.36
C LYS G 173 27.14 17.30 -45.58
N THR G 174 27.61 16.40 -44.72
CA THR G 174 28.98 15.89 -44.77
C THR G 174 29.32 15.21 -46.09
N ASN G 175 28.33 14.56 -46.69
CA ASN G 175 28.55 13.85 -47.95
C ASN G 175 29.02 14.74 -49.08
N ILE G 176 28.49 15.95 -49.16
CA ILE G 176 28.89 16.86 -50.23
C ILE G 176 30.37 17.18 -50.16
N LEU G 177 30.87 17.46 -48.97
CA LEU G 177 32.29 17.75 -48.81
C LEU G 177 33.16 16.54 -49.11
N VAL G 178 32.72 15.38 -48.64
CA VAL G 178 33.48 14.14 -48.82
C VAL G 178 33.63 13.63 -50.25
N VAL G 179 32.58 13.65 -51.04
CA VAL G 179 32.70 13.15 -52.41
C VAL G 179 33.70 13.96 -53.20
N PRO G 180 33.59 15.28 -53.10
CA PRO G 180 34.50 16.19 -53.79
C PRO G 180 35.93 16.07 -53.31
N ILE G 181 36.10 15.95 -52.00
CA ILE G 181 37.41 15.84 -51.41
C ILE G 181 38.12 14.58 -51.88
N VAL G 182 37.38 13.49 -51.95
CA VAL G 182 37.91 12.21 -52.43
C VAL G 182 38.32 12.23 -53.89
N ALA G 183 37.52 12.90 -54.71
CA ALA G 183 37.75 12.93 -56.15
C ALA G 183 39.09 13.57 -56.47
N ALA G 184 39.44 14.59 -55.71
CA ALA G 184 40.67 15.32 -55.97
C ALA G 184 41.84 14.36 -55.88
N ALA G 185 41.77 13.43 -54.95
CA ALA G 185 42.79 12.41 -54.83
C ALA G 185 42.68 11.61 -56.12
N GLY G 186 41.53 11.76 -56.76
CA GLY G 186 41.23 11.11 -58.02
C GLY G 186 40.48 9.80 -57.95
N LEU G 187 40.20 9.32 -56.74
CA LEU G 187 39.40 8.12 -56.59
C LEU G 187 38.02 8.45 -57.10
N THR G 188 37.44 7.56 -57.89
CA THR G 188 36.09 7.79 -58.41
C THR G 188 35.04 7.64 -57.32
N ILE G 189 33.95 8.41 -57.40
CA ILE G 189 32.90 8.25 -56.39
C ILE G 189 31.57 8.86 -56.84
N PRO G 190 30.68 8.03 -57.40
CA PRO G 190 29.37 8.44 -57.88
C PRO G 190 28.26 8.31 -56.82
N LYS G 191 27.88 9.42 -56.18
CA LYS G 191 26.86 9.36 -55.15
C LYS G 191 25.45 9.63 -55.68
N THR G 192 24.54 8.79 -55.20
CA THR G 192 23.13 8.87 -55.48
C THR G 192 22.50 9.02 -54.12
N SER G 193 21.61 10.00 -53.98
CA SER G 193 20.97 10.28 -52.71
C SER G 193 19.49 10.45 -52.90
N SER G 194 18.73 10.39 -51.81
CA SER G 194 17.28 10.49 -51.89
C SER G 194 16.72 11.75 -51.25
N ARG G 195 15.72 12.34 -51.89
CA ARG G 195 15.06 13.52 -51.35
C ARG G 195 14.42 13.08 -50.06
N ALA G 196 14.42 13.94 -49.06
CA ALA G 196 13.94 13.55 -47.73
C ALA G 196 12.47 13.15 -47.71
N ILE G 197 12.18 12.04 -47.05
CA ILE G 197 10.81 11.57 -46.90
C ILE G 197 10.36 11.72 -45.45
N THR G 198 11.33 11.68 -44.54
CA THR G 198 11.07 11.84 -43.12
C THR G 198 12.09 12.78 -42.50
N SER G 199 12.74 13.59 -43.34
CA SER G 199 13.76 14.53 -42.87
C SER G 199 13.58 15.92 -43.45
N ALA G 200 14.16 16.91 -42.79
CA ALA G 200 14.06 18.29 -43.24
C ALA G 200 14.72 18.48 -44.60
N ALA G 201 15.87 17.85 -44.79
CA ALA G 201 16.60 17.96 -46.04
C ALA G 201 17.32 16.67 -46.35
N GLY G 202 17.66 16.48 -47.63
CA GLY G 202 18.36 15.29 -48.09
C GLY G 202 19.59 15.74 -48.85
N THR G 203 20.59 14.88 -48.94
CA THR G 203 21.82 15.26 -49.62
C THR G 203 21.46 15.62 -51.05
N ALA G 204 20.53 14.88 -51.62
CA ALA G 204 20.09 15.14 -52.98
C ALA G 204 19.48 16.52 -53.06
N ASP G 205 18.72 16.90 -52.03
CA ASP G 205 18.04 18.19 -52.00
C ASP G 205 18.96 19.41 -52.04
N VAL G 206 20.09 19.33 -51.35
CA VAL G 206 21.00 20.47 -51.33
C VAL G 206 21.55 20.78 -52.72
N VAL G 207 21.97 19.75 -53.42
CA VAL G 207 22.53 19.88 -54.76
C VAL G 207 21.50 20.41 -55.74
N GLU G 208 20.26 19.99 -55.57
CA GLU G 208 19.20 20.40 -56.46
C GLU G 208 19.12 21.90 -56.45
N VAL G 209 19.34 22.49 -55.29
CA VAL G 209 19.27 23.94 -55.19
C VAL G 209 20.29 24.65 -56.07
N PHE G 210 21.52 24.17 -56.11
CA PHE G 210 22.53 24.81 -56.96
C PHE G 210 22.93 24.05 -58.24
N ALA G 211 22.40 22.86 -58.44
CA ALA G 211 22.71 22.08 -59.64
C ALA G 211 21.61 21.08 -59.93
N ASP G 212 21.48 20.65 -61.19
CA ASP G 212 20.44 19.68 -61.51
C ASP G 212 20.74 18.40 -60.77
N VAL G 213 19.74 17.82 -60.13
CA VAL G 213 19.92 16.59 -59.39
C VAL G 213 19.45 15.34 -60.13
N SER G 214 18.88 15.52 -61.31
CA SER G 214 18.37 14.36 -62.05
C SER G 214 19.12 14.04 -63.33
N PHE G 215 19.67 12.84 -63.39
CA PHE G 215 20.38 12.40 -64.59
C PHE G 215 20.30 10.89 -64.79
N SER G 216 20.19 10.48 -66.04
CA SER G 216 20.08 9.09 -66.44
C SER G 216 21.40 8.35 -66.29
N LEU G 217 21.32 7.02 -66.23
CA LEU G 217 22.51 6.21 -66.06
C LEU G 217 23.45 6.46 -67.22
N ASP G 218 22.91 6.56 -68.42
CA ASP G 218 23.76 6.81 -69.57
C ASP G 218 24.43 8.16 -69.31
N GLU G 219 23.62 9.13 -68.90
CA GLU G 219 24.14 10.45 -68.59
C GLU G 219 25.05 10.40 -67.39
N ILE G 220 24.65 9.63 -66.38
CA ILE G 220 25.43 9.51 -65.15
C ILE G 220 26.80 8.89 -65.35
N LYS G 221 26.86 7.83 -66.16
CA LYS G 221 28.13 7.16 -66.39
C LYS G 221 29.12 8.07 -67.09
N ARG G 222 28.66 8.79 -68.09
CA ARG G 222 29.53 9.69 -68.82
C ARG G 222 30.06 10.80 -67.93
N ILE G 223 29.16 11.37 -67.13
CA ILE G 223 29.53 12.46 -66.26
C ILE G 223 30.56 12.03 -65.24
N VAL G 224 30.38 10.84 -64.70
CA VAL G 224 31.29 10.31 -63.71
C VAL G 224 32.69 10.08 -64.26
N GLU G 225 32.78 9.56 -65.49
CA GLU G 225 34.09 9.28 -66.03
C GLU G 225 34.93 10.53 -66.22
N LYS G 226 34.36 11.56 -66.84
CA LYS G 226 35.14 12.78 -67.02
C LYS G 226 35.34 13.50 -65.70
N VAL G 227 34.22 13.74 -65.00
CA VAL G 227 34.23 14.41 -63.71
C VAL G 227 34.96 13.59 -62.66
N GLY G 228 34.74 12.29 -62.69
CA GLY G 228 35.34 11.35 -61.75
C GLY G 228 34.54 11.15 -60.47
N ALA G 229 33.47 11.92 -60.31
CA ALA G 229 32.60 11.81 -59.15
C ALA G 229 31.26 12.47 -59.47
N CYS G 230 30.22 12.14 -58.70
CA CYS G 230 28.93 12.78 -58.93
C CYS G 230 28.04 12.76 -57.70
N LEU G 231 27.09 13.68 -57.64
CA LEU G 231 26.16 13.78 -56.52
C LEU G 231 24.78 13.87 -57.11
N VAL G 232 24.30 12.73 -57.60
CA VAL G 232 23.01 12.68 -58.28
C VAL G 232 21.90 11.99 -57.53
N TRP G 233 20.70 12.54 -57.62
CA TRP G 233 19.55 11.94 -57.00
C TRP G 233 19.36 10.63 -57.68
N GLY G 234 19.17 9.57 -56.91
CA GLY G 234 18.99 8.24 -57.46
C GLY G 234 17.54 7.84 -57.64
N GLY G 235 16.64 8.75 -57.28
CA GLY G 235 15.21 8.46 -57.39
C GLY G 235 14.76 8.22 -58.81
N ALA G 236 15.25 9.03 -59.73
CA ALA G 236 14.86 8.90 -61.13
C ALA G 236 15.29 7.59 -61.77
N LEU G 237 16.52 7.17 -61.51
CA LEU G 237 17.01 5.93 -62.10
C LEU G 237 16.35 4.70 -61.47
N ASN G 238 16.29 3.62 -62.24
CA ASN G 238 15.70 2.38 -61.77
C ASN G 238 16.70 1.53 -61.01
N LEU G 239 17.02 1.92 -59.79
CA LEU G 239 17.96 1.17 -58.97
C LEU G 239 17.28 0.61 -57.73
N ALA G 240 17.43 -0.68 -57.47
CA ALA G 240 16.83 -1.25 -56.29
C ALA G 240 15.36 -0.88 -56.23
N PRO G 241 14.65 -1.14 -57.31
CA PRO G 241 13.24 -0.78 -57.40
C PRO G 241 12.46 -1.44 -56.28
N ALA G 242 12.83 -2.66 -55.94
CA ALA G 242 12.17 -3.39 -54.86
C ALA G 242 12.34 -2.64 -53.56
N ASP G 243 13.49 -2.02 -53.38
CA ASP G 243 13.77 -1.30 -52.15
C ASP G 243 12.82 -0.13 -51.94
N ASP G 244 12.56 0.62 -52.99
CA ASP G 244 11.67 1.78 -52.88
C ASP G 244 10.24 1.39 -52.54
N ILE G 245 9.75 0.31 -53.13
CA ILE G 245 8.40 -0.18 -52.91
C ILE G 245 8.12 -0.64 -51.48
N THR G 246 9.08 -1.36 -50.90
CA THR G 246 8.97 -1.87 -49.53
C THR G 246 8.94 -0.76 -48.48
N ILE G 247 9.60 0.34 -48.77
CA ILE G 247 9.69 1.46 -47.86
C ILE G 247 8.36 2.08 -47.53
N LYS G 248 7.43 2.14 -48.48
CA LYS G 248 6.15 2.73 -48.19
C LYS G 248 5.57 1.93 -47.05
N ALA G 249 5.71 0.61 -47.13
CA ALA G 249 5.22 -0.27 -46.08
C ALA G 249 5.99 -0.09 -44.80
N GLU G 250 7.31 0.01 -44.89
CA GLU G 250 8.12 0.17 -43.70
C GLU G 250 7.80 1.46 -43.00
N ARG G 251 7.66 2.53 -43.78
CA ARG G 251 7.38 3.84 -43.21
C ARG G 251 6.04 3.90 -42.51
N ALA G 252 5.01 3.31 -43.11
CA ALA G 252 3.68 3.32 -42.52
C ALA G 252 3.69 2.56 -41.21
N LEU G 253 4.38 1.44 -41.24
CA LEU G 253 4.53 0.55 -40.09
C LEU G 253 5.33 1.15 -38.94
N SER G 254 6.33 1.94 -39.27
CA SER G 254 7.17 2.56 -38.25
C SER G 254 8.19 1.58 -37.75
N ILE G 255 8.38 0.51 -38.52
CA ILE G 255 9.32 -0.54 -38.19
C ILE G 255 10.31 -0.72 -39.31
N ASP G 256 11.60 -0.81 -38.99
CA ASP G 256 12.61 -1.06 -40.00
C ASP G 256 13.39 -2.31 -39.61
N PRO G 257 13.21 -3.39 -40.38
CA PRO G 257 13.89 -4.65 -40.12
C PRO G 257 15.37 -4.56 -40.39
N THR G 258 16.18 -5.11 -39.51
CA THR G 258 17.61 -5.05 -39.69
C THR G 258 18.03 -5.75 -40.95
N GLY G 259 17.43 -6.90 -41.22
CA GLY G 259 17.77 -7.65 -42.40
C GLY G 259 17.45 -6.90 -43.67
N LEU G 260 16.26 -6.29 -43.71
CA LEU G 260 15.83 -5.55 -44.88
C LEU G 260 16.68 -4.31 -45.14
N MET G 261 17.06 -3.62 -44.09
CA MET G 261 17.87 -2.42 -44.24
C MET G 261 19.23 -2.66 -44.84
N LEU G 262 19.92 -3.70 -44.39
CA LEU G 262 21.25 -3.94 -44.92
C LEU G 262 21.16 -4.21 -46.40
N ALA G 263 20.19 -5.03 -46.79
CA ALA G 263 19.99 -5.36 -48.18
C ALA G 263 19.63 -4.11 -48.94
N SER G 264 18.81 -3.28 -48.34
CA SER G 264 18.38 -2.08 -49.02
C SER G 264 19.51 -1.11 -49.30
N ILE G 265 20.34 -0.83 -48.31
CA ILE G 265 21.45 0.09 -48.54
C ILE G 265 22.49 -0.47 -49.48
N MET G 266 22.84 -1.72 -49.25
CA MET G 266 23.84 -2.44 -50.05
C MET G 266 23.36 -2.86 -51.43
N SER G 267 22.05 -2.95 -51.60
CA SER G 267 21.49 -3.36 -52.88
C SER G 267 21.89 -2.36 -53.94
N LYS G 268 21.78 -1.08 -53.60
CA LYS G 268 22.15 0.00 -54.49
C LYS G 268 23.64 0.06 -54.81
N LYS G 269 24.47 -0.15 -53.79
CA LYS G 269 25.92 -0.10 -53.99
C LYS G 269 26.37 -1.17 -54.95
N TYR G 270 25.79 -2.35 -54.81
CA TYR G 270 26.14 -3.47 -55.66
C TYR G 270 25.82 -3.18 -57.11
N ALA G 271 24.67 -2.56 -57.35
CA ALA G 271 24.21 -2.23 -58.70
C ALA G 271 25.14 -1.26 -59.42
N MET G 272 25.65 -0.28 -58.68
CA MET G 272 26.54 0.71 -59.24
C MET G 272 27.95 0.14 -59.22
N GLY G 273 28.04 -1.11 -58.78
CA GLY G 273 29.30 -1.81 -58.72
C GLY G 273 30.38 -1.14 -57.91
N SER G 274 30.02 -0.62 -56.73
CA SER G 274 31.02 0.05 -55.91
C SER G 274 31.90 -0.98 -55.21
N GLN G 275 33.18 -1.00 -55.61
CA GLN G 275 34.14 -1.91 -55.01
C GLN G 275 34.46 -1.66 -53.54
N TYR G 276 34.61 -0.39 -53.17
CA TYR G 276 34.93 -0.05 -51.78
C TYR G 276 33.86 0.85 -51.20
N VAL G 277 33.29 0.43 -50.06
CA VAL G 277 32.21 1.18 -49.43
C VAL G 277 32.48 1.56 -47.98
N LEU G 278 32.19 2.81 -47.64
CA LEU G 278 32.34 3.30 -46.28
C LEU G 278 30.97 3.67 -45.75
N ILE G 279 30.61 3.12 -44.60
CA ILE G 279 29.31 3.37 -44.02
C ILE G 279 29.45 4.19 -42.76
N ASP G 280 28.65 5.25 -42.66
CA ASP G 280 28.72 6.09 -41.50
C ASP G 280 27.52 5.81 -40.64
N ILE G 281 27.76 5.30 -39.44
CA ILE G 281 26.64 5.05 -38.53
C ILE G 281 26.59 6.07 -37.41
N PRO G 282 25.70 7.07 -37.54
CA PRO G 282 25.56 8.11 -36.52
C PRO G 282 24.85 7.50 -35.30
N THR G 283 25.62 7.33 -34.23
CA THR G 283 25.10 6.76 -32.99
C THR G 283 24.88 7.87 -31.98
N GLY G 284 23.70 7.87 -31.36
CA GLY G 284 23.31 8.87 -30.37
C GLY G 284 21.80 8.88 -30.15
N LYS G 285 21.35 9.59 -29.13
CA LYS G 285 19.92 9.65 -28.80
C LYS G 285 19.13 10.43 -29.84
N GLY G 286 17.86 10.06 -30.02
CA GLY G 286 17.02 10.72 -31.01
C GLY G 286 17.61 10.57 -32.39
N VAL G 287 18.19 9.41 -32.64
CA VAL G 287 18.81 9.07 -33.91
C VAL G 287 18.36 7.67 -34.25
N LYS G 288 18.49 7.26 -35.51
CA LYS G 288 18.04 5.93 -35.87
C LYS G 288 18.77 4.86 -35.09
N VAL G 289 20.08 5.01 -34.93
CA VAL G 289 20.86 4.05 -34.17
C VAL G 289 21.10 4.64 -32.78
N GLU G 290 20.32 4.16 -31.81
CA GLU G 290 20.38 4.68 -30.45
C GLU G 290 21.67 4.47 -29.67
N THR G 291 22.27 3.29 -29.81
CA THR G 291 23.46 2.97 -29.02
C THR G 291 24.61 2.45 -29.84
N VAL G 292 25.82 2.66 -29.33
CA VAL G 292 27.02 2.23 -30.01
C VAL G 292 26.98 0.72 -30.11
N GLU G 293 26.49 0.08 -29.06
CA GLU G 293 26.46 -1.37 -29.05
C GLU G 293 25.60 -1.86 -30.20
N GLU G 294 24.49 -1.20 -30.46
CA GLU G 294 23.66 -1.55 -31.58
C GLU G 294 24.47 -1.27 -32.84
N ALA G 295 25.19 -0.17 -32.80
CA ALA G 295 26.02 0.24 -33.92
C ALA G 295 27.14 -0.73 -34.21
N ARG G 296 27.77 -1.25 -33.16
CA ARG G 296 28.86 -2.18 -33.34
C ARG G 296 28.35 -3.43 -34.05
N SER G 297 27.17 -3.87 -33.65
CA SER G 297 26.55 -5.05 -34.23
C SER G 297 26.18 -4.76 -35.67
N LEU G 298 25.66 -3.57 -35.91
CA LEU G 298 25.27 -3.15 -37.24
C LEU G 298 26.51 -3.12 -38.12
N ALA G 299 27.62 -2.66 -37.55
CA ALA G 299 28.88 -2.59 -38.26
C ALA G 299 29.40 -3.95 -38.67
N ARG G 300 29.27 -4.94 -37.80
CA ARG G 300 29.73 -6.28 -38.12
C ARG G 300 28.97 -6.85 -39.31
N ASP G 301 27.67 -6.63 -39.32
CA ASP G 301 26.81 -7.12 -40.40
C ASP G 301 27.15 -6.48 -41.76
N PHE G 302 27.38 -5.17 -41.76
CA PHE G 302 27.70 -4.51 -43.02
C PHE G 302 29.00 -5.06 -43.58
N ILE G 303 29.99 -5.22 -42.72
CA ILE G 303 31.29 -5.74 -43.11
C ILE G 303 31.19 -7.19 -43.58
N GLU G 304 30.44 -7.99 -42.86
CA GLU G 304 30.26 -9.39 -43.21
C GLU G 304 29.55 -9.49 -44.55
N LEU G 305 28.57 -8.62 -44.74
CA LEU G 305 27.78 -8.56 -45.96
C LEU G 305 28.63 -8.20 -47.17
N GLY G 306 29.59 -7.31 -46.98
CA GLY G 306 30.45 -6.89 -48.05
C GLY G 306 31.24 -8.06 -48.59
N LYS G 307 31.70 -8.92 -47.70
CA LYS G 307 32.48 -10.09 -48.11
C LYS G 307 31.65 -11.00 -48.99
N ARG G 308 30.40 -11.19 -48.63
CA ARG G 308 29.51 -12.05 -49.39
C ARG G 308 29.28 -11.51 -50.78
N LEU G 309 29.17 -10.19 -50.88
CA LEU G 309 28.93 -9.53 -52.16
C LEU G 309 30.23 -9.17 -52.86
N GLY G 310 31.36 -9.48 -52.23
CA GLY G 310 32.65 -9.20 -52.82
C GLY G 310 33.12 -7.76 -52.81
N GLN G 311 32.56 -6.95 -51.92
CA GLN G 311 32.93 -5.54 -51.84
C GLN G 311 33.57 -5.25 -50.51
N TYR G 312 34.68 -4.52 -50.52
CA TYR G 312 35.33 -4.17 -49.27
C TYR G 312 34.49 -3.13 -48.57
N VAL G 313 34.10 -3.41 -47.34
CA VAL G 313 33.28 -2.49 -46.56
C VAL G 313 33.91 -2.14 -45.24
N GLU G 314 33.95 -0.84 -44.95
CA GLU G 314 34.49 -0.35 -43.70
C GLU G 314 33.43 0.52 -43.07
N VAL G 315 33.26 0.38 -41.76
CA VAL G 315 32.25 1.14 -41.06
C VAL G 315 32.85 2.04 -40.00
N ALA G 316 32.37 3.28 -39.97
CA ALA G 316 32.81 4.26 -38.99
C ALA G 316 31.61 4.71 -38.19
N ILE G 317 31.74 4.70 -36.87
CA ILE G 317 30.65 5.09 -35.98
C ILE G 317 30.91 6.50 -35.51
N THR G 318 29.91 7.36 -35.59
CA THR G 318 30.08 8.77 -35.26
C THR G 318 28.99 9.28 -34.36
N TYR G 319 29.26 10.34 -33.61
CA TYR G 319 28.26 10.92 -32.72
C TYR G 319 27.14 11.58 -33.50
N GLY G 320 25.90 11.32 -33.09
CA GLY G 320 24.74 11.90 -33.73
C GLY G 320 23.81 12.74 -32.87
N GLY G 321 24.18 13.00 -31.62
CA GLY G 321 23.31 13.72 -30.71
C GLY G 321 22.93 15.14 -31.06
N GLN G 322 23.91 15.91 -31.54
CA GLN G 322 23.70 17.30 -31.88
C GLN G 322 23.78 17.44 -33.38
N PRO G 323 22.84 18.15 -33.98
CA PRO G 323 22.84 18.26 -35.43
C PRO G 323 24.16 18.86 -35.90
N ILE G 324 24.74 18.25 -36.93
CA ILE G 324 26.03 18.69 -37.42
C ILE G 324 25.93 20.06 -38.03
N GLY G 325 26.90 20.90 -37.72
CA GLY G 325 26.87 22.26 -38.23
C GLY G 325 25.82 23.07 -37.51
N HIS G 326 25.44 24.18 -38.12
CA HIS G 326 24.47 25.06 -37.54
C HIS G 326 23.32 25.29 -38.48
N THR G 327 23.14 24.42 -39.46
CA THR G 327 22.07 24.66 -40.42
C THR G 327 21.24 23.44 -40.82
N VAL G 328 19.93 23.68 -40.86
CA VAL G 328 18.93 22.71 -41.24
C VAL G 328 18.21 23.30 -42.43
N GLY G 329 17.73 22.43 -43.32
CA GLY G 329 17.01 22.85 -44.51
C GLY G 329 17.88 22.81 -45.74
N PRO G 330 17.25 22.52 -46.87
CA PRO G 330 17.97 22.38 -48.15
C PRO G 330 18.64 23.63 -48.69
N ALA G 331 17.97 24.77 -48.70
CA ALA G 331 18.57 26.00 -49.19
C ALA G 331 19.73 26.43 -48.31
N LEU G 332 19.49 26.37 -47.00
CA LEU G 332 20.48 26.73 -46.01
C LEU G 332 21.66 25.79 -46.01
N GLU G 333 21.38 24.50 -46.16
CA GLU G 333 22.42 23.49 -46.13
C GLU G 333 23.39 23.67 -47.28
N ALA G 334 22.88 23.99 -48.45
CA ALA G 334 23.73 24.19 -49.61
C ALA G 334 24.68 25.35 -49.36
N ARG G 335 24.15 26.39 -48.75
CA ARG G 335 24.92 27.59 -48.43
C ARG G 335 26.07 27.28 -47.47
N GLU G 336 25.79 26.41 -46.51
CA GLU G 336 26.77 26.03 -45.51
C GLU G 336 27.79 25.08 -46.09
N ALA G 337 27.32 24.11 -46.86
CA ALA G 337 28.22 23.15 -47.47
C ALA G 337 29.12 23.79 -48.50
N LEU G 338 28.53 24.58 -49.39
CA LEU G 338 29.28 25.21 -50.47
C LEU G 338 30.29 26.21 -49.95
N SER G 339 29.90 26.97 -48.93
CA SER G 339 30.79 27.97 -48.37
C SER G 339 32.01 27.27 -47.81
N ALA G 340 31.78 26.13 -47.16
CA ALA G 340 32.86 25.37 -46.57
C ALA G 340 33.79 24.91 -47.67
N LEU G 341 33.21 24.48 -48.79
CA LEU G 341 34.00 24.07 -49.92
C LEU G 341 34.79 25.24 -50.50
N MET G 342 34.13 26.38 -50.61
CA MET G 342 34.74 27.58 -51.18
C MET G 342 35.90 28.19 -50.41
N THR G 343 35.77 28.31 -49.10
CA THR G 343 36.83 28.88 -48.30
C THR G 343 37.67 27.81 -47.67
N GLY G 344 37.09 26.61 -47.56
CA GLY G 344 37.76 25.50 -46.94
C GLY G 344 37.62 25.63 -45.44
N LYS G 345 36.85 26.62 -45.00
CA LYS G 345 36.64 26.86 -43.59
C LYS G 345 35.18 26.66 -43.23
N GLY G 346 34.94 25.91 -42.16
CA GLY G 346 33.60 25.60 -41.73
C GLY G 346 33.53 25.23 -40.27
N PRO G 347 32.33 24.92 -39.80
CA PRO G 347 32.17 24.52 -38.41
C PRO G 347 32.98 23.27 -38.21
N GLY G 348 33.52 23.09 -37.01
CA GLY G 348 34.35 21.95 -36.73
C GLY G 348 33.65 20.62 -36.90
N SER G 349 32.39 20.54 -36.51
CA SER G 349 31.69 19.28 -36.61
C SER G 349 31.61 18.79 -38.04
N LEU G 350 31.30 19.66 -38.98
CA LEU G 350 31.24 19.26 -40.38
C LEU G 350 32.60 18.87 -40.94
N ILE G 351 33.62 19.65 -40.64
CA ILE G 351 34.96 19.39 -41.16
C ILE G 351 35.66 18.12 -40.70
N GLU G 352 35.64 17.85 -39.40
CA GLU G 352 36.32 16.66 -38.89
C GLU G 352 35.66 15.40 -39.38
N LYS G 353 34.33 15.37 -39.36
CA LYS G 353 33.62 14.20 -39.82
C LYS G 353 33.86 14.03 -41.30
N ALA G 354 33.78 15.12 -42.06
CA ALA G 354 34.00 15.03 -43.49
C ALA G 354 35.42 14.61 -43.78
N THR G 355 36.36 15.22 -43.09
CA THR G 355 37.74 14.87 -43.29
C THR G 355 38.00 13.45 -42.84
N GLY G 356 37.48 13.10 -41.67
CA GLY G 356 37.70 11.77 -41.14
C GLY G 356 37.08 10.72 -42.02
N LEU G 357 35.85 10.96 -42.45
CA LEU G 357 35.19 10.02 -43.33
C LEU G 357 35.96 10.02 -44.62
N ALA G 358 36.30 11.22 -45.05
CA ALA G 358 37.02 11.41 -46.30
C ALA G 358 38.39 10.80 -46.23
N GLY G 359 39.04 10.95 -45.10
CA GLY G 359 40.38 10.41 -44.91
C GLY G 359 40.43 8.90 -45.01
N ILE G 360 39.43 8.26 -44.40
CA ILE G 360 39.40 6.81 -44.40
C ILE G 360 39.29 6.26 -45.81
N LEU G 361 38.45 6.89 -46.63
CA LEU G 361 38.27 6.44 -47.99
C LEU G 361 39.59 6.56 -48.73
N LEU G 362 40.30 7.64 -48.45
CA LEU G 362 41.56 7.88 -49.12
C LEU G 362 42.51 6.76 -48.80
N GLU G 363 42.51 6.29 -47.56
CA GLU G 363 43.41 5.21 -47.22
C GLU G 363 43.03 4.00 -48.06
N MET G 364 41.73 3.74 -48.14
CA MET G 364 41.22 2.56 -48.84
C MET G 364 41.58 2.55 -50.32
N GLY G 365 41.53 3.72 -50.94
CA GLY G 365 41.85 3.85 -52.34
C GLY G 365 43.28 3.43 -52.59
N GLY G 366 44.13 3.70 -51.61
CA GLY G 366 45.55 3.43 -51.72
C GLY G 366 46.22 4.75 -52.06
N VAL G 367 45.41 5.79 -52.08
CA VAL G 367 45.85 7.14 -52.35
C VAL G 367 46.83 7.56 -51.25
N ALA G 368 46.56 7.16 -50.02
CA ALA G 368 47.43 7.50 -48.90
C ALA G 368 47.80 6.31 -48.04
N PRO G 369 48.97 6.41 -47.40
CA PRO G 369 49.47 5.36 -46.51
C PRO G 369 48.64 5.35 -45.24
N ALA G 370 48.64 4.24 -44.52
CA ALA G 370 47.83 4.13 -43.32
C ALA G 370 48.18 5.15 -42.24
N GLY G 371 47.14 5.78 -41.71
CA GLY G 371 47.22 6.78 -40.67
C GLY G 371 47.37 8.19 -41.20
N THR G 372 47.65 8.31 -42.48
CA THR G 372 47.81 9.63 -43.09
C THR G 372 46.58 10.02 -43.90
N GLY G 373 45.59 9.13 -43.95
CA GLY G 373 44.40 9.41 -44.71
C GLY G 373 43.65 10.61 -44.18
N LYS G 374 43.51 10.70 -42.87
CA LYS G 374 42.80 11.82 -42.28
C LYS G 374 43.52 13.11 -42.55
N LYS G 375 44.84 13.09 -42.38
CA LYS G 375 45.68 14.27 -42.58
C LYS G 375 45.67 14.76 -44.01
N MET G 376 45.74 13.85 -44.96
CA MET G 376 45.73 14.22 -46.37
C MET G 376 44.43 14.90 -46.73
N ALA G 377 43.35 14.46 -46.12
CA ALA G 377 42.05 15.03 -46.41
C ALA G 377 42.12 16.50 -46.07
N LYS G 378 42.79 16.81 -44.97
CA LYS G 378 42.95 18.20 -44.57
C LYS G 378 43.77 18.96 -45.61
N GLU G 379 44.82 18.32 -46.12
CA GLU G 379 45.68 18.96 -47.12
C GLU G 379 44.93 19.29 -48.39
N ILE G 380 44.08 18.37 -48.83
CA ILE G 380 43.30 18.59 -50.05
C ILE G 380 42.33 19.76 -49.87
N LEU G 381 41.74 19.83 -48.69
CA LEU G 381 40.78 20.88 -48.38
C LEU G 381 41.44 22.25 -48.43
N GLU G 382 42.67 22.32 -47.93
CA GLU G 382 43.42 23.58 -47.90
C GLU G 382 43.67 24.10 -49.29
N SER G 383 43.95 23.20 -50.22
CA SER G 383 44.20 23.60 -51.59
C SER G 383 42.96 24.29 -52.13
N GLY G 384 41.79 23.78 -51.75
CA GLY G 384 40.55 24.33 -52.26
C GLY G 384 40.32 23.58 -53.54
N LYS G 385 41.16 22.58 -53.76
CA LYS G 385 41.09 21.75 -54.93
C LYS G 385 39.73 21.12 -54.91
N ALA G 386 39.26 20.78 -53.72
CA ALA G 386 37.95 20.15 -53.60
C ALA G 386 36.89 21.08 -54.14
N TRP G 387 37.00 22.37 -53.85
CA TRP G 387 36.03 23.33 -54.39
C TRP G 387 36.06 23.36 -55.91
N GLU G 388 37.27 23.32 -56.48
CA GLU G 388 37.40 23.34 -57.93
C GLU G 388 36.77 22.08 -58.48
N LYS G 389 37.08 20.97 -57.81
CA LYS G 389 36.58 19.67 -58.19
C LYS G 389 35.08 19.70 -58.01
N MET G 390 34.64 20.36 -56.95
CA MET G 390 33.22 20.51 -56.68
C MET G 390 32.61 21.28 -57.84
N LYS G 391 33.36 22.27 -58.33
CA LYS G 391 32.89 23.10 -59.43
C LYS G 391 32.64 22.26 -60.68
N GLU G 392 33.51 21.29 -60.94
CA GLU G 392 33.36 20.47 -62.11
C GLU G 392 32.04 19.72 -62.05
N ILE G 393 31.69 19.22 -60.87
CA ILE G 393 30.44 18.48 -60.71
C ILE G 393 29.23 19.35 -60.97
N ILE G 394 29.26 20.58 -60.47
CA ILE G 394 28.15 21.49 -60.66
C ILE G 394 27.97 21.83 -62.12
N GLU G 395 29.09 22.04 -62.81
CA GLU G 395 29.01 22.37 -64.22
C GLU G 395 28.36 21.21 -64.94
N ALA G 396 28.80 20.00 -64.61
CA ALA G 396 28.23 18.81 -65.22
C ALA G 396 26.78 18.77 -64.81
N GLN G 397 26.55 19.13 -63.55
CA GLN G 397 25.22 19.16 -62.96
C GLN G 397 24.37 20.21 -63.66
N GLY G 398 25.03 21.19 -64.27
CA GLY G 398 24.32 22.27 -64.93
C GLY G 398 24.17 23.44 -64.00
N GLY G 399 24.77 23.31 -62.83
CA GLY G 399 24.77 24.38 -61.85
C GLY G 399 25.76 25.39 -62.38
N ASP G 400 25.68 26.62 -61.91
CA ASP G 400 26.61 27.64 -62.37
C ASP G 400 27.78 27.64 -61.40
N PRO G 401 28.97 27.33 -61.90
CA PRO G 401 30.18 27.30 -61.06
C PRO G 401 30.49 28.69 -60.53
N ASN G 402 30.30 29.69 -61.38
CA ASN G 402 30.55 31.09 -61.04
C ASN G 402 29.70 31.68 -59.92
N ILE G 403 28.44 31.28 -59.83
CA ILE G 403 27.57 31.83 -58.80
C ILE G 403 28.18 31.59 -57.44
N LYS G 404 28.15 32.62 -56.60
CA LYS G 404 28.69 32.55 -55.25
C LYS G 404 27.71 31.95 -54.25
N PRO G 405 28.25 31.42 -53.17
CA PRO G 405 27.47 30.80 -52.09
C PRO G 405 26.55 31.79 -51.37
N GLU G 406 27.07 32.98 -51.11
CA GLU G 406 26.37 34.00 -50.34
C GLU G 406 25.08 34.42 -51.00
N GLU G 407 25.11 34.45 -52.32
CA GLU G 407 24.01 34.93 -53.14
C GLU G 407 22.74 34.14 -52.87
N ILE G 408 22.90 32.89 -52.45
CA ILE G 408 21.77 32.02 -52.28
C ILE G 408 20.76 32.58 -51.27
N PRO G 409 19.45 32.43 -51.65
CA PRO G 409 18.31 32.95 -50.89
C PRO G 409 17.72 32.09 -49.76
N ILE G 410 17.87 32.61 -48.53
CA ILE G 410 17.21 32.02 -47.38
C ILE G 410 15.80 32.57 -47.39
N GLY G 411 14.87 31.94 -46.68
CA GLY G 411 13.50 32.42 -46.63
C GLY G 411 13.42 33.79 -45.99
N ASP G 412 12.59 34.65 -46.56
CA ASP G 412 12.44 36.02 -46.07
C ASP G 412 11.89 36.11 -44.65
N LYS G 413 10.89 35.29 -44.36
CA LYS G 413 10.28 35.29 -43.04
C LYS G 413 11.25 34.66 -42.06
N THR G 414 11.33 35.20 -40.85
CA THR G 414 12.25 34.67 -39.86
C THR G 414 11.83 34.97 -38.43
N TYR G 415 12.34 34.18 -37.49
CA TYR G 415 12.10 34.37 -36.07
C TYR G 415 13.34 33.95 -35.28
N THR G 416 13.48 34.44 -34.06
CA THR G 416 14.60 34.04 -33.22
C THR G 416 14.22 33.81 -31.77
N PHE G 417 15.02 33.01 -31.09
CA PHE G 417 14.76 32.69 -29.69
C PHE G 417 16.01 32.92 -28.82
N THR G 418 15.79 33.44 -27.61
CA THR G 418 16.88 33.71 -26.67
C THR G 418 16.69 32.87 -25.41
N ALA G 419 17.78 32.61 -24.70
CA ALA G 419 17.72 31.78 -23.52
C ALA G 419 16.86 32.33 -22.39
N ALA G 420 16.01 31.46 -21.87
CA ALA G 420 15.15 31.78 -20.74
C ALA G 420 16.04 32.03 -19.54
N THR G 421 17.09 31.22 -19.43
CA THR G 421 18.03 31.33 -18.32
C THR G 421 19.48 31.20 -18.76
N SER G 422 20.36 31.69 -17.90
CA SER G 422 21.80 31.66 -18.09
C SER G 422 22.28 30.22 -17.95
N GLY G 423 23.34 29.87 -18.65
CA GLY G 423 23.84 28.52 -18.54
C GLY G 423 24.70 28.05 -19.70
N TYR G 424 24.85 26.73 -19.75
CA TYR G 424 25.60 26.06 -20.79
C TYR G 424 24.57 25.13 -21.42
N VAL G 425 24.77 24.76 -22.67
CA VAL G 425 23.80 23.90 -23.34
C VAL G 425 24.09 22.42 -23.16
N THR G 426 23.28 21.77 -22.32
CA THR G 426 23.40 20.34 -22.07
C THR G 426 23.09 19.50 -23.31
N ALA G 427 22.02 19.85 -24.01
CA ALA G 427 21.63 19.09 -25.19
C ALA G 427 20.78 19.85 -26.19
N ILE G 428 20.82 19.37 -27.43
CA ILE G 428 20.04 19.92 -28.52
C ILE G 428 19.25 18.71 -28.98
N ASP G 429 17.94 18.86 -29.18
CA ASP G 429 17.15 17.71 -29.58
C ASP G 429 16.94 17.62 -31.08
N ASN G 430 17.37 16.51 -31.65
CA ASN G 430 17.20 16.32 -33.09
C ASN G 430 15.75 16.21 -33.55
N ARG G 431 14.92 15.47 -32.84
CA ARG G 431 13.56 15.32 -33.32
C ARG G 431 12.81 16.62 -33.38
N ALA G 432 12.97 17.44 -32.35
CA ALA G 432 12.29 18.73 -32.31
C ALA G 432 12.76 19.68 -33.40
N ILE G 433 14.07 19.75 -33.60
CA ILE G 433 14.61 20.65 -34.60
C ILE G 433 14.17 20.26 -35.99
N THR G 434 14.22 18.98 -36.28
CA THR G 434 13.84 18.46 -37.57
C THR G 434 12.37 18.67 -37.88
N ALA G 435 11.53 18.47 -36.88
CA ALA G 435 10.10 18.60 -37.06
C ALA G 435 9.68 20.02 -37.44
N ILE G 436 10.32 21.00 -36.82
CA ILE G 436 9.99 22.39 -37.10
C ILE G 436 10.27 22.81 -38.54
N ALA G 437 11.40 22.37 -39.08
CA ALA G 437 11.75 22.73 -40.44
C ALA G 437 10.70 22.17 -41.36
N ARG G 438 10.26 20.96 -41.08
CA ARG G 438 9.22 20.32 -41.87
C ARG G 438 8.00 21.19 -41.73
N ALA G 439 7.79 21.70 -40.52
CA ALA G 439 6.66 22.58 -40.23
C ALA G 439 6.80 23.88 -41.01
N ALA G 440 8.03 24.36 -41.13
CA ALA G 440 8.31 25.59 -41.86
C ALA G 440 7.91 25.41 -43.31
N GLY G 441 8.08 24.19 -43.80
CA GLY G 441 7.76 23.86 -45.17
C GLY G 441 8.84 23.10 -45.90
N ALA G 442 10.01 22.98 -45.31
CA ALA G 442 11.08 22.24 -45.94
C ALA G 442 10.52 20.84 -46.00
N PRO G 443 10.86 20.10 -47.04
CA PRO G 443 11.79 20.55 -48.07
C PRO G 443 11.09 21.06 -49.31
N GLU G 444 9.77 21.15 -49.29
CA GLU G 444 9.06 21.61 -50.47
C GLU G 444 9.56 23.00 -50.80
N ASP G 445 9.76 23.79 -49.76
CA ASP G 445 10.26 25.13 -49.97
C ASP G 445 11.71 25.13 -49.50
N LYS G 446 12.59 25.46 -50.43
CA LYS G 446 14.02 25.51 -50.15
C LYS G 446 14.33 26.57 -49.12
N GLY G 447 13.50 27.60 -49.08
CA GLY G 447 13.66 28.71 -48.16
C GLY G 447 13.55 28.34 -46.70
N ALA G 448 12.63 27.46 -46.35
CA ALA G 448 12.45 27.05 -44.96
C ALA G 448 13.68 26.34 -44.41
N GLY G 449 14.00 26.60 -43.14
CA GLY G 449 15.15 26.00 -42.48
C GLY G 449 15.42 26.56 -41.10
N ILE G 450 16.56 26.19 -40.53
CA ILE G 450 16.95 26.69 -39.22
C ILE G 450 18.46 26.93 -39.14
N GLU G 451 18.85 27.92 -38.33
CA GLU G 451 20.26 28.23 -38.14
C GLU G 451 20.55 28.21 -36.65
N LEU G 452 21.63 27.58 -36.24
CA LEU G 452 21.96 27.52 -34.82
C LEU G 452 23.29 28.16 -34.47
N TYR G 453 23.26 29.09 -33.53
CA TYR G 453 24.47 29.73 -33.06
C TYR G 453 24.99 28.97 -31.84
N VAL G 454 24.24 27.95 -31.44
CA VAL G 454 24.54 27.16 -30.26
C VAL G 454 24.98 25.72 -30.54
N LYS G 455 25.99 25.29 -29.80
CA LYS G 455 26.54 23.95 -29.91
C LYS G 455 26.50 23.35 -28.53
N VAL G 456 26.47 22.02 -28.44
CA VAL G 456 26.38 21.37 -27.15
C VAL G 456 27.55 21.70 -26.24
N GLY G 457 27.24 21.95 -24.97
CA GLY G 457 28.25 22.28 -23.99
C GLY G 457 28.73 23.71 -24.06
N GLU G 458 28.06 24.54 -24.85
CA GLU G 458 28.45 25.93 -24.97
C GLU G 458 27.88 26.73 -23.83
N LYS G 459 28.63 27.74 -23.42
CA LYS G 459 28.28 28.64 -22.35
C LYS G 459 27.36 29.69 -22.94
N VAL G 460 26.28 30.00 -22.23
CA VAL G 460 25.33 30.97 -22.73
C VAL G 460 24.92 32.00 -21.70
N LYS G 461 24.50 33.16 -22.18
CA LYS G 461 24.03 34.25 -21.35
C LYS G 461 22.57 34.42 -21.72
N GLU G 462 21.71 34.56 -20.71
CA GLU G 462 20.28 34.66 -20.99
C GLU G 462 20.03 35.86 -21.89
N GLY G 463 19.08 35.69 -22.80
CA GLY G 463 18.74 36.71 -23.77
C GLY G 463 19.58 36.50 -25.01
N ASP G 464 20.54 35.58 -24.92
CA ASP G 464 21.38 35.26 -26.07
C ASP G 464 20.51 34.54 -27.07
N PRO G 465 20.90 34.52 -28.34
CA PRO G 465 20.06 33.90 -29.37
C PRO G 465 20.36 32.43 -29.66
N LEU G 466 19.46 31.54 -29.27
CA LEU G 466 19.66 30.12 -29.50
C LEU G 466 19.66 29.69 -30.97
N PHE G 467 18.64 30.11 -31.72
CA PHE G 467 18.56 29.73 -33.11
C PHE G 467 17.64 30.65 -33.90
N THR G 468 17.75 30.61 -35.22
CA THR G 468 16.92 31.43 -36.08
C THR G 468 16.10 30.55 -37.02
N ILE G 469 14.81 30.84 -37.13
CA ILE G 469 13.94 30.05 -37.99
C ILE G 469 13.67 30.79 -39.27
N HIS G 470 13.86 30.15 -40.41
CA HIS G 470 13.61 30.78 -41.68
C HIS G 470 12.46 30.12 -42.35
N ALA G 471 11.46 30.89 -42.71
CA ALA G 471 10.26 30.36 -43.35
C ALA G 471 9.81 31.21 -44.52
N GLU G 472 9.20 30.58 -45.51
CA GLU G 472 8.73 31.34 -46.67
C GLU G 472 7.28 31.82 -46.61
N HIS G 473 6.38 31.00 -46.11
CA HIS G 473 4.97 31.36 -46.07
C HIS G 473 4.59 31.88 -44.72
N GLU G 474 3.89 33.00 -44.68
CA GLU G 474 3.48 33.50 -43.39
C GLU G 474 2.58 32.47 -42.74
N ALA G 475 1.64 31.94 -43.51
CA ALA G 475 0.74 30.93 -42.95
C ALA G 475 1.50 29.69 -42.55
N ARG G 476 2.41 29.25 -43.41
CA ARG G 476 3.23 28.08 -43.12
C ARG G 476 4.16 28.35 -41.94
N LEU G 477 4.70 29.56 -41.90
CA LEU G 477 5.62 29.94 -40.83
C LEU G 477 4.98 29.94 -39.44
N ASP G 478 3.76 30.43 -39.34
CA ASP G 478 3.11 30.48 -38.05
C ASP G 478 2.89 29.10 -37.47
N GLN G 479 2.48 28.16 -38.32
CA GLN G 479 2.20 26.81 -37.87
C GLN G 479 3.51 26.31 -37.29
N ALA G 480 4.59 26.63 -37.98
CA ALA G 480 5.93 26.24 -37.58
C ALA G 480 6.30 26.85 -36.24
N ILE G 481 5.88 28.08 -36.01
CA ILE G 481 6.20 28.75 -34.76
C ILE G 481 5.60 28.03 -33.56
N VAL G 482 4.36 27.58 -33.69
CA VAL G 482 3.68 26.93 -32.59
C VAL G 482 4.39 25.65 -32.17
N LEU G 483 4.81 24.85 -33.15
CA LEU G 483 5.49 23.61 -32.84
C LEU G 483 6.78 23.93 -32.11
N ALA G 484 7.42 25.02 -32.51
CA ALA G 484 8.67 25.43 -31.90
C ALA G 484 8.53 25.77 -30.43
N ARG G 485 7.47 26.47 -30.07
CA ARG G 485 7.25 26.85 -28.69
C ARG G 485 6.97 25.67 -27.77
N ARG G 486 6.14 24.75 -28.23
CA ARG G 486 5.78 23.57 -27.44
C ARG G 486 6.97 22.65 -27.18
N THR G 487 7.78 22.44 -28.21
CA THR G 487 8.94 21.55 -28.15
C THR G 487 10.10 21.87 -27.22
N GLU G 488 10.47 23.14 -27.06
CA GLU G 488 11.60 23.44 -26.18
C GLU G 488 12.79 22.58 -26.61
N PRO G 489 13.18 22.78 -27.86
CA PRO G 489 14.28 22.03 -28.48
C PRO G 489 15.62 22.15 -27.78
N ILE G 490 15.94 23.33 -27.26
CA ILE G 490 17.23 23.49 -26.59
C ILE G 490 17.12 23.62 -25.08
N ARG G 491 17.91 22.84 -24.36
CA ARG G 491 17.90 22.84 -22.90
C ARG G 491 19.26 23.16 -22.27
N ILE G 492 19.25 24.08 -21.30
CA ILE G 492 20.45 24.49 -20.60
C ILE G 492 20.35 24.17 -19.13
N GLU G 493 21.50 23.96 -18.49
CA GLU G 493 21.51 23.67 -17.07
C GLU G 493 22.75 24.19 -16.34
N MET H 1 -5.17 -21.06 49.29
CA MET H 1 -5.11 -22.36 49.92
C MET H 1 -3.74 -22.61 50.49
N LYS H 2 -3.66 -23.50 51.48
CA LYS H 2 -2.40 -23.83 52.12
C LYS H 2 -2.19 -25.33 52.05
N ALA H 3 -0.95 -25.74 51.81
CA ALA H 3 -0.62 -27.15 51.72
C ALA H 3 0.84 -27.38 52.04
N LYS H 4 1.19 -28.64 52.30
CA LYS H 4 2.57 -28.99 52.62
C LYS H 4 3.27 -29.58 51.42
N ILE H 5 4.43 -29.03 51.08
CA ILE H 5 5.20 -29.48 49.93
C ILE H 5 5.81 -30.86 50.05
N ARG H 6 5.70 -31.63 48.99
CA ARG H 6 6.31 -32.96 48.95
C ARG H 6 7.08 -33.03 47.65
N ILE H 7 8.39 -33.19 47.75
CA ILE H 7 9.21 -33.25 46.55
C ILE H 7 8.88 -34.51 45.77
N LEU H 8 8.92 -34.42 44.45
CA LEU H 8 8.63 -35.57 43.59
C LEU H 8 9.88 -35.94 42.85
N ASP H 9 10.19 -37.21 42.79
CA ASP H 9 11.39 -37.62 42.12
C ASP H 9 11.13 -37.72 40.64
N MET H 10 10.97 -36.55 40.02
CA MET H 10 10.74 -36.44 38.59
C MET H 10 11.32 -35.14 38.10
N PHE H 11 11.75 -35.12 36.84
CA PHE H 11 12.25 -33.89 36.24
C PHE H 11 11.39 -33.62 35.02
N SER H 12 10.58 -32.57 35.08
CA SER H 12 9.67 -32.24 34.00
C SER H 12 10.20 -31.23 32.99
N GLY H 13 11.30 -30.59 33.32
CA GLY H 13 11.87 -29.58 32.44
C GLY H 13 11.11 -28.29 32.61
N ARG H 14 10.15 -28.33 33.52
CA ARG H 14 9.31 -27.20 33.86
C ARG H 14 8.99 -27.27 35.34
N TYR H 15 8.58 -26.18 35.95
CA TYR H 15 8.29 -26.21 37.36
C TYR H 15 6.90 -26.77 37.56
N THR H 16 6.77 -28.08 37.39
CA THR H 16 5.49 -28.74 37.55
C THR H 16 5.06 -28.77 39.00
N VAL H 17 3.79 -28.47 39.23
CA VAL H 17 3.23 -28.50 40.56
C VAL H 17 2.08 -29.47 40.53
N LEU H 18 2.10 -30.47 41.41
CA LEU H 18 1.03 -31.45 41.40
C LEU H 18 -0.05 -31.10 42.41
N ILE H 19 -1.31 -31.20 42.01
CA ILE H 19 -2.41 -30.86 42.89
C ILE H 19 -3.47 -31.93 42.94
N ASN H 20 -4.11 -32.05 44.09
CA ASN H 20 -5.16 -33.02 44.32
C ASN H 20 -6.31 -32.69 43.40
N GLU H 21 -6.96 -33.71 42.83
CA GLU H 21 -8.06 -33.43 41.93
C GLU H 21 -9.15 -32.71 42.70
N GLU H 22 -9.40 -33.18 43.92
CA GLU H 22 -10.42 -32.57 44.79
C GLU H 22 -10.08 -31.16 45.23
N ASP H 23 -8.83 -30.92 45.61
CA ASP H 23 -8.42 -29.60 46.07
C ASP H 23 -8.52 -28.61 44.93
N ALA H 24 -8.14 -29.04 43.75
CA ALA H 24 -8.16 -28.20 42.57
C ALA H 24 -9.56 -27.72 42.21
N LYS H 25 -10.54 -28.61 42.33
CA LYS H 25 -11.91 -28.23 41.97
C LYS H 25 -12.40 -27.09 42.84
N GLU H 26 -12.09 -27.15 44.13
CA GLU H 26 -12.49 -26.08 45.03
C GLU H 26 -11.77 -24.83 44.56
N ALA H 27 -10.49 -25.01 44.22
CA ALA H 27 -9.62 -23.94 43.76
C ALA H 27 -10.07 -23.34 42.43
N LYS H 28 -10.60 -24.17 41.55
CA LYS H 28 -11.02 -23.70 40.24
C LYS H 28 -9.85 -23.84 39.29
N LEU H 29 -8.78 -24.46 39.79
CA LEU H 29 -7.56 -24.71 39.03
C LEU H 29 -7.74 -25.76 37.94
N HIS H 30 -6.98 -25.62 36.87
CA HIS H 30 -7.02 -26.51 35.73
C HIS H 30 -5.63 -26.82 35.31
N PRO H 31 -5.45 -27.89 34.53
CA PRO H 31 -4.10 -28.26 34.12
C PRO H 31 -3.41 -27.18 33.31
N ASP H 32 -2.17 -26.90 33.68
CA ASP H 32 -1.35 -25.91 33.01
C ASP H 32 -1.62 -24.48 33.50
N ASP H 33 -2.53 -24.34 34.45
CA ASP H 33 -2.83 -23.04 35.01
C ASP H 33 -1.64 -22.61 35.86
N LEU H 34 -1.31 -21.33 35.83
CA LEU H 34 -0.20 -20.83 36.60
C LEU H 34 -0.56 -20.80 38.07
N VAL H 35 0.39 -21.18 38.92
CA VAL H 35 0.18 -21.17 40.36
C VAL H 35 1.38 -20.54 41.03
N LYS H 36 1.15 -19.91 42.18
CA LYS H 36 2.23 -19.27 42.90
C LYS H 36 2.41 -19.96 44.23
N ILE H 37 3.64 -20.32 44.54
CA ILE H 37 3.93 -21.01 45.79
C ILE H 37 4.88 -20.20 46.64
N GLU H 38 4.44 -19.84 47.85
CA GLU H 38 5.26 -19.08 48.78
C GLU H 38 5.11 -19.63 50.18
N ALA H 39 6.23 -19.84 50.87
CA ALA H 39 6.18 -20.34 52.23
C ALA H 39 6.27 -19.17 53.19
N GLY H 40 7.25 -18.32 52.93
CA GLY H 40 7.47 -17.11 53.70
C GLY H 40 7.64 -16.04 52.66
N LYS H 41 8.76 -15.32 52.73
CA LYS H 41 9.07 -14.30 51.76
C LYS H 41 9.26 -14.97 50.40
N LYS H 42 9.91 -16.14 50.41
CA LYS H 42 10.18 -16.91 49.20
C LYS H 42 8.95 -17.47 48.51
N ALA H 43 8.91 -17.33 47.18
CA ALA H 43 7.80 -17.81 46.37
C ALA H 43 8.27 -18.20 44.99
N VAL H 44 7.53 -19.07 44.33
CA VAL H 44 7.88 -19.53 42.99
C VAL H 44 6.64 -19.74 42.15
N TYR H 45 6.79 -19.71 40.83
CA TYR H 45 5.66 -19.91 39.92
C TYR H 45 5.84 -21.16 39.09
N GLY H 46 4.82 -22.02 39.09
CA GLY H 46 4.91 -23.25 38.35
C GLY H 46 3.65 -23.71 37.65
N SER H 47 3.81 -24.58 36.66
CA SER H 47 2.69 -25.13 35.92
C SER H 47 1.94 -26.08 36.84
N VAL H 48 0.65 -26.25 36.60
CA VAL H 48 -0.17 -27.11 37.44
C VAL H 48 -0.67 -28.39 36.78
N ALA H 49 -0.46 -29.52 37.45
CA ALA H 49 -0.89 -30.81 36.96
C ALA H 49 -1.75 -31.48 38.03
N LEU H 50 -2.91 -32.02 37.65
CA LEU H 50 -3.75 -32.66 38.65
C LEU H 50 -3.58 -34.18 38.64
N SER H 51 -3.22 -34.73 39.79
CA SER H 51 -3.04 -36.17 39.92
C SER H 51 -3.41 -36.63 41.32
N ASN H 52 -3.73 -37.92 41.44
CA ASN H 52 -4.11 -38.49 42.73
C ASN H 52 -2.87 -38.95 43.49
N LEU H 53 -1.72 -38.79 42.86
CA LEU H 53 -0.45 -39.18 43.46
C LEU H 53 -0.23 -38.41 44.74
N VAL H 54 -0.66 -37.16 44.73
CA VAL H 54 -0.53 -36.28 45.89
C VAL H 54 -1.84 -36.20 46.67
N GLY H 55 -1.78 -36.45 47.96
CA GLY H 55 -2.94 -36.41 48.83
C GLY H 55 -3.44 -35.01 49.06
N LYS H 56 -4.71 -34.88 49.41
CA LYS H 56 -5.29 -33.56 49.63
C LYS H 56 -4.57 -32.84 50.76
N GLY H 57 -4.37 -31.54 50.58
CA GLY H 57 -3.68 -30.71 51.55
C GLY H 57 -2.18 -30.78 51.31
N GLU H 58 -1.81 -31.53 50.28
CA GLU H 58 -0.42 -31.69 49.89
C GLU H 58 -0.22 -31.19 48.48
N VAL H 59 0.79 -30.37 48.28
CA VAL H 59 1.07 -29.86 46.95
C VAL H 59 2.41 -30.43 46.54
N GLY H 60 2.50 -30.98 45.34
CA GLY H 60 3.73 -31.60 44.88
C GLY H 60 4.55 -30.74 43.94
N ILE H 61 5.84 -30.64 44.23
CA ILE H 61 6.75 -29.86 43.42
C ILE H 61 7.85 -30.73 42.83
N SER H 62 8.09 -30.58 41.52
CA SER H 62 9.11 -31.35 40.85
C SER H 62 10.48 -30.85 41.28
N ARG H 63 11.50 -31.65 41.02
CA ARG H 63 12.89 -31.35 41.38
C ARG H 63 13.47 -30.10 40.69
N ASP H 64 12.93 -29.73 39.54
CA ASP H 64 13.42 -28.56 38.82
C ASP H 64 13.24 -27.36 39.71
N VAL H 65 12.15 -27.35 40.46
CA VAL H 65 11.83 -26.27 41.36
C VAL H 65 12.89 -26.09 42.42
N LEU H 66 13.44 -27.20 42.88
CA LEU H 66 14.46 -27.22 43.92
C LEU H 66 15.78 -26.54 43.58
N ASP H 67 16.18 -26.56 42.33
CA ASP H 67 17.46 -25.96 41.95
C ASP H 67 17.59 -24.47 42.25
N LEU H 68 16.58 -23.68 41.92
CA LEU H 68 16.63 -22.24 42.17
C LEU H 68 15.99 -21.86 43.49
N HIS H 69 15.25 -22.78 44.08
CA HIS H 69 14.59 -22.53 45.34
C HIS H 69 14.72 -23.74 46.19
N ASN H 70 14.76 -23.57 47.50
CA ASN H 70 14.89 -24.73 48.36
C ASN H 70 13.64 -24.91 49.18
N PHE H 71 13.00 -26.05 48.99
CA PHE H 71 11.80 -26.39 49.71
C PHE H 71 12.07 -27.68 50.45
N SER H 72 11.67 -27.70 51.71
CA SER H 72 11.86 -28.88 52.54
C SER H 72 10.57 -29.67 52.57
N GLU H 73 10.66 -30.97 52.36
CA GLU H 73 9.45 -31.78 52.30
C GLU H 73 8.71 -31.69 53.61
N GLY H 74 7.39 -31.68 53.51
CA GLY H 74 6.53 -31.59 54.67
C GLY H 74 6.36 -30.13 55.08
N GLU H 75 6.98 -29.24 54.33
CA GLU H 75 6.90 -27.83 54.61
C GLU H 75 5.49 -27.32 54.33
N THR H 76 5.06 -26.31 55.08
CA THR H 76 3.74 -25.72 54.88
C THR H 76 3.89 -24.48 54.02
N VAL H 77 3.13 -24.44 52.94
CA VAL H 77 3.18 -23.40 51.94
C VAL H 77 1.77 -23.02 51.54
N SER H 78 1.61 -21.87 50.90
CA SER H 78 0.29 -21.46 50.44
C SER H 78 0.27 -21.48 48.93
N VAL H 79 -0.69 -22.19 48.36
CA VAL H 79 -0.78 -22.28 46.92
C VAL H 79 -1.90 -21.40 46.44
N ILE H 80 -1.55 -20.44 45.59
CA ILE H 80 -2.52 -19.51 45.07
C ILE H 80 -2.37 -19.38 43.56
N PRO H 81 -3.50 -19.19 42.89
CA PRO H 81 -3.53 -19.01 41.45
C PRO H 81 -2.85 -17.71 41.08
N ALA H 82 -2.18 -17.68 39.93
CA ALA H 82 -1.50 -16.48 39.49
C ALA H 82 -2.19 -15.88 38.28
N GLY H 83 -2.39 -14.58 38.32
CA GLY H 83 -3.04 -13.89 37.23
C GLY H 83 -2.11 -13.76 36.05
N THR H 84 -2.65 -13.54 34.86
CA THR H 84 -1.84 -13.39 33.68
C THR H 84 -0.95 -12.18 33.89
N PRO H 85 0.31 -12.29 33.52
CA PRO H 85 1.27 -11.20 33.70
C PRO H 85 1.02 -10.01 32.78
N GLU H 86 1.29 -8.81 33.28
CA GLU H 86 1.13 -7.56 32.53
C GLU H 86 2.08 -7.43 31.34
N SER H 87 3.27 -7.97 31.50
CA SER H 87 4.31 -7.85 30.49
C SER H 87 3.88 -8.42 29.17
N VAL H 88 2.94 -9.35 29.19
CA VAL H 88 2.48 -9.94 27.96
C VAL H 88 2.02 -8.80 27.10
N ARG H 89 1.51 -7.75 27.72
CA ARG H 89 1.05 -6.59 26.97
C ARG H 89 2.22 -6.02 26.20
N TYR H 90 3.38 -5.97 26.85
CA TYR H 90 4.56 -5.43 26.23
C TYR H 90 4.94 -6.30 25.06
N ILE H 91 4.76 -7.61 25.22
CA ILE H 91 5.07 -8.53 24.16
C ILE H 91 4.20 -8.22 22.95
N LYS H 92 2.94 -7.90 23.21
CA LYS H 92 2.01 -7.58 22.15
C LYS H 92 2.46 -6.36 21.37
N LYS H 93 2.97 -5.36 22.08
CA LYS H 93 3.41 -4.13 21.43
C LYS H 93 4.52 -4.44 20.44
N LYS H 94 5.46 -5.27 20.84
CA LYS H 94 6.54 -5.66 19.97
C LYS H 94 5.91 -6.42 18.82
N MET H 95 4.88 -7.18 19.14
CA MET H 95 4.18 -7.97 18.16
C MET H 95 3.64 -7.00 17.13
N HIS H 96 3.19 -5.84 17.60
CA HIS H 96 2.66 -4.83 16.70
C HIS H 96 3.73 -3.96 16.14
N GLY H 97 4.97 -4.21 16.56
CA GLY H 97 6.12 -3.47 16.07
C GLY H 97 6.49 -2.16 16.73
N GLU H 98 5.79 -1.81 17.80
CA GLU H 98 6.09 -0.60 18.53
C GLU H 98 7.37 -0.75 19.32
N LYS H 99 8.15 0.32 19.46
CA LYS H 99 9.40 0.28 20.20
C LYS H 99 9.10 0.05 21.68
N LEU H 100 9.89 -0.77 22.34
CA LEU H 100 9.67 -1.09 23.74
C LEU H 100 10.37 -0.16 24.72
N ARG H 101 9.63 0.29 25.71
CA ARG H 101 10.17 1.18 26.73
C ARG H 101 11.14 0.41 27.58
N LYS H 102 12.14 1.09 28.12
CA LYS H 102 13.12 0.43 28.93
C LYS H 102 12.37 -0.18 30.08
N VAL H 103 11.40 0.55 30.61
CA VAL H 103 10.63 0.02 31.72
C VAL H 103 9.87 -1.22 31.30
N GLU H 104 9.29 -1.18 30.11
CA GLU H 104 8.51 -2.31 29.58
C GLU H 104 9.34 -3.57 29.36
N ILE H 105 10.54 -3.40 28.83
CA ILE H 105 11.43 -4.52 28.57
C ILE H 105 11.85 -5.22 29.85
N GLU H 106 12.12 -4.45 30.88
CA GLU H 106 12.55 -4.98 32.15
C GLU H 106 11.48 -5.86 32.76
N ALA H 107 10.23 -5.45 32.62
CA ALA H 107 9.12 -6.22 33.16
C ALA H 107 9.07 -7.57 32.49
N ILE H 108 9.29 -7.59 31.19
CA ILE H 108 9.25 -8.85 30.47
C ILE H 108 10.33 -9.76 30.99
N VAL H 109 11.52 -9.21 31.14
CA VAL H 109 12.65 -10.00 31.57
C VAL H 109 12.45 -10.52 32.98
N ARG H 110 11.94 -9.67 33.86
CA ARG H 110 11.73 -10.10 35.22
C ARG H 110 10.72 -11.22 35.20
N ASP H 111 9.71 -11.07 34.35
CA ASP H 111 8.69 -12.09 34.23
C ASP H 111 9.27 -13.39 33.70
N ILE H 112 10.16 -13.31 32.72
CA ILE H 112 10.74 -14.51 32.13
C ILE H 112 11.55 -15.26 33.18
N VAL H 113 12.35 -14.53 33.94
CA VAL H 113 13.16 -15.12 35.00
C VAL H 113 12.34 -15.67 36.14
N ASP H 114 11.27 -14.97 36.52
CA ASP H 114 10.41 -15.47 37.60
C ASP H 114 9.56 -16.63 37.15
N ARG H 115 9.50 -16.84 35.83
CA ARG H 115 8.73 -17.95 35.25
C ARG H 115 7.22 -17.70 35.14
N LYS H 116 6.80 -16.43 35.13
CA LYS H 116 5.38 -16.14 34.99
C LYS H 116 5.08 -16.35 33.52
N LEU H 117 6.14 -16.07 32.75
CA LEU H 117 5.97 -16.23 31.32
C LEU H 117 6.57 -17.56 30.92
N ARG H 118 5.70 -18.46 30.49
CA ARG H 118 6.11 -19.80 30.15
C ARG H 118 6.47 -19.96 28.69
N ASP H 119 6.40 -21.18 28.18
CA ASP H 119 6.80 -21.45 26.82
C ASP H 119 5.97 -20.67 25.80
N ILE H 120 4.67 -20.53 26.02
CA ILE H 120 3.85 -19.78 25.09
C ILE H 120 4.21 -18.30 24.96
N GLU H 121 4.39 -17.62 26.10
CA GLU H 121 4.75 -16.21 26.09
C GLU H 121 6.13 -15.97 25.53
N ILE H 122 7.06 -16.81 25.93
CA ILE H 122 8.43 -16.68 25.49
C ILE H 122 8.57 -16.89 23.99
N SER H 123 7.86 -17.87 23.46
CA SER H 123 7.94 -18.15 22.05
C SER H 123 7.41 -16.96 21.26
N SER H 124 6.34 -16.38 21.74
CA SER H 124 5.76 -15.23 21.07
C SER H 124 6.72 -14.06 21.06
N PHE H 125 7.39 -13.83 22.18
CA PHE H 125 8.32 -12.72 22.25
C PHE H 125 9.47 -12.91 21.27
N VAL H 126 10.01 -14.12 21.23
CA VAL H 126 11.12 -14.42 20.33
C VAL H 126 10.72 -14.30 18.87
N THR H 127 9.56 -14.83 18.55
CA THR H 127 9.07 -14.79 17.18
C THR H 127 8.86 -13.36 16.77
N ALA H 128 8.32 -12.58 17.68
CA ALA H 128 8.05 -11.19 17.41
C ALA H 128 9.35 -10.45 17.14
N LEU H 129 10.38 -10.76 17.90
CA LEU H 129 11.66 -10.10 17.70
C LEU H 129 12.24 -10.42 16.33
N GLU H 130 12.14 -11.67 15.91
CA GLU H 130 12.68 -12.04 14.63
C GLU H 130 11.97 -11.33 13.50
N ILE H 131 10.65 -11.35 13.53
CA ILE H 131 9.85 -10.69 12.51
C ILE H 131 9.90 -9.17 12.57
N ASN H 132 9.75 -8.64 13.77
CA ASN H 132 9.75 -7.20 13.97
C ASN H 132 11.08 -6.58 14.38
N GLY H 133 12.01 -7.39 14.87
CA GLY H 133 13.32 -6.89 15.21
C GLY H 133 13.40 -6.00 16.43
N LEU H 134 14.59 -5.46 16.67
CA LEU H 134 14.82 -4.56 17.78
C LEU H 134 15.79 -3.47 17.37
N ASP H 135 15.59 -2.27 17.88
CA ASP H 135 16.49 -1.17 17.61
C ASP H 135 17.64 -1.29 18.60
N MET H 136 18.73 -0.59 18.36
CA MET H 136 19.88 -0.67 19.24
C MET H 136 19.59 -0.19 20.65
N ASP H 137 18.78 0.85 20.78
CA ASP H 137 18.46 1.38 22.09
C ASP H 137 17.79 0.33 22.97
N GLU H 138 16.85 -0.41 22.39
CA GLU H 138 16.13 -1.46 23.12
C GLU H 138 17.08 -2.57 23.53
N ILE H 139 17.99 -2.90 22.62
CA ILE H 139 18.94 -3.97 22.86
C ILE H 139 19.87 -3.70 24.02
N ALA H 140 20.38 -2.48 24.11
CA ALA H 140 21.26 -2.15 25.21
C ALA H 140 20.45 -2.28 26.47
N ALA H 141 19.21 -1.79 26.41
CA ALA H 141 18.32 -1.85 27.54
C ALA H 141 18.05 -3.31 27.86
N LEU H 142 17.83 -4.09 26.82
CA LEU H 142 17.55 -5.50 26.97
C LEU H 142 18.74 -6.21 27.60
N THR H 143 19.93 -5.84 27.14
CA THR H 143 21.13 -6.46 27.64
C THR H 143 21.36 -6.21 29.13
N ILE H 144 21.12 -4.98 29.57
CA ILE H 144 21.30 -4.65 30.98
C ILE H 144 20.33 -5.39 31.86
N ALA H 145 19.09 -5.47 31.41
CA ALA H 145 18.06 -6.15 32.17
C ALA H 145 18.35 -7.62 32.36
N MET H 146 18.85 -8.26 31.32
CA MET H 146 19.12 -9.69 31.39
C MET H 146 20.13 -10.00 32.47
N ALA H 147 21.19 -9.21 32.55
CA ALA H 147 22.23 -9.38 33.56
C ALA H 147 21.81 -9.12 35.00
N GLU H 148 21.02 -8.07 35.21
CA GLU H 148 20.59 -7.66 36.55
C GLU H 148 19.78 -8.70 37.29
N THR H 149 18.90 -9.38 36.59
CA THR H 149 18.07 -10.40 37.21
C THR H 149 18.99 -11.47 37.76
N GLY H 150 19.99 -11.83 36.98
CA GLY H 150 20.98 -12.84 37.37
C GLY H 150 22.03 -12.32 38.34
N ASP H 151 22.71 -13.22 39.04
CA ASP H 151 23.76 -12.85 39.98
C ASP H 151 24.94 -12.25 39.24
N MET H 152 25.63 -11.30 39.89
CA MET H 152 26.78 -10.64 39.28
C MET H 152 28.03 -10.82 40.14
N LEU H 153 29.19 -10.93 39.49
CA LEU H 153 30.43 -11.12 40.22
C LEU H 153 31.36 -9.91 40.15
N ASP H 154 31.86 -9.51 41.32
CA ASP H 154 32.75 -8.36 41.41
C ASP H 154 34.17 -8.85 41.65
N ILE H 155 35.08 -8.44 40.78
CA ILE H 155 36.47 -8.85 40.86
C ILE H 155 37.36 -7.65 41.14
N ASP H 156 38.19 -7.77 42.17
CA ASP H 156 39.09 -6.68 42.54
C ASP H 156 40.13 -6.34 41.47
N ARG H 157 40.73 -7.38 40.89
CA ARG H 157 41.75 -7.17 39.88
C ARG H 157 41.19 -6.57 38.59
N LYS H 158 41.95 -5.69 37.97
CA LYS H 158 41.58 -5.03 36.72
C LYS H 158 42.85 -4.73 35.94
N PRO H 159 42.75 -4.53 34.64
CA PRO H 159 41.50 -4.60 33.88
C PRO H 159 41.03 -6.03 33.63
N ILE H 160 39.76 -6.20 33.30
CA ILE H 160 39.20 -7.51 33.03
C ILE H 160 39.01 -7.70 31.54
N MET H 161 39.50 -8.81 31.01
CA MET H 161 39.39 -9.08 29.59
C MET H 161 38.57 -10.34 29.31
N ASP H 162 37.62 -10.21 28.40
CA ASP H 162 36.77 -11.34 28.03
C ASP H 162 36.87 -11.61 26.54
N VAL H 163 37.03 -12.87 26.19
CA VAL H 163 37.13 -13.28 24.80
C VAL H 163 35.95 -14.15 24.46
N HIS H 164 35.28 -13.84 23.35
CA HIS H 164 34.13 -14.61 22.95
C HIS H 164 34.10 -14.83 21.49
N SER H 165 33.44 -15.90 21.06
CA SER H 165 33.32 -16.19 19.63
C SER H 165 31.88 -16.58 19.36
N ILE H 166 31.36 -16.18 18.21
CA ILE H 166 30.00 -16.52 17.87
C ILE H 166 29.89 -18.03 17.78
N GLY H 167 30.95 -18.66 17.33
CA GLY H 167 30.96 -20.10 17.24
C GLY H 167 30.34 -20.65 15.98
N GLY H 168 29.94 -21.92 16.04
CA GLY H 168 29.35 -22.61 14.91
C GLY H 168 30.34 -23.38 14.08
N VAL H 169 31.58 -23.47 14.55
CA VAL H 169 32.60 -24.24 13.84
C VAL H 169 33.13 -25.40 14.68
N PRO H 170 33.25 -26.57 14.06
CA PRO H 170 33.72 -27.76 14.76
C PRO H 170 35.16 -27.61 15.19
N GLY H 171 35.52 -28.23 16.31
CA GLY H 171 36.86 -28.18 16.85
C GLY H 171 37.33 -26.79 17.23
N ASN H 172 36.42 -25.98 17.73
CA ASN H 172 36.78 -24.63 18.14
C ASN H 172 37.34 -24.67 19.55
N LYS H 173 38.57 -25.17 19.65
CA LYS H 173 39.27 -25.27 20.92
C LYS H 173 40.17 -24.07 21.10
N THR H 174 39.98 -23.08 20.23
CA THR H 174 40.79 -21.88 20.22
C THR H 174 40.73 -21.11 21.52
N ASN H 175 39.55 -21.04 22.12
CA ASN H 175 39.39 -20.29 23.35
C ASN H 175 40.25 -20.82 24.49
N ILE H 176 40.43 -22.13 24.55
CA ILE H 176 41.22 -22.72 25.60
C ILE H 176 42.65 -22.22 25.56
N LEU H 177 43.24 -22.13 24.37
CA LEU H 177 44.60 -21.62 24.26
C LEU H 177 44.66 -20.14 24.63
N VAL H 178 43.69 -19.39 24.16
CA VAL H 178 43.66 -17.95 24.40
C VAL H 178 43.55 -17.49 25.83
N VAL H 179 42.72 -18.13 26.63
CA VAL H 179 42.61 -17.70 28.00
C VAL H 179 43.95 -17.88 28.70
N PRO H 180 44.55 -19.04 28.48
CA PRO H 180 45.84 -19.36 29.08
C PRO H 180 47.00 -18.47 28.63
N ILE H 181 47.06 -18.15 27.34
CA ILE H 181 48.13 -17.29 26.85
C ILE H 181 48.05 -15.90 27.48
N VAL H 182 46.84 -15.35 27.54
CA VAL H 182 46.64 -14.03 28.09
C VAL H 182 47.02 -13.98 29.55
N ALA H 183 46.70 -15.05 30.26
CA ALA H 183 47.02 -15.13 31.68
C ALA H 183 48.53 -15.04 31.82
N ALA H 184 49.24 -15.63 30.87
CA ALA H 184 50.69 -15.57 30.87
C ALA H 184 51.06 -14.10 30.77
N ALA H 185 50.26 -13.35 30.00
CA ALA H 185 50.46 -11.93 29.82
C ALA H 185 50.26 -11.26 31.16
N GLY H 186 49.58 -11.95 32.06
CA GLY H 186 49.35 -11.44 33.41
C GLY H 186 48.05 -10.68 33.52
N LEU H 187 47.35 -10.55 32.39
CA LEU H 187 46.04 -9.92 32.36
C LEU H 187 45.05 -10.88 32.99
N THR H 188 43.93 -10.38 33.47
CA THR H 188 42.93 -11.24 34.08
C THR H 188 41.83 -11.57 33.08
N ILE H 189 41.55 -12.86 32.91
CA ILE H 189 40.56 -13.31 31.93
C ILE H 189 39.80 -14.53 32.40
N PRO H 190 38.61 -14.32 32.99
CA PRO H 190 37.74 -15.40 33.51
C PRO H 190 36.72 -15.89 32.48
N LYS H 191 37.00 -17.02 31.83
CA LYS H 191 36.08 -17.55 30.83
C LYS H 191 35.06 -18.55 31.39
N THR H 192 33.82 -18.34 30.96
CA THR H 192 32.69 -19.17 31.29
C THR H 192 32.18 -19.72 29.97
N SER H 193 31.93 -21.01 29.91
CA SER H 193 31.51 -21.66 28.67
C SER H 193 30.33 -22.59 28.84
N SER H 194 29.69 -22.92 27.72
CA SER H 194 28.50 -23.74 27.71
C SER H 194 28.71 -25.15 27.17
N ARG H 195 28.11 -26.12 27.84
CA ARG H 195 28.18 -27.51 27.41
C ARG H 195 27.47 -27.56 26.08
N ALA H 196 27.93 -28.44 25.19
CA ALA H 196 27.38 -28.52 23.85
C ALA H 196 25.92 -28.91 23.80
N ILE H 197 25.17 -28.24 22.95
CA ILE H 197 23.77 -28.59 22.73
C ILE H 197 23.63 -29.10 21.31
N THR H 198 24.02 -28.27 20.35
CA THR H 198 23.95 -28.65 18.96
C THR H 198 25.31 -28.94 18.35
N SER H 199 26.37 -28.90 19.16
CA SER H 199 27.71 -29.13 18.62
C SER H 199 28.27 -30.47 19.14
N ALA H 200 29.36 -30.94 18.54
CA ALA H 200 29.96 -32.22 18.95
C ALA H 200 30.59 -32.10 20.35
N ALA H 201 31.04 -30.91 20.69
CA ALA H 201 31.70 -30.64 21.96
C ALA H 201 31.63 -29.16 22.32
N GLY H 202 31.87 -28.85 23.58
CA GLY H 202 31.82 -27.48 24.06
C GLY H 202 33.09 -27.06 24.78
N THR H 203 33.32 -25.77 24.91
CA THR H 203 34.51 -25.31 25.58
C THR H 203 34.45 -25.89 26.99
N ALA H 204 33.26 -25.89 27.56
CA ALA H 204 33.04 -26.43 28.89
C ALA H 204 33.32 -27.92 28.95
N ASP H 205 32.90 -28.65 27.92
CA ASP H 205 33.09 -30.09 27.85
C ASP H 205 34.55 -30.52 27.80
N VAL H 206 35.36 -29.81 27.03
CA VAL H 206 36.77 -30.15 26.90
C VAL H 206 37.52 -30.06 28.22
N VAL H 207 37.23 -29.01 28.98
CA VAL H 207 37.86 -28.79 30.28
C VAL H 207 37.51 -29.91 31.25
N GLU H 208 36.30 -30.42 31.14
CA GLU H 208 35.80 -31.47 32.02
C GLU H 208 36.69 -32.70 31.87
N VAL H 209 37.26 -32.89 30.70
CA VAL H 209 38.12 -34.05 30.49
C VAL H 209 39.33 -34.05 31.43
N PHE H 210 39.95 -32.88 31.62
CA PHE H 210 41.09 -32.81 32.53
C PHE H 210 40.88 -32.03 33.84
N ALA H 211 39.84 -31.20 33.90
CA ALA H 211 39.57 -30.42 35.11
C ALA H 211 38.08 -30.28 35.41
N ASP H 212 37.72 -30.12 36.68
CA ASP H 212 36.32 -29.98 37.05
C ASP H 212 35.78 -28.70 36.42
N VAL H 213 34.56 -28.71 35.92
CA VAL H 213 34.03 -27.51 35.27
C VAL H 213 32.90 -26.75 35.98
N SER H 214 32.46 -27.22 37.15
CA SER H 214 31.36 -26.55 37.85
C SER H 214 31.80 -25.88 39.15
N PHE H 215 31.63 -24.57 39.22
CA PHE H 215 32.00 -23.80 40.40
C PHE H 215 31.00 -22.71 40.73
N SER H 216 30.89 -22.39 42.02
CA SER H 216 30.02 -21.34 42.50
C SER H 216 30.71 -20.00 42.27
N LEU H 217 29.96 -18.91 42.36
CA LEU H 217 30.54 -17.60 42.14
C LEU H 217 31.62 -17.31 43.17
N ASP H 218 31.36 -17.68 44.42
CA ASP H 218 32.34 -17.44 45.48
C ASP H 218 33.61 -18.23 45.21
N GLU H 219 33.47 -19.49 44.82
CA GLU H 219 34.65 -20.29 44.52
C GLU H 219 35.35 -19.69 43.34
N ILE H 220 34.55 -19.31 42.36
CA ILE H 220 35.07 -18.69 41.14
C ILE H 220 35.70 -17.35 41.43
N LYS H 221 35.08 -16.59 42.32
CA LYS H 221 35.60 -15.27 42.65
C LYS H 221 36.97 -15.41 43.25
N ARG H 222 37.12 -16.32 44.20
CA ARG H 222 38.41 -16.53 44.84
C ARG H 222 39.47 -17.10 43.92
N ILE H 223 39.08 -18.09 43.11
CA ILE H 223 39.98 -18.77 42.20
C ILE H 223 40.57 -17.88 41.14
N VAL H 224 39.74 -17.00 40.58
CA VAL H 224 40.19 -16.12 39.52
C VAL H 224 41.28 -15.19 39.98
N GLU H 225 41.14 -14.63 41.18
CA GLU H 225 42.13 -13.71 41.68
C GLU H 225 43.50 -14.33 41.83
N LYS H 226 43.57 -15.52 42.42
CA LYS H 226 44.89 -16.14 42.57
C LYS H 226 45.46 -16.54 41.22
N VAL H 227 44.64 -17.23 40.44
CA VAL H 227 45.00 -17.68 39.10
C VAL H 227 45.10 -16.54 38.08
N GLY H 228 44.15 -15.62 38.17
CA GLY H 228 44.05 -14.49 37.28
C GLY H 228 43.17 -14.78 36.07
N ALA H 229 42.72 -16.02 35.93
CA ALA H 229 41.85 -16.39 34.81
C ALA H 229 41.06 -17.67 35.10
N CYS H 230 39.98 -17.92 34.37
CA CYS H 230 39.21 -19.14 34.58
C CYS H 230 38.58 -19.73 33.32
N LEU H 231 38.47 -21.05 33.30
CA LEU H 231 37.88 -21.79 32.18
C LEU H 231 36.88 -22.79 32.75
N VAL H 232 35.69 -22.30 33.10
CA VAL H 232 34.68 -23.17 33.68
C VAL H 232 33.32 -23.07 33.02
N TRP H 233 32.52 -24.13 33.19
CA TRP H 233 31.19 -24.18 32.64
C TRP H 233 30.39 -23.09 33.27
N GLY H 234 29.62 -22.38 32.46
CA GLY H 234 28.81 -21.28 32.97
C GLY H 234 27.40 -21.65 33.37
N GLY H 235 27.04 -22.91 33.14
CA GLY H 235 25.70 -23.38 33.46
C GLY H 235 25.32 -23.37 34.92
N ALA H 236 26.25 -23.77 35.79
CA ALA H 236 25.97 -23.82 37.22
C ALA H 236 25.66 -22.49 37.88
N LEU H 237 26.43 -21.46 37.57
CA LEU H 237 26.17 -20.15 38.15
C LEU H 237 24.91 -19.56 37.54
N ASN H 238 24.15 -18.83 38.34
CA ASN H 238 22.93 -18.23 37.85
C ASN H 238 23.19 -16.90 37.16
N LEU H 239 23.72 -16.94 35.95
CA LEU H 239 24.02 -15.74 35.20
C LEU H 239 23.17 -15.66 33.94
N ALA H 240 22.58 -14.50 33.67
CA ALA H 240 21.78 -14.37 32.47
C ALA H 240 20.75 -15.48 32.42
N PRO H 241 19.99 -15.63 33.48
CA PRO H 241 18.96 -16.68 33.56
C PRO H 241 17.96 -16.49 32.43
N ALA H 242 17.65 -15.24 32.10
CA ALA H 242 16.74 -14.94 31.03
C ALA H 242 17.30 -15.44 29.71
N ASP H 243 18.61 -15.29 29.53
CA ASP H 243 19.27 -15.73 28.31
C ASP H 243 19.16 -17.22 28.10
N ASP H 244 19.30 -17.99 29.18
CA ASP H 244 19.22 -19.44 29.09
C ASP H 244 17.82 -19.94 28.73
N ILE H 245 16.81 -19.33 29.32
CA ILE H 245 15.43 -19.73 29.08
C ILE H 245 14.91 -19.49 27.66
N THR H 246 15.27 -18.36 27.09
CA THR H 246 14.86 -17.97 25.74
C THR H 246 15.44 -18.87 24.65
N ILE H 247 16.66 -19.31 24.85
CA ILE H 247 17.35 -20.14 23.87
C ILE H 247 16.60 -21.42 23.59
N LYS H 248 15.97 -21.98 24.60
CA LYS H 248 15.25 -23.22 24.37
C LYS H 248 14.22 -22.92 23.32
N ALA H 249 13.58 -21.77 23.45
CA ALA H 249 12.59 -21.34 22.49
C ALA H 249 13.19 -21.11 21.12
N GLU H 250 14.36 -20.49 21.07
CA GLU H 250 15.00 -20.22 19.80
C GLU H 250 15.31 -21.49 19.06
N ARG H 251 15.81 -22.47 19.80
CA ARG H 251 16.22 -23.74 19.22
C ARG H 251 15.09 -24.56 18.60
N ALA H 252 13.93 -24.60 19.24
CA ALA H 252 12.84 -25.37 18.68
C ALA H 252 12.54 -24.74 17.35
N LEU H 253 12.52 -23.42 17.37
CA LEU H 253 12.27 -22.59 16.21
C LEU H 253 13.32 -22.62 15.12
N SER H 254 14.59 -22.75 15.49
CA SER H 254 15.66 -22.77 14.50
C SER H 254 15.97 -21.37 13.98
N ILE H 255 15.54 -20.36 14.72
CA ILE H 255 15.75 -18.98 14.35
C ILE H 255 16.51 -18.26 15.45
N ASP H 256 17.47 -17.42 15.08
CA ASP H 256 18.19 -16.65 16.07
C ASP H 256 18.17 -15.18 15.69
N PRO H 257 17.46 -14.35 16.45
CA PRO H 257 17.40 -12.92 16.17
C PRO H 257 18.72 -12.28 16.47
N THR H 258 19.21 -11.41 15.59
CA THR H 258 20.49 -10.78 15.83
C THR H 258 20.43 -9.96 17.10
N GLY H 259 19.32 -9.25 17.29
CA GLY H 259 19.18 -8.44 18.48
C GLY H 259 19.19 -9.26 19.74
N LEU H 260 18.48 -10.37 19.72
CA LEU H 260 18.43 -11.25 20.87
C LEU H 260 19.80 -11.84 21.13
N MET H 261 20.48 -12.22 20.04
CA MET H 261 21.80 -12.79 20.17
C MET H 261 22.83 -11.84 20.74
N LEU H 262 22.84 -10.61 20.26
CA LEU H 262 23.82 -9.66 20.74
C LEU H 262 23.60 -9.42 22.21
N ALA H 263 22.35 -9.27 22.59
CA ALA H 263 22.01 -9.05 23.98
C ALA H 263 22.42 -10.27 24.77
N SER H 264 22.19 -11.45 24.19
CA SER H 264 22.52 -12.69 24.87
C SER H 264 24.01 -12.86 25.14
N ILE H 265 24.86 -12.61 24.14
CA ILE H 265 26.29 -12.76 24.36
C ILE H 265 26.86 -11.73 25.33
N MET H 266 26.46 -10.49 25.12
CA MET H 266 26.90 -9.34 25.90
C MET H 266 26.47 -9.31 27.36
N SER H 267 25.27 -9.79 27.64
CA SER H 267 24.73 -9.77 28.99
C SER H 267 25.60 -10.56 29.95
N LYS H 268 26.11 -11.69 29.49
CA LYS H 268 26.98 -12.49 30.33
C LYS H 268 28.22 -11.70 30.68
N LYS H 269 28.75 -10.98 29.69
CA LYS H 269 29.93 -10.17 29.92
C LYS H 269 29.69 -9.06 30.92
N TYR H 270 28.57 -8.38 30.79
CA TYR H 270 28.24 -7.28 31.68
C TYR H 270 28.12 -7.75 33.12
N ALA H 271 27.49 -8.91 33.31
CA ALA H 271 27.29 -9.44 34.65
C ALA H 271 28.63 -9.71 35.32
N MET H 272 29.57 -10.28 34.57
CA MET H 272 30.88 -10.54 35.13
C MET H 272 31.70 -9.28 34.98
N GLY H 273 31.12 -8.32 34.27
CA GLY H 273 31.77 -7.04 34.06
C GLY H 273 33.13 -7.06 33.41
N SER H 274 33.34 -7.90 32.41
CA SER H 274 34.63 -7.90 31.77
C SER H 274 34.74 -6.50 31.18
N GLN H 275 35.83 -5.81 31.46
CA GLN H 275 36.00 -4.45 30.94
C GLN H 275 36.16 -4.36 29.43
N TYR H 276 36.95 -5.28 28.86
CA TYR H 276 37.19 -5.28 27.42
C TYR H 276 36.81 -6.63 26.87
N VAL H 277 35.96 -6.65 25.85
CA VAL H 277 35.51 -7.89 25.25
C VAL H 277 35.93 -8.04 23.79
N LEU H 278 36.54 -9.19 23.48
CA LEU H 278 36.98 -9.45 22.12
C LEU H 278 36.04 -10.44 21.48
N ILE H 279 35.52 -10.08 20.32
CA ILE H 279 34.58 -10.95 19.65
C ILE H 279 35.13 -11.56 18.38
N ASP H 280 35.02 -12.88 18.30
CA ASP H 280 35.48 -13.64 17.15
C ASP H 280 34.27 -14.16 16.40
N ILE H 281 34.17 -13.75 15.13
CA ILE H 281 33.07 -14.16 14.27
C ILE H 281 33.56 -15.05 13.14
N PRO H 282 33.37 -16.36 13.28
CA PRO H 282 33.79 -17.32 12.26
C PRO H 282 32.85 -17.20 11.06
N THR H 283 33.36 -16.65 9.96
CA THR H 283 32.58 -16.45 8.75
C THR H 283 32.97 -17.51 7.73
N GLY H 284 31.98 -18.06 7.03
CA GLY H 284 32.22 -19.07 6.02
C GLY H 284 31.01 -19.97 5.84
N LYS H 285 31.09 -20.93 4.92
CA LYS H 285 29.97 -21.82 4.66
C LYS H 285 29.79 -22.83 5.77
N GLY H 286 28.56 -22.96 6.24
CA GLY H 286 28.23 -23.91 7.28
C GLY H 286 28.49 -23.35 8.66
N VAL H 287 29.09 -22.16 8.67
CA VAL H 287 29.36 -21.42 9.90
C VAL H 287 28.07 -20.75 10.30
N LYS H 288 27.99 -20.27 11.53
CA LYS H 288 26.76 -19.59 11.93
C LYS H 288 26.59 -18.37 11.02
N VAL H 289 27.67 -17.65 10.75
CA VAL H 289 27.63 -16.50 9.87
C VAL H 289 28.25 -16.80 8.51
N GLU H 290 27.41 -16.95 7.49
CA GLU H 290 27.87 -17.31 6.15
C GLU H 290 28.71 -16.29 5.41
N THR H 291 28.35 -15.01 5.52
CA THR H 291 28.98 -13.95 4.73
C THR H 291 29.73 -12.90 5.54
N VAL H 292 30.87 -12.48 5.01
CA VAL H 292 31.72 -11.47 5.65
C VAL H 292 30.95 -10.18 5.77
N GLU H 293 30.15 -9.89 4.75
CA GLU H 293 29.38 -8.66 4.76
C GLU H 293 28.47 -8.72 5.97
N GLU H 294 27.92 -9.91 6.23
CA GLU H 294 27.07 -10.11 7.40
C GLU H 294 27.89 -9.87 8.64
N ALA H 295 29.14 -10.35 8.62
CA ALA H 295 30.04 -10.19 9.74
C ALA H 295 30.39 -8.75 10.03
N ARG H 296 30.60 -7.96 8.98
CA ARG H 296 30.93 -6.55 9.16
C ARG H 296 29.81 -5.80 9.86
N SER H 297 28.58 -6.05 9.44
CA SER H 297 27.44 -5.39 10.05
C SER H 297 27.34 -5.83 11.48
N LEU H 298 27.54 -7.11 11.71
CA LEU H 298 27.48 -7.67 13.04
C LEU H 298 28.57 -7.04 13.86
N ALA H 299 29.73 -6.86 13.25
CA ALA H 299 30.85 -6.27 13.95
C ALA H 299 30.48 -4.86 14.38
N ARG H 300 29.81 -4.14 13.49
CA ARG H 300 29.40 -2.78 13.83
C ARG H 300 28.42 -2.79 14.97
N ASP H 301 27.48 -3.73 14.94
CA ASP H 301 26.48 -3.83 15.99
C ASP H 301 27.11 -4.16 17.33
N PHE H 302 28.07 -5.08 17.33
CA PHE H 302 28.74 -5.45 18.57
C PHE H 302 29.52 -4.28 19.13
N ILE H 303 30.23 -3.59 18.25
CA ILE H 303 31.04 -2.45 18.64
C ILE H 303 30.19 -1.31 19.19
N GLU H 304 29.08 -1.05 18.52
CA GLU H 304 28.18 0.01 18.94
C GLU H 304 27.62 -0.33 20.32
N LEU H 305 27.30 -1.59 20.51
CA LEU H 305 26.75 -2.09 21.77
C LEU H 305 27.72 -1.92 22.93
N GLY H 306 29.01 -2.07 22.66
CA GLY H 306 29.99 -1.95 23.72
C GLY H 306 29.98 -0.58 24.37
N LYS H 307 29.84 0.47 23.57
CA LYS H 307 29.83 1.81 24.11
C LYS H 307 28.66 2.04 25.05
N ARG H 308 27.49 1.54 24.66
CA ARG H 308 26.28 1.71 25.44
C ARG H 308 26.41 1.07 26.81
N LEU H 309 27.09 -0.07 26.84
CA LEU H 309 27.30 -0.81 28.07
C LEU H 309 28.56 -0.33 28.75
N GLY H 310 29.19 0.67 28.15
CA GLY H 310 30.43 1.20 28.68
C GLY H 310 31.51 0.15 28.64
N GLN H 311 31.46 -0.67 27.59
CA GLN H 311 32.43 -1.73 27.38
C GLN H 311 33.13 -1.51 26.04
N TYR H 312 34.46 -1.62 26.04
CA TYR H 312 35.20 -1.46 24.80
C TYR H 312 35.15 -2.82 24.12
N VAL H 313 34.71 -2.83 22.86
CA VAL H 313 34.62 -4.09 22.12
C VAL H 313 35.30 -4.04 20.75
N GLU H 314 36.19 -5.00 20.50
CA GLU H 314 36.87 -5.10 19.22
C GLU H 314 36.56 -6.46 18.64
N VAL H 315 36.19 -6.51 17.37
CA VAL H 315 35.83 -7.76 16.73
C VAL H 315 36.73 -8.20 15.60
N ALA H 316 37.10 -9.47 15.59
CA ALA H 316 37.96 -10.06 14.57
C ALA H 316 37.23 -11.15 13.81
N ILE H 317 37.27 -11.11 12.48
CA ILE H 317 36.56 -12.09 11.67
C ILE H 317 37.50 -13.18 11.18
N THR H 318 37.11 -14.43 11.37
CA THR H 318 37.94 -15.56 10.99
C THR H 318 37.23 -16.53 10.06
N TYR H 319 38.01 -17.24 9.25
CA TYR H 319 37.46 -18.21 8.31
C TYR H 319 36.80 -19.39 9.02
N GLY H 320 35.61 -19.77 8.56
CA GLY H 320 34.87 -20.87 9.13
C GLY H 320 34.59 -22.05 8.21
N GLY H 321 35.29 -22.12 7.09
CA GLY H 321 35.06 -23.17 6.11
C GLY H 321 35.33 -24.60 6.56
N GLN H 322 36.39 -24.80 7.34
CA GLN H 322 36.74 -26.13 7.81
C GLN H 322 36.96 -26.15 9.31
N PRO H 323 36.83 -27.33 9.91
CA PRO H 323 36.98 -27.46 11.35
C PRO H 323 38.40 -27.09 11.76
N ILE H 324 38.50 -26.32 12.83
CA ILE H 324 39.81 -25.90 13.30
C ILE H 324 40.55 -27.08 13.85
N GLY H 325 41.80 -27.25 13.43
CA GLY H 325 42.58 -28.38 13.88
C GLY H 325 42.17 -29.64 13.15
N HIS H 326 42.70 -30.77 13.59
CA HIS H 326 42.38 -32.05 13.00
C HIS H 326 41.62 -32.94 13.94
N THR H 327 41.18 -32.38 15.07
CA THR H 327 40.47 -33.16 16.08
C THR H 327 39.12 -32.62 16.54
N VAL H 328 38.19 -33.53 16.80
CA VAL H 328 36.85 -33.19 17.26
C VAL H 328 36.48 -34.06 18.46
N GLY H 329 35.53 -33.59 19.26
CA GLY H 329 35.10 -34.34 20.43
C GLY H 329 35.71 -33.79 21.71
N PRO H 330 35.10 -34.09 22.84
CA PRO H 330 35.58 -33.60 24.14
C PRO H 330 36.97 -34.09 24.50
N ALA H 331 37.22 -35.38 24.32
CA ALA H 331 38.53 -35.99 24.58
C ALA H 331 39.60 -35.59 23.59
N LEU H 332 39.29 -35.72 22.31
CA LEU H 332 40.24 -35.42 21.28
C LEU H 332 40.64 -33.96 21.27
N GLU H 333 39.65 -33.09 21.43
CA GLU H 333 39.91 -31.67 21.41
C GLU H 333 40.81 -31.27 22.58
N ALA H 334 40.53 -31.83 23.76
CA ALA H 334 41.33 -31.53 24.92
C ALA H 334 42.75 -32.03 24.70
N ARG H 335 42.86 -33.20 24.11
CA ARG H 335 44.16 -33.80 23.83
C ARG H 335 44.96 -32.96 22.86
N GLU H 336 44.31 -32.42 21.83
CA GLU H 336 45.00 -31.56 20.89
C GLU H 336 45.33 -30.23 21.53
N ALA H 337 44.38 -29.66 22.25
CA ALA H 337 44.59 -28.37 22.89
C ALA H 337 45.69 -28.35 23.94
N LEU H 338 45.71 -29.32 24.82
CA LEU H 338 46.71 -29.37 25.89
C LEU H 338 48.14 -29.52 25.41
N SER H 339 48.33 -30.38 24.42
CA SER H 339 49.65 -30.64 23.87
C SER H 339 50.25 -29.41 23.22
N ALA H 340 49.42 -28.64 22.52
CA ALA H 340 49.91 -27.46 21.84
C ALA H 340 50.50 -26.48 22.83
N LEU H 341 49.85 -26.32 23.97
CA LEU H 341 50.37 -25.44 25.00
C LEU H 341 51.71 -25.94 25.52
N MET H 342 51.78 -27.24 25.81
CA MET H 342 53.01 -27.82 26.33
C MET H 342 54.14 -27.81 25.31
N THR H 343 53.86 -28.27 24.11
CA THR H 343 54.85 -28.28 23.03
C THR H 343 55.21 -26.91 22.49
N GLY H 344 54.18 -26.08 22.35
CA GLY H 344 54.35 -24.77 21.75
C GLY H 344 54.26 -25.03 20.26
N LYS H 345 54.03 -26.30 19.93
CA LYS H 345 53.89 -26.73 18.54
C LYS H 345 52.47 -27.23 18.39
N GLY H 346 51.78 -26.74 17.37
CA GLY H 346 50.39 -27.11 17.15
C GLY H 346 49.99 -26.95 15.70
N PRO H 347 48.83 -27.50 15.36
CA PRO H 347 48.35 -27.40 13.99
C PRO H 347 48.21 -25.95 13.64
N GLY H 348 48.64 -25.58 12.43
CA GLY H 348 48.59 -24.20 12.02
C GLY H 348 47.25 -23.54 12.22
N SER H 349 46.17 -24.27 11.95
CA SER H 349 44.87 -23.66 12.10
C SER H 349 44.64 -23.20 13.53
N LEU H 350 44.89 -24.10 14.47
CA LEU H 350 44.69 -23.73 15.86
C LEU H 350 45.65 -22.65 16.31
N ILE H 351 46.92 -22.80 15.95
CA ILE H 351 47.93 -21.85 16.36
C ILE H 351 47.81 -20.43 15.81
N GLU H 352 47.54 -20.29 14.52
CA GLU H 352 47.42 -18.96 13.96
C GLU H 352 46.25 -18.21 14.58
N LYS H 353 45.12 -18.90 14.69
CA LYS H 353 43.92 -18.30 15.23
C LYS H 353 44.01 -17.94 16.69
N ALA H 354 44.57 -18.83 17.50
CA ALA H 354 44.67 -18.57 18.92
C ALA H 354 45.57 -17.40 19.23
N THR H 355 46.72 -17.34 18.59
CA THR H 355 47.66 -16.26 18.83
C THR H 355 47.08 -14.93 18.42
N GLY H 356 46.44 -14.90 17.26
CA GLY H 356 45.85 -13.68 16.77
C GLY H 356 44.77 -13.18 17.69
N LEU H 357 43.92 -14.10 18.12
CA LEU H 357 42.85 -13.73 19.03
C LEU H 357 43.46 -13.26 20.33
N ALA H 358 44.45 -14.00 20.80
CA ALA H 358 45.15 -13.66 22.04
C ALA H 358 45.87 -12.33 21.88
N GLY H 359 46.46 -12.15 20.70
CA GLY H 359 47.21 -10.94 20.42
C GLY H 359 46.34 -9.71 20.50
N ILE H 360 45.13 -9.82 19.99
CA ILE H 360 44.24 -8.69 20.03
C ILE H 360 44.01 -8.38 21.50
N LEU H 361 43.86 -9.42 22.30
CA LEU H 361 43.63 -9.22 23.73
C LEU H 361 44.82 -8.55 24.39
N LEU H 362 46.02 -8.96 24.03
CA LEU H 362 47.21 -8.35 24.62
C LEU H 362 47.34 -6.88 24.24
N GLU H 363 47.07 -6.54 22.99
CA GLU H 363 47.15 -5.16 22.57
C GLU H 363 46.13 -4.32 23.31
N MET H 364 44.92 -4.87 23.43
CA MET H 364 43.82 -4.22 24.13
C MET H 364 44.15 -4.06 25.62
N GLY H 365 44.82 -5.07 26.15
CA GLY H 365 45.23 -5.07 27.54
C GLY H 365 46.20 -3.94 27.80
N GLY H 366 47.05 -3.67 26.82
CA GLY H 366 48.08 -2.66 26.94
C GLY H 366 49.39 -3.28 27.38
N VAL H 367 49.38 -4.60 27.49
CA VAL H 367 50.57 -5.37 27.86
C VAL H 367 51.65 -5.16 26.81
N ALA H 368 51.23 -5.08 25.56
CA ALA H 368 52.18 -4.93 24.45
C ALA H 368 51.84 -3.80 23.49
N PRO H 369 52.86 -3.38 22.75
CA PRO H 369 52.76 -2.28 21.77
C PRO H 369 51.90 -2.67 20.58
N ALA H 370 51.32 -1.68 19.91
CA ALA H 370 50.43 -1.94 18.79
C ALA H 370 51.08 -2.70 17.63
N GLY H 371 50.40 -3.75 17.17
CA GLY H 371 50.87 -4.57 16.07
C GLY H 371 51.88 -5.60 16.51
N THR H 372 52.19 -5.62 17.79
CA THR H 372 53.15 -6.57 18.35
C THR H 372 52.58 -7.67 19.25
N GLY H 373 51.26 -7.73 19.38
CA GLY H 373 50.61 -8.72 20.20
C GLY H 373 50.80 -10.18 19.84
N LYS H 374 50.72 -10.49 18.56
CA LYS H 374 50.87 -11.87 18.13
C LYS H 374 52.26 -12.41 18.42
N LYS H 375 53.28 -11.60 18.15
CA LYS H 375 54.64 -12.03 18.39
C LYS H 375 54.81 -12.27 19.87
N MET H 376 54.28 -11.36 20.68
CA MET H 376 54.36 -11.54 22.11
C MET H 376 53.58 -12.82 22.33
N ALA H 377 52.50 -12.95 21.57
CA ALA H 377 51.65 -14.12 21.65
C ALA H 377 52.41 -15.39 21.23
N LYS H 378 53.19 -15.30 20.17
CA LYS H 378 53.96 -16.44 19.73
C LYS H 378 55.01 -16.80 20.78
N GLU H 379 55.63 -15.76 21.34
CA GLU H 379 56.68 -15.97 22.33
C GLU H 379 56.24 -16.67 23.60
N ILE H 380 55.07 -16.30 24.11
CA ILE H 380 54.59 -16.91 25.34
C ILE H 380 54.34 -18.42 25.20
N LEU H 381 53.74 -18.83 24.09
CA LEU H 381 53.46 -20.23 23.86
C LEU H 381 54.73 -21.08 23.76
N GLU H 382 55.70 -20.59 22.99
CA GLU H 382 56.94 -21.31 22.78
C GLU H 382 57.71 -21.46 24.07
N SER H 383 57.69 -20.42 24.88
CA SER H 383 58.40 -20.38 26.14
C SER H 383 57.90 -21.49 27.06
N GLY H 384 56.62 -21.77 26.98
CA GLY H 384 56.01 -22.78 27.83
C GLY H 384 55.45 -22.10 29.06
N LYS H 385 55.54 -20.77 29.06
CA LYS H 385 55.01 -19.98 30.16
C LYS H 385 53.51 -20.21 30.19
N ALA H 386 52.93 -20.31 29.01
CA ALA H 386 51.49 -20.52 28.88
C ALA H 386 51.05 -21.82 29.52
N TRP H 387 51.84 -22.88 29.34
CA TRP H 387 51.50 -24.14 29.94
C TRP H 387 51.52 -24.07 31.43
N GLU H 388 52.47 -23.35 31.98
CA GLU H 388 52.58 -23.25 33.43
C GLU H 388 51.28 -22.66 33.92
N LYS H 389 50.81 -21.65 33.20
CA LYS H 389 49.57 -21.00 33.56
C LYS H 389 48.42 -22.00 33.39
N MET H 390 48.48 -22.81 32.34
CA MET H 390 47.41 -23.76 32.15
C MET H 390 47.36 -24.66 33.37
N LYS H 391 48.52 -25.03 33.88
CA LYS H 391 48.58 -25.88 35.06
C LYS H 391 47.97 -25.19 36.26
N GLU H 392 48.20 -23.89 36.40
CA GLU H 392 47.66 -23.16 37.53
C GLU H 392 46.15 -23.22 37.50
N ILE H 393 45.56 -23.05 36.33
CA ILE H 393 44.12 -23.12 36.22
C ILE H 393 43.64 -24.53 36.56
N ILE H 394 44.33 -25.53 36.04
CA ILE H 394 43.92 -26.90 36.29
C ILE H 394 44.01 -27.30 37.76
N GLU H 395 45.10 -26.92 38.40
CA GLU H 395 45.29 -27.33 39.78
C GLU H 395 44.19 -26.74 40.64
N ALA H 396 43.87 -25.48 40.40
CA ALA H 396 42.80 -24.84 41.11
C ALA H 396 41.59 -25.62 40.65
N GLN H 397 41.60 -25.95 39.37
CA GLN H 397 40.55 -26.70 38.75
C GLN H 397 40.32 -27.99 39.51
N GLY H 398 41.35 -28.48 40.18
CA GLY H 398 41.22 -29.72 40.92
C GLY H 398 41.70 -30.92 40.13
N GLY H 399 42.37 -30.66 39.02
CA GLY H 399 42.86 -31.73 38.18
C GLY H 399 44.36 -31.87 38.31
N ASP H 400 44.93 -32.95 37.80
CA ASP H 400 46.37 -33.14 37.90
C ASP H 400 47.16 -32.28 36.93
N PRO H 401 47.96 -31.36 37.47
CA PRO H 401 48.77 -30.49 36.61
C PRO H 401 49.82 -31.39 35.96
N ASN H 402 49.93 -32.59 36.52
CA ASN H 402 50.89 -33.57 36.06
C ASN H 402 50.35 -34.50 34.98
N ILE H 403 49.12 -34.27 34.53
CA ILE H 403 48.54 -35.13 33.49
C ILE H 403 49.34 -35.04 32.19
N LYS H 404 49.53 -36.21 31.57
CA LYS H 404 50.24 -36.28 30.31
C LYS H 404 49.16 -36.36 29.25
N PRO H 405 49.06 -35.32 28.40
CA PRO H 405 48.05 -35.29 27.35
C PRO H 405 47.95 -36.62 26.61
N GLU H 406 49.08 -37.11 26.14
CA GLU H 406 49.10 -38.38 25.40
C GLU H 406 48.32 -39.47 26.11
N GLU H 407 48.30 -39.44 27.44
CA GLU H 407 47.60 -40.44 28.24
C GLU H 407 46.08 -40.43 28.10
N ILE H 408 45.51 -39.24 27.92
CA ILE H 408 44.05 -39.10 27.76
C ILE H 408 43.49 -40.14 26.80
N PRO H 409 42.53 -40.92 27.28
CA PRO H 409 41.97 -42.01 26.48
C PRO H 409 40.89 -41.63 25.47
N ILE H 410 41.20 -41.95 24.23
CA ILE H 410 40.30 -41.75 23.10
C ILE H 410 39.39 -42.97 23.08
N GLY H 411 38.33 -42.90 22.28
CA GLY H 411 37.42 -44.03 22.21
C GLY H 411 38.09 -45.27 21.68
N ASP H 412 37.78 -46.40 22.29
CA ASP H 412 38.35 -47.68 21.92
C ASP H 412 37.99 -48.16 20.51
N LYS H 413 36.74 -47.96 20.10
CA LYS H 413 36.30 -48.41 18.79
C LYS H 413 36.47 -47.33 17.73
N THR H 414 37.17 -47.68 16.65
CA THR H 414 37.42 -46.77 15.56
C THR H 414 37.29 -47.38 14.17
N TYR H 415 37.03 -46.51 13.20
CA TYR H 415 36.90 -46.86 11.79
C TYR H 415 37.62 -45.77 11.02
N THR H 416 38.08 -46.05 9.82
CA THR H 416 38.78 -45.04 9.05
C THR H 416 38.29 -44.94 7.61
N PHE H 417 38.15 -43.74 7.09
CA PHE H 417 37.71 -43.62 5.72
C PHE H 417 38.83 -43.20 4.77
N THR H 418 39.14 -44.10 3.84
CA THR H 418 40.17 -43.89 2.84
C THR H 418 39.66 -43.09 1.66
N ALA H 419 40.58 -42.61 0.83
CA ALA H 419 40.17 -41.84 -0.32
C ALA H 419 39.74 -42.77 -1.45
N ALA H 420 38.49 -42.65 -1.83
CA ALA H 420 37.93 -43.46 -2.91
C ALA H 420 38.57 -43.14 -4.25
N THR H 421 38.83 -41.85 -4.48
CA THR H 421 39.41 -41.41 -5.73
C THR H 421 40.60 -40.48 -5.55
N SER H 422 41.46 -40.44 -6.57
CA SER H 422 42.63 -39.58 -6.58
C SER H 422 42.13 -38.15 -6.73
N GLY H 423 42.79 -37.20 -6.07
CA GLY H 423 42.36 -35.84 -6.16
C GLY H 423 42.98 -34.89 -5.16
N TYR H 424 42.37 -33.71 -5.05
CA TYR H 424 42.80 -32.67 -4.13
C TYR H 424 41.58 -32.43 -3.25
N VAL H 425 41.75 -31.87 -2.07
CA VAL H 425 40.60 -31.69 -1.19
C VAL H 425 40.03 -30.28 -1.32
N THR H 426 38.89 -30.16 -1.98
CA THR H 426 38.25 -28.86 -2.23
C THR H 426 37.41 -28.29 -1.10
N ALA H 427 36.90 -29.14 -0.20
CA ALA H 427 36.08 -28.64 0.89
C ALA H 427 35.68 -29.69 1.91
N ILE H 428 35.38 -29.22 3.12
CA ILE H 428 34.95 -30.08 4.22
C ILE H 428 33.67 -29.50 4.80
N ASP H 429 32.59 -30.27 4.82
CA ASP H 429 31.32 -29.78 5.35
C ASP H 429 31.28 -29.89 6.87
N ASN H 430 31.12 -28.74 7.52
CA ASN H 430 31.06 -28.67 8.97
C ASN H 430 29.89 -29.36 9.63
N ARG H 431 28.71 -29.20 9.05
CA ARG H 431 27.53 -29.80 9.64
C ARG H 431 27.66 -31.32 9.61
N ALA H 432 28.14 -31.85 8.51
CA ALA H 432 28.30 -33.29 8.39
C ALA H 432 29.33 -33.83 9.37
N ILE H 433 30.45 -33.14 9.49
CA ILE H 433 31.48 -33.61 10.41
C ILE H 433 30.91 -33.60 11.81
N THR H 434 30.24 -32.52 12.15
CA THR H 434 29.63 -32.41 13.46
C THR H 434 28.53 -33.45 13.61
N ALA H 435 27.80 -33.70 12.54
CA ALA H 435 26.71 -34.65 12.60
C ALA H 435 27.21 -36.04 12.94
N ILE H 436 28.32 -36.44 12.34
CA ILE H 436 28.89 -37.76 12.62
C ILE H 436 29.37 -37.91 14.05
N ALA H 437 30.04 -36.89 14.56
CA ALA H 437 30.58 -36.91 15.90
C ALA H 437 29.51 -37.03 16.96
N ARG H 438 28.43 -36.28 16.79
CA ARG H 438 27.34 -36.32 17.76
C ARG H 438 26.82 -37.75 17.75
N ALA H 439 26.75 -38.32 16.56
CA ALA H 439 26.30 -39.69 16.37
C ALA H 439 27.24 -40.69 17.03
N ALA H 440 28.52 -40.36 17.04
CA ALA H 440 29.55 -41.20 17.64
C ALA H 440 29.28 -41.38 19.12
N GLY H 441 28.71 -40.34 19.72
CA GLY H 441 28.40 -40.33 21.14
C GLY H 441 28.82 -39.05 21.81
N ALA H 442 29.60 -38.23 21.12
CA ALA H 442 30.01 -36.95 21.65
C ALA H 442 28.75 -36.11 21.69
N PRO H 443 28.65 -35.20 22.65
CA PRO H 443 29.70 -34.98 23.65
C PRO H 443 29.47 -35.77 24.93
N GLU H 444 28.40 -36.55 24.98
CA GLU H 444 28.11 -37.31 26.18
C GLU H 444 29.22 -38.29 26.52
N ASP H 445 29.77 -38.94 25.50
CA ASP H 445 30.86 -39.87 25.74
C ASP H 445 32.11 -39.15 25.28
N LYS H 446 33.04 -38.99 26.20
CA LYS H 446 34.27 -38.27 25.95
C LYS H 446 35.15 -38.87 24.87
N GLY H 447 35.19 -40.18 24.81
CA GLY H 447 36.00 -40.91 23.84
C GLY H 447 35.68 -40.69 22.37
N ALA H 448 34.40 -40.55 22.07
CA ALA H 448 33.93 -40.38 20.70
C ALA H 448 34.38 -39.09 20.06
N GLY H 449 34.58 -39.12 18.74
CA GLY H 449 35.02 -37.94 18.03
C GLY H 449 35.48 -38.24 16.63
N ILE H 450 36.08 -37.25 15.99
CA ILE H 450 36.60 -37.42 14.64
C ILE H 450 38.04 -36.91 14.57
N GLU H 451 38.87 -37.60 13.81
CA GLU H 451 40.23 -37.19 13.64
C GLU H 451 40.38 -36.95 12.16
N LEU H 452 40.88 -35.78 11.79
CA LEU H 452 41.04 -35.43 10.38
C LEU H 452 42.51 -35.41 10.03
N TYR H 453 42.88 -36.19 9.02
CA TYR H 453 44.26 -36.29 8.58
C TYR H 453 44.49 -35.42 7.36
N VAL H 454 43.42 -34.77 6.93
CA VAL H 454 43.47 -33.91 5.75
C VAL H 454 42.92 -32.53 6.07
N LYS H 455 43.48 -31.53 5.40
CA LYS H 455 43.07 -30.15 5.60
C LYS H 455 42.74 -29.57 4.25
N VAL H 456 42.01 -28.45 4.25
CA VAL H 456 41.59 -27.83 3.02
C VAL H 456 42.80 -27.49 2.16
N GLY H 457 42.69 -27.80 0.88
CA GLY H 457 43.75 -27.55 -0.09
C GLY H 457 44.83 -28.60 -0.18
N GLU H 458 44.75 -29.64 0.65
CA GLU H 458 45.76 -30.69 0.62
C GLU H 458 45.55 -31.61 -0.56
N LYS H 459 46.62 -32.27 -0.99
CA LYS H 459 46.56 -33.20 -2.11
C LYS H 459 46.63 -34.60 -1.53
N VAL H 460 45.63 -35.42 -1.83
CA VAL H 460 45.58 -36.76 -1.29
C VAL H 460 45.53 -37.86 -2.34
N LYS H 461 46.39 -38.87 -2.16
CA LYS H 461 46.44 -40.01 -3.06
C LYS H 461 45.27 -40.92 -2.79
N GLU H 462 44.91 -41.75 -3.76
CA GLU H 462 43.80 -42.68 -3.57
C GLU H 462 44.16 -43.72 -2.51
N GLY H 463 43.17 -44.07 -1.68
CA GLY H 463 43.35 -45.06 -0.63
C GLY H 463 43.97 -44.47 0.62
N ASP H 464 44.32 -43.20 0.56
CA ASP H 464 44.91 -42.49 1.69
C ASP H 464 43.83 -42.30 2.71
N PRO H 465 44.20 -42.13 3.97
CA PRO H 465 43.15 -41.99 4.98
C PRO H 465 42.68 -40.55 5.11
N LEU H 466 41.39 -40.34 4.87
CA LEU H 466 40.75 -39.04 5.05
C LEU H 466 40.52 -38.64 6.52
N PHE H 467 40.01 -39.56 7.34
CA PHE H 467 39.76 -39.29 8.76
C PHE H 467 39.41 -40.55 9.57
N THR H 468 39.44 -40.45 10.89
CA THR H 468 39.11 -41.60 11.74
C THR H 468 38.01 -41.27 12.73
N ILE H 469 37.12 -42.23 12.99
CA ILE H 469 36.03 -42.02 13.92
C ILE H 469 36.25 -42.83 15.19
N HIS H 470 36.18 -42.17 16.34
CA HIS H 470 36.37 -42.87 17.60
C HIS H 470 35.09 -42.98 18.36
N ALA H 471 34.81 -44.18 18.85
CA ALA H 471 33.58 -44.40 19.60
C ALA H 471 33.78 -45.21 20.88
N GLU H 472 33.01 -44.87 21.91
CA GLU H 472 33.06 -45.56 23.19
C GLU H 472 32.26 -46.86 23.14
N HIS H 473 31.09 -46.78 22.52
CA HIS H 473 30.18 -47.91 22.45
C HIS H 473 30.08 -48.40 21.05
N GLU H 474 30.13 -49.71 20.87
CA GLU H 474 30.03 -50.28 19.53
C GLU H 474 28.71 -49.94 18.88
N ALA H 475 27.63 -50.00 19.66
CA ALA H 475 26.31 -49.70 19.12
C ALA H 475 26.27 -48.27 18.63
N ARG H 476 26.86 -47.37 19.41
CA ARG H 476 26.92 -45.96 19.04
C ARG H 476 27.75 -45.81 17.77
N LEU H 477 28.81 -46.59 17.67
CA LEU H 477 29.70 -46.52 16.52
C LEU H 477 29.08 -46.90 15.18
N ASP H 478 28.26 -47.94 15.15
CA ASP H 478 27.70 -48.37 13.87
C ASP H 478 26.83 -47.30 13.25
N GLN H 479 26.02 -46.64 14.06
CA GLN H 479 25.15 -45.60 13.56
C GLN H 479 25.95 -44.45 12.96
N ALA H 480 27.06 -44.12 13.58
CA ALA H 480 27.89 -43.02 13.12
C ALA H 480 28.43 -43.25 11.72
N ILE H 481 28.83 -44.46 11.42
CA ILE H 481 29.39 -44.75 10.10
C ILE H 481 28.36 -44.50 9.00
N VAL H 482 27.12 -44.92 9.26
CA VAL H 482 26.07 -44.79 8.27
C VAL H 482 25.83 -43.33 7.90
N LEU H 483 25.81 -42.48 8.91
CA LEU H 483 25.63 -41.06 8.66
C LEU H 483 26.82 -40.60 7.84
N ALA H 484 27.99 -41.12 8.20
CA ALA H 484 29.21 -40.77 7.50
C ALA H 484 29.19 -41.20 6.05
N ARG H 485 28.70 -42.41 5.81
CA ARG H 485 28.65 -42.87 4.43
C ARG H 485 27.69 -42.03 3.60
N ARG H 486 26.52 -41.73 4.15
CA ARG H 486 25.53 -40.92 3.46
C ARG H 486 26.00 -39.49 3.23
N THR H 487 26.58 -38.91 4.26
CA THR H 487 27.03 -37.53 4.24
C THR H 487 28.16 -37.20 3.26
N GLU H 488 29.15 -38.05 3.14
CA GLU H 488 30.23 -37.76 2.20
C GLU H 488 30.76 -36.35 2.43
N PRO H 489 31.08 -36.04 3.68
CA PRO H 489 31.55 -34.70 4.04
C PRO H 489 32.85 -34.28 3.35
N ILE H 490 33.80 -35.19 3.24
CA ILE H 490 35.06 -34.89 2.58
C ILE H 490 34.92 -34.92 1.07
N ARG H 491 35.44 -33.89 0.40
CA ARG H 491 35.34 -33.82 -1.05
C ARG H 491 36.69 -33.57 -1.71
N ILE H 492 36.82 -33.97 -2.96
CA ILE H 492 38.09 -33.90 -3.67
C ILE H 492 37.81 -33.72 -5.16
N GLU H 493 38.60 -32.90 -5.83
CA GLU H 493 38.41 -32.65 -7.26
C GLU H 493 39.71 -32.42 -8.02
#